data_2RPC
#
_entry.id   2RPC
#
loop_
_entity.id
_entity.type
_entity.pdbx_description
1 polymer 'Zinc finger protein ZIC 3'
2 non-polymer 'ZINC ION'
#
_entity_poly.entity_id   1
_entity_poly.type   'polypeptide(L)'
_entity_poly.pdbx_seq_one_letter_code
;GSSGSSGQPIKQELSCKWIDEAQLSRPKKSCDRTFSTMHELVTHVTMEHVGGPEQNNHVCYWEECPREGKSFKAKYKLVN
HIRVHTGEKPFPCPFPGCGKIFARSENLKIHKRTHTGEKPFKCEFEGCDRRFANSSDRKKHMHVHTSDKSGPSSG
;
_entity_poly.pdbx_strand_id   A
#
loop_
_chem_comp.id
_chem_comp.type
_chem_comp.name
_chem_comp.formula
ZN non-polymer 'ZINC ION' 'Zn 2'
#
# COMPACT_ATOMS: atom_id res chain seq x y z
N GLY A 1 -10.70 12.78 18.07
CA GLY A 1 -10.58 13.01 16.64
C GLY A 1 -11.76 13.78 16.07
N SER A 2 -11.55 14.44 14.95
CA SER A 2 -12.60 15.23 14.31
C SER A 2 -12.20 15.63 12.89
N SER A 3 -13.19 15.69 12.00
CA SER A 3 -12.94 16.05 10.61
C SER A 3 -14.17 16.74 10.00
N GLY A 4 -13.95 17.50 8.94
CA GLY A 4 -15.03 18.20 8.28
C GLY A 4 -15.93 17.25 7.50
N SER A 5 -15.32 16.26 6.86
CA SER A 5 -16.07 15.29 6.07
C SER A 5 -17.16 15.98 5.26
N SER A 6 -16.81 17.09 4.63
CA SER A 6 -17.76 17.85 3.83
C SER A 6 -18.29 17.01 2.68
N GLY A 7 -19.61 16.96 2.55
CA GLY A 7 -20.22 16.17 1.49
C GLY A 7 -19.97 14.69 1.64
N GLN A 8 -19.98 13.98 0.52
CA GLN A 8 -19.75 12.54 0.53
C GLN A 8 -18.42 12.19 -0.13
N PRO A 9 -17.70 11.22 0.46
CA PRO A 9 -16.40 10.78 -0.07
C PRO A 9 -16.52 10.02 -1.38
N ILE A 10 -15.46 9.30 -1.75
CA ILE A 10 -15.46 8.54 -2.98
C ILE A 10 -15.78 7.07 -2.72
N LYS A 11 -16.66 6.50 -3.55
CA LYS A 11 -17.05 5.10 -3.42
C LYS A 11 -16.09 4.19 -4.19
N GLN A 12 -15.22 3.50 -3.47
CA GLN A 12 -14.26 2.60 -4.09
C GLN A 12 -14.55 1.15 -3.72
N GLU A 13 -14.33 0.24 -4.66
CA GLU A 13 -14.58 -1.18 -4.43
C GLU A 13 -13.27 -1.91 -4.09
N LEU A 14 -13.34 -2.83 -3.14
CA LEU A 14 -12.17 -3.59 -2.73
C LEU A 14 -12.37 -5.08 -3.00
N SER A 15 -11.29 -5.85 -2.90
CA SER A 15 -11.33 -7.28 -3.14
C SER A 15 -10.19 -8.00 -2.43
N CYS A 16 -10.52 -9.05 -1.69
CA CYS A 16 -9.51 -9.81 -0.97
C CYS A 16 -9.30 -11.18 -1.60
N LYS A 17 -8.27 -11.28 -2.45
CA LYS A 17 -7.96 -12.53 -3.13
C LYS A 17 -7.26 -13.51 -2.18
N TRP A 18 -8.03 -14.44 -1.63
CA TRP A 18 -7.48 -15.43 -0.71
C TRP A 18 -7.41 -16.79 -1.37
N ILE A 19 -6.20 -17.28 -1.59
CA ILE A 19 -5.99 -18.58 -2.22
C ILE A 19 -5.44 -19.59 -1.22
N ASP A 20 -6.33 -20.42 -0.67
CA ASP A 20 -5.92 -21.43 0.30
C ASP A 20 -5.14 -22.55 -0.38
N GLU A 21 -3.94 -22.81 0.11
CA GLU A 21 -3.09 -23.85 -0.44
C GLU A 21 -3.58 -25.24 -0.02
N ALA A 22 -4.23 -25.30 1.14
CA ALA A 22 -4.75 -26.55 1.65
C ALA A 22 -6.05 -26.94 0.96
N GLN A 23 -6.48 -26.10 0.03
CA GLN A 23 -7.72 -26.34 -0.72
C GLN A 23 -7.60 -27.61 -1.55
N LEU A 24 -8.61 -28.48 -1.44
CA LEU A 24 -8.62 -29.73 -2.20
C LEU A 24 -9.38 -29.57 -3.50
N SER A 25 -9.77 -28.34 -3.81
CA SER A 25 -10.52 -28.06 -5.04
C SER A 25 -9.65 -27.29 -6.03
N ARG A 26 -9.55 -27.80 -7.24
CA ARG A 26 -8.76 -27.16 -8.28
C ARG A 26 -9.62 -26.85 -9.51
N PRO A 27 -9.17 -25.87 -10.31
CA PRO A 27 -7.93 -25.14 -10.05
C PRO A 27 -8.04 -24.22 -8.83
N LYS A 28 -6.93 -23.99 -8.16
CA LYS A 28 -6.91 -23.13 -6.98
C LYS A 28 -7.92 -22.00 -7.12
N LYS A 29 -8.80 -21.88 -6.12
CA LYS A 29 -9.83 -20.85 -6.12
C LYS A 29 -9.48 -19.73 -5.14
N SER A 30 -10.05 -18.55 -5.37
CA SER A 30 -9.80 -17.40 -4.51
C SER A 30 -11.06 -16.98 -3.77
N CYS A 31 -10.90 -16.19 -2.72
CA CYS A 31 -12.03 -15.72 -1.93
C CYS A 31 -12.85 -14.69 -2.72
N ASP A 32 -14.02 -15.10 -3.17
CA ASP A 32 -14.91 -14.22 -3.93
C ASP A 32 -15.77 -13.37 -3.00
N ARG A 33 -15.49 -12.08 -2.96
CA ARG A 33 -16.24 -11.16 -2.11
C ARG A 33 -15.84 -9.71 -2.39
N THR A 34 -16.64 -8.77 -1.86
CA THR A 34 -16.37 -7.36 -2.06
C THR A 34 -16.83 -6.54 -0.86
N PHE A 35 -16.42 -5.28 -0.80
CA PHE A 35 -16.80 -4.40 0.29
C PHE A 35 -16.95 -2.96 -0.20
N SER A 36 -17.71 -2.16 0.55
CA SER A 36 -17.94 -0.77 0.19
C SER A 36 -16.94 0.15 0.89
N THR A 37 -16.38 -0.34 2.00
CA THR A 37 -15.41 0.42 2.78
C THR A 37 -14.19 -0.42 3.13
N MET A 38 -13.11 0.25 3.53
CA MET A 38 -11.89 -0.45 3.91
C MET A 38 -12.07 -1.23 5.20
N HIS A 39 -12.53 -0.54 6.24
CA HIS A 39 -12.74 -1.18 7.54
C HIS A 39 -13.43 -2.52 7.37
N GLU A 40 -14.52 -2.54 6.61
CA GLU A 40 -15.27 -3.77 6.37
C GLU A 40 -14.36 -4.86 5.79
N LEU A 41 -13.43 -4.45 4.93
CA LEU A 41 -12.50 -5.39 4.31
C LEU A 41 -11.45 -5.86 5.31
N VAL A 42 -11.20 -5.03 6.32
CA VAL A 42 -10.22 -5.37 7.35
C VAL A 42 -10.75 -6.44 8.29
N THR A 43 -11.87 -6.16 8.94
CA THR A 43 -12.48 -7.10 9.86
C THR A 43 -12.65 -8.47 9.22
N HIS A 44 -12.85 -8.48 7.91
CA HIS A 44 -13.03 -9.72 7.18
C HIS A 44 -11.68 -10.37 6.86
N VAL A 45 -10.86 -9.67 6.07
CA VAL A 45 -9.55 -10.17 5.70
C VAL A 45 -8.73 -10.54 6.93
N THR A 46 -9.11 -9.97 8.07
CA THR A 46 -8.40 -10.24 9.32
C THR A 46 -9.07 -11.38 10.10
N MET A 47 -10.36 -11.23 10.37
CA MET A 47 -11.11 -12.24 11.10
C MET A 47 -11.70 -13.27 10.15
N GLU A 48 -12.37 -12.78 9.12
CA GLU A 48 -12.99 -13.66 8.12
C GLU A 48 -11.93 -14.35 7.28
N HIS A 49 -10.67 -14.10 7.59
CA HIS A 49 -9.55 -14.69 6.86
C HIS A 49 -8.43 -15.10 7.81
N VAL A 50 -7.73 -14.11 8.35
CA VAL A 50 -6.63 -14.38 9.27
C VAL A 50 -7.14 -14.89 10.61
N GLY A 51 -8.46 -14.79 10.80
CA GLY A 51 -9.06 -15.26 12.04
C GLY A 51 -8.95 -14.23 13.16
N GLY A 52 -9.51 -14.56 14.32
CA GLY A 52 -9.47 -13.65 15.45
C GLY A 52 -8.27 -13.89 16.34
N PRO A 53 -8.26 -13.23 17.51
CA PRO A 53 -7.17 -13.36 18.48
C PRO A 53 -7.16 -14.72 19.16
N GLU A 54 -8.08 -15.59 18.74
CA GLU A 54 -8.16 -16.93 19.30
C GLU A 54 -7.26 -17.90 18.56
N GLN A 55 -7.10 -17.67 17.26
CA GLN A 55 -6.25 -18.53 16.43
C GLN A 55 -4.77 -18.30 16.75
N ASN A 56 -4.05 -19.40 16.97
CA ASN A 56 -2.63 -19.32 17.28
C ASN A 56 -1.80 -19.08 16.03
N ASN A 57 -1.67 -20.10 15.20
CA ASN A 57 -0.91 -20.00 13.96
C ASN A 57 -1.75 -19.35 12.86
N HIS A 58 -1.52 -18.06 12.64
CA HIS A 58 -2.25 -17.33 11.62
C HIS A 58 -1.37 -17.05 10.40
N VAL A 59 -1.85 -17.44 9.23
CA VAL A 59 -1.10 -17.25 7.99
C VAL A 59 -2.02 -16.77 6.87
N CYS A 60 -1.61 -15.68 6.21
CA CYS A 60 -2.39 -15.12 5.12
C CYS A 60 -1.87 -15.59 3.76
N TYR A 61 -2.71 -16.30 3.02
CA TYR A 61 -2.34 -16.81 1.71
C TYR A 61 -2.96 -15.99 0.60
N TRP A 62 -2.19 -15.06 0.07
CA TRP A 62 -2.66 -14.19 -1.01
C TRP A 62 -2.36 -14.81 -2.37
N GLU A 63 -3.25 -14.58 -3.34
CA GLU A 63 -3.08 -15.10 -4.68
C GLU A 63 -1.64 -14.92 -5.16
N GLU A 64 -0.94 -13.98 -4.55
CA GLU A 64 0.44 -13.69 -4.91
C GLU A 64 1.18 -12.97 -3.78
N CYS A 65 0.80 -13.28 -2.55
CA CYS A 65 1.41 -12.67 -1.38
C CYS A 65 2.93 -12.61 -1.53
N PRO A 66 3.51 -11.44 -1.21
CA PRO A 66 4.95 -11.23 -1.29
C PRO A 66 5.72 -12.01 -0.23
N ARG A 67 5.00 -12.51 0.77
CA ARG A 67 5.62 -13.27 1.85
C ARG A 67 5.67 -14.76 1.49
N GLU A 68 4.79 -15.18 0.59
CA GLU A 68 4.74 -16.58 0.17
C GLU A 68 4.11 -17.45 1.25
N GLY A 69 3.28 -16.84 2.09
CA GLY A 69 2.62 -17.58 3.16
C GLY A 69 3.56 -17.87 4.31
N LYS A 70 4.07 -16.82 4.94
CA LYS A 70 4.99 -16.97 6.07
C LYS A 70 4.32 -16.54 7.37
N SER A 71 4.74 -17.15 8.47
CA SER A 71 4.18 -16.83 9.78
C SER A 71 4.97 -15.71 10.45
N PHE A 72 4.31 -15.01 11.37
CA PHE A 72 4.95 -13.91 12.09
C PHE A 72 5.19 -14.28 13.55
N LYS A 73 5.73 -13.33 14.31
CA LYS A 73 6.01 -13.56 15.73
C LYS A 73 5.04 -12.77 16.60
N ALA A 74 3.92 -12.35 16.02
CA ALA A 74 2.92 -11.59 16.74
C ALA A 74 1.69 -11.33 15.88
N LYS A 75 0.56 -11.08 16.53
CA LYS A 75 -0.69 -10.82 15.82
C LYS A 75 -0.61 -9.51 15.05
N TYR A 76 -0.22 -8.44 15.74
CA TYR A 76 -0.11 -7.13 15.12
C TYR A 76 0.81 -7.18 13.89
N LYS A 77 1.73 -8.13 13.90
CA LYS A 77 2.66 -8.28 12.79
C LYS A 77 1.93 -8.74 11.52
N LEU A 78 0.98 -9.64 11.69
CA LEU A 78 0.20 -10.15 10.56
C LEU A 78 -0.84 -9.13 10.11
N VAL A 79 -1.63 -8.64 11.06
CA VAL A 79 -2.65 -7.65 10.77
C VAL A 79 -2.07 -6.45 10.04
N ASN A 80 -0.85 -6.09 10.39
CA ASN A 80 -0.18 -4.95 9.77
C ASN A 80 0.26 -5.29 8.35
N HIS A 81 0.55 -6.56 8.11
CA HIS A 81 0.98 -7.02 6.80
C HIS A 81 -0.14 -6.85 5.77
N ILE A 82 -1.31 -7.40 6.07
CA ILE A 82 -2.46 -7.31 5.18
C ILE A 82 -2.69 -5.87 4.73
N ARG A 83 -2.13 -4.92 5.48
CA ARG A 83 -2.27 -3.52 5.16
C ARG A 83 -1.81 -3.23 3.73
N VAL A 84 -0.89 -4.05 3.24
CA VAL A 84 -0.37 -3.89 1.90
C VAL A 84 -1.29 -4.52 0.86
N HIS A 85 -2.15 -5.43 1.31
CA HIS A 85 -3.09 -6.11 0.43
C HIS A 85 -4.26 -5.19 0.08
N THR A 86 -4.36 -4.07 0.80
CA THR A 86 -5.44 -3.11 0.57
C THR A 86 -5.10 -2.17 -0.57
N GLY A 87 -4.03 -1.40 -0.40
CA GLY A 87 -3.62 -0.46 -1.43
C GLY A 87 -4.79 0.25 -2.08
N GLU A 88 -5.60 0.91 -1.26
CA GLU A 88 -6.77 1.63 -1.75
C GLU A 88 -6.36 2.97 -2.36
N LYS A 89 -6.88 3.26 -3.54
CA LYS A 89 -6.58 4.51 -4.23
C LYS A 89 -7.84 5.15 -4.79
N PRO A 90 -7.81 6.48 -4.95
CA PRO A 90 -8.95 7.24 -5.49
C PRO A 90 -9.18 6.97 -6.97
N PHE A 91 -8.12 7.11 -7.77
CA PHE A 91 -8.21 6.88 -9.21
C PHE A 91 -6.84 6.53 -9.78
N PRO A 92 -6.80 5.49 -10.62
CA PRO A 92 -5.56 5.04 -11.25
C PRO A 92 -5.05 6.01 -12.31
N CYS A 93 -4.14 5.55 -13.15
CA CYS A 93 -3.57 6.39 -14.21
C CYS A 93 -4.28 6.14 -15.54
N PRO A 94 -4.60 7.22 -16.25
CA PRO A 94 -5.28 7.15 -17.55
C PRO A 94 -4.37 6.58 -18.64
N PHE A 95 -3.17 6.18 -18.26
CA PHE A 95 -2.21 5.61 -19.20
C PHE A 95 -2.18 4.09 -19.11
N PRO A 96 -2.26 3.43 -20.27
CA PRO A 96 -2.25 1.96 -20.35
C PRO A 96 -0.89 1.37 -19.97
N GLY A 97 0.16 1.84 -20.64
CA GLY A 97 1.50 1.35 -20.38
C GLY A 97 2.13 2.03 -19.18
N CYS A 98 1.33 2.29 -18.15
CA CYS A 98 1.82 2.94 -16.94
C CYS A 98 1.35 2.20 -15.69
N GLY A 99 0.08 1.81 -15.70
CA GLY A 99 -0.48 1.10 -14.56
C GLY A 99 -0.14 1.76 -13.24
N LYS A 100 0.19 3.05 -13.29
CA LYS A 100 0.53 3.80 -12.09
C LYS A 100 -0.72 4.34 -11.41
N ILE A 101 -0.64 4.53 -10.09
CA ILE A 101 -1.77 5.04 -9.33
C ILE A 101 -1.30 6.03 -8.26
N PHE A 102 -2.09 7.06 -8.02
CA PHE A 102 -1.76 8.07 -7.02
C PHE A 102 -2.92 8.29 -6.05
N ALA A 103 -2.62 8.84 -4.88
CA ALA A 103 -3.63 9.10 -3.87
C ALA A 103 -4.07 10.57 -3.89
N ARG A 104 -3.50 11.33 -4.82
CA ARG A 104 -3.83 12.75 -4.94
C ARG A 104 -4.31 13.07 -6.35
N SER A 105 -5.25 14.01 -6.44
CA SER A 105 -5.80 14.42 -7.73
C SER A 105 -4.80 15.28 -8.50
N GLU A 106 -4.09 16.14 -7.78
CA GLU A 106 -3.10 17.01 -8.39
C GLU A 106 -1.89 16.22 -8.88
N ASN A 107 -1.58 15.14 -8.19
CA ASN A 107 -0.45 14.30 -8.55
C ASN A 107 -0.69 13.61 -9.88
N LEU A 108 -1.87 13.04 -10.04
CA LEU A 108 -2.23 12.35 -11.27
C LEU A 108 -2.33 13.32 -12.44
N LYS A 109 -3.07 14.41 -12.24
CA LYS A 109 -3.23 15.43 -13.26
C LYS A 109 -1.89 16.01 -13.69
N ILE A 110 -1.00 16.19 -12.72
CA ILE A 110 0.32 16.73 -12.99
C ILE A 110 1.24 15.67 -13.58
N HIS A 111 1.00 14.41 -13.21
CA HIS A 111 1.79 13.30 -13.71
C HIS A 111 1.35 12.88 -15.11
N LYS A 112 0.10 13.21 -15.44
CA LYS A 112 -0.45 12.86 -16.74
C LYS A 112 0.14 13.73 -17.84
N ARG A 113 0.58 14.93 -17.47
CA ARG A 113 1.17 15.86 -18.42
C ARG A 113 2.63 15.49 -18.71
N THR A 114 3.22 14.74 -17.79
CA THR A 114 4.61 14.31 -17.95
C THR A 114 4.72 13.08 -18.84
N HIS A 115 3.58 12.61 -19.32
CA HIS A 115 3.55 11.45 -20.20
C HIS A 115 3.82 11.84 -21.65
N THR A 116 2.89 12.58 -22.23
CA THR A 116 3.04 13.03 -23.62
C THR A 116 1.89 13.95 -24.02
N GLY A 117 2.12 14.75 -25.06
CA GLY A 117 1.09 15.67 -25.52
C GLY A 117 -0.06 14.95 -26.22
N GLU A 118 0.28 14.02 -27.11
CA GLU A 118 -0.73 13.27 -27.84
C GLU A 118 -1.10 11.99 -27.09
N LYS A 119 -2.28 11.46 -27.40
CA LYS A 119 -2.75 10.24 -26.76
C LYS A 119 -2.31 9.01 -27.54
N PRO A 120 -2.19 7.87 -26.84
CA PRO A 120 -1.77 6.61 -27.44
C PRO A 120 -2.83 6.03 -28.38
N PHE A 121 -4.09 6.12 -27.97
CA PHE A 121 -5.19 5.62 -28.76
C PHE A 121 -5.87 6.75 -29.54
N LYS A 122 -5.58 6.82 -30.84
CA LYS A 122 -6.16 7.84 -31.69
C LYS A 122 -7.24 7.26 -32.60
N CYS A 123 -8.39 7.92 -32.66
CA CYS A 123 -9.49 7.46 -33.50
C CYS A 123 -8.98 6.90 -34.82
N GLU A 124 -9.37 5.67 -35.14
CA GLU A 124 -8.95 5.03 -36.38
C GLU A 124 -9.67 5.62 -37.58
N PHE A 125 -10.71 6.41 -37.30
CA PHE A 125 -11.48 7.06 -38.36
C PHE A 125 -10.68 8.16 -39.03
N GLU A 126 -10.44 8.02 -40.33
CA GLU A 126 -9.68 9.01 -41.09
C GLU A 126 -10.44 10.33 -41.16
N GLY A 127 -9.69 11.43 -41.20
CA GLY A 127 -10.30 12.74 -41.26
C GLY A 127 -10.99 13.13 -39.98
N CYS A 128 -10.78 12.33 -38.93
CA CYS A 128 -11.39 12.59 -37.63
C CYS A 128 -10.35 13.06 -36.62
N ASP A 129 -10.77 13.92 -35.71
CA ASP A 129 -9.87 14.46 -34.69
C ASP A 129 -10.37 14.11 -33.29
N ARG A 130 -9.69 13.15 -32.66
CA ARG A 130 -10.06 12.72 -31.31
C ARG A 130 -8.85 12.22 -30.54
N ARG A 131 -9.07 11.76 -29.32
CA ARG A 131 -8.00 11.25 -28.47
C ARG A 131 -8.54 10.30 -27.41
N PHE A 132 -7.85 9.18 -27.22
CA PHE A 132 -8.26 8.19 -26.23
C PHE A 132 -7.04 7.49 -25.62
N ALA A 133 -7.25 6.88 -24.46
CA ALA A 133 -6.17 6.18 -23.77
C ALA A 133 -6.47 4.69 -23.67
N ASN A 134 -7.73 4.32 -23.88
CA ASN A 134 -8.14 2.92 -23.81
C ASN A 134 -8.90 2.51 -25.08
N SER A 135 -8.48 1.42 -25.69
CA SER A 135 -9.12 0.92 -26.90
C SER A 135 -10.63 0.89 -26.74
N SER A 136 -11.09 0.87 -25.49
CA SER A 136 -12.52 0.84 -25.21
C SER A 136 -13.19 2.14 -25.65
N ASP A 137 -12.66 3.26 -25.17
CA ASP A 137 -13.21 4.56 -25.51
C ASP A 137 -13.30 4.74 -27.03
N ARG A 138 -12.18 4.53 -27.70
CA ARG A 138 -12.12 4.67 -29.16
C ARG A 138 -13.23 3.85 -29.82
N LYS A 139 -13.25 2.55 -29.54
CA LYS A 139 -14.26 1.66 -30.11
C LYS A 139 -15.66 2.15 -29.78
N LYS A 140 -15.77 2.94 -28.71
CA LYS A 140 -17.06 3.47 -28.29
C LYS A 140 -17.41 4.74 -29.07
N HIS A 141 -16.39 5.39 -29.62
CA HIS A 141 -16.58 6.61 -30.39
C HIS A 141 -16.93 6.30 -31.84
N MET A 142 -16.97 5.00 -32.16
CA MET A 142 -17.31 4.57 -33.51
C MET A 142 -18.81 4.42 -33.68
N HIS A 143 -19.52 4.22 -32.57
CA HIS A 143 -20.96 4.06 -32.60
C HIS A 143 -21.62 5.24 -33.30
N VAL A 144 -20.90 6.36 -33.39
CA VAL A 144 -21.43 7.55 -34.04
C VAL A 144 -20.88 7.69 -35.45
N HIS A 145 -19.87 6.90 -35.77
CA HIS A 145 -19.25 6.93 -37.09
C HIS A 145 -20.08 6.15 -38.09
N THR A 146 -20.74 5.10 -37.61
CA THR A 146 -21.57 4.26 -38.47
C THR A 146 -22.26 5.09 -39.55
N SER A 147 -22.58 6.34 -39.23
CA SER A 147 -23.23 7.23 -40.17
C SER A 147 -22.29 8.35 -40.62
N ASP A 148 -22.68 9.07 -41.65
CA ASP A 148 -21.87 10.17 -42.17
C ASP A 148 -22.66 11.47 -42.18
N LYS A 149 -22.00 12.56 -42.56
CA LYS A 149 -22.64 13.86 -42.60
C LYS A 149 -22.42 14.53 -43.96
N SER A 150 -23.51 14.96 -44.59
CA SER A 150 -23.44 15.61 -45.90
C SER A 150 -23.80 17.09 -45.78
N GLY A 151 -22.78 17.95 -45.86
CA GLY A 151 -23.02 19.37 -45.77
C GLY A 151 -21.74 20.18 -45.93
N PRO A 152 -21.08 20.45 -44.79
CA PRO A 152 -19.83 21.22 -44.77
C PRO A 152 -18.67 20.45 -45.40
N SER A 153 -18.25 20.87 -46.59
CA SER A 153 -17.16 20.22 -47.30
C SER A 153 -15.91 20.14 -46.41
N SER A 154 -15.42 21.31 -46.01
CA SER A 154 -14.23 21.37 -45.17
C SER A 154 -14.58 21.10 -43.71
N GLY A 155 -14.44 19.84 -43.30
CA GLY A 155 -14.75 19.48 -41.93
C GLY A 155 -13.69 18.59 -41.30
ZN ZN B . -11.82 -12.65 1.84
ZN ZN C . -0.55 -11.89 2.63
ZN ZN D . 0.92 7.38 -15.66
ZN ZN E . -13.66 9.57 -34.83
N GLY A 1 -35.04 5.76 15.76
CA GLY A 1 -35.44 6.16 14.43
C GLY A 1 -35.00 7.56 14.08
N SER A 2 -33.80 7.69 13.51
CA SER A 2 -33.26 8.98 13.14
C SER A 2 -32.57 8.91 11.78
N SER A 3 -33.09 9.67 10.82
CA SER A 3 -32.54 9.70 9.47
C SER A 3 -32.99 10.95 8.72
N GLY A 4 -32.04 11.81 8.41
CA GLY A 4 -32.35 13.04 7.69
C GLY A 4 -31.44 13.25 6.50
N SER A 5 -31.57 14.42 5.87
CA SER A 5 -30.77 14.74 4.69
C SER A 5 -29.29 14.43 4.95
N SER A 6 -28.61 13.96 3.91
CA SER A 6 -27.20 13.62 4.02
C SER A 6 -26.55 13.54 2.64
N GLY A 7 -25.27 13.90 2.57
CA GLY A 7 -24.56 13.85 1.30
C GLY A 7 -23.24 13.13 1.41
N GLN A 8 -23.26 11.82 1.20
CA GLN A 8 -22.06 11.01 1.27
C GLN A 8 -21.42 10.85 -0.11
N PRO A 9 -20.08 10.79 -0.13
CA PRO A 9 -19.32 10.64 -1.39
C PRO A 9 -19.49 9.26 -2.01
N ILE A 10 -18.61 8.92 -2.94
CA ILE A 10 -18.67 7.62 -3.61
C ILE A 10 -17.81 6.60 -2.89
N LYS A 11 -18.40 5.44 -2.60
CA LYS A 11 -17.69 4.36 -1.92
C LYS A 11 -16.86 3.54 -2.90
N GLN A 12 -15.60 3.32 -2.57
CA GLN A 12 -14.71 2.54 -3.42
C GLN A 12 -14.85 1.05 -3.14
N GLU A 13 -14.74 0.24 -4.20
CA GLU A 13 -14.86 -1.21 -4.06
C GLU A 13 -13.48 -1.84 -3.83
N LEU A 14 -13.46 -2.90 -3.02
CA LEU A 14 -12.23 -3.59 -2.71
C LEU A 14 -12.29 -5.06 -3.15
N SER A 15 -11.14 -5.72 -3.17
CA SER A 15 -11.08 -7.12 -3.58
C SER A 15 -10.13 -7.90 -2.68
N CYS A 16 -10.62 -9.02 -2.13
CA CYS A 16 -9.82 -9.85 -1.26
C CYS A 16 -9.55 -11.21 -1.89
N LYS A 17 -8.39 -11.33 -2.54
CA LYS A 17 -8.00 -12.57 -3.20
C LYS A 17 -7.23 -13.48 -2.23
N TRP A 18 -7.93 -14.45 -1.65
CA TRP A 18 -7.32 -15.38 -0.72
C TRP A 18 -7.15 -16.76 -1.35
N ILE A 19 -5.91 -17.19 -1.51
CA ILE A 19 -5.61 -18.49 -2.10
C ILE A 19 -5.01 -19.44 -1.06
N ASP A 20 -5.80 -20.39 -0.60
CA ASP A 20 -5.34 -21.36 0.38
C ASP A 20 -4.58 -22.50 -0.29
N GLU A 21 -3.34 -22.71 0.13
CA GLU A 21 -2.51 -23.77 -0.43
C GLU A 21 -3.09 -25.14 -0.13
N ALA A 22 -3.86 -25.23 0.97
CA ALA A 22 -4.47 -26.48 1.37
C ALA A 22 -5.97 -26.48 1.06
N GLN A 23 -6.34 -25.83 -0.03
CA GLN A 23 -7.74 -25.75 -0.43
C GLN A 23 -8.19 -27.06 -1.06
N LEU A 24 -9.32 -27.58 -0.58
CA LEU A 24 -9.87 -28.83 -1.10
C LEU A 24 -10.54 -28.62 -2.45
N SER A 25 -10.41 -27.41 -2.98
CA SER A 25 -11.01 -27.07 -4.27
C SER A 25 -9.94 -26.85 -5.33
N ARG A 26 -10.30 -27.08 -6.59
CA ARG A 26 -9.38 -26.91 -7.70
C ARG A 26 -10.12 -26.53 -8.98
N PRO A 27 -9.45 -25.74 -9.83
CA PRO A 27 -8.09 -25.26 -9.58
C PRO A 27 -8.04 -24.24 -8.44
N LYS A 28 -6.82 -23.92 -8.00
CA LYS A 28 -6.63 -22.95 -6.93
C LYS A 28 -7.48 -21.71 -7.15
N LYS A 29 -8.53 -21.55 -6.35
CA LYS A 29 -9.41 -20.40 -6.46
C LYS A 29 -9.16 -19.41 -5.34
N SER A 30 -9.46 -18.13 -5.60
CA SER A 30 -9.25 -17.09 -4.61
C SER A 30 -10.57 -16.69 -3.96
N CYS A 31 -10.51 -16.32 -2.68
CA CYS A 31 -11.70 -15.92 -1.94
C CYS A 31 -12.50 -14.88 -2.71
N ASP A 32 -13.57 -15.32 -3.37
CA ASP A 32 -14.41 -14.42 -4.15
C ASP A 32 -15.34 -13.62 -3.24
N ARG A 33 -15.09 -12.32 -3.14
CA ARG A 33 -15.90 -11.44 -2.31
C ARG A 33 -15.57 -9.98 -2.58
N THR A 34 -16.42 -9.08 -2.10
CA THR A 34 -16.23 -7.65 -2.30
C THR A 34 -16.72 -6.86 -1.08
N PHE A 35 -16.40 -5.57 -1.06
CA PHE A 35 -16.80 -4.70 0.04
C PHE A 35 -17.01 -3.27 -0.45
N SER A 36 -17.61 -2.44 0.41
CA SER A 36 -17.87 -1.05 0.06
C SER A 36 -16.82 -0.14 0.68
N THR A 37 -16.45 -0.42 1.93
CA THR A 37 -15.46 0.37 2.64
C THR A 37 -14.26 -0.47 3.05
N MET A 38 -13.16 0.19 3.40
CA MET A 38 -11.95 -0.51 3.81
C MET A 38 -12.19 -1.29 5.09
N HIS A 39 -12.78 -0.63 6.08
CA HIS A 39 -13.06 -1.27 7.36
C HIS A 39 -13.80 -2.58 7.16
N GLU A 40 -14.73 -2.60 6.20
CA GLU A 40 -15.52 -3.79 5.91
C GLU A 40 -14.61 -4.93 5.44
N LEU A 41 -13.58 -4.59 4.69
CA LEU A 41 -12.64 -5.59 4.18
C LEU A 41 -11.72 -6.09 5.28
N VAL A 42 -11.12 -5.15 6.02
CA VAL A 42 -10.21 -5.50 7.10
C VAL A 42 -10.84 -6.51 8.05
N THR A 43 -12.00 -6.16 8.60
CA THR A 43 -12.71 -7.03 9.52
C THR A 43 -12.87 -8.44 8.93
N HIS A 44 -12.89 -8.51 7.61
CA HIS A 44 -13.04 -9.79 6.92
C HIS A 44 -11.69 -10.49 6.79
N VAL A 45 -10.77 -9.87 6.07
CA VAL A 45 -9.44 -10.43 5.88
C VAL A 45 -8.78 -10.77 7.21
N THR A 46 -9.24 -10.11 8.27
CA THR A 46 -8.70 -10.33 9.60
C THR A 46 -9.48 -11.40 10.36
N MET A 47 -10.79 -11.18 10.48
CA MET A 47 -11.66 -12.13 11.17
C MET A 47 -12.18 -13.20 10.21
N GLU A 48 -12.71 -12.76 9.08
CA GLU A 48 -13.25 -13.68 8.08
C GLU A 48 -12.11 -14.45 7.39
N HIS A 49 -10.89 -14.21 7.84
CA HIS A 49 -9.72 -14.88 7.27
C HIS A 49 -8.71 -15.23 8.36
N VAL A 50 -8.01 -14.22 8.86
CA VAL A 50 -7.01 -14.41 9.90
C VAL A 50 -7.67 -14.78 11.23
N GLY A 51 -8.99 -14.80 11.24
CA GLY A 51 -9.72 -15.13 12.45
C GLY A 51 -9.50 -14.13 13.56
N GLY A 52 -9.64 -14.57 14.80
CA GLY A 52 -9.46 -13.69 15.94
C GLY A 52 -8.26 -14.08 16.78
N PRO A 53 -8.22 -13.58 18.03
CA PRO A 53 -7.13 -13.87 18.96
C PRO A 53 -7.12 -15.32 19.43
N GLU A 54 -8.22 -16.03 19.14
CA GLU A 54 -8.34 -17.43 19.54
C GLU A 54 -7.61 -18.34 18.55
N GLN A 55 -7.24 -17.78 17.39
CA GLN A 55 -6.54 -18.53 16.37
C GLN A 55 -5.10 -18.79 16.77
N ASN A 56 -4.60 -19.98 16.44
CA ASN A 56 -3.23 -20.35 16.77
C ASN A 56 -2.26 -19.85 15.71
N ASN A 57 -2.22 -20.52 14.57
CA ASN A 57 -1.33 -20.13 13.48
C ASN A 57 -2.01 -19.11 12.57
N HIS A 58 -1.48 -17.88 12.60
CA HIS A 58 -2.03 -16.81 11.77
C HIS A 58 -1.20 -16.61 10.51
N VAL A 59 -1.73 -17.06 9.38
CA VAL A 59 -1.04 -16.92 8.11
C VAL A 59 -1.99 -16.46 7.00
N CYS A 60 -1.51 -15.55 6.16
CA CYS A 60 -2.31 -15.03 5.06
C CYS A 60 -1.77 -15.49 3.71
N TYR A 61 -2.56 -16.29 3.01
CA TYR A 61 -2.16 -16.80 1.71
C TYR A 61 -2.78 -15.98 0.58
N TRP A 62 -2.02 -15.03 0.06
CA TRP A 62 -2.50 -14.17 -1.03
C TRP A 62 -2.16 -14.78 -2.39
N GLU A 63 -3.05 -14.58 -3.35
CA GLU A 63 -2.85 -15.10 -4.69
C GLU A 63 -1.41 -14.84 -5.17
N GLU A 64 -0.76 -13.87 -4.54
CA GLU A 64 0.62 -13.52 -4.90
C GLU A 64 1.30 -12.80 -3.75
N CYS A 65 0.95 -13.17 -2.53
CA CYS A 65 1.54 -12.54 -1.35
C CYS A 65 3.06 -12.46 -1.48
N PRO A 66 3.61 -11.28 -1.13
CA PRO A 66 5.06 -11.04 -1.20
C PRO A 66 5.82 -11.82 -0.15
N ARG A 67 5.10 -12.35 0.84
CA ARG A 67 5.72 -13.11 1.92
C ARG A 67 5.76 -14.60 1.57
N GLU A 68 4.85 -15.03 0.70
CA GLU A 68 4.79 -16.42 0.28
C GLU A 68 4.29 -17.31 1.42
N GLY A 69 3.48 -16.72 2.30
CA GLY A 69 2.94 -17.47 3.43
C GLY A 69 3.73 -17.26 4.70
N LYS A 70 5.02 -16.95 4.55
CA LYS A 70 5.89 -16.72 5.69
C LYS A 70 5.16 -15.95 6.78
N SER A 71 4.78 -16.66 7.84
CA SER A 71 4.08 -16.04 8.96
C SER A 71 5.00 -15.11 9.75
N PHE A 72 4.49 -14.55 10.83
CA PHE A 72 5.27 -13.64 11.67
C PHE A 72 5.41 -14.21 13.08
N LYS A 73 6.07 -13.44 13.95
CA LYS A 73 6.28 -13.86 15.33
C LYS A 73 5.34 -13.12 16.27
N ALA A 74 4.25 -12.58 15.71
CA ALA A 74 3.27 -11.85 16.50
C ALA A 74 1.99 -11.60 15.70
N LYS A 75 0.92 -11.25 16.41
CA LYS A 75 -0.36 -10.99 15.77
C LYS A 75 -0.32 -9.70 14.97
N TYR A 76 0.07 -8.62 15.63
CA TYR A 76 0.16 -7.31 14.98
C TYR A 76 1.04 -7.37 13.74
N LYS A 77 2.00 -8.30 13.75
CA LYS A 77 2.90 -8.48 12.61
C LYS A 77 2.14 -8.89 11.36
N LEU A 78 1.17 -9.78 11.53
CA LEU A 78 0.36 -10.26 10.42
C LEU A 78 -0.72 -9.24 10.06
N VAL A 79 -1.40 -8.72 11.07
CA VAL A 79 -2.46 -7.74 10.87
C VAL A 79 -1.94 -6.52 10.12
N ASN A 80 -0.73 -6.10 10.46
CA ASN A 80 -0.12 -4.93 9.82
C ASN A 80 0.33 -5.27 8.40
N HIS A 81 0.54 -6.55 8.14
CA HIS A 81 0.97 -7.00 6.82
C HIS A 81 -0.16 -6.86 5.80
N ILE A 82 -1.31 -7.41 6.14
CA ILE A 82 -2.48 -7.34 5.26
C ILE A 82 -2.73 -5.91 4.78
N ARG A 83 -2.16 -4.95 5.50
CA ARG A 83 -2.32 -3.54 5.15
C ARG A 83 -1.83 -3.28 3.72
N VAL A 84 -0.97 -4.17 3.23
CA VAL A 84 -0.43 -4.03 1.89
C VAL A 84 -1.34 -4.68 0.85
N HIS A 85 -2.31 -5.46 1.33
CA HIS A 85 -3.25 -6.14 0.45
C HIS A 85 -4.47 -5.26 0.18
N THR A 86 -4.64 -4.23 1.00
CA THR A 86 -5.77 -3.31 0.86
C THR A 86 -5.45 -2.20 -0.14
N GLY A 87 -4.68 -1.22 0.29
CA GLY A 87 -4.31 -0.12 -0.58
C GLY A 87 -2.87 0.29 -0.43
N GLU A 88 -2.33 0.11 0.78
CA GLU A 88 -0.95 0.48 1.05
C GLU A 88 0.03 -0.43 0.30
N LYS A 89 1.21 0.09 0.02
CA LYS A 89 2.23 -0.67 -0.70
C LYS A 89 3.20 -1.34 0.27
N PRO A 90 3.82 -2.44 -0.17
CA PRO A 90 4.79 -3.19 0.64
C PRO A 90 6.09 -2.43 0.84
N PHE A 91 6.67 -1.96 -0.26
CA PHE A 91 7.93 -1.21 -0.19
C PHE A 91 8.08 -0.32 -1.42
N PRO A 92 8.62 0.89 -1.21
CA PRO A 92 8.83 1.87 -2.28
C PRO A 92 9.94 1.43 -3.23
N CYS A 93 10.42 2.38 -4.04
CA CYS A 93 11.48 2.11 -5.00
C CYS A 93 12.86 2.39 -4.39
N PRO A 94 13.81 1.49 -4.62
CA PRO A 94 15.17 1.62 -4.11
C PRO A 94 15.95 2.74 -4.80
N PHE A 95 15.26 3.46 -5.70
CA PHE A 95 15.88 4.56 -6.42
C PHE A 95 15.60 5.90 -5.74
N PRO A 96 16.65 6.71 -5.58
CA PRO A 96 16.53 8.03 -4.95
C PRO A 96 15.77 9.03 -5.81
N GLY A 97 16.21 9.19 -7.06
CA GLY A 97 15.55 10.11 -7.96
C GLY A 97 14.37 9.48 -8.68
N CYS A 98 13.56 8.73 -7.94
CA CYS A 98 12.40 8.07 -8.51
C CYS A 98 11.16 8.26 -7.63
N GLY A 99 11.26 7.82 -6.38
CA GLY A 99 10.15 7.95 -5.46
C GLY A 99 8.92 7.20 -5.92
N LYS A 100 9.13 6.14 -6.70
CA LYS A 100 8.02 5.35 -7.21
C LYS A 100 7.75 4.14 -6.33
N ILE A 101 6.51 3.68 -6.31
CA ILE A 101 6.12 2.53 -5.49
C ILE A 101 5.16 1.63 -6.25
N PHE A 102 5.30 0.32 -6.05
CA PHE A 102 4.44 -0.66 -6.70
C PHE A 102 3.83 -1.62 -5.68
N ALA A 103 2.51 -1.78 -5.74
CA ALA A 103 1.81 -2.67 -4.84
C ALA A 103 2.18 -4.13 -5.09
N ARG A 104 3.00 -4.35 -6.11
CA ARG A 104 3.43 -5.70 -6.46
C ARG A 104 4.95 -5.81 -6.46
N SER A 105 5.46 -6.85 -5.79
CA SER A 105 6.90 -7.07 -5.70
C SER A 105 7.51 -7.22 -7.09
N GLU A 106 6.89 -8.05 -7.92
CA GLU A 106 7.38 -8.29 -9.27
C GLU A 106 7.52 -6.98 -10.04
N ASN A 107 6.59 -6.05 -9.79
CA ASN A 107 6.59 -4.76 -10.45
C ASN A 107 7.82 -3.94 -10.03
N LEU A 108 8.18 -4.05 -8.76
CA LEU A 108 9.33 -3.32 -8.24
C LEU A 108 10.64 -3.89 -8.78
N LYS A 109 10.80 -5.20 -8.66
CA LYS A 109 12.00 -5.87 -9.14
C LYS A 109 12.17 -5.66 -10.65
N ILE A 110 11.08 -5.84 -11.39
CA ILE A 110 11.11 -5.67 -12.83
C ILE A 110 11.35 -4.22 -13.22
N HIS A 111 10.92 -3.31 -12.35
CA HIS A 111 11.10 -1.88 -12.59
C HIS A 111 12.50 -1.43 -12.21
N LYS A 112 13.13 -2.18 -11.31
CA LYS A 112 14.48 -1.86 -10.86
C LYS A 112 15.52 -2.29 -11.89
N ARG A 113 15.26 -3.41 -12.55
CA ARG A 113 16.17 -3.94 -13.56
C ARG A 113 16.30 -2.96 -14.73
N THR A 114 15.28 -2.12 -14.91
CA THR A 114 15.28 -1.14 -15.98
C THR A 114 16.07 0.10 -15.60
N HIS A 115 16.23 0.32 -14.31
CA HIS A 115 16.97 1.48 -13.81
C HIS A 115 18.45 1.39 -14.21
N THR A 116 18.83 0.26 -14.80
CA THR A 116 20.20 0.05 -15.23
C THR A 116 20.65 1.14 -16.19
N GLY A 117 21.95 1.23 -16.42
CA GLY A 117 22.49 2.24 -17.32
C GLY A 117 23.48 3.16 -16.62
N GLU A 118 22.95 4.20 -15.98
CA GLU A 118 23.80 5.17 -15.28
C GLU A 118 23.46 5.20 -13.79
N LYS A 119 24.49 5.38 -12.97
CA LYS A 119 24.31 5.44 -11.52
C LYS A 119 24.30 6.88 -11.02
N PRO A 120 23.46 7.15 -10.01
CA PRO A 120 23.34 8.50 -9.43
C PRO A 120 24.59 8.90 -8.64
N PHE A 121 25.12 7.96 -7.88
CA PHE A 121 26.31 8.22 -7.07
C PHE A 121 27.47 7.32 -7.51
N LYS A 122 28.62 7.94 -7.76
CA LYS A 122 29.80 7.20 -8.19
C LYS A 122 30.96 7.45 -7.23
N CYS A 123 31.70 6.37 -6.92
CA CYS A 123 32.84 6.47 -6.02
C CYS A 123 33.74 7.64 -6.41
N GLU A 124 34.03 8.51 -5.43
CA GLU A 124 34.88 9.66 -5.68
C GLU A 124 36.35 9.25 -5.77
N PHE A 125 36.63 8.00 -5.38
CA PHE A 125 37.99 7.48 -5.43
C PHE A 125 38.45 7.26 -6.86
N GLU A 126 39.56 7.89 -7.24
CA GLU A 126 40.10 7.76 -8.59
C GLU A 126 40.51 6.32 -8.86
N GLY A 127 40.59 5.96 -10.14
CA GLY A 127 40.98 4.62 -10.52
C GLY A 127 40.06 3.57 -9.93
N CYS A 128 38.91 4.00 -9.44
CA CYS A 128 37.94 3.10 -8.85
C CYS A 128 36.63 3.08 -9.65
N ASP A 129 36.03 1.90 -9.78
CA ASP A 129 34.79 1.75 -10.52
C ASP A 129 33.71 1.13 -9.64
N ARG A 130 32.74 1.96 -9.23
CA ARG A 130 31.65 1.49 -8.39
C ARG A 130 30.35 2.21 -8.73
N ARG A 131 29.26 1.80 -8.09
CA ARG A 131 27.95 2.40 -8.33
C ARG A 131 27.08 2.34 -7.08
N PHE A 132 26.70 3.51 -6.58
CA PHE A 132 25.86 3.59 -5.38
C PHE A 132 24.59 4.38 -5.66
N ALA A 133 23.55 4.10 -4.89
CA ALA A 133 22.27 4.78 -5.04
C ALA A 133 22.08 5.84 -3.98
N ASN A 134 22.88 5.76 -2.91
CA ASN A 134 22.79 6.72 -1.82
C ASN A 134 24.18 7.22 -1.43
N SER A 135 24.27 8.51 -1.09
CA SER A 135 25.54 9.11 -0.71
C SER A 135 26.17 8.35 0.45
N SER A 136 25.35 7.84 1.35
CA SER A 136 25.82 7.09 2.50
C SER A 136 26.68 5.90 2.06
N ASP A 137 26.11 5.07 1.21
CA ASP A 137 26.82 3.90 0.71
C ASP A 137 28.19 4.29 0.16
N ARG A 138 28.20 5.26 -0.74
CA ARG A 138 29.45 5.73 -1.35
C ARG A 138 30.53 5.91 -0.30
N LYS A 139 30.24 6.74 0.70
CA LYS A 139 31.19 7.01 1.77
C LYS A 139 31.53 5.72 2.53
N LYS A 140 30.53 4.87 2.72
CA LYS A 140 30.73 3.60 3.42
C LYS A 140 31.70 2.71 2.66
N HIS A 141 31.89 3.00 1.38
CA HIS A 141 32.79 2.21 0.55
C HIS A 141 34.22 2.75 0.65
N MET A 142 34.40 3.80 1.44
CA MET A 142 35.71 4.41 1.63
C MET A 142 36.47 3.73 2.77
N HIS A 143 35.73 3.09 3.66
CA HIS A 143 36.32 2.39 4.80
C HIS A 143 37.38 1.40 4.34
N VAL A 144 37.30 1.00 3.08
CA VAL A 144 38.25 0.05 2.50
C VAL A 144 39.33 0.77 1.70
N HIS A 145 39.07 2.03 1.37
CA HIS A 145 40.02 2.82 0.60
C HIS A 145 41.15 3.32 1.49
N THR A 146 40.80 3.71 2.72
CA THR A 146 41.80 4.22 3.66
C THR A 146 42.76 3.11 4.10
N SER A 147 42.20 2.05 4.68
CA SER A 147 43.01 0.94 5.15
C SER A 147 43.71 0.24 3.98
N ASP A 148 44.88 -0.34 4.26
CA ASP A 148 45.65 -1.03 3.23
C ASP A 148 46.79 -1.82 3.85
N LYS A 149 47.02 -3.02 3.33
CA LYS A 149 48.08 -3.89 3.83
C LYS A 149 48.55 -4.85 2.76
N SER A 150 49.68 -5.52 3.01
CA SER A 150 50.23 -6.48 2.06
C SER A 150 49.54 -7.82 2.19
N GLY A 151 49.77 -8.70 1.21
CA GLY A 151 49.16 -10.02 1.23
C GLY A 151 47.80 -10.03 0.55
N PRO A 152 47.75 -9.52 -0.69
CA PRO A 152 46.52 -9.46 -1.47
C PRO A 152 46.06 -10.85 -1.93
N SER A 153 44.76 -10.98 -2.19
CA SER A 153 44.20 -12.25 -2.63
C SER A 153 44.10 -12.31 -4.16
N SER A 154 44.96 -13.10 -4.77
CA SER A 154 44.98 -13.24 -6.22
C SER A 154 43.57 -13.19 -6.78
N GLY A 155 43.15 -12.00 -7.21
CA GLY A 155 41.81 -11.84 -7.77
C GLY A 155 41.48 -10.39 -8.05
ZN ZN B . -11.55 -13.00 1.72
ZN ZN C . -0.46 -11.79 2.66
ZN ZN D . 12.23 3.46 -9.60
ZN ZN E . 35.98 3.11 -4.56
N GLY A 1 -6.16 21.85 16.73
CA GLY A 1 -5.87 21.80 15.31
C GLY A 1 -6.48 22.97 14.56
N SER A 2 -7.04 22.69 13.39
CA SER A 2 -7.66 23.74 12.57
C SER A 2 -9.08 23.36 12.19
N SER A 3 -9.95 24.36 12.12
CA SER A 3 -11.35 24.14 11.77
C SER A 3 -11.50 23.90 10.27
N GLY A 4 -11.96 22.70 9.91
CA GLY A 4 -12.15 22.37 8.52
C GLY A 4 -13.50 21.74 8.23
N SER A 5 -13.92 21.77 6.97
CA SER A 5 -15.21 21.20 6.59
C SER A 5 -15.13 19.68 6.51
N SER A 6 -16.25 19.05 6.19
CA SER A 6 -16.32 17.60 6.08
C SER A 6 -16.97 17.18 4.76
N GLY A 7 -16.18 16.57 3.88
CA GLY A 7 -16.70 16.13 2.60
C GLY A 7 -17.64 14.95 2.73
N GLN A 8 -18.10 14.44 1.60
CA GLN A 8 -19.01 13.30 1.59
C GLN A 8 -18.24 11.99 1.46
N PRO A 9 -18.79 10.92 2.05
CA PRO A 9 -18.17 9.59 2.02
C PRO A 9 -18.24 8.96 0.62
N ILE A 10 -17.17 8.27 0.25
CA ILE A 10 -17.10 7.62 -1.05
C ILE A 10 -17.24 6.11 -0.92
N LYS A 11 -17.98 5.51 -1.84
CA LYS A 11 -18.19 4.06 -1.84
C LYS A 11 -17.22 3.37 -2.78
N GLN A 12 -16.18 2.75 -2.22
CA GLN A 12 -15.19 2.04 -3.02
C GLN A 12 -15.40 0.53 -2.95
N GLU A 13 -15.14 -0.15 -4.06
CA GLU A 13 -15.30 -1.59 -4.13
C GLU A 13 -13.95 -2.30 -3.97
N LEU A 14 -13.83 -3.09 -2.89
CA LEU A 14 -12.60 -3.82 -2.62
C LEU A 14 -12.78 -5.31 -2.90
N SER A 15 -11.67 -6.03 -2.94
CA SER A 15 -11.70 -7.47 -3.19
C SER A 15 -10.65 -8.20 -2.36
N CYS A 16 -10.99 -9.41 -1.92
CA CYS A 16 -10.07 -10.21 -1.11
C CYS A 16 -9.81 -11.56 -1.77
N LYS A 17 -8.66 -11.69 -2.41
CA LYS A 17 -8.29 -12.94 -3.08
C LYS A 17 -7.48 -13.83 -2.15
N TRP A 18 -8.15 -14.80 -1.54
CA TRP A 18 -7.49 -15.73 -0.64
C TRP A 18 -7.34 -17.11 -1.27
N ILE A 19 -6.11 -17.46 -1.61
CA ILE A 19 -5.83 -18.75 -2.24
C ILE A 19 -5.05 -19.65 -1.29
N ASP A 20 -5.73 -20.62 -0.70
CA ASP A 20 -5.11 -21.56 0.23
C ASP A 20 -4.25 -22.57 -0.52
N GLU A 21 -3.07 -22.86 0.01
CA GLU A 21 -2.16 -23.81 -0.61
C GLU A 21 -2.85 -25.16 -0.82
N ALA A 22 -3.06 -25.89 0.27
CA ALA A 22 -3.71 -27.19 0.20
C ALA A 22 -5.24 -27.05 0.22
N GLN A 23 -5.75 -26.06 -0.51
CA GLN A 23 -7.18 -25.82 -0.57
C GLN A 23 -7.92 -27.05 -1.11
N LEU A 24 -9.19 -27.15 -0.79
CA LEU A 24 -10.01 -28.27 -1.24
C LEU A 24 -10.56 -28.02 -2.64
N SER A 25 -10.31 -26.82 -3.15
CA SER A 25 -10.77 -26.45 -4.49
C SER A 25 -9.63 -26.49 -5.50
N ARG A 26 -9.97 -26.69 -6.76
CA ARG A 26 -8.97 -26.75 -7.82
C ARG A 26 -9.57 -26.34 -9.17
N PRO A 27 -8.80 -25.57 -9.95
CA PRO A 27 -7.45 -25.16 -9.57
C PRO A 27 -7.46 -24.14 -8.43
N LYS A 28 -6.27 -23.83 -7.92
CA LYS A 28 -6.14 -22.87 -6.83
C LYS A 28 -6.95 -21.61 -7.11
N LYS A 29 -8.05 -21.45 -6.38
CA LYS A 29 -8.91 -20.28 -6.54
C LYS A 29 -8.81 -19.35 -5.33
N SER A 30 -9.31 -18.13 -5.50
CA SER A 30 -9.27 -17.14 -4.43
C SER A 30 -10.67 -16.83 -3.93
N CYS A 31 -10.77 -16.50 -2.64
CA CYS A 31 -12.07 -16.18 -2.05
C CYS A 31 -12.76 -15.06 -2.82
N ASP A 32 -14.08 -15.21 -2.99
CA ASP A 32 -14.86 -14.22 -3.71
C ASP A 32 -15.69 -13.37 -2.75
N ARG A 33 -15.49 -12.06 -2.79
CA ARG A 33 -16.22 -11.14 -1.92
C ARG A 33 -15.81 -9.70 -2.19
N THR A 34 -16.59 -8.76 -1.68
CA THR A 34 -16.32 -7.34 -1.87
C THR A 34 -16.74 -6.54 -0.64
N PHE A 35 -16.40 -5.25 -0.65
CA PHE A 35 -16.73 -4.37 0.47
C PHE A 35 -16.87 -2.93 -0.01
N SER A 36 -17.47 -2.09 0.82
CA SER A 36 -17.67 -0.68 0.50
C SER A 36 -16.57 0.18 1.11
N THR A 37 -16.08 -0.25 2.27
CA THR A 37 -15.03 0.48 2.97
C THR A 37 -13.84 -0.41 3.27
N MET A 38 -12.68 0.20 3.49
CA MET A 38 -11.46 -0.55 3.78
C MET A 38 -11.63 -1.42 5.02
N HIS A 39 -12.00 -0.78 6.13
CA HIS A 39 -12.21 -1.50 7.38
C HIS A 39 -13.06 -2.75 7.16
N GLU A 40 -14.08 -2.61 6.32
CA GLU A 40 -14.97 -3.73 6.03
C GLU A 40 -14.20 -4.91 5.44
N LEU A 41 -13.24 -4.60 4.58
CA LEU A 41 -12.42 -5.62 3.94
C LEU A 41 -11.45 -6.25 4.93
N VAL A 42 -10.75 -5.40 5.68
CA VAL A 42 -9.80 -5.87 6.68
C VAL A 42 -10.46 -6.81 7.68
N THR A 43 -11.54 -6.33 8.31
CA THR A 43 -12.27 -7.13 9.29
C THR A 43 -12.54 -8.53 8.77
N HIS A 44 -12.64 -8.66 7.44
CA HIS A 44 -12.90 -9.95 6.82
C HIS A 44 -11.61 -10.75 6.66
N VAL A 45 -10.68 -10.21 5.87
CA VAL A 45 -9.40 -10.86 5.63
C VAL A 45 -8.69 -11.18 6.94
N THR A 46 -9.07 -10.47 8.00
CA THR A 46 -8.47 -10.67 9.31
C THR A 46 -9.28 -11.65 10.14
N MET A 47 -10.57 -11.35 10.32
CA MET A 47 -11.44 -12.21 11.09
C MET A 47 -12.08 -13.28 10.20
N GLU A 48 -12.64 -12.85 9.07
CA GLU A 48 -13.28 -13.77 8.13
C GLU A 48 -12.24 -14.63 7.42
N HIS A 49 -10.98 -14.46 7.82
CA HIS A 49 -9.89 -15.23 7.22
C HIS A 49 -8.85 -15.60 8.26
N VAL A 50 -8.07 -14.61 8.69
CA VAL A 50 -7.02 -14.83 9.69
C VAL A 50 -7.63 -15.11 11.06
N GLY A 51 -8.95 -15.05 11.14
CA GLY A 51 -9.64 -15.29 12.40
C GLY A 51 -9.38 -14.20 13.42
N GLY A 52 -9.70 -14.49 14.67
CA GLY A 52 -9.50 -13.51 15.73
C GLY A 52 -8.25 -13.81 16.55
N PRO A 53 -8.13 -13.14 17.70
CA PRO A 53 -6.98 -13.30 18.60
C PRO A 53 -6.98 -14.67 19.29
N GLU A 54 -8.03 -15.45 19.03
CA GLU A 54 -8.14 -16.79 19.62
C GLU A 54 -7.29 -17.79 18.85
N GLN A 55 -6.98 -17.46 17.60
CA GLN A 55 -6.18 -18.34 16.76
C GLN A 55 -4.71 -18.30 17.16
N ASN A 56 -3.98 -19.37 16.86
CA ASN A 56 -2.57 -19.45 17.19
C ASN A 56 -1.70 -19.15 15.98
N ASN A 57 -1.73 -20.02 14.99
CA ASN A 57 -0.96 -19.84 13.77
C ASN A 57 -1.68 -18.91 12.79
N HIS A 58 -1.14 -17.71 12.63
CA HIS A 58 -1.73 -16.73 11.72
C HIS A 58 -0.95 -16.66 10.42
N VAL A 59 -1.56 -17.14 9.34
CA VAL A 59 -0.93 -17.11 8.02
C VAL A 59 -1.91 -16.67 6.94
N CYS A 60 -1.45 -15.77 6.08
CA CYS A 60 -2.28 -15.27 5.00
C CYS A 60 -1.77 -15.74 3.64
N TYR A 61 -2.59 -16.51 2.94
CA TYR A 61 -2.22 -17.04 1.64
C TYR A 61 -2.90 -16.25 0.52
N TRP A 62 -2.16 -15.29 -0.05
CA TRP A 62 -2.69 -14.46 -1.12
C TRP A 62 -2.38 -15.09 -2.49
N GLU A 63 -3.30 -14.91 -3.43
CA GLU A 63 -3.14 -15.46 -4.77
C GLU A 63 -1.71 -15.23 -5.27
N GLU A 64 -1.04 -14.23 -4.70
CA GLU A 64 0.33 -13.91 -5.08
C GLU A 64 1.04 -13.13 -3.98
N CYS A 65 0.70 -13.44 -2.74
CA CYS A 65 1.31 -12.77 -1.59
C CYS A 65 2.81 -12.65 -1.77
N PRO A 66 3.34 -11.44 -1.48
CA PRO A 66 4.78 -11.17 -1.60
C PRO A 66 5.60 -11.90 -0.54
N ARG A 67 4.96 -12.23 0.57
CA ARG A 67 5.63 -12.93 1.66
C ARG A 67 5.59 -14.43 1.45
N GLU A 68 4.67 -14.88 0.59
CA GLU A 68 4.54 -16.31 0.30
C GLU A 68 3.96 -17.05 1.50
N GLY A 69 3.11 -16.36 2.27
CA GLY A 69 2.51 -16.97 3.44
C GLY A 69 3.53 -17.30 4.52
N LYS A 70 4.25 -16.28 4.98
CA LYS A 70 5.26 -16.46 6.01
C LYS A 70 4.75 -15.97 7.36
N SER A 71 4.60 -16.89 8.31
CA SER A 71 4.12 -16.55 9.64
C SER A 71 4.86 -15.33 10.18
N PHE A 72 4.37 -14.81 11.30
CA PHE A 72 4.97 -13.64 11.93
C PHE A 72 5.35 -13.93 13.38
N LYS A 73 5.92 -12.94 14.05
CA LYS A 73 6.33 -13.09 15.44
C LYS A 73 5.15 -12.86 16.38
N ALA A 74 4.15 -12.14 15.89
CA ALA A 74 2.95 -11.86 16.69
C ALA A 74 1.70 -11.83 15.81
N LYS A 75 0.55 -11.73 16.45
CA LYS A 75 -0.73 -11.70 15.74
C LYS A 75 -0.90 -10.39 14.99
N TYR A 76 -0.66 -9.28 15.69
CA TYR A 76 -0.80 -7.96 15.08
C TYR A 76 0.20 -7.78 13.94
N LYS A 77 1.29 -8.54 13.99
CA LYS A 77 2.31 -8.47 12.96
C LYS A 77 1.74 -8.83 11.59
N LEU A 78 0.87 -9.83 11.55
CA LEU A 78 0.24 -10.26 10.31
C LEU A 78 -0.89 -9.32 9.92
N VAL A 79 -1.69 -8.92 10.90
CA VAL A 79 -2.80 -8.01 10.65
C VAL A 79 -2.35 -6.78 9.88
N ASN A 80 -1.15 -6.29 10.19
CA ASN A 80 -0.59 -5.12 9.53
C ASN A 80 -0.23 -5.43 8.08
N HIS A 81 0.28 -6.64 7.86
CA HIS A 81 0.67 -7.07 6.53
C HIS A 81 -0.50 -7.00 5.56
N ILE A 82 -1.64 -7.54 5.98
CA ILE A 82 -2.84 -7.54 5.16
C ILE A 82 -3.20 -6.13 4.71
N ARG A 83 -2.63 -5.13 5.39
CA ARG A 83 -2.90 -3.74 5.07
C ARG A 83 -2.29 -3.38 3.70
N VAL A 84 -1.30 -4.15 3.28
CA VAL A 84 -0.65 -3.91 2.00
C VAL A 84 -1.42 -4.55 0.86
N HIS A 85 -2.25 -5.54 1.20
CA HIS A 85 -3.06 -6.23 0.20
C HIS A 85 -4.17 -5.33 -0.32
N THR A 86 -4.35 -4.18 0.32
CA THR A 86 -5.39 -3.24 -0.08
C THR A 86 -4.80 -2.12 -0.95
N GLY A 87 -3.77 -1.46 -0.43
CA GLY A 87 -3.14 -0.38 -1.18
C GLY A 87 -3.80 0.95 -0.92
N GLU A 88 -4.68 1.00 0.06
CA GLU A 88 -5.39 2.23 0.41
C GLU A 88 -4.88 2.82 1.72
N LYS A 89 -4.29 4.00 1.64
CA LYS A 89 -3.75 4.67 2.82
C LYS A 89 -4.44 6.02 3.04
N PRO A 90 -4.59 6.41 4.31
CA PRO A 90 -5.22 7.67 4.69
C PRO A 90 -4.37 8.88 4.31
N PHE A 91 -3.10 8.86 4.71
CA PHE A 91 -2.18 9.95 4.42
C PHE A 91 -0.74 9.47 4.44
N PRO A 92 0.08 10.01 3.53
CA PRO A 92 1.50 9.65 3.41
C PRO A 92 2.32 10.16 4.59
N CYS A 93 3.64 10.18 4.42
CA CYS A 93 4.53 10.66 5.47
C CYS A 93 4.94 12.10 5.23
N PRO A 94 4.91 12.91 6.30
CA PRO A 94 5.28 14.33 6.23
C PRO A 94 6.77 14.53 5.98
N PHE A 95 7.49 13.43 5.80
CA PHE A 95 8.93 13.50 5.56
C PHE A 95 9.23 13.35 4.07
N PRO A 96 10.10 14.24 3.55
CA PRO A 96 10.49 14.24 2.15
C PRO A 96 11.37 13.04 1.79
N GLY A 97 12.45 12.87 2.53
CA GLY A 97 13.35 11.76 2.28
C GLY A 97 12.89 10.48 2.94
N CYS A 98 11.58 10.23 2.90
CA CYS A 98 11.01 9.03 3.50
C CYS A 98 10.02 8.37 2.54
N GLY A 99 9.17 9.19 1.92
CA GLY A 99 8.18 8.66 0.99
C GLY A 99 7.48 7.44 1.53
N LYS A 100 7.35 7.35 2.85
CA LYS A 100 6.70 6.22 3.49
C LYS A 100 5.22 6.52 3.73
N ILE A 101 4.39 5.48 3.73
CA ILE A 101 2.96 5.63 3.97
C ILE A 101 2.42 4.50 4.83
N PHE A 102 1.48 4.84 5.71
CA PHE A 102 0.87 3.85 6.60
C PHE A 102 -0.64 3.90 6.51
N ALA A 103 -1.27 2.72 6.45
CA ALA A 103 -2.71 2.63 6.36
C ALA A 103 -3.37 2.95 7.70
N ARG A 104 -2.57 2.96 8.76
CA ARG A 104 -3.06 3.25 10.10
C ARG A 104 -2.56 4.61 10.58
N SER A 105 -3.46 5.43 11.09
CA SER A 105 -3.11 6.76 11.59
C SER A 105 -2.13 6.65 12.75
N GLU A 106 -2.46 5.80 13.72
CA GLU A 106 -1.62 5.61 14.89
C GLU A 106 -0.21 5.18 14.49
N ASN A 107 -0.12 4.49 13.35
CA ASN A 107 1.16 4.03 12.85
C ASN A 107 2.03 5.19 12.36
N LEU A 108 1.47 5.97 11.44
CA LEU A 108 2.18 7.12 10.89
C LEU A 108 2.60 8.08 12.00
N LYS A 109 1.64 8.53 12.78
CA LYS A 109 1.91 9.45 13.89
C LYS A 109 3.08 8.96 14.72
N ILE A 110 3.02 7.70 15.14
CA ILE A 110 4.07 7.10 15.94
C ILE A 110 5.39 7.06 15.18
N HIS A 111 5.31 6.92 13.87
CA HIS A 111 6.51 6.87 13.03
C HIS A 111 7.01 8.28 12.72
N LYS A 112 6.13 9.26 12.88
CA LYS A 112 6.49 10.65 12.62
C LYS A 112 7.35 11.21 13.75
N ARG A 113 7.13 10.70 14.95
CA ARG A 113 7.88 11.15 16.13
C ARG A 113 9.32 10.64 16.08
N THR A 114 9.50 9.46 15.49
CA THR A 114 10.83 8.86 15.38
C THR A 114 11.71 9.65 14.41
N HIS A 115 11.09 10.54 13.65
CA HIS A 115 11.81 11.36 12.70
C HIS A 115 12.56 12.50 13.40
N THR A 116 13.35 12.15 14.40
CA THR A 116 14.11 13.13 15.15
C THR A 116 15.61 12.87 15.05
N GLY A 117 16.40 13.94 15.00
CA GLY A 117 17.84 13.79 14.92
C GLY A 117 18.48 14.87 14.06
N GLU A 118 18.54 14.63 12.76
CA GLU A 118 19.13 15.59 11.84
C GLU A 118 18.08 16.15 10.87
N LYS A 119 18.23 17.41 10.50
CA LYS A 119 17.30 18.06 9.59
C LYS A 119 17.76 17.92 8.14
N PRO A 120 16.80 17.77 7.22
CA PRO A 120 17.09 17.62 5.79
C PRO A 120 17.62 18.91 5.17
N PHE A 121 16.92 20.02 5.42
CA PHE A 121 17.33 21.31 4.89
C PHE A 121 18.47 21.90 5.71
N LYS A 122 19.67 21.84 5.15
CA LYS A 122 20.85 22.37 5.84
C LYS A 122 21.25 23.73 5.26
N CYS A 123 21.57 24.67 6.14
CA CYS A 123 21.97 26.02 5.72
C CYS A 123 23.08 25.94 4.67
N GLU A 124 22.76 26.38 3.45
CA GLU A 124 23.73 26.37 2.36
C GLU A 124 24.95 27.23 2.70
N PHE A 125 24.81 28.05 3.74
CA PHE A 125 25.89 28.93 4.17
C PHE A 125 27.02 28.13 4.81
N GLU A 126 28.21 28.22 4.23
CA GLU A 126 29.36 27.50 4.75
C GLU A 126 29.78 28.04 6.11
N GLY A 127 30.36 27.17 6.94
CA GLY A 127 30.78 27.58 8.27
C GLY A 127 29.62 27.89 9.18
N CYS A 128 28.41 27.56 8.73
CA CYS A 128 27.21 27.80 9.52
C CYS A 128 26.62 26.48 10.02
N ASP A 129 25.95 26.54 11.17
CA ASP A 129 25.34 25.36 11.75
C ASP A 129 23.85 25.59 12.00
N ARG A 130 23.02 24.95 11.18
CA ARG A 130 21.56 25.10 11.31
C ARG A 130 20.87 23.77 11.01
N ARG A 131 19.54 23.78 11.07
CA ARG A 131 18.75 22.59 10.81
C ARG A 131 17.29 22.94 10.57
N PHE A 132 16.80 22.63 9.38
CA PHE A 132 15.42 22.91 9.01
C PHE A 132 14.80 21.74 8.25
N ALA A 133 13.47 21.64 8.30
CA ALA A 133 12.77 20.57 7.62
C ALA A 133 12.07 21.07 6.36
N ASN A 134 12.04 22.40 6.21
CA ASN A 134 11.41 23.02 5.05
C ASN A 134 12.29 24.12 4.48
N SER A 135 12.36 24.19 3.15
CA SER A 135 13.17 25.20 2.47
C SER A 135 12.78 26.60 2.94
N SER A 136 11.48 26.87 2.96
CA SER A 136 10.98 28.17 3.39
C SER A 136 11.70 28.65 4.64
N ASP A 137 11.95 27.72 5.56
CA ASP A 137 12.64 28.06 6.81
C ASP A 137 14.11 28.37 6.55
N ARG A 138 14.76 27.52 5.76
CA ARG A 138 16.16 27.70 5.43
C ARG A 138 16.41 29.07 4.80
N LYS A 139 15.60 29.40 3.80
CA LYS A 139 15.73 30.68 3.11
C LYS A 139 15.42 31.84 4.05
N LYS A 140 14.71 31.55 5.13
CA LYS A 140 14.35 32.56 6.12
C LYS A 140 15.51 32.86 7.05
N HIS A 141 16.45 31.92 7.13
CA HIS A 141 17.62 32.08 7.99
C HIS A 141 18.73 32.83 7.26
N MET A 142 18.48 33.18 6.01
CA MET A 142 19.46 33.90 5.20
C MET A 142 19.33 35.41 5.40
N HIS A 143 18.16 35.85 5.85
CA HIS A 143 17.91 37.26 6.09
C HIS A 143 18.95 37.85 7.04
N VAL A 144 19.61 36.98 7.79
CA VAL A 144 20.64 37.41 8.74
C VAL A 144 22.03 37.21 8.16
N HIS A 145 22.12 36.43 7.09
CA HIS A 145 23.39 36.16 6.44
C HIS A 145 23.82 37.33 5.56
N THR A 146 22.84 38.19 5.21
CA THR A 146 23.12 39.35 4.37
C THR A 146 23.05 40.63 5.18
N SER A 147 23.61 41.71 4.62
CA SER A 147 23.62 43.00 5.30
C SER A 147 22.40 43.82 4.90
N ASP A 148 21.28 43.59 5.58
CA ASP A 148 20.05 44.32 5.30
C ASP A 148 19.18 44.43 6.54
N LYS A 149 18.18 45.30 6.49
CA LYS A 149 17.28 45.49 7.61
C LYS A 149 16.90 44.16 8.25
N SER A 150 17.66 43.75 9.26
CA SER A 150 17.40 42.49 9.95
C SER A 150 15.90 42.28 10.17
N GLY A 151 15.28 43.25 10.84
CA GLY A 151 13.85 43.15 11.10
C GLY A 151 13.43 43.99 12.30
N PRO A 152 12.12 44.25 12.42
CA PRO A 152 11.56 45.03 13.52
C PRO A 152 11.63 44.30 14.85
N SER A 153 11.54 42.97 14.79
CA SER A 153 11.59 42.15 16.00
C SER A 153 12.47 40.92 15.77
N SER A 154 12.96 40.34 16.88
CA SER A 154 13.82 39.16 16.81
C SER A 154 13.16 38.07 15.96
N GLY A 155 13.85 37.64 14.91
CA GLY A 155 13.33 36.60 14.05
C GLY A 155 12.53 37.17 12.89
ZN ZN B . -11.87 -13.38 1.66
ZN ZN C . -0.63 -11.98 2.44
ZN ZN D . 8.55 8.91 7.52
ZN ZN E . 23.25 29.92 8.31
N GLY A 1 -24.22 10.06 3.88
CA GLY A 1 -25.56 9.72 3.41
C GLY A 1 -26.13 10.80 2.50
N SER A 2 -26.52 10.38 1.29
CA SER A 2 -27.07 11.31 0.32
C SER A 2 -27.88 10.58 -0.73
N SER A 3 -29.19 10.86 -0.79
CA SER A 3 -30.08 10.21 -1.76
C SER A 3 -31.27 11.11 -2.06
N GLY A 4 -31.60 11.22 -3.34
CA GLY A 4 -32.72 12.05 -3.75
C GLY A 4 -32.35 13.03 -4.85
N SER A 5 -32.81 14.27 -4.71
CA SER A 5 -32.53 15.30 -5.70
C SER A 5 -31.13 15.13 -6.28
N SER A 6 -30.12 15.17 -5.41
CA SER A 6 -28.73 15.03 -5.83
C SER A 6 -28.53 13.73 -6.58
N GLY A 7 -27.32 13.54 -7.10
CA GLY A 7 -27.01 12.33 -7.85
C GLY A 7 -26.94 11.10 -6.96
N GLN A 8 -26.52 9.98 -7.53
CA GLN A 8 -26.40 8.74 -6.78
C GLN A 8 -25.02 8.62 -6.13
N PRO A 9 -24.97 8.00 -4.95
CA PRO A 9 -23.73 7.80 -4.20
C PRO A 9 -22.81 6.79 -4.87
N ILE A 10 -21.53 7.17 -4.99
CA ILE A 10 -20.54 6.29 -5.62
C ILE A 10 -19.84 5.43 -4.57
N LYS A 11 -20.17 4.13 -4.57
CA LYS A 11 -19.56 3.20 -3.63
C LYS A 11 -18.36 2.50 -4.24
N GLN A 12 -17.34 2.27 -3.43
CA GLN A 12 -16.13 1.62 -3.91
C GLN A 12 -16.09 0.15 -3.47
N GLU A 13 -16.13 -0.75 -4.43
CA GLU A 13 -16.11 -2.19 -4.15
C GLU A 13 -14.68 -2.68 -3.99
N LEU A 14 -14.43 -3.37 -2.87
CA LEU A 14 -13.10 -3.90 -2.59
C LEU A 14 -12.97 -5.33 -3.11
N SER A 15 -11.72 -5.78 -3.30
CA SER A 15 -11.46 -7.12 -3.80
C SER A 15 -10.47 -7.84 -2.89
N CYS A 16 -10.85 -9.04 -2.45
CA CYS A 16 -9.99 -9.84 -1.57
C CYS A 16 -9.74 -11.22 -2.17
N LYS A 17 -8.54 -11.39 -2.73
CA LYS A 17 -8.17 -12.67 -3.35
C LYS A 17 -7.33 -13.50 -2.38
N TRP A 18 -7.99 -14.45 -1.71
CA TRP A 18 -7.30 -15.32 -0.76
C TRP A 18 -7.15 -16.74 -1.33
N ILE A 19 -5.92 -17.23 -1.36
CA ILE A 19 -5.63 -18.56 -1.87
C ILE A 19 -4.92 -19.41 -0.84
N ASP A 20 -5.61 -20.41 -0.30
CA ASP A 20 -5.04 -21.29 0.70
C ASP A 20 -4.26 -22.43 0.04
N GLU A 21 -3.12 -22.76 0.61
CA GLU A 21 -2.27 -23.82 0.08
C GLU A 21 -2.83 -25.19 0.43
N ALA A 22 -3.51 -25.28 1.57
CA ALA A 22 -4.11 -26.53 2.03
C ALA A 22 -5.58 -26.61 1.64
N GLN A 23 -5.95 -25.92 0.56
CA GLN A 23 -7.32 -25.92 0.09
C GLN A 23 -7.63 -27.18 -0.71
N LEU A 24 -8.79 -27.77 -0.44
CA LEU A 24 -9.20 -28.99 -1.13
C LEU A 24 -9.88 -28.67 -2.45
N SER A 25 -9.93 -27.37 -2.79
CA SER A 25 -10.55 -26.93 -4.03
C SER A 25 -9.49 -26.63 -5.09
N ARG A 26 -9.63 -27.27 -6.25
CA ARG A 26 -8.68 -27.07 -7.34
C ARG A 26 -9.42 -26.89 -8.66
N PRO A 27 -8.82 -26.08 -9.56
CA PRO A 27 -7.54 -25.41 -9.30
C PRO A 27 -7.67 -24.31 -8.26
N LYS A 28 -6.66 -24.19 -7.41
CA LYS A 28 -6.65 -23.18 -6.36
C LYS A 28 -7.37 -21.91 -6.82
N LYS A 29 -8.49 -21.61 -6.18
CA LYS A 29 -9.27 -20.42 -6.53
C LYS A 29 -9.09 -19.32 -5.49
N SER A 30 -9.79 -18.21 -5.67
CA SER A 30 -9.70 -17.08 -4.75
C SER A 30 -11.04 -16.85 -4.05
N CYS A 31 -10.99 -16.48 -2.77
CA CYS A 31 -12.20 -16.22 -2.00
C CYS A 31 -13.10 -15.23 -2.72
N ASP A 32 -14.27 -14.97 -2.14
CA ASP A 32 -15.22 -14.04 -2.72
C ASP A 32 -15.80 -13.12 -1.65
N ARG A 33 -15.53 -11.82 -1.76
CA ARG A 33 -16.03 -10.86 -0.80
C ARG A 33 -15.69 -9.43 -1.24
N THR A 34 -16.52 -8.48 -0.82
CA THR A 34 -16.31 -7.08 -1.17
C THR A 34 -16.96 -6.15 -0.15
N PHE A 35 -16.52 -4.89 -0.14
CA PHE A 35 -17.06 -3.91 0.80
C PHE A 35 -16.94 -2.50 0.23
N SER A 36 -17.56 -1.54 0.91
CA SER A 36 -17.53 -0.15 0.46
C SER A 36 -16.29 0.56 0.99
N THR A 37 -15.94 0.28 2.24
CA THR A 37 -14.78 0.88 2.87
C THR A 37 -13.71 -0.15 3.20
N MET A 38 -12.49 0.31 3.45
CA MET A 38 -11.39 -0.59 3.78
C MET A 38 -11.66 -1.32 5.09
N HIS A 39 -11.92 -0.56 6.15
CA HIS A 39 -12.19 -1.14 7.46
C HIS A 39 -13.11 -2.36 7.34
N GLU A 40 -14.03 -2.30 6.39
CA GLU A 40 -14.97 -3.39 6.17
C GLU A 40 -14.24 -4.63 5.65
N LEU A 41 -13.32 -4.43 4.72
CA LEU A 41 -12.56 -5.53 4.14
C LEU A 41 -11.63 -6.15 5.17
N VAL A 42 -10.95 -5.30 5.93
CA VAL A 42 -10.03 -5.77 6.97
C VAL A 42 -10.70 -6.78 7.88
N THR A 43 -11.87 -6.43 8.39
CA THR A 43 -12.61 -7.31 9.29
C THR A 43 -12.78 -8.70 8.68
N HIS A 44 -12.79 -8.76 7.35
CA HIS A 44 -12.94 -10.02 6.65
C HIS A 44 -11.60 -10.74 6.52
N VAL A 45 -10.66 -10.12 5.82
CA VAL A 45 -9.34 -10.69 5.63
C VAL A 45 -8.70 -11.05 6.97
N THR A 46 -9.17 -10.41 8.03
CA THR A 46 -8.65 -10.66 9.37
C THR A 46 -9.45 -11.74 10.09
N MET A 47 -10.76 -11.50 10.21
CA MET A 47 -11.64 -12.45 10.87
C MET A 47 -12.16 -13.50 9.89
N GLU A 48 -12.67 -13.03 8.75
CA GLU A 48 -13.21 -13.92 7.73
C GLU A 48 -12.08 -14.69 7.05
N HIS A 49 -10.86 -14.49 7.52
CA HIS A 49 -9.70 -15.17 6.96
C HIS A 49 -8.70 -15.54 8.04
N VAL A 50 -7.99 -14.54 8.56
CA VAL A 50 -7.00 -14.76 9.61
C VAL A 50 -7.67 -15.14 10.92
N GLY A 51 -9.00 -15.16 10.91
CA GLY A 51 -9.74 -15.51 12.11
C GLY A 51 -9.52 -14.52 13.24
N GLY A 52 -9.66 -15.00 14.48
CA GLY A 52 -9.48 -14.14 15.63
C GLY A 52 -8.17 -14.41 16.36
N PRO A 53 -8.04 -13.87 17.58
CA PRO A 53 -6.85 -14.05 18.39
C PRO A 53 -6.70 -15.47 18.92
N GLU A 54 -7.76 -16.26 18.77
CA GLU A 54 -7.76 -17.65 19.23
C GLU A 54 -7.30 -18.58 18.12
N GLN A 55 -7.08 -18.01 16.93
CA GLN A 55 -6.63 -18.80 15.79
C GLN A 55 -5.23 -19.34 16.01
N ASN A 56 -5.13 -20.66 16.16
CA ASN A 56 -3.83 -21.31 16.38
C ASN A 56 -2.73 -20.60 15.60
N ASN A 57 -2.68 -20.87 14.29
CA ASN A 57 -1.67 -20.26 13.43
C ASN A 57 -2.29 -19.21 12.52
N HIS A 58 -1.69 -18.04 12.47
CA HIS A 58 -2.18 -16.94 11.63
C HIS A 58 -1.27 -16.73 10.43
N VAL A 59 -1.73 -17.13 9.26
CA VAL A 59 -0.94 -16.97 8.03
C VAL A 59 -1.84 -16.56 6.86
N CYS A 60 -1.45 -15.48 6.20
CA CYS A 60 -2.20 -14.96 5.06
C CYS A 60 -1.65 -15.50 3.75
N TYR A 61 -2.44 -16.31 3.06
CA TYR A 61 -2.02 -16.89 1.79
C TYR A 61 -2.64 -16.14 0.62
N TRP A 62 -1.89 -15.22 0.04
CA TRP A 62 -2.37 -14.43 -1.09
C TRP A 62 -2.01 -15.09 -2.41
N GLU A 63 -2.89 -14.97 -3.40
CA GLU A 63 -2.66 -15.57 -4.70
C GLU A 63 -1.22 -15.35 -5.16
N GLU A 64 -0.60 -14.29 -4.64
CA GLU A 64 0.77 -13.97 -4.99
C GLU A 64 1.45 -13.17 -3.88
N CYS A 65 1.05 -13.44 -2.64
CA CYS A 65 1.62 -12.76 -1.49
C CYS A 65 3.13 -12.62 -1.62
N PRO A 66 3.64 -11.41 -1.33
CA PRO A 66 5.08 -11.12 -1.42
C PRO A 66 5.87 -11.83 -0.32
N ARG A 67 5.19 -12.17 0.78
CA ARG A 67 5.83 -12.85 1.89
C ARG A 67 5.83 -14.36 1.69
N GLU A 68 4.96 -14.83 0.80
CA GLU A 68 4.85 -16.25 0.52
C GLU A 68 4.23 -17.00 1.70
N GLY A 69 3.33 -16.33 2.41
CA GLY A 69 2.68 -16.94 3.54
C GLY A 69 3.64 -17.25 4.68
N LYS A 70 4.40 -16.24 5.10
CA LYS A 70 5.37 -16.41 6.17
C LYS A 70 4.82 -15.89 7.49
N SER A 71 4.47 -16.81 8.39
CA SER A 71 3.93 -16.43 9.70
C SER A 71 4.80 -15.38 10.37
N PHE A 72 4.17 -14.52 11.16
CA PHE A 72 4.89 -13.46 11.87
C PHE A 72 5.11 -13.84 13.33
N LYS A 73 5.76 -12.96 14.08
CA LYS A 73 6.03 -13.19 15.49
C LYS A 73 4.99 -12.49 16.37
N ALA A 74 3.85 -12.17 15.78
CA ALA A 74 2.78 -11.51 16.51
C ALA A 74 1.52 -11.39 15.66
N LYS A 75 0.46 -10.83 16.24
CA LYS A 75 -0.80 -10.67 15.52
C LYS A 75 -0.81 -9.35 14.74
N TYR A 76 -0.40 -8.27 15.40
CA TYR A 76 -0.36 -6.96 14.77
C TYR A 76 0.64 -6.93 13.62
N LYS A 77 1.62 -7.84 13.69
CA LYS A 77 2.64 -7.92 12.65
C LYS A 77 2.05 -8.40 11.33
N LEU A 78 1.14 -9.37 11.41
CA LEU A 78 0.49 -9.92 10.23
C LEU A 78 -0.68 -9.04 9.80
N VAL A 79 -1.55 -8.72 10.75
CA VAL A 79 -2.71 -7.89 10.47
C VAL A 79 -2.32 -6.64 9.68
N ASN A 80 -1.17 -6.08 10.02
CA ASN A 80 -0.67 -4.88 9.35
C ASN A 80 -0.26 -5.19 7.92
N HIS A 81 0.31 -6.37 7.71
CA HIS A 81 0.75 -6.79 6.39
C HIS A 81 -0.42 -6.81 5.41
N ILE A 82 -1.55 -7.34 5.86
CA ILE A 82 -2.74 -7.42 5.02
C ILE A 82 -3.11 -6.05 4.46
N ARG A 83 -2.68 -5.00 5.14
CA ARG A 83 -2.96 -3.64 4.71
C ARG A 83 -2.29 -3.34 3.37
N VAL A 84 -1.21 -4.06 3.08
CA VAL A 84 -0.48 -3.88 1.83
C VAL A 84 -1.21 -4.53 0.67
N HIS A 85 -2.07 -5.50 0.98
CA HIS A 85 -2.84 -6.20 -0.05
C HIS A 85 -3.96 -5.32 -0.60
N THR A 86 -4.32 -4.29 0.17
CA THR A 86 -5.37 -3.37 -0.25
C THR A 86 -4.79 -2.17 -0.97
N GLY A 87 -3.86 -1.47 -0.32
CA GLY A 87 -3.25 -0.30 -0.91
C GLY A 87 -3.46 0.95 -0.08
N GLU A 88 -4.33 0.86 0.91
CA GLU A 88 -4.62 2.00 1.77
C GLU A 88 -3.43 2.30 2.69
N LYS A 89 -3.20 3.58 2.95
CA LYS A 89 -2.10 4.00 3.81
C LYS A 89 -2.61 4.44 5.17
N PRO A 90 -1.83 4.15 6.22
CA PRO A 90 -2.18 4.50 7.60
C PRO A 90 -2.11 6.01 7.84
N PHE A 91 -0.99 6.62 7.48
CA PHE A 91 -0.80 8.05 7.66
C PHE A 91 0.25 8.58 6.69
N PRO A 92 -0.03 9.75 6.09
CA PRO A 92 0.86 10.40 5.14
C PRO A 92 2.13 10.92 5.80
N CYS A 93 2.86 11.77 5.07
CA CYS A 93 4.09 12.36 5.60
C CYS A 93 3.82 13.70 6.26
N PRO A 94 4.43 13.92 7.43
CA PRO A 94 4.28 15.16 8.20
C PRO A 94 4.95 16.35 7.52
N PHE A 95 5.50 16.11 6.33
CA PHE A 95 6.18 17.16 5.58
C PHE A 95 5.31 17.65 4.43
N PRO A 96 5.10 18.98 4.37
CA PRO A 96 4.28 19.61 3.33
C PRO A 96 4.95 19.55 1.96
N GLY A 97 6.19 20.01 1.89
CA GLY A 97 6.92 20.01 0.64
C GLY A 97 7.20 18.62 0.13
N CYS A 98 6.80 17.62 0.92
CA CYS A 98 7.02 16.22 0.56
C CYS A 98 5.75 15.62 -0.03
N GLY A 99 4.66 15.70 0.73
CA GLY A 99 3.39 15.15 0.28
C GLY A 99 3.49 13.68 -0.06
N LYS A 100 4.41 12.98 0.59
CA LYS A 100 4.60 11.56 0.35
C LYS A 100 3.82 10.72 1.37
N ILE A 101 3.38 9.55 0.95
CA ILE A 101 2.62 8.66 1.81
C ILE A 101 3.17 7.23 1.76
N PHE A 102 3.24 6.59 2.91
CA PHE A 102 3.74 5.21 2.99
C PHE A 102 2.71 4.30 3.65
N ALA A 103 2.72 3.03 3.25
CA ALA A 103 1.80 2.05 3.81
C ALA A 103 2.37 1.38 5.05
N ARG A 104 3.68 1.55 5.25
CA ARG A 104 4.36 0.96 6.40
C ARG A 104 4.77 2.04 7.40
N SER A 105 4.45 1.81 8.67
CA SER A 105 4.79 2.76 9.72
C SER A 105 6.30 2.92 9.85
N GLU A 106 7.01 1.80 9.80
CA GLU A 106 8.47 1.81 9.91
C GLU A 106 9.10 2.55 8.73
N ASN A 107 8.38 2.59 7.62
CA ASN A 107 8.87 3.26 6.41
C ASN A 107 8.76 4.77 6.56
N LEU A 108 7.60 5.24 7.03
CA LEU A 108 7.37 6.66 7.21
C LEU A 108 8.38 7.26 8.19
N LYS A 109 8.47 6.66 9.37
CA LYS A 109 9.40 7.12 10.40
C LYS A 109 10.81 7.21 9.85
N ILE A 110 11.27 6.14 9.21
CA ILE A 110 12.61 6.10 8.64
C ILE A 110 12.76 7.11 7.50
N HIS A 111 11.65 7.43 6.85
CA HIS A 111 11.65 8.39 5.76
C HIS A 111 11.60 9.82 6.29
N LYS A 112 11.11 9.97 7.52
CA LYS A 112 11.01 11.29 8.14
C LYS A 112 12.33 11.68 8.79
N ARG A 113 13.05 10.68 9.30
CA ARG A 113 14.33 10.93 9.95
C ARG A 113 15.43 11.23 8.92
N THR A 114 15.14 10.94 7.65
CA THR A 114 16.09 11.19 6.58
C THR A 114 15.83 12.54 5.92
N HIS A 115 14.70 13.16 6.26
CA HIS A 115 14.35 14.46 5.71
C HIS A 115 15.40 15.51 6.06
N THR A 116 15.75 15.57 7.34
CA THR A 116 16.75 16.54 7.81
C THR A 116 17.06 16.32 9.29
N GLY A 117 18.32 16.54 9.65
CA GLY A 117 18.74 16.37 11.04
C GLY A 117 17.91 17.20 12.00
N GLU A 118 17.80 18.50 11.71
CA GLU A 118 17.02 19.40 12.55
C GLU A 118 15.57 19.45 12.11
N LYS A 119 14.70 19.86 13.02
CA LYS A 119 13.26 19.97 12.72
C LYS A 119 12.93 21.34 12.17
N PRO A 120 11.98 21.39 11.22
CA PRO A 120 11.54 22.64 10.60
C PRO A 120 10.75 23.52 11.55
N PHE A 121 10.14 22.90 12.56
CA PHE A 121 9.36 23.62 13.55
C PHE A 121 9.76 23.23 14.97
N LYS A 122 10.43 24.15 15.66
CA LYS A 122 10.88 23.90 17.03
C LYS A 122 10.15 24.81 18.01
N CYS A 123 9.73 24.23 19.13
CA CYS A 123 9.03 24.99 20.16
C CYS A 123 9.78 26.26 20.52
N GLU A 124 9.20 27.40 20.22
CA GLU A 124 9.82 28.69 20.52
C GLU A 124 9.87 28.94 22.02
N PHE A 125 9.29 28.01 22.78
CA PHE A 125 9.28 28.13 24.24
C PHE A 125 10.64 27.80 24.82
N GLU A 126 11.23 28.76 25.54
CA GLU A 126 12.54 28.57 26.15
C GLU A 126 12.49 27.47 27.21
N GLY A 127 13.62 26.80 27.40
CA GLY A 127 13.68 25.73 28.38
C GLY A 127 12.77 24.58 28.05
N CYS A 128 12.30 24.53 26.80
CA CYS A 128 11.41 23.47 26.35
C CYS A 128 12.05 22.65 25.24
N ASP A 129 11.90 21.33 25.32
CA ASP A 129 12.46 20.44 24.31
C ASP A 129 11.35 19.69 23.57
N ARG A 130 11.11 20.10 22.33
CA ARG A 130 10.08 19.48 21.50
C ARG A 130 10.42 19.62 20.02
N ARG A 131 9.49 19.17 19.17
CA ARG A 131 9.69 19.24 17.73
C ARG A 131 8.35 19.21 16.99
N PHE A 132 8.31 19.83 15.81
CA PHE A 132 7.10 19.88 15.02
C PHE A 132 7.43 19.95 13.53
N ALA A 133 6.43 19.67 12.70
CA ALA A 133 6.60 19.68 11.25
C ALA A 133 5.73 20.76 10.61
N ASN A 134 4.74 21.25 11.35
CA ASN A 134 3.84 22.27 10.85
C ASN A 134 3.54 23.31 11.93
N SER A 135 3.70 24.58 11.58
CA SER A 135 3.46 25.67 12.51
C SER A 135 2.20 25.41 13.33
N SER A 136 1.21 24.80 12.71
CA SER A 136 -0.06 24.50 13.37
C SER A 136 0.19 23.67 14.63
N ASP A 137 1.01 22.64 14.50
CA ASP A 137 1.33 21.77 15.63
C ASP A 137 2.11 22.52 16.70
N ARG A 138 3.13 23.27 16.25
CA ARG A 138 3.96 24.04 17.18
C ARG A 138 3.12 25.05 17.95
N LYS A 139 2.07 25.56 17.32
CA LYS A 139 1.18 26.54 17.94
C LYS A 139 0.17 25.85 18.84
N LYS A 140 -0.07 24.56 18.59
CA LYS A 140 -1.02 23.78 19.38
C LYS A 140 -0.38 23.32 20.68
N HIS A 141 0.95 23.28 20.71
CA HIS A 141 1.67 22.86 21.90
C HIS A 141 1.87 24.03 22.87
N MET A 142 1.41 25.21 22.46
CA MET A 142 1.53 26.40 23.30
C MET A 142 0.33 26.52 24.24
N HIS A 143 -0.77 25.86 23.88
CA HIS A 143 -1.98 25.91 24.70
C HIS A 143 -1.69 25.45 26.13
N VAL A 144 -0.59 24.72 26.29
CA VAL A 144 -0.20 24.22 27.61
C VAL A 144 0.87 25.11 28.24
N HIS A 145 1.50 25.94 27.41
CA HIS A 145 2.54 26.85 27.89
C HIS A 145 1.92 28.07 28.58
N THR A 146 0.77 28.49 28.08
CA THR A 146 0.08 29.65 28.63
C THR A 146 -0.08 29.53 30.15
N SER A 147 0.01 28.30 30.64
CA SER A 147 -0.13 28.04 32.07
C SER A 147 0.59 26.74 32.46
N ASP A 148 1.51 26.85 33.41
CA ASP A 148 2.26 25.70 33.88
C ASP A 148 1.39 24.78 34.73
N LYS A 149 1.56 23.48 34.55
CA LYS A 149 0.79 22.50 35.30
C LYS A 149 1.71 21.53 36.04
N SER A 150 1.21 20.99 37.15
CA SER A 150 1.99 20.05 37.95
C SER A 150 2.42 18.85 37.12
N GLY A 151 1.64 18.54 36.09
CA GLY A 151 1.96 17.41 35.24
C GLY A 151 1.35 17.54 33.85
N PRO A 152 1.81 16.70 32.91
CA PRO A 152 1.32 16.71 31.53
C PRO A 152 -0.11 16.18 31.43
N SER A 153 -0.96 16.92 30.72
CA SER A 153 -2.36 16.53 30.54
C SER A 153 -2.57 15.87 29.19
N SER A 154 -2.80 14.56 29.21
CA SER A 154 -3.02 13.80 27.98
C SER A 154 -1.84 13.97 27.02
N GLY A 155 -0.63 13.97 27.58
CA GLY A 155 0.57 14.12 26.76
C GLY A 155 0.95 12.84 26.06
ZN ZN B . -11.23 -12.99 1.54
ZN ZN C . -0.41 -11.84 2.44
ZN ZN D . 8.36 12.85 3.56
ZN ZN E . 7.13 23.66 24.43
N GLY A 1 -7.03 16.08 9.15
CA GLY A 1 -8.41 16.48 9.00
C GLY A 1 -8.90 16.35 7.57
N SER A 2 -10.12 16.83 7.32
CA SER A 2 -10.71 16.76 5.99
C SER A 2 -12.00 17.57 5.92
N SER A 3 -12.67 17.51 4.78
CA SER A 3 -13.92 18.23 4.58
C SER A 3 -14.82 17.50 3.60
N GLY A 4 -16.12 17.82 3.66
CA GLY A 4 -17.08 17.19 2.78
C GLY A 4 -16.89 17.58 1.33
N SER A 5 -17.95 17.49 0.54
CA SER A 5 -17.90 17.83 -0.88
C SER A 5 -19.27 18.23 -1.39
N SER A 6 -19.31 18.79 -2.59
CA SER A 6 -20.56 19.23 -3.20
C SER A 6 -21.00 18.26 -4.29
N GLY A 7 -21.68 17.18 -3.88
CA GLY A 7 -22.15 16.20 -4.84
C GLY A 7 -22.55 14.89 -4.17
N GLN A 8 -22.23 13.77 -4.83
CA GLN A 8 -22.57 12.46 -4.30
C GLN A 8 -21.30 11.70 -3.89
N PRO A 9 -21.40 10.93 -2.80
CA PRO A 9 -20.28 10.13 -2.29
C PRO A 9 -19.92 8.97 -3.20
N ILE A 10 -18.63 8.81 -3.46
CA ILE A 10 -18.15 7.74 -4.32
C ILE A 10 -17.48 6.63 -3.51
N LYS A 11 -18.07 5.43 -3.55
CA LYS A 11 -17.53 4.29 -2.83
C LYS A 11 -16.75 3.37 -3.76
N GLN A 12 -15.51 3.09 -3.40
CA GLN A 12 -14.65 2.21 -4.20
C GLN A 12 -14.85 0.76 -3.80
N GLU A 13 -14.82 -0.13 -4.79
CA GLU A 13 -14.98 -1.56 -4.54
C GLU A 13 -13.65 -2.20 -4.16
N LEU A 14 -13.67 -3.01 -3.10
CA LEU A 14 -12.47 -3.69 -2.63
C LEU A 14 -12.50 -5.17 -2.99
N SER A 15 -11.36 -5.83 -2.84
CA SER A 15 -11.27 -7.26 -3.16
C SER A 15 -10.15 -7.91 -2.35
N CYS A 16 -10.40 -9.14 -1.91
CA CYS A 16 -9.42 -9.89 -1.12
C CYS A 16 -9.18 -11.27 -1.71
N LYS A 17 -8.12 -11.38 -2.52
CA LYS A 17 -7.78 -12.65 -3.16
C LYS A 17 -7.09 -13.58 -2.17
N TRP A 18 -7.85 -14.51 -1.61
CA TRP A 18 -7.32 -15.46 -0.64
C TRP A 18 -7.20 -16.85 -1.26
N ILE A 19 -5.99 -17.40 -1.23
CA ILE A 19 -5.75 -18.73 -1.79
C ILE A 19 -5.13 -19.66 -0.75
N ASP A 20 -5.97 -20.52 -0.16
CA ASP A 20 -5.50 -21.47 0.84
C ASP A 20 -4.67 -22.58 0.20
N GLU A 21 -3.55 -22.92 0.84
CA GLU A 21 -2.67 -23.96 0.34
C GLU A 21 -3.20 -25.34 0.68
N ALA A 22 -3.96 -25.42 1.78
CA ALA A 22 -4.54 -26.69 2.21
C ALA A 22 -5.94 -26.87 1.66
N GLN A 23 -6.24 -26.17 0.57
CA GLN A 23 -7.55 -26.24 -0.05
C GLN A 23 -7.66 -27.47 -0.95
N LEU A 24 -8.78 -28.18 -0.86
CA LEU A 24 -9.01 -29.37 -1.67
C LEU A 24 -9.67 -29.02 -2.99
N SER A 25 -9.98 -27.74 -3.17
CA SER A 25 -10.62 -27.27 -4.39
C SER A 25 -9.60 -27.13 -5.52
N ARG A 26 -9.93 -27.70 -6.68
CA ARG A 26 -9.05 -27.63 -7.84
C ARG A 26 -9.83 -27.31 -9.11
N PRO A 27 -9.32 -26.36 -9.90
CA PRO A 27 -8.08 -25.64 -9.58
C PRO A 27 -8.24 -24.71 -8.38
N LYS A 28 -7.12 -24.24 -7.84
CA LYS A 28 -7.14 -23.33 -6.70
C LYS A 28 -8.08 -22.16 -6.95
N LYS A 29 -8.90 -21.84 -5.95
CA LYS A 29 -9.84 -20.74 -6.05
C LYS A 29 -9.46 -19.60 -5.11
N SER A 30 -10.02 -18.42 -5.36
CA SER A 30 -9.74 -17.25 -4.53
C SER A 30 -11.01 -16.74 -3.86
N CYS A 31 -10.85 -16.21 -2.65
CA CYS A 31 -11.98 -15.68 -1.90
C CYS A 31 -12.78 -14.68 -2.74
N ASP A 32 -14.00 -15.06 -3.10
CA ASP A 32 -14.86 -14.21 -3.90
C ASP A 32 -15.74 -13.33 -3.02
N ARG A 33 -15.30 -12.10 -2.80
CA ARG A 33 -16.03 -11.15 -1.97
C ARG A 33 -15.80 -9.72 -2.43
N THR A 34 -16.67 -8.82 -2.00
CA THR A 34 -16.57 -7.41 -2.36
C THR A 34 -17.05 -6.50 -1.24
N PHE A 35 -16.48 -5.30 -1.17
CA PHE A 35 -16.86 -4.34 -0.14
C PHE A 35 -16.80 -2.91 -0.68
N SER A 36 -17.36 -1.98 0.08
CA SER A 36 -17.37 -0.57 -0.33
C SER A 36 -16.46 0.26 0.57
N THR A 37 -16.29 -0.19 1.81
CA THR A 37 -15.44 0.52 2.76
C THR A 37 -14.28 -0.36 3.21
N MET A 38 -13.14 0.28 3.48
CA MET A 38 -11.95 -0.44 3.92
C MET A 38 -12.19 -1.12 5.26
N HIS A 39 -12.88 -0.43 6.16
CA HIS A 39 -13.19 -0.97 7.48
C HIS A 39 -13.74 -2.39 7.37
N GLU A 40 -14.60 -2.61 6.38
CA GLU A 40 -15.20 -3.92 6.17
C GLU A 40 -14.16 -4.92 5.66
N LEU A 41 -13.41 -4.52 4.65
CA LEU A 41 -12.39 -5.38 4.06
C LEU A 41 -11.36 -5.79 5.12
N VAL A 42 -11.21 -4.97 6.15
CA VAL A 42 -10.28 -5.25 7.22
C VAL A 42 -10.82 -6.32 8.17
N THR A 43 -11.98 -6.03 8.76
CA THR A 43 -12.60 -6.96 9.69
C THR A 43 -12.77 -8.34 9.06
N HIS A 44 -12.92 -8.36 7.74
CA HIS A 44 -13.09 -9.62 7.02
C HIS A 44 -11.74 -10.27 6.75
N VAL A 45 -10.89 -9.60 5.98
CA VAL A 45 -9.57 -10.12 5.65
C VAL A 45 -8.79 -10.48 6.91
N THR A 46 -9.19 -9.89 8.04
CA THR A 46 -8.53 -10.15 9.31
C THR A 46 -9.23 -11.27 10.07
N MET A 47 -10.53 -11.10 10.31
CA MET A 47 -11.31 -12.10 11.03
C MET A 47 -11.88 -13.14 10.06
N GLU A 48 -12.52 -12.66 9.00
CA GLU A 48 -13.11 -13.54 8.00
C GLU A 48 -12.02 -14.25 7.19
N HIS A 49 -10.77 -14.01 7.55
CA HIS A 49 -9.64 -14.62 6.86
C HIS A 49 -8.56 -15.03 7.85
N VAL A 50 -7.85 -14.03 8.40
CA VAL A 50 -6.79 -14.29 9.36
C VAL A 50 -7.35 -14.78 10.69
N GLY A 51 -8.66 -14.68 10.85
CA GLY A 51 -9.31 -15.12 12.07
C GLY A 51 -8.77 -14.40 13.29
N GLY A 52 -9.56 -14.39 14.36
CA GLY A 52 -9.15 -13.72 15.59
C GLY A 52 -7.90 -14.34 16.19
N PRO A 53 -7.60 -13.96 17.44
CA PRO A 53 -6.43 -14.47 18.16
C PRO A 53 -6.57 -15.94 18.53
N GLU A 54 -7.78 -16.48 18.36
CA GLU A 54 -8.04 -17.87 18.68
C GLU A 54 -7.25 -18.80 17.77
N GLN A 55 -6.94 -18.32 16.57
CA GLN A 55 -6.18 -19.10 15.61
C GLN A 55 -4.69 -19.08 15.92
N ASN A 56 -4.24 -20.08 16.68
CA ASN A 56 -2.83 -20.17 17.07
C ASN A 56 -1.93 -19.68 15.93
N ASN A 57 -1.76 -20.51 14.91
CA ASN A 57 -0.92 -20.16 13.77
C ASN A 57 -1.70 -19.34 12.76
N HIS A 58 -1.55 -18.02 12.84
CA HIS A 58 -2.25 -17.11 11.92
C HIS A 58 -1.35 -16.73 10.75
N VAL A 59 -1.75 -17.15 9.55
CA VAL A 59 -0.99 -16.86 8.35
C VAL A 59 -1.90 -16.47 7.20
N CYS A 60 -1.56 -15.37 6.52
CA CYS A 60 -2.36 -14.88 5.40
C CYS A 60 -1.81 -15.41 4.08
N TYR A 61 -2.64 -16.15 3.36
CA TYR A 61 -2.25 -16.72 2.08
C TYR A 61 -2.87 -15.94 0.92
N TRP A 62 -2.10 -15.04 0.35
CA TRP A 62 -2.57 -14.22 -0.77
C TRP A 62 -2.24 -14.88 -2.10
N GLU A 63 -3.13 -14.72 -3.07
CA GLU A 63 -2.93 -15.29 -4.40
C GLU A 63 -1.51 -15.04 -4.90
N GLU A 64 -0.85 -14.04 -4.32
CA GLU A 64 0.51 -13.69 -4.71
C GLU A 64 1.22 -12.95 -3.58
N CYS A 65 0.87 -13.27 -2.34
CA CYS A 65 1.48 -12.64 -1.18
C CYS A 65 3.00 -12.58 -1.32
N PRO A 66 3.58 -11.40 -1.02
CA PRO A 66 5.02 -11.18 -1.11
C PRO A 66 5.78 -11.94 -0.03
N ARG A 67 5.09 -12.32 1.04
CA ARG A 67 5.70 -13.06 2.13
C ARG A 67 5.70 -14.56 1.84
N GLU A 68 4.85 -14.97 0.91
CA GLU A 68 4.77 -16.39 0.55
C GLU A 68 4.19 -17.21 1.69
N GLY A 69 3.22 -16.64 2.39
CA GLY A 69 2.60 -17.34 3.51
C GLY A 69 3.60 -17.66 4.61
N LYS A 70 4.40 -16.67 4.99
CA LYS A 70 5.39 -16.86 6.03
C LYS A 70 4.90 -16.30 7.36
N SER A 71 4.42 -17.17 8.23
CA SER A 71 3.91 -16.77 9.54
C SER A 71 4.74 -15.61 10.09
N PHE A 72 4.08 -14.75 10.88
CA PHE A 72 4.74 -13.60 11.48
C PHE A 72 5.21 -13.91 12.89
N LYS A 73 5.99 -13.01 13.47
CA LYS A 73 6.50 -13.19 14.82
C LYS A 73 5.41 -12.95 15.85
N ALA A 74 4.43 -12.13 15.48
CA ALA A 74 3.32 -11.82 16.37
C ALA A 74 2.00 -11.72 15.61
N LYS A 75 0.90 -11.59 16.34
CA LYS A 75 -0.42 -11.49 15.73
C LYS A 75 -0.62 -10.10 15.13
N TYR A 76 -0.29 -9.07 15.88
CA TYR A 76 -0.45 -7.70 15.42
C TYR A 76 0.39 -7.45 14.17
N LYS A 77 1.49 -8.17 14.05
CA LYS A 77 2.38 -8.04 12.91
C LYS A 77 1.70 -8.50 11.62
N LEU A 78 0.95 -9.59 11.73
CA LEU A 78 0.24 -10.14 10.57
C LEU A 78 -0.86 -9.19 10.10
N VAL A 79 -1.53 -8.54 11.06
CA VAL A 79 -2.60 -7.61 10.75
C VAL A 79 -2.06 -6.40 9.98
N ASN A 80 -0.93 -5.87 10.43
CA ASN A 80 -0.32 -4.72 9.78
C ASN A 80 0.14 -5.07 8.37
N HIS A 81 0.39 -6.35 8.13
CA HIS A 81 0.83 -6.82 6.83
C HIS A 81 -0.29 -6.69 5.79
N ILE A 82 -1.47 -7.20 6.14
CA ILE A 82 -2.62 -7.14 5.25
C ILE A 82 -2.86 -5.72 4.77
N ARG A 83 -2.35 -4.74 5.51
CA ARG A 83 -2.51 -3.34 5.16
C ARG A 83 -1.92 -3.05 3.78
N VAL A 84 -0.99 -3.90 3.36
CA VAL A 84 -0.35 -3.73 2.06
C VAL A 84 -1.16 -4.38 0.95
N HIS A 85 -2.05 -5.31 1.34
CA HIS A 85 -2.89 -6.00 0.38
C HIS A 85 -4.01 -5.09 -0.13
N THR A 86 -4.19 -3.96 0.54
CA THR A 86 -5.23 -3.01 0.16
C THR A 86 -4.62 -1.78 -0.52
N GLY A 87 -3.69 -1.13 0.18
CA GLY A 87 -3.04 0.05 -0.36
C GLY A 87 -3.77 1.33 0.00
N GLU A 88 -4.85 1.19 0.77
CA GLU A 88 -5.64 2.35 1.18
C GLU A 88 -5.05 2.99 2.43
N LYS A 89 -4.70 4.27 2.31
CA LYS A 89 -4.12 5.01 3.43
C LYS A 89 -4.98 6.23 3.78
N PRO A 90 -5.06 6.53 5.08
CA PRO A 90 -5.85 7.68 5.58
C PRO A 90 -5.22 9.01 5.20
N PHE A 91 -3.93 9.16 5.49
CA PHE A 91 -3.23 10.40 5.18
C PHE A 91 -1.72 10.14 5.06
N PRO A 92 -1.09 10.79 4.08
CA PRO A 92 0.35 10.66 3.84
C PRO A 92 1.18 11.30 4.94
N CYS A 93 2.48 11.46 4.67
CA CYS A 93 3.39 12.06 5.64
C CYS A 93 3.55 13.56 5.38
N PRO A 94 3.51 14.35 6.45
CA PRO A 94 3.66 15.81 6.37
C PRO A 94 5.06 16.23 5.99
N PHE A 95 5.92 15.25 5.73
CA PHE A 95 7.30 15.52 5.35
C PHE A 95 7.47 15.46 3.84
N PRO A 96 8.15 16.48 3.27
CA PRO A 96 8.39 16.57 1.84
C PRO A 96 9.40 15.52 1.36
N GLY A 97 10.57 15.49 1.99
CA GLY A 97 11.59 14.53 1.61
C GLY A 97 11.42 13.19 2.32
N CYS A 98 10.19 12.70 2.36
CA CYS A 98 9.90 11.43 3.01
C CYS A 98 9.00 10.57 2.14
N GLY A 99 7.94 11.18 1.60
CA GLY A 99 7.02 10.44 0.75
C GLY A 99 6.53 9.16 1.40
N LYS A 100 6.49 9.15 2.72
CA LYS A 100 6.03 7.98 3.47
C LYS A 100 4.56 8.11 3.83
N ILE A 101 3.88 6.97 3.96
CA ILE A 101 2.47 6.96 4.32
C ILE A 101 2.15 5.83 5.29
N PHE A 102 1.32 6.12 6.28
CA PHE A 102 0.94 5.13 7.28
C PHE A 102 -0.59 4.97 7.35
N ALA A 103 -1.04 3.86 7.89
CA ALA A 103 -2.47 3.58 8.01
C ALA A 103 -2.95 3.86 9.43
N ARG A 104 -2.01 4.01 10.35
CA ARG A 104 -2.35 4.27 11.76
C ARG A 104 -1.97 5.70 12.15
N SER A 105 -2.89 6.37 12.84
CA SER A 105 -2.66 7.74 13.27
C SER A 105 -1.48 7.83 14.23
N GLU A 106 -1.42 6.87 15.15
CA GLU A 106 -0.33 6.83 16.12
C GLU A 106 1.02 6.65 15.45
N ASN A 107 1.01 5.99 14.30
CA ASN A 107 2.23 5.75 13.54
C ASN A 107 2.75 7.04 12.92
N LEU A 108 1.90 7.71 12.16
CA LEU A 108 2.27 8.96 11.51
C LEU A 108 2.73 9.99 12.54
N LYS A 109 1.95 10.15 13.60
CA LYS A 109 2.29 11.10 14.65
C LYS A 109 3.61 10.73 15.33
N ILE A 110 3.76 9.46 15.66
CA ILE A 110 4.98 8.97 16.31
C ILE A 110 6.15 8.98 15.34
N HIS A 111 5.85 8.86 14.05
CA HIS A 111 6.88 8.86 13.02
C HIS A 111 7.29 10.29 12.66
N LYS A 112 6.38 11.23 12.87
CA LYS A 112 6.64 12.64 12.58
C LYS A 112 7.56 13.25 13.63
N ARG A 113 7.51 12.71 14.84
CA ARG A 113 8.34 13.21 15.92
C ARG A 113 9.79 12.79 15.75
N THR A 114 10.00 11.77 14.91
CA THR A 114 11.34 11.26 14.66
C THR A 114 12.00 12.03 13.52
N HIS A 115 11.25 12.93 12.89
CA HIS A 115 11.77 13.72 11.79
C HIS A 115 12.58 14.90 12.29
N THR A 116 13.47 14.64 13.25
CA THR A 116 14.31 15.67 13.83
C THR A 116 15.79 15.32 13.70
N GLY A 117 16.65 16.17 14.26
CA GLY A 117 18.08 15.93 14.20
C GLY A 117 18.68 16.32 12.86
N GLU A 118 18.81 15.35 11.96
CA GLU A 118 19.37 15.60 10.64
C GLU A 118 18.32 16.13 9.69
N LYS A 119 18.64 17.23 9.00
CA LYS A 119 17.71 17.85 8.07
C LYS A 119 18.17 17.60 6.62
N PRO A 120 17.23 17.74 5.68
CA PRO A 120 17.50 17.55 4.25
C PRO A 120 18.39 18.64 3.68
N PHE A 121 18.27 19.85 4.23
CA PHE A 121 19.07 20.98 3.77
C PHE A 121 19.99 21.49 4.87
N LYS A 122 21.28 21.57 4.58
CA LYS A 122 22.25 22.04 5.55
C LYS A 122 23.04 23.23 5.00
N CYS A 123 23.09 24.30 5.78
CA CYS A 123 23.81 25.51 5.38
C CYS A 123 25.07 25.15 4.60
N GLU A 124 25.19 25.70 3.40
CA GLU A 124 26.35 25.44 2.55
C GLU A 124 27.55 26.26 3.02
N PHE A 125 27.33 27.12 4.01
CA PHE A 125 28.39 27.97 4.54
C PHE A 125 29.35 27.15 5.42
N GLU A 126 30.62 27.17 5.05
CA GLU A 126 31.64 26.43 5.80
C GLU A 126 31.79 27.00 7.22
N GLY A 127 31.90 26.10 8.19
CA GLY A 127 32.04 26.53 9.57
C GLY A 127 30.73 26.99 10.17
N CYS A 128 29.62 26.61 9.55
CA CYS A 128 28.30 26.99 10.03
C CYS A 128 27.45 25.76 10.33
N ASP A 129 26.66 25.85 11.40
CA ASP A 129 25.81 24.74 11.80
C ASP A 129 24.34 25.18 11.85
N ARG A 130 23.56 24.69 10.90
CA ARG A 130 22.13 25.03 10.83
C ARG A 130 21.32 23.85 10.32
N ARG A 131 20.02 24.08 10.16
CA ARG A 131 19.12 23.03 9.69
C ARG A 131 17.91 23.63 8.98
N PHE A 132 17.71 23.26 7.71
CA PHE A 132 16.59 23.76 6.94
C PHE A 132 15.82 22.62 6.29
N ALA A 133 14.56 22.87 5.96
CA ALA A 133 13.71 21.87 5.34
C ALA A 133 13.47 22.19 3.87
N ASN A 134 13.65 23.45 3.50
CA ASN A 134 13.45 23.88 2.12
C ASN A 134 14.61 24.77 1.66
N SER A 135 15.16 24.44 0.49
CA SER A 135 16.27 25.21 -0.06
C SER A 135 16.03 26.70 0.08
N SER A 136 14.80 27.13 -0.18
CA SER A 136 14.43 28.54 -0.09
C SER A 136 14.92 29.13 1.22
N ASP A 137 14.54 28.51 2.34
CA ASP A 137 14.94 28.99 3.66
C ASP A 137 16.46 29.08 3.76
N ARG A 138 17.14 27.99 3.42
CA ARG A 138 18.60 27.93 3.48
C ARG A 138 19.20 29.19 2.87
N LYS A 139 18.66 29.62 1.73
CA LYS A 139 19.15 30.81 1.05
C LYS A 139 18.87 32.06 1.87
N LYS A 140 17.70 32.09 2.51
CA LYS A 140 17.31 33.23 3.32
C LYS A 140 18.22 33.37 4.54
N HIS A 141 18.92 32.29 4.88
CA HIS A 141 19.83 32.29 6.01
C HIS A 141 21.20 32.84 5.61
N MET A 142 21.35 33.16 4.34
CA MET A 142 22.61 33.69 3.83
C MET A 142 22.66 35.20 3.96
N HIS A 143 21.49 35.82 4.07
CA HIS A 143 21.40 37.28 4.20
C HIS A 143 22.23 37.75 5.39
N VAL A 144 22.53 36.84 6.31
CA VAL A 144 23.32 37.18 7.49
C VAL A 144 24.78 36.77 7.31
N HIS A 145 25.03 35.98 6.28
CA HIS A 145 26.39 35.51 5.99
C HIS A 145 27.16 36.56 5.20
N THR A 146 26.47 37.60 4.77
CA THR A 146 27.09 38.68 4.00
C THR A 146 27.30 39.91 4.85
N SER A 147 26.53 40.03 5.93
CA SER A 147 26.63 41.17 6.82
C SER A 147 26.05 40.84 8.20
N ASP A 148 26.29 41.72 9.16
CA ASP A 148 25.78 41.53 10.52
C ASP A 148 24.34 42.00 10.64
N LYS A 149 23.40 41.05 10.67
CA LYS A 149 21.99 41.37 10.77
C LYS A 149 21.31 40.49 11.82
N SER A 150 20.64 41.12 12.78
CA SER A 150 19.94 40.40 13.83
C SER A 150 19.12 39.26 13.27
N GLY A 151 18.77 38.30 14.12
CA GLY A 151 17.98 37.17 13.67
C GLY A 151 17.88 36.08 14.72
N PRO A 152 19.04 35.50 15.09
CA PRO A 152 19.10 34.44 16.10
C PRO A 152 18.80 34.94 17.50
N SER A 153 19.27 36.15 17.80
CA SER A 153 19.05 36.76 19.11
C SER A 153 17.57 36.72 19.49
N SER A 154 17.28 36.18 20.66
CA SER A 154 15.91 36.08 21.14
C SER A 154 15.45 37.40 21.77
N GLY A 155 14.14 37.53 21.98
CA GLY A 155 13.61 38.74 22.58
C GLY A 155 12.25 39.10 22.03
ZN ZN B . -11.73 -12.63 1.78
ZN ZN C . -0.59 -11.76 2.75
ZN ZN D . 7.83 10.98 7.22
ZN ZN E . 24.93 29.45 7.88
N GLY A 1 -9.37 8.32 23.52
CA GLY A 1 -9.26 9.30 22.44
C GLY A 1 -10.38 9.17 21.43
N SER A 2 -10.85 10.31 20.92
CA SER A 2 -11.93 10.32 19.94
C SER A 2 -11.92 11.62 19.13
N SER A 3 -11.96 11.48 17.81
CA SER A 3 -11.95 12.64 16.93
C SER A 3 -13.19 12.65 16.03
N GLY A 4 -13.34 13.72 15.26
CA GLY A 4 -14.47 13.83 14.36
C GLY A 4 -14.09 14.37 13.00
N SER A 5 -15.08 14.51 12.12
CA SER A 5 -14.83 15.01 10.78
C SER A 5 -16.15 15.21 10.02
N SER A 6 -16.10 16.00 8.96
CA SER A 6 -17.28 16.28 8.15
C SER A 6 -17.16 15.67 6.76
N GLY A 7 -18.20 15.83 5.96
CA GLY A 7 -18.19 15.28 4.62
C GLY A 7 -18.02 13.78 4.60
N GLN A 8 -18.61 13.13 3.61
CA GLN A 8 -18.52 11.67 3.49
C GLN A 8 -17.57 11.28 2.36
N PRO A 9 -16.87 10.15 2.55
CA PRO A 9 -15.91 9.65 1.55
C PRO A 9 -16.61 9.12 0.31
N ILE A 10 -15.85 8.41 -0.53
CA ILE A 10 -16.39 7.85 -1.76
C ILE A 10 -16.65 6.35 -1.62
N LYS A 11 -17.71 5.87 -2.26
CA LYS A 11 -18.06 4.46 -2.21
C LYS A 11 -17.26 3.67 -3.24
N GLN A 12 -16.29 2.90 -2.77
CA GLN A 12 -15.46 2.08 -3.64
C GLN A 12 -15.57 0.61 -3.28
N GLU A 13 -15.63 -0.25 -4.30
CA GLU A 13 -15.73 -1.69 -4.08
C GLU A 13 -14.34 -2.31 -3.93
N LEU A 14 -14.13 -2.99 -2.81
CA LEU A 14 -12.85 -3.64 -2.55
C LEU A 14 -12.90 -5.12 -2.92
N SER A 15 -11.73 -5.73 -3.04
CA SER A 15 -11.63 -7.14 -3.39
C SER A 15 -10.43 -7.80 -2.71
N CYS A 16 -10.67 -8.94 -2.08
CA CYS A 16 -9.62 -9.67 -1.39
C CYS A 16 -9.38 -11.03 -2.03
N LYS A 17 -8.18 -11.23 -2.57
CA LYS A 17 -7.83 -12.49 -3.21
C LYS A 17 -7.01 -13.38 -2.27
N TRP A 18 -7.68 -14.33 -1.64
CA TRP A 18 -7.02 -15.24 -0.71
C TRP A 18 -6.91 -16.64 -1.32
N ILE A 19 -5.69 -17.15 -1.34
CA ILE A 19 -5.43 -18.48 -1.89
C ILE A 19 -4.74 -19.38 -0.88
N ASP A 20 -5.51 -20.27 -0.25
CA ASP A 20 -4.97 -21.19 0.74
C ASP A 20 -4.40 -22.43 0.07
N GLU A 21 -3.09 -22.62 0.19
CA GLU A 21 -2.43 -23.76 -0.41
C GLU A 21 -3.26 -25.03 -0.23
N ALA A 22 -4.08 -25.05 0.82
CA ALA A 22 -4.94 -26.19 1.09
C ALA A 22 -6.40 -25.87 0.82
N GLN A 23 -6.65 -25.18 -0.29
CA GLN A 23 -8.02 -24.79 -0.66
C GLN A 23 -8.95 -26.00 -0.62
N LEU A 24 -10.23 -25.75 -0.85
CA LEU A 24 -11.22 -26.82 -0.85
C LEU A 24 -11.71 -27.12 -2.27
N SER A 25 -11.47 -26.19 -3.18
CA SER A 25 -11.88 -26.35 -4.57
C SER A 25 -10.72 -26.05 -5.52
N ARG A 26 -10.79 -26.60 -6.72
CA ARG A 26 -9.76 -26.39 -7.72
C ARG A 26 -10.36 -26.02 -9.08
N PRO A 27 -9.57 -25.35 -9.92
CA PRO A 27 -8.20 -24.98 -9.58
C PRO A 27 -8.13 -23.90 -8.51
N LYS A 28 -7.04 -23.90 -7.75
CA LYS A 28 -6.85 -22.92 -6.68
C LYS A 28 -7.47 -21.58 -7.07
N LYS A 29 -8.58 -21.24 -6.44
CA LYS A 29 -9.27 -19.98 -6.71
C LYS A 29 -9.21 -19.05 -5.50
N SER A 30 -9.36 -17.75 -5.75
CA SER A 30 -9.32 -16.76 -4.68
C SER A 30 -10.69 -16.64 -4.00
N CYS A 31 -10.67 -16.28 -2.72
CA CYS A 31 -11.90 -16.12 -1.95
C CYS A 31 -12.90 -15.26 -2.71
N ASP A 32 -14.16 -15.69 -2.69
CA ASP A 32 -15.23 -14.96 -3.37
C ASP A 32 -15.97 -14.06 -2.40
N ARG A 33 -15.67 -12.76 -2.45
CA ARG A 33 -16.31 -11.79 -1.57
C ARG A 33 -15.97 -10.36 -1.99
N THR A 34 -16.76 -9.40 -1.53
CA THR A 34 -16.54 -8.00 -1.86
C THR A 34 -17.01 -7.09 -0.73
N PHE A 35 -16.62 -5.83 -0.80
CA PHE A 35 -17.00 -4.85 0.23
C PHE A 35 -17.06 -3.44 -0.36
N SER A 36 -17.57 -2.50 0.42
CA SER A 36 -17.68 -1.12 -0.02
C SER A 36 -16.84 -0.20 0.85
N THR A 37 -16.62 -0.62 2.10
CA THR A 37 -15.83 0.17 3.04
C THR A 37 -14.51 -0.53 3.38
N MET A 38 -13.56 0.23 3.89
CA MET A 38 -12.25 -0.31 4.25
C MET A 38 -12.39 -1.31 5.39
N HIS A 39 -12.97 -0.88 6.50
CA HIS A 39 -13.15 -1.74 7.66
C HIS A 39 -13.75 -3.08 7.25
N GLU A 40 -14.66 -3.05 6.28
CA GLU A 40 -15.31 -4.26 5.80
C GLU A 40 -14.28 -5.26 5.29
N LEU A 41 -13.28 -4.76 4.56
CA LEU A 41 -12.24 -5.61 4.02
C LEU A 41 -11.33 -6.14 5.12
N VAL A 42 -10.73 -5.23 5.89
CA VAL A 42 -9.86 -5.60 6.98
C VAL A 42 -10.52 -6.62 7.91
N THR A 43 -11.69 -6.25 8.42
CA THR A 43 -12.44 -7.13 9.32
C THR A 43 -12.66 -8.50 8.69
N HIS A 44 -12.66 -8.54 7.36
CA HIS A 44 -12.86 -9.80 6.63
C HIS A 44 -11.55 -10.57 6.51
N VAL A 45 -10.58 -9.98 5.83
CA VAL A 45 -9.29 -10.61 5.64
C VAL A 45 -8.66 -11.00 6.98
N THR A 46 -9.12 -10.37 8.05
CA THR A 46 -8.61 -10.64 9.38
C THR A 46 -9.48 -11.68 10.09
N MET A 47 -10.77 -11.42 10.16
CA MET A 47 -11.70 -12.34 10.81
C MET A 47 -12.22 -13.38 9.81
N GLU A 48 -12.72 -12.91 8.68
CA GLU A 48 -13.24 -13.80 7.65
C GLU A 48 -12.12 -14.58 6.97
N HIS A 49 -10.89 -14.40 7.47
CA HIS A 49 -9.73 -15.09 6.92
C HIS A 49 -8.77 -15.49 8.03
N VAL A 50 -8.04 -14.53 8.57
CA VAL A 50 -7.09 -14.78 9.63
C VAL A 50 -7.79 -15.16 10.92
N GLY A 51 -9.12 -15.12 10.90
CA GLY A 51 -9.89 -15.47 12.08
C GLY A 51 -9.79 -14.42 13.17
N GLY A 52 -10.18 -14.79 14.39
CA GLY A 52 -10.12 -13.87 15.50
C GLY A 52 -8.90 -14.07 16.37
N PRO A 53 -8.88 -13.42 17.54
CA PRO A 53 -7.76 -13.52 18.49
C PRO A 53 -7.68 -14.90 19.14
N GLU A 54 -8.66 -15.75 18.85
CA GLU A 54 -8.70 -17.09 19.41
C GLU A 54 -7.76 -18.02 18.65
N GLN A 55 -7.55 -17.74 17.37
CA GLN A 55 -6.66 -18.54 16.55
C GLN A 55 -5.22 -18.48 17.04
N ASN A 56 -4.48 -19.56 16.81
CA ASN A 56 -3.09 -19.62 17.24
C ASN A 56 -2.15 -19.18 16.11
N ASN A 57 -1.99 -20.06 15.12
CA ASN A 57 -1.12 -19.77 13.98
C ASN A 57 -1.84 -18.88 12.98
N HIS A 58 -1.27 -17.70 12.73
CA HIS A 58 -1.85 -16.75 11.78
C HIS A 58 -0.99 -16.65 10.53
N VAL A 59 -1.52 -17.12 9.41
CA VAL A 59 -0.80 -17.07 8.14
C VAL A 59 -1.73 -16.64 7.00
N CYS A 60 -1.29 -15.63 6.25
CA CYS A 60 -2.07 -15.12 5.13
C CYS A 60 -1.49 -15.60 3.80
N TYR A 61 -2.28 -16.38 3.08
CA TYR A 61 -1.85 -16.91 1.79
C TYR A 61 -2.48 -16.12 0.64
N TRP A 62 -1.71 -15.18 0.11
CA TRP A 62 -2.18 -14.35 -0.99
C TRP A 62 -1.83 -14.98 -2.34
N GLU A 63 -2.70 -14.80 -3.33
CA GLU A 63 -2.48 -15.35 -4.65
C GLU A 63 -1.06 -15.06 -5.13
N GLU A 64 -0.41 -14.07 -4.51
CA GLU A 64 0.94 -13.70 -4.87
C GLU A 64 1.63 -12.96 -3.72
N CYS A 65 1.29 -13.33 -2.50
CA CYS A 65 1.86 -12.71 -1.32
C CYS A 65 3.38 -12.64 -1.42
N PRO A 66 3.95 -11.47 -1.09
CA PRO A 66 5.40 -11.25 -1.14
C PRO A 66 6.14 -12.03 -0.06
N ARG A 67 5.44 -12.36 1.02
CA ARG A 67 6.04 -13.11 2.12
C ARG A 67 6.37 -14.53 1.69
N GLU A 68 5.48 -15.13 0.91
CA GLU A 68 5.68 -16.49 0.42
C GLU A 68 5.38 -17.51 1.52
N GLY A 69 4.43 -17.17 2.38
CA GLY A 69 4.06 -18.06 3.47
C GLY A 69 5.05 -18.01 4.62
N LYS A 70 5.55 -16.81 4.92
CA LYS A 70 6.51 -16.64 5.99
C LYS A 70 5.82 -16.13 7.26
N SER A 71 5.53 -17.04 8.18
CA SER A 71 4.87 -16.67 9.42
C SER A 71 5.56 -15.47 10.08
N PHE A 72 4.83 -14.77 10.94
CA PHE A 72 5.37 -13.61 11.62
C PHE A 72 5.73 -13.95 13.07
N LYS A 73 6.15 -12.93 13.82
CA LYS A 73 6.52 -13.13 15.22
C LYS A 73 5.49 -12.50 16.15
N ALA A 74 4.32 -12.21 15.62
CA ALA A 74 3.24 -11.60 16.40
C ALA A 74 1.98 -11.42 15.56
N LYS A 75 0.85 -11.27 16.23
CA LYS A 75 -0.43 -11.09 15.56
C LYS A 75 -0.49 -9.74 14.85
N TYR A 76 -0.18 -8.68 15.58
CA TYR A 76 -0.20 -7.33 15.02
C TYR A 76 0.69 -7.25 13.79
N LYS A 77 1.77 -8.02 13.80
CA LYS A 77 2.71 -8.04 12.67
C LYS A 77 2.03 -8.52 11.40
N LEU A 78 1.18 -9.53 11.53
CA LEU A 78 0.45 -10.08 10.39
C LEU A 78 -0.72 -9.18 10.00
N VAL A 79 -1.54 -8.83 10.98
CA VAL A 79 -2.69 -7.96 10.74
C VAL A 79 -2.29 -6.72 9.96
N ASN A 80 -1.12 -6.17 10.28
CA ASN A 80 -0.62 -4.98 9.61
C ASN A 80 -0.17 -5.30 8.19
N HIS A 81 0.35 -6.50 8.00
CA HIS A 81 0.83 -6.93 6.69
C HIS A 81 -0.31 -6.90 5.67
N ILE A 82 -1.47 -7.40 6.07
CA ILE A 82 -2.64 -7.43 5.19
C ILE A 82 -2.96 -6.03 4.66
N ARG A 83 -2.46 -5.01 5.35
CA ARG A 83 -2.69 -3.64 4.95
C ARG A 83 -2.14 -3.37 3.54
N VAL A 84 -1.03 -4.02 3.23
CA VAL A 84 -0.40 -3.86 1.92
C VAL A 84 -1.22 -4.55 0.83
N HIS A 85 -2.04 -5.51 1.23
CA HIS A 85 -2.88 -6.24 0.29
C HIS A 85 -4.05 -5.38 -0.17
N THR A 86 -4.39 -4.38 0.63
CA THR A 86 -5.50 -3.48 0.31
C THR A 86 -5.10 -2.49 -0.78
N GLY A 87 -4.21 -1.57 -0.43
CA GLY A 87 -3.75 -0.58 -1.38
C GLY A 87 -4.90 0.09 -2.13
N GLU A 88 -5.87 0.61 -1.38
CA GLU A 88 -7.03 1.26 -1.97
C GLU A 88 -6.62 2.58 -2.63
N LYS A 89 -7.01 2.74 -3.89
CA LYS A 89 -6.70 3.96 -4.64
C LYS A 89 -7.96 4.57 -5.21
N PRO A 90 -7.91 5.90 -5.47
CA PRO A 90 -9.04 6.64 -6.02
C PRO A 90 -9.31 6.28 -7.49
N PHE A 91 -8.26 6.32 -8.30
CA PHE A 91 -8.39 5.99 -9.72
C PHE A 91 -7.05 5.55 -10.30
N PRO A 92 -7.02 4.31 -10.82
CA PRO A 92 -5.80 3.75 -11.41
C PRO A 92 -5.43 4.41 -12.73
N CYS A 93 -4.53 3.78 -13.47
CA CYS A 93 -4.08 4.32 -14.76
C CYS A 93 -4.92 3.75 -15.90
N PRO A 94 -5.33 4.62 -16.82
CA PRO A 94 -6.14 4.23 -17.99
C PRO A 94 -5.34 3.41 -19.00
N PHE A 95 -4.01 3.45 -18.87
CA PHE A 95 -3.14 2.72 -19.77
C PHE A 95 -3.28 1.21 -19.55
N PRO A 96 -3.57 0.48 -20.64
CA PRO A 96 -3.73 -0.98 -20.58
C PRO A 96 -2.41 -1.70 -20.33
N GLY A 97 -2.41 -2.58 -19.32
CA GLY A 97 -1.21 -3.32 -18.99
C GLY A 97 -0.29 -2.55 -18.07
N CYS A 98 -0.63 -1.29 -17.80
CA CYS A 98 0.17 -0.44 -16.92
C CYS A 98 -0.11 -0.75 -15.46
N GLY A 99 -1.35 -1.15 -15.17
CA GLY A 99 -1.73 -1.46 -13.80
C GLY A 99 -1.05 -0.57 -12.79
N LYS A 100 -0.74 0.66 -13.20
CA LYS A 100 -0.08 1.61 -12.32
C LYS A 100 -1.10 2.56 -11.69
N ILE A 101 -0.91 2.85 -10.40
CA ILE A 101 -1.82 3.74 -9.68
C ILE A 101 -1.04 4.76 -8.86
N PHE A 102 -1.68 5.89 -8.57
CA PHE A 102 -1.05 6.94 -7.79
C PHE A 102 -2.04 7.57 -6.81
N ALA A 103 -1.62 7.70 -5.55
CA ALA A 103 -2.47 8.28 -4.52
C ALA A 103 -2.72 9.76 -4.77
N ARG A 104 -1.90 10.35 -5.64
CA ARG A 104 -2.01 11.76 -5.97
C ARG A 104 -2.52 11.95 -7.39
N SER A 105 -3.54 12.79 -7.55
CA SER A 105 -4.12 13.05 -8.86
C SER A 105 -3.05 13.54 -9.84
N GLU A 106 -2.32 14.57 -9.44
CA GLU A 106 -1.26 15.14 -10.27
C GLU A 106 -0.31 14.04 -10.76
N ASN A 107 0.09 13.17 -9.83
CA ASN A 107 1.01 12.08 -10.15
C ASN A 107 0.46 11.23 -11.29
N LEU A 108 -0.82 10.86 -11.19
CA LEU A 108 -1.46 10.05 -12.21
C LEU A 108 -1.57 10.81 -13.52
N LYS A 109 -2.12 12.02 -13.46
CA LYS A 109 -2.28 12.85 -14.64
C LYS A 109 -0.95 13.03 -15.37
N ILE A 110 0.08 13.41 -14.62
CA ILE A 110 1.40 13.61 -15.20
C ILE A 110 1.93 12.33 -15.82
N HIS A 111 1.69 11.20 -15.15
CA HIS A 111 2.13 9.90 -15.64
C HIS A 111 1.27 9.44 -16.81
N LYS A 112 0.07 10.00 -16.93
CA LYS A 112 -0.84 9.64 -18.00
C LYS A 112 -0.51 10.40 -19.28
N ARG A 113 0.01 11.62 -19.12
CA ARG A 113 0.38 12.45 -20.26
C ARG A 113 1.75 12.06 -20.79
N THR A 114 2.64 11.66 -19.88
CA THR A 114 4.00 11.27 -20.25
C THR A 114 3.98 10.02 -21.13
N HIS A 115 2.91 9.24 -21.02
CA HIS A 115 2.78 8.01 -21.81
C HIS A 115 2.92 8.31 -23.30
N THR A 116 2.28 9.38 -23.75
CA THR A 116 2.34 9.76 -25.15
C THR A 116 3.74 9.57 -25.72
N GLY A 117 3.84 9.50 -27.05
CA GLY A 117 5.12 9.31 -27.69
C GLY A 117 5.32 7.91 -28.22
N GLU A 118 6.11 7.12 -27.50
CA GLU A 118 6.39 5.75 -27.91
C GLU A 118 5.27 4.82 -27.45
N LYS A 119 4.90 3.88 -28.31
CA LYS A 119 3.84 2.92 -27.99
C LYS A 119 4.43 1.54 -27.71
N PRO A 120 3.71 0.76 -26.88
CA PRO A 120 4.15 -0.59 -26.51
C PRO A 120 4.05 -1.57 -27.67
N PHE A 121 2.97 -1.48 -28.43
CA PHE A 121 2.76 -2.35 -29.57
C PHE A 121 3.16 -1.66 -30.88
N LYS A 122 4.13 -2.24 -31.57
CA LYS A 122 4.60 -1.67 -32.83
C LYS A 122 4.41 -2.66 -33.97
N CYS A 123 3.79 -2.19 -35.06
CA CYS A 123 3.54 -3.03 -36.22
C CYS A 123 4.72 -3.96 -36.48
N GLU A 124 4.47 -5.27 -36.42
CA GLU A 124 5.52 -6.26 -36.66
C GLU A 124 5.92 -6.29 -38.13
N PHE A 125 5.19 -5.55 -38.95
CA PHE A 125 5.48 -5.49 -40.39
C PHE A 125 6.74 -4.68 -40.66
N GLU A 126 7.71 -5.31 -41.31
CA GLU A 126 8.96 -4.65 -41.64
C GLU A 126 8.74 -3.51 -42.62
N GLY A 127 9.61 -2.50 -42.54
CA GLY A 127 9.49 -1.36 -43.42
C GLY A 127 8.23 -0.57 -43.20
N CYS A 128 7.51 -0.90 -42.12
CA CYS A 128 6.27 -0.22 -41.79
C CYS A 128 6.45 0.68 -40.56
N ASP A 129 5.76 1.80 -40.55
CA ASP A 129 5.84 2.75 -39.44
C ASP A 129 4.47 3.01 -38.84
N ARG A 130 4.22 2.44 -37.66
CA ARG A 130 2.94 2.61 -36.99
C ARG A 130 3.12 2.54 -35.47
N ARG A 131 2.00 2.60 -34.75
CA ARG A 131 2.02 2.54 -33.30
C ARG A 131 0.68 2.09 -32.75
N PHE A 132 0.73 1.25 -31.71
CA PHE A 132 -0.49 0.73 -31.09
C PHE A 132 -0.30 0.54 -29.60
N ALA A 133 -1.38 0.71 -28.84
CA ALA A 133 -1.33 0.56 -27.39
C ALA A 133 -1.81 -0.82 -26.97
N ASN A 134 -2.46 -1.52 -27.89
CA ASN A 134 -2.98 -2.86 -27.61
C ASN A 134 -2.71 -3.80 -28.78
N SER A 135 -2.48 -5.08 -28.47
CA SER A 135 -2.21 -6.07 -29.50
C SER A 135 -3.40 -6.20 -30.45
N SER A 136 -4.58 -5.88 -29.96
CA SER A 136 -5.80 -5.97 -30.76
C SER A 136 -5.77 -4.95 -31.91
N ASP A 137 -5.39 -3.72 -31.59
CA ASP A 137 -5.32 -2.67 -32.59
C ASP A 137 -4.29 -3.00 -33.66
N ARG A 138 -3.14 -3.51 -33.23
CA ARG A 138 -2.07 -3.87 -34.16
C ARG A 138 -2.56 -4.91 -35.16
N LYS A 139 -3.11 -6.00 -34.65
CA LYS A 139 -3.62 -7.07 -35.50
C LYS A 139 -4.67 -6.54 -36.48
N LYS A 140 -5.28 -5.42 -36.13
CA LYS A 140 -6.30 -4.81 -36.96
C LYS A 140 -5.67 -4.03 -38.11
N HIS A 141 -4.40 -3.67 -37.95
CA HIS A 141 -3.68 -2.92 -38.98
C HIS A 141 -3.04 -3.87 -39.99
N MET A 142 -3.22 -5.17 -39.77
CA MET A 142 -2.66 -6.17 -40.66
C MET A 142 -3.63 -6.48 -41.81
N HIS A 143 -4.90 -6.16 -41.60
CA HIS A 143 -5.92 -6.40 -42.61
C HIS A 143 -5.54 -5.72 -43.93
N VAL A 144 -4.66 -4.74 -43.85
CA VAL A 144 -4.22 -4.01 -45.04
C VAL A 144 -2.87 -4.53 -45.53
N HIS A 145 -2.19 -5.29 -44.68
CA HIS A 145 -0.89 -5.84 -45.03
C HIS A 145 -1.05 -7.09 -45.90
N THR A 146 -2.20 -7.74 -45.78
CA THR A 146 -2.48 -8.95 -46.55
C THR A 146 -2.70 -8.63 -48.02
N SER A 147 -2.64 -9.66 -48.85
CA SER A 147 -2.83 -9.48 -50.29
C SER A 147 -4.31 -9.49 -50.65
N ASP A 148 -5.07 -10.35 -49.98
CA ASP A 148 -6.51 -10.46 -50.23
C ASP A 148 -7.21 -11.17 -49.07
N LYS A 149 -8.53 -11.24 -49.14
CA LYS A 149 -9.32 -11.88 -48.10
C LYS A 149 -10.65 -12.38 -48.65
N SER A 150 -11.14 -13.49 -48.10
CA SER A 150 -12.39 -14.08 -48.54
C SER A 150 -13.38 -14.20 -47.38
N GLY A 151 -14.02 -13.09 -47.03
CA GLY A 151 -14.97 -13.10 -45.94
C GLY A 151 -16.16 -12.19 -46.20
N PRO A 152 -17.31 -12.55 -45.63
CA PRO A 152 -18.55 -11.77 -45.79
C PRO A 152 -18.49 -10.43 -45.06
N SER A 153 -17.90 -10.44 -43.86
CA SER A 153 -17.78 -9.23 -43.07
C SER A 153 -17.16 -8.10 -43.88
N SER A 154 -17.96 -7.08 -44.16
CA SER A 154 -17.48 -5.94 -44.93
C SER A 154 -16.95 -4.84 -44.02
N GLY A 155 -17.29 -4.93 -42.74
CA GLY A 155 -16.83 -3.95 -41.77
C GLY A 155 -17.16 -4.33 -40.34
ZN ZN B . -10.98 -12.93 1.48
ZN ZN C . -0.30 -11.94 2.59
ZN ZN D . 0.25 4.35 -16.94
ZN ZN E . 2.04 -1.99 -40.68
N GLY A 1 -8.62 29.29 6.76
CA GLY A 1 -8.92 29.42 5.35
C GLY A 1 -9.80 28.30 4.84
N SER A 2 -10.05 28.30 3.53
CA SER A 2 -10.89 27.28 2.92
C SER A 2 -10.47 27.01 1.48
N SER A 3 -10.31 25.74 1.14
CA SER A 3 -9.90 25.35 -0.20
C SER A 3 -11.07 24.75 -0.98
N GLY A 4 -12.16 25.50 -1.06
CA GLY A 4 -13.34 25.03 -1.77
C GLY A 4 -14.16 24.05 -0.95
N SER A 5 -15.37 24.46 -0.58
CA SER A 5 -16.26 23.61 0.21
C SER A 5 -17.24 22.87 -0.69
N SER A 6 -18.04 22.00 -0.08
CA SER A 6 -19.02 21.22 -0.82
C SER A 6 -18.38 20.03 -1.50
N GLY A 7 -18.74 18.82 -1.05
CA GLY A 7 -18.18 17.62 -1.62
C GLY A 7 -18.65 16.37 -0.91
N GLN A 8 -19.24 15.45 -1.67
CA GLN A 8 -19.75 14.20 -1.10
C GLN A 8 -18.81 13.04 -1.42
N PRO A 9 -18.68 12.11 -0.45
CA PRO A 9 -17.81 10.94 -0.60
C PRO A 9 -18.34 9.94 -1.63
N ILE A 10 -17.48 9.03 -2.07
CA ILE A 10 -17.87 8.02 -3.05
C ILE A 10 -17.74 6.62 -2.48
N LYS A 11 -18.66 5.74 -2.86
CA LYS A 11 -18.65 4.37 -2.38
C LYS A 11 -17.82 3.48 -3.30
N GLN A 12 -16.64 3.10 -2.85
CA GLN A 12 -15.75 2.25 -3.63
C GLN A 12 -15.84 0.79 -3.17
N GLU A 13 -15.72 -0.12 -4.13
CA GLU A 13 -15.80 -1.55 -3.83
C GLU A 13 -14.40 -2.17 -3.78
N LEU A 14 -14.16 -2.98 -2.76
CA LEU A 14 -12.87 -3.64 -2.59
C LEU A 14 -12.96 -5.13 -2.94
N SER A 15 -11.81 -5.78 -3.07
CA SER A 15 -11.76 -7.19 -3.39
C SER A 15 -10.75 -7.92 -2.51
N CYS A 16 -10.98 -9.21 -2.28
CA CYS A 16 -10.09 -10.01 -1.46
C CYS A 16 -9.76 -11.34 -2.15
N LYS A 17 -8.54 -11.45 -2.65
CA LYS A 17 -8.10 -12.66 -3.33
C LYS A 17 -7.31 -13.56 -2.39
N TRP A 18 -7.98 -14.57 -1.84
CA TRP A 18 -7.34 -15.51 -0.93
C TRP A 18 -7.12 -16.86 -1.59
N ILE A 19 -5.87 -17.32 -1.59
CA ILE A 19 -5.53 -18.60 -2.19
C ILE A 19 -4.84 -19.52 -1.18
N ASP A 20 -5.61 -20.46 -0.64
CA ASP A 20 -5.07 -21.41 0.34
C ASP A 20 -4.27 -22.50 -0.35
N GLU A 21 -3.11 -22.83 0.21
CA GLU A 21 -2.24 -23.85 -0.35
C GLU A 21 -2.83 -25.24 -0.11
N ALA A 22 -3.43 -25.42 1.07
CA ALA A 22 -4.04 -26.70 1.43
C ALA A 22 -5.54 -26.71 1.15
N GLN A 23 -5.94 -26.03 0.08
CA GLN A 23 -7.34 -25.95 -0.30
C GLN A 23 -7.79 -27.24 -0.99
N LEU A 24 -8.97 -27.73 -0.62
CA LEU A 24 -9.51 -28.95 -1.21
C LEU A 24 -10.18 -28.65 -2.55
N SER A 25 -10.16 -27.39 -2.95
CA SER A 25 -10.75 -26.97 -4.22
C SER A 25 -9.69 -26.85 -5.31
N ARG A 26 -9.97 -27.43 -6.47
CA ARG A 26 -9.04 -27.38 -7.59
C ARG A 26 -9.79 -27.16 -8.90
N PRO A 27 -9.20 -26.33 -9.78
CA PRO A 27 -7.92 -25.67 -9.53
C PRO A 27 -8.04 -24.60 -8.45
N LYS A 28 -6.90 -24.17 -7.91
CA LYS A 28 -6.88 -23.15 -6.87
C LYS A 28 -7.78 -21.97 -7.24
N LYS A 29 -8.58 -21.53 -6.29
CA LYS A 29 -9.49 -20.41 -6.51
C LYS A 29 -9.19 -19.27 -5.55
N SER A 30 -9.80 -18.11 -5.80
CA SER A 30 -9.59 -16.94 -4.96
C SER A 30 -10.87 -16.58 -4.21
N CYS A 31 -10.75 -16.31 -2.92
CA CYS A 31 -11.89 -15.95 -2.10
C CYS A 31 -12.78 -14.92 -2.81
N ASP A 32 -14.08 -15.12 -2.73
CA ASP A 32 -15.04 -14.22 -3.36
C ASP A 32 -15.76 -13.37 -2.32
N ARG A 33 -15.39 -12.10 -2.23
CA ARG A 33 -16.00 -11.18 -1.27
C ARG A 33 -15.74 -9.74 -1.67
N THR A 34 -16.60 -8.84 -1.20
CA THR A 34 -16.48 -7.42 -1.51
C THR A 34 -16.96 -6.56 -0.36
N PHE A 35 -16.52 -5.31 -0.33
CA PHE A 35 -16.91 -4.38 0.73
C PHE A 35 -16.94 -2.94 0.21
N SER A 36 -17.49 -2.05 1.02
CA SER A 36 -17.59 -0.64 0.64
C SER A 36 -16.38 0.14 1.13
N THR A 37 -16.01 -0.06 2.39
CA THR A 37 -14.87 0.63 2.98
C THR A 37 -13.75 -0.35 3.31
N MET A 38 -12.55 0.18 3.52
CA MET A 38 -11.39 -0.65 3.83
C MET A 38 -11.63 -1.44 5.12
N HIS A 39 -11.98 -0.73 6.19
CA HIS A 39 -12.24 -1.36 7.48
C HIS A 39 -13.03 -2.65 7.29
N GLU A 40 -14.02 -2.61 6.41
CA GLU A 40 -14.86 -3.78 6.15
C GLU A 40 -14.03 -4.93 5.62
N LEU A 41 -13.17 -4.64 4.65
CA LEU A 41 -12.32 -5.66 4.05
C LEU A 41 -11.35 -6.24 5.08
N VAL A 42 -10.67 -5.37 5.80
CA VAL A 42 -9.73 -5.79 6.83
C VAL A 42 -10.37 -6.78 7.79
N THR A 43 -11.50 -6.38 8.37
CA THR A 43 -12.22 -7.22 9.32
C THR A 43 -12.45 -8.62 8.75
N HIS A 44 -12.55 -8.71 7.42
CA HIS A 44 -12.77 -9.98 6.76
C HIS A 44 -11.45 -10.73 6.57
N VAL A 45 -10.54 -10.13 5.81
CA VAL A 45 -9.24 -10.74 5.55
C VAL A 45 -8.53 -11.08 6.85
N THR A 46 -8.94 -10.42 7.93
CA THR A 46 -8.33 -10.65 9.24
C THR A 46 -9.12 -11.69 10.02
N MET A 47 -10.41 -11.43 10.22
CA MET A 47 -11.28 -12.35 10.96
C MET A 47 -11.86 -13.40 10.03
N GLU A 48 -12.43 -12.96 8.91
CA GLU A 48 -13.03 -13.86 7.94
C GLU A 48 -11.96 -14.67 7.22
N HIS A 49 -10.70 -14.47 7.61
CA HIS A 49 -9.58 -15.17 7.00
C HIS A 49 -8.53 -15.54 8.04
N VAL A 50 -7.79 -14.55 8.51
CA VAL A 50 -6.75 -14.77 9.50
C VAL A 50 -7.36 -15.12 10.86
N GLY A 51 -8.69 -15.11 10.92
CA GLY A 51 -9.38 -15.42 12.16
C GLY A 51 -9.21 -14.33 13.21
N GLY A 52 -9.89 -14.50 14.34
CA GLY A 52 -9.80 -13.51 15.40
C GLY A 52 -8.58 -13.70 16.28
N PRO A 53 -8.59 -13.10 17.47
CA PRO A 53 -7.49 -13.20 18.42
C PRO A 53 -7.35 -14.59 19.02
N GLU A 54 -8.25 -15.49 18.62
CA GLU A 54 -8.23 -16.86 19.11
C GLU A 54 -7.92 -17.85 17.99
N GLN A 55 -6.79 -17.64 17.33
CA GLN A 55 -6.38 -18.51 16.23
C GLN A 55 -5.00 -19.10 16.48
N ASN A 56 -4.88 -20.42 16.31
CA ASN A 56 -3.61 -21.10 16.52
C ASN A 56 -2.49 -20.43 15.74
N ASN A 57 -2.49 -20.63 14.43
CA ASN A 57 -1.47 -20.04 13.56
C ASN A 57 -2.09 -19.01 12.62
N HIS A 58 -1.46 -17.83 12.57
CA HIS A 58 -1.95 -16.76 11.70
C HIS A 58 -1.09 -16.64 10.45
N VAL A 59 -1.64 -17.06 9.32
CA VAL A 59 -0.93 -17.00 8.04
C VAL A 59 -1.86 -16.58 6.91
N CYS A 60 -1.46 -15.55 6.17
CA CYS A 60 -2.25 -15.05 5.06
C CYS A 60 -1.69 -15.54 3.73
N TYR A 61 -2.49 -16.31 3.00
CA TYR A 61 -2.07 -16.84 1.71
C TYR A 61 -2.70 -16.05 0.56
N TRP A 62 -1.95 -15.10 0.03
CA TRP A 62 -2.43 -14.27 -1.07
C TRP A 62 -2.08 -14.90 -2.42
N GLU A 63 -2.96 -14.72 -3.40
CA GLU A 63 -2.74 -15.27 -4.73
C GLU A 63 -1.30 -15.04 -5.19
N GLU A 64 -0.65 -14.05 -4.59
CA GLU A 64 0.73 -13.72 -4.93
C GLU A 64 1.40 -12.95 -3.80
N CYS A 65 1.03 -13.27 -2.57
CA CYS A 65 1.60 -12.61 -1.40
C CYS A 65 3.11 -12.52 -1.52
N PRO A 66 3.65 -11.32 -1.21
CA PRO A 66 5.09 -11.06 -1.28
C PRO A 66 5.87 -11.80 -0.19
N ARG A 67 5.15 -12.22 0.86
CA ARG A 67 5.77 -12.93 1.96
C ARG A 67 5.75 -14.43 1.72
N GLU A 68 4.99 -14.85 0.71
CA GLU A 68 4.88 -16.27 0.38
C GLU A 68 4.22 -17.05 1.50
N GLY A 69 3.18 -16.46 2.10
CA GLY A 69 2.48 -17.11 3.18
C GLY A 69 3.40 -17.47 4.34
N LYS A 70 4.03 -16.47 4.92
CA LYS A 70 4.95 -16.68 6.04
C LYS A 70 4.42 -16.04 7.32
N SER A 71 4.36 -16.81 8.39
CA SER A 71 3.86 -16.31 9.67
C SER A 71 4.69 -15.10 10.14
N PHE A 72 4.30 -14.53 11.27
CA PHE A 72 4.99 -13.38 11.82
C PHE A 72 5.41 -13.63 13.27
N LYS A 73 6.07 -12.64 13.87
CA LYS A 73 6.52 -12.76 15.25
C LYS A 73 5.36 -12.54 16.22
N ALA A 74 4.33 -11.84 15.76
CA ALA A 74 3.16 -11.57 16.59
C ALA A 74 1.90 -11.48 15.74
N LYS A 75 0.75 -11.36 16.40
CA LYS A 75 -0.53 -11.27 15.70
C LYS A 75 -0.65 -9.93 14.98
N TYR A 76 -0.52 -8.84 15.73
CA TYR A 76 -0.62 -7.50 15.15
C TYR A 76 0.37 -7.33 14.00
N LYS A 77 1.37 -8.21 13.95
CA LYS A 77 2.38 -8.16 12.91
C LYS A 77 1.81 -8.60 11.57
N LEU A 78 0.95 -9.61 11.59
CA LEU A 78 0.33 -10.13 10.38
C LEU A 78 -0.83 -9.24 9.94
N VAL A 79 -1.61 -8.77 10.91
CA VAL A 79 -2.74 -7.90 10.62
C VAL A 79 -2.31 -6.68 9.82
N ASN A 80 -1.23 -6.05 10.26
CA ASN A 80 -0.72 -4.87 9.56
C ASN A 80 -0.33 -5.19 8.13
N HIS A 81 0.24 -6.38 7.93
CA HIS A 81 0.66 -6.82 6.61
C HIS A 81 -0.52 -6.81 5.64
N ILE A 82 -1.63 -7.41 6.06
CA ILE A 82 -2.82 -7.49 5.23
C ILE A 82 -3.23 -6.10 4.73
N ARG A 83 -2.84 -5.07 5.48
CA ARG A 83 -3.16 -3.70 5.11
C ARG A 83 -2.50 -3.31 3.79
N VAL A 84 -1.38 -3.95 3.49
CA VAL A 84 -0.65 -3.68 2.26
C VAL A 84 -1.34 -4.34 1.07
N HIS A 85 -2.16 -5.34 1.34
CA HIS A 85 -2.89 -6.05 0.28
C HIS A 85 -3.98 -5.17 -0.30
N THR A 86 -4.23 -4.03 0.33
CA THR A 86 -5.26 -3.10 -0.13
C THR A 86 -4.68 -2.05 -1.06
N GLY A 87 -3.66 -1.34 -0.57
CA GLY A 87 -3.02 -0.31 -1.38
C GLY A 87 -3.60 1.07 -1.10
N GLU A 88 -4.32 1.20 -0.01
CA GLU A 88 -4.92 2.48 0.36
C GLU A 88 -4.19 3.11 1.55
N LYS A 89 -3.55 4.25 1.30
CA LYS A 89 -2.82 4.94 2.35
C LYS A 89 -3.14 6.44 2.32
N PRO A 90 -3.12 7.07 3.51
CA PRO A 90 -3.40 8.50 3.65
C PRO A 90 -2.29 9.37 3.05
N PHE A 91 -1.05 9.10 3.47
CA PHE A 91 0.09 9.86 2.97
C PHE A 91 1.37 9.04 3.10
N PRO A 92 2.26 9.20 2.11
CA PRO A 92 3.55 8.49 2.08
C PRO A 92 4.50 8.98 3.16
N CYS A 93 5.79 8.64 3.00
CA CYS A 93 6.81 9.05 3.96
C CYS A 93 7.51 10.32 3.49
N PRO A 94 7.71 11.26 4.43
CA PRO A 94 8.38 12.53 4.14
C PRO A 94 9.86 12.35 3.86
N PHE A 95 10.32 11.11 3.85
CA PHE A 95 11.72 10.81 3.59
C PHE A 95 11.94 10.47 2.12
N PRO A 96 12.98 11.08 1.53
CA PRO A 96 13.32 10.86 0.12
C PRO A 96 13.88 9.46 -0.13
N GLY A 97 14.90 9.09 0.63
CA GLY A 97 15.51 7.78 0.47
C GLY A 97 14.77 6.71 1.25
N CYS A 98 13.45 6.75 1.22
CA CYS A 98 12.63 5.78 1.94
C CYS A 98 11.49 5.28 1.06
N GLY A 99 10.69 6.21 0.55
CA GLY A 99 9.57 5.83 -0.30
C GLY A 99 8.63 4.87 0.38
N LYS A 100 8.56 4.93 1.70
CA LYS A 100 7.69 4.06 2.47
C LYS A 100 6.34 4.73 2.75
N ILE A 101 5.29 3.92 2.85
CA ILE A 101 3.95 4.44 3.11
C ILE A 101 3.25 3.62 4.17
N PHE A 102 2.43 4.27 4.98
CA PHE A 102 1.68 3.60 6.04
C PHE A 102 0.21 3.97 6.00
N ALA A 103 -0.65 2.96 5.93
CA ALA A 103 -2.09 3.18 5.88
C ALA A 103 -2.61 3.75 7.20
N ARG A 104 -1.78 3.66 8.24
CA ARG A 104 -2.15 4.17 9.55
C ARG A 104 -1.33 5.41 9.91
N SER A 105 -2.02 6.46 10.35
CA SER A 105 -1.35 7.70 10.73
C SER A 105 -0.27 7.45 11.76
N GLU A 106 -0.67 6.93 12.92
CA GLU A 106 0.27 6.64 14.00
C GLU A 106 1.50 5.88 13.47
N ASN A 107 1.25 4.96 12.55
CA ASN A 107 2.34 4.16 11.96
C ASN A 107 3.33 5.06 11.25
N LEU A 108 2.83 6.10 10.58
CA LEU A 108 3.68 7.03 9.86
C LEU A 108 4.41 7.97 10.83
N LYS A 109 3.66 8.55 11.75
CA LYS A 109 4.24 9.47 12.73
C LYS A 109 5.22 8.74 13.64
N ILE A 110 4.93 7.48 13.91
CA ILE A 110 5.79 6.66 14.77
C ILE A 110 7.04 6.21 14.03
N HIS A 111 6.90 6.02 12.71
CA HIS A 111 8.03 5.60 11.88
C HIS A 111 8.95 6.77 11.57
N LYS A 112 8.39 7.83 11.01
CA LYS A 112 9.15 9.01 10.66
C LYS A 112 10.06 9.43 11.81
N ARG A 113 9.62 9.16 13.04
CA ARG A 113 10.40 9.51 14.22
C ARG A 113 11.45 8.45 14.52
N THR A 114 11.16 7.21 14.13
CA THR A 114 12.08 6.10 14.35
C THR A 114 12.85 5.76 13.08
N HIS A 115 12.59 6.51 12.01
CA HIS A 115 13.25 6.30 10.74
C HIS A 115 13.94 7.56 10.26
N THR A 116 13.78 8.65 11.02
CA THR A 116 14.39 9.92 10.67
C THR A 116 15.90 9.88 10.84
N GLY A 117 16.35 9.48 12.04
CA GLY A 117 17.76 9.41 12.30
C GLY A 117 18.55 10.53 11.64
N GLU A 118 19.63 10.18 10.96
CA GLU A 118 20.46 11.18 10.29
C GLU A 118 19.84 11.58 8.95
N LYS A 119 20.23 12.76 8.46
CA LYS A 119 19.71 13.27 7.19
C LYS A 119 20.60 12.81 6.04
N PRO A 120 20.00 12.76 4.83
CA PRO A 120 20.71 12.34 3.61
C PRO A 120 21.77 13.35 3.18
N PHE A 121 21.36 14.61 3.09
CA PHE A 121 22.27 15.68 2.67
C PHE A 121 23.02 16.25 3.88
N LYS A 122 24.22 15.75 4.11
CA LYS A 122 25.05 16.21 5.23
C LYS A 122 26.24 17.01 4.73
N CYS A 123 26.53 18.11 5.42
CA CYS A 123 27.64 18.98 5.04
C CYS A 123 28.85 18.15 4.62
N GLU A 124 29.28 18.32 3.37
CA GLU A 124 30.42 17.60 2.85
C GLU A 124 31.72 18.09 3.49
N PHE A 125 31.62 19.19 4.23
CA PHE A 125 32.78 19.76 4.88
C PHE A 125 33.25 18.88 6.05
N GLU A 126 34.53 18.52 6.03
CA GLU A 126 35.09 17.68 7.10
C GLU A 126 35.09 18.41 8.43
N GLY A 127 35.10 17.65 9.52
CA GLY A 127 35.10 18.24 10.84
C GLY A 127 33.84 19.04 11.12
N CYS A 128 32.89 18.98 10.20
CA CYS A 128 31.64 19.71 10.34
C CYS A 128 30.47 18.75 10.56
N ASP A 129 29.53 19.16 11.41
CA ASP A 129 28.36 18.33 11.70
C ASP A 129 27.07 19.09 11.38
N ARG A 130 26.41 18.68 10.30
CA ARG A 130 25.17 19.32 9.88
C ARG A 130 24.24 18.31 9.22
N ARG A 131 23.00 18.72 8.99
CA ARG A 131 22.00 17.85 8.37
C ARG A 131 21.13 18.62 7.38
N PHE A 132 20.87 18.02 6.23
CA PHE A 132 20.06 18.65 5.20
C PHE A 132 19.26 17.61 4.42
N ALA A 133 18.19 18.05 3.76
CA ALA A 133 17.36 17.16 2.97
C ALA A 133 17.48 17.47 1.48
N ASN A 134 17.92 18.68 1.16
CA ASN A 134 18.08 19.09 -0.23
C ASN A 134 19.47 19.68 -0.46
N SER A 135 20.11 19.27 -1.55
CA SER A 135 21.44 19.76 -1.89
C SER A 135 21.49 21.28 -1.81
N SER A 136 20.37 21.92 -2.12
CA SER A 136 20.29 23.38 -2.10
C SER A 136 20.62 23.91 -0.71
N ASP A 137 20.12 23.23 0.32
CA ASP A 137 20.36 23.63 1.70
C ASP A 137 21.80 23.34 2.11
N ARG A 138 22.31 22.19 1.68
CA ARG A 138 23.67 21.79 2.01
C ARG A 138 24.68 22.75 1.39
N LYS A 139 24.47 23.08 0.12
CA LYS A 139 25.36 23.99 -0.59
C LYS A 139 25.23 25.41 -0.05
N LYS A 140 24.10 25.70 0.58
CA LYS A 140 23.85 27.02 1.15
C LYS A 140 24.60 27.20 2.45
N HIS A 141 25.00 26.09 3.06
CA HIS A 141 25.74 26.13 4.32
C HIS A 141 27.23 26.28 4.09
N MET A 142 27.61 26.36 2.81
CA MET A 142 29.02 26.51 2.44
C MET A 142 29.42 27.99 2.40
N HIS A 143 28.42 28.85 2.27
CA HIS A 143 28.66 30.29 2.21
C HIS A 143 29.43 30.76 3.44
N VAL A 144 29.38 29.96 4.50
CA VAL A 144 30.08 30.30 5.74
C VAL A 144 31.40 29.57 5.84
N HIS A 145 31.61 28.58 4.96
CA HIS A 145 32.83 27.81 4.96
C HIS A 145 33.94 28.54 4.21
N THR A 146 33.57 29.20 3.12
CA THR A 146 34.53 29.95 2.31
C THR A 146 34.11 31.41 2.17
N SER A 147 34.90 32.31 2.78
CA SER A 147 34.61 33.73 2.72
C SER A 147 35.60 34.45 1.81
N ASP A 148 35.28 34.50 0.52
CA ASP A 148 36.15 35.16 -0.45
C ASP A 148 36.09 36.68 -0.28
N LYS A 149 34.89 37.24 -0.40
CA LYS A 149 34.70 38.68 -0.27
C LYS A 149 33.80 39.00 0.92
N SER A 150 34.01 40.17 1.51
CA SER A 150 33.21 40.59 2.66
C SER A 150 31.73 40.61 2.32
N GLY A 151 30.90 40.48 3.35
CA GLY A 151 29.45 40.48 3.14
C GLY A 151 28.89 39.08 3.04
N PRO A 152 27.60 38.93 3.39
CA PRO A 152 26.91 37.64 3.34
C PRO A 152 26.67 37.16 1.91
N SER A 153 25.53 37.52 1.36
CA SER A 153 25.19 37.13 -0.01
C SER A 153 24.02 37.95 -0.53
N SER A 154 24.13 38.40 -1.78
CA SER A 154 23.09 39.20 -2.40
C SER A 154 21.72 38.56 -2.21
N GLY A 155 21.56 37.35 -2.76
CA GLY A 155 20.29 36.66 -2.63
C GLY A 155 20.23 35.78 -1.40
ZN ZN B . -11.32 -13.23 1.71
ZN ZN C . -0.47 -11.81 2.53
ZN ZN D . 10.50 6.65 6.03
ZN ZN E . 29.74 22.70 7.25
N GLY A 1 -18.57 31.01 18.82
CA GLY A 1 -19.47 30.50 17.81
C GLY A 1 -19.12 29.07 17.38
N SER A 2 -19.99 28.47 16.59
CA SER A 2 -19.76 27.10 16.12
C SER A 2 -20.24 26.94 14.68
N SER A 3 -19.79 25.87 14.04
CA SER A 3 -20.17 25.59 12.65
C SER A 3 -19.92 24.14 12.30
N GLY A 4 -20.61 23.66 11.26
CA GLY A 4 -20.45 22.28 10.84
C GLY A 4 -19.98 22.16 9.40
N SER A 5 -19.51 20.98 9.03
CA SER A 5 -19.03 20.74 7.68
C SER A 5 -19.40 19.33 7.20
N SER A 6 -19.43 19.15 5.88
CA SER A 6 -19.78 17.86 5.31
C SER A 6 -18.79 17.48 4.20
N GLY A 7 -19.03 16.33 3.58
CA GLY A 7 -18.15 15.87 2.51
C GLY A 7 -17.83 14.40 2.62
N GLN A 8 -18.35 13.61 1.68
CA GLN A 8 -18.10 12.17 1.68
C GLN A 8 -17.07 11.79 0.63
N PRO A 9 -16.25 10.78 0.94
CA PRO A 9 -15.20 10.30 0.04
C PRO A 9 -15.76 9.59 -1.18
N ILE A 10 -14.90 8.88 -1.90
CA ILE A 10 -15.32 8.15 -3.09
C ILE A 10 -15.69 6.71 -2.76
N LYS A 11 -16.75 6.20 -3.39
CA LYS A 11 -17.20 4.84 -3.16
C LYS A 11 -16.46 3.86 -4.07
N GLN A 12 -15.50 3.14 -3.51
CA GLN A 12 -14.72 2.16 -4.26
C GLN A 12 -14.94 0.75 -3.73
N GLU A 13 -15.07 -0.20 -4.64
CA GLU A 13 -15.29 -1.60 -4.27
C GLU A 13 -13.96 -2.30 -4.02
N LEU A 14 -13.84 -2.94 -2.86
CA LEU A 14 -12.62 -3.66 -2.50
C LEU A 14 -12.75 -5.15 -2.84
N SER A 15 -11.61 -5.83 -2.87
CA SER A 15 -11.59 -7.26 -3.18
C SER A 15 -10.50 -7.97 -2.39
N CYS A 16 -10.82 -9.18 -1.91
CA CYS A 16 -9.87 -9.95 -1.13
C CYS A 16 -9.58 -11.29 -1.82
N LYS A 17 -8.42 -11.36 -2.48
CA LYS A 17 -8.01 -12.58 -3.18
C LYS A 17 -7.24 -13.51 -2.25
N TRP A 18 -7.94 -14.51 -1.71
CA TRP A 18 -7.32 -15.47 -0.81
C TRP A 18 -7.14 -16.82 -1.49
N ILE A 19 -5.90 -17.30 -1.51
CA ILE A 19 -5.59 -18.58 -2.14
C ILE A 19 -4.91 -19.53 -1.15
N ASP A 20 -5.68 -20.45 -0.59
CA ASP A 20 -5.14 -21.41 0.37
C ASP A 20 -4.26 -22.44 -0.32
N GLU A 21 -3.13 -22.75 0.29
CA GLU A 21 -2.19 -23.72 -0.27
C GLU A 21 -2.71 -25.14 -0.10
N ALA A 22 -3.41 -25.38 1.01
CA ALA A 22 -3.97 -26.70 1.30
C ALA A 22 -5.48 -26.72 1.06
N GLN A 23 -5.91 -26.05 0.00
CA GLN A 23 -7.33 -25.99 -0.33
C GLN A 23 -7.79 -27.30 -0.98
N LEU A 24 -9.04 -27.67 -0.73
CA LEU A 24 -9.60 -28.90 -1.29
C LEU A 24 -10.29 -28.63 -2.62
N SER A 25 -10.19 -27.39 -3.09
CA SER A 25 -10.81 -26.99 -4.35
C SER A 25 -9.77 -26.89 -5.45
N ARG A 26 -10.06 -27.48 -6.61
CA ARG A 26 -9.16 -27.46 -7.74
C ARG A 26 -9.91 -27.13 -9.03
N PRO A 27 -9.30 -26.27 -9.86
CA PRO A 27 -8.00 -25.66 -9.57
C PRO A 27 -8.08 -24.65 -8.42
N LYS A 28 -6.93 -24.15 -8.00
CA LYS A 28 -6.86 -23.18 -6.91
C LYS A 28 -7.76 -21.98 -7.20
N LYS A 29 -8.74 -21.76 -6.34
CA LYS A 29 -9.66 -20.64 -6.51
C LYS A 29 -9.37 -19.55 -5.50
N SER A 30 -9.86 -18.34 -5.77
CA SER A 30 -9.64 -17.20 -4.89
C SER A 30 -10.94 -16.81 -4.19
N CYS A 31 -10.82 -16.35 -2.95
CA CYS A 31 -11.98 -15.94 -2.16
C CYS A 31 -12.75 -14.83 -2.87
N ASP A 32 -14.02 -15.09 -3.16
CA ASP A 32 -14.87 -14.11 -3.84
C ASP A 32 -15.62 -13.25 -2.83
N ARG A 33 -15.11 -12.04 -2.59
CA ARG A 33 -15.73 -11.13 -1.65
C ARG A 33 -15.64 -9.69 -2.13
N THR A 34 -16.44 -8.81 -1.54
CA THR A 34 -16.45 -7.40 -1.92
C THR A 34 -16.89 -6.52 -0.76
N PHE A 35 -16.37 -5.30 -0.70
CA PHE A 35 -16.71 -4.37 0.36
C PHE A 35 -16.74 -2.93 -0.18
N SER A 36 -17.48 -2.08 0.51
CA SER A 36 -17.60 -0.68 0.11
C SER A 36 -16.62 0.20 0.89
N THR A 37 -16.23 -0.27 2.07
CA THR A 37 -15.31 0.47 2.91
C THR A 37 -14.08 -0.37 3.25
N MET A 38 -12.98 0.30 3.57
CA MET A 38 -11.73 -0.38 3.91
C MET A 38 -11.91 -1.26 5.13
N HIS A 39 -12.36 -0.66 6.23
CA HIS A 39 -12.57 -1.39 7.48
C HIS A 39 -13.29 -2.72 7.21
N GLU A 40 -14.31 -2.67 6.36
CA GLU A 40 -15.08 -3.86 6.02
C GLU A 40 -14.16 -4.96 5.50
N LEU A 41 -13.29 -4.61 4.56
CA LEU A 41 -12.36 -5.57 3.99
C LEU A 41 -11.42 -6.13 5.05
N VAL A 42 -10.78 -5.25 5.80
CA VAL A 42 -9.87 -5.65 6.85
C VAL A 42 -10.53 -6.63 7.82
N THR A 43 -11.68 -6.22 8.35
CA THR A 43 -12.43 -7.05 9.29
C THR A 43 -12.64 -8.45 8.74
N HIS A 44 -12.67 -8.57 7.42
CA HIS A 44 -12.86 -9.86 6.76
C HIS A 44 -11.54 -10.61 6.65
N VAL A 45 -10.59 -10.04 5.91
CA VAL A 45 -9.29 -10.66 5.72
C VAL A 45 -8.64 -10.97 7.06
N THR A 46 -9.08 -10.28 8.11
CA THR A 46 -8.54 -10.49 9.45
C THR A 46 -9.36 -11.50 10.22
N MET A 47 -10.65 -11.24 10.35
CA MET A 47 -11.56 -12.13 11.07
C MET A 47 -12.12 -13.21 10.13
N GLU A 48 -12.63 -12.77 8.99
CA GLU A 48 -13.20 -13.70 8.01
C GLU A 48 -12.10 -14.53 7.34
N HIS A 49 -10.87 -14.33 7.79
CA HIS A 49 -9.73 -15.06 7.23
C HIS A 49 -8.72 -15.41 8.33
N VAL A 50 -7.98 -14.40 8.79
CA VAL A 50 -6.99 -14.62 9.84
C VAL A 50 -7.65 -14.93 11.17
N GLY A 51 -8.98 -14.90 11.19
CA GLY A 51 -9.71 -15.18 12.41
C GLY A 51 -9.45 -14.16 13.50
N GLY A 52 -9.72 -14.54 14.75
CA GLY A 52 -9.50 -13.64 15.86
C GLY A 52 -8.26 -13.99 16.66
N PRO A 53 -8.17 -13.46 17.88
CA PRO A 53 -7.03 -13.71 18.77
C PRO A 53 -6.98 -15.15 19.28
N GLU A 54 -8.13 -15.82 19.22
CA GLU A 54 -8.23 -17.20 19.67
C GLU A 54 -7.35 -18.12 18.83
N GLN A 55 -7.20 -17.76 17.55
CA GLN A 55 -6.38 -18.55 16.64
C GLN A 55 -4.92 -18.55 17.07
N ASN A 56 -4.22 -19.65 16.77
CA ASN A 56 -2.81 -19.77 17.12
C ASN A 56 -1.92 -19.34 15.96
N ASN A 57 -1.90 -20.15 14.91
CA ASN A 57 -1.09 -19.86 13.74
C ASN A 57 -1.81 -18.90 12.80
N HIS A 58 -1.25 -17.71 12.64
CA HIS A 58 -1.85 -16.70 11.77
C HIS A 58 -1.02 -16.53 10.50
N VAL A 59 -1.55 -17.05 9.39
CA VAL A 59 -0.86 -16.94 8.10
C VAL A 59 -1.81 -16.52 7.00
N CYS A 60 -1.38 -15.55 6.20
CA CYS A 60 -2.20 -15.04 5.10
C CYS A 60 -1.65 -15.51 3.75
N TYR A 61 -2.44 -16.30 3.04
CA TYR A 61 -2.03 -16.82 1.74
C TYR A 61 -2.68 -16.02 0.61
N TRP A 62 -1.94 -15.07 0.07
CA TRP A 62 -2.44 -14.23 -1.02
C TRP A 62 -2.11 -14.84 -2.37
N GLU A 63 -3.01 -14.66 -3.33
CA GLU A 63 -2.80 -15.20 -4.68
C GLU A 63 -1.37 -14.99 -5.14
N GLU A 64 -0.70 -14.01 -4.54
CA GLU A 64 0.69 -13.71 -4.89
C GLU A 64 1.37 -12.92 -3.76
N CYS A 65 0.98 -13.20 -2.53
CA CYS A 65 1.55 -12.53 -1.38
C CYS A 65 3.07 -12.40 -1.51
N PRO A 66 3.59 -11.20 -1.23
CA PRO A 66 5.03 -10.92 -1.32
C PRO A 66 5.82 -11.63 -0.23
N ARG A 67 5.12 -12.13 0.79
CA ARG A 67 5.76 -12.83 1.89
C ARG A 67 5.84 -14.33 1.60
N GLU A 68 4.84 -14.86 0.90
CA GLU A 68 4.81 -16.28 0.56
C GLU A 68 4.47 -17.12 1.78
N GLY A 69 3.53 -16.63 2.59
CA GLY A 69 3.12 -17.35 3.78
C GLY A 69 4.00 -17.01 4.98
N LYS A 70 5.21 -16.56 4.72
CA LYS A 70 6.15 -16.20 5.78
C LYS A 70 5.42 -15.54 6.95
N SER A 71 5.04 -16.35 7.94
CA SER A 71 4.33 -15.84 9.11
C SER A 71 5.16 -14.80 9.84
N PHE A 72 4.66 -14.34 10.98
CA PHE A 72 5.36 -13.33 11.77
C PHE A 72 5.33 -13.69 13.25
N LYS A 73 4.97 -14.94 13.55
CA LYS A 73 4.90 -15.40 14.92
C LYS A 73 4.21 -14.38 15.82
N ALA A 74 3.38 -13.54 15.22
CA ALA A 74 2.66 -12.51 15.96
C ALA A 74 1.35 -12.15 15.28
N LYS A 75 0.50 -11.41 15.99
CA LYS A 75 -0.80 -11.01 15.46
C LYS A 75 -0.70 -9.65 14.78
N TYR A 76 -0.30 -8.64 15.56
CA TYR A 76 -0.16 -7.29 15.03
C TYR A 76 0.83 -7.24 13.88
N LYS A 77 1.59 -8.32 13.71
CA LYS A 77 2.58 -8.40 12.65
C LYS A 77 1.92 -8.84 11.33
N LEU A 78 1.00 -9.80 11.42
CA LEU A 78 0.31 -10.29 10.24
C LEU A 78 -0.85 -9.38 9.86
N VAL A 79 -1.56 -8.90 10.88
CA VAL A 79 -2.70 -8.01 10.65
C VAL A 79 -2.27 -6.74 9.92
N ASN A 80 -1.16 -6.14 10.38
CA ASN A 80 -0.65 -4.92 9.77
C ASN A 80 -0.18 -5.18 8.34
N HIS A 81 0.22 -6.42 8.08
CA HIS A 81 0.70 -6.80 6.75
C HIS A 81 -0.43 -6.74 5.73
N ILE A 82 -1.57 -7.33 6.08
CA ILE A 82 -2.73 -7.35 5.20
C ILE A 82 -3.08 -5.93 4.73
N ARG A 83 -2.64 -4.94 5.48
CA ARG A 83 -2.91 -3.54 5.14
C ARG A 83 -2.36 -3.22 3.76
N VAL A 84 -1.26 -3.88 3.38
CA VAL A 84 -0.64 -3.66 2.08
C VAL A 84 -1.46 -4.31 0.97
N HIS A 85 -2.24 -5.32 1.33
CA HIS A 85 -3.06 -6.02 0.36
C HIS A 85 -4.22 -5.16 -0.11
N THR A 86 -4.46 -4.05 0.61
CA THR A 86 -5.54 -3.15 0.26
C THR A 86 -5.07 -2.11 -0.76
N GLY A 87 -4.09 -1.29 -0.37
CA GLY A 87 -3.58 -0.27 -1.26
C GLY A 87 -4.68 0.53 -1.92
N GLU A 88 -5.55 1.11 -1.10
CA GLU A 88 -6.66 1.92 -1.61
C GLU A 88 -6.15 3.25 -2.17
N LYS A 89 -6.34 3.44 -3.47
CA LYS A 89 -5.90 4.68 -4.13
C LYS A 89 -6.98 5.18 -5.08
N PRO A 90 -6.99 6.51 -5.30
CA PRO A 90 -7.96 7.15 -6.19
C PRO A 90 -7.72 6.82 -7.66
N PHE A 91 -6.48 7.00 -8.10
CA PHE A 91 -6.11 6.71 -9.48
C PHE A 91 -4.62 6.43 -9.60
N PRO A 92 -4.28 5.22 -10.09
CA PRO A 92 -2.88 4.81 -10.26
C PRO A 92 -2.19 5.57 -11.38
N CYS A 93 -1.05 5.04 -11.84
CA CYS A 93 -0.29 5.67 -12.91
C CYS A 93 -0.73 5.14 -14.26
N PRO A 94 -0.91 6.05 -15.23
CA PRO A 94 -1.33 5.71 -16.59
C PRO A 94 -0.24 4.96 -17.37
N PHE A 95 1.00 5.11 -16.92
CA PHE A 95 2.12 4.46 -17.57
C PHE A 95 2.05 2.94 -17.38
N PRO A 96 2.15 2.20 -18.49
CA PRO A 96 2.10 0.74 -18.47
C PRO A 96 3.34 0.12 -17.84
N GLY A 97 3.15 -0.74 -16.85
CA GLY A 97 4.26 -1.38 -16.18
C GLY A 97 4.80 -0.55 -15.03
N CYS A 98 4.27 0.65 -14.87
CA CYS A 98 4.70 1.55 -13.79
C CYS A 98 4.05 1.16 -12.47
N GLY A 99 2.83 0.64 -12.54
CA GLY A 99 2.12 0.24 -11.34
C GLY A 99 2.36 1.18 -10.19
N LYS A 100 2.66 2.44 -10.49
CA LYS A 100 2.92 3.44 -9.47
C LYS A 100 1.65 4.23 -9.15
N ILE A 101 1.46 4.54 -7.88
CA ILE A 101 0.29 5.29 -7.44
C ILE A 101 0.68 6.39 -6.46
N PHE A 102 -0.13 7.45 -6.43
CA PHE A 102 0.13 8.57 -5.53
C PHE A 102 -1.15 9.06 -4.88
N ALA A 103 -1.20 9.05 -3.56
CA ALA A 103 -2.37 9.49 -2.82
C ALA A 103 -2.67 10.96 -3.10
N ARG A 104 -1.72 11.65 -3.74
CA ARG A 104 -1.89 13.05 -4.07
C ARG A 104 -2.06 13.25 -5.56
N SER A 105 -3.07 14.02 -5.95
CA SER A 105 -3.34 14.29 -7.36
C SER A 105 -2.19 15.04 -8.01
N GLU A 106 -1.59 15.95 -7.24
CA GLU A 106 -0.46 16.74 -7.74
C GLU A 106 0.78 15.87 -7.89
N ASN A 107 0.88 14.83 -7.08
CA ASN A 107 2.03 13.94 -7.11
C ASN A 107 2.02 13.12 -8.40
N LEU A 108 0.84 12.67 -8.81
CA LEU A 108 0.70 11.87 -10.02
C LEU A 108 1.09 12.68 -11.25
N LYS A 109 0.48 13.85 -11.40
CA LYS A 109 0.75 14.73 -12.53
C LYS A 109 2.22 15.11 -12.57
N ILE A 110 2.76 15.48 -11.42
CA ILE A 110 4.17 15.87 -11.32
C ILE A 110 5.09 14.69 -11.59
N HIS A 111 4.58 13.49 -11.34
CA HIS A 111 5.36 12.27 -11.56
C HIS A 111 5.36 11.89 -13.04
N LYS A 112 4.16 11.73 -13.60
CA LYS A 112 4.03 11.35 -15.01
C LYS A 112 4.97 12.17 -15.88
N ARG A 113 5.14 13.44 -15.52
CA ARG A 113 6.02 14.33 -16.28
C ARG A 113 7.49 14.05 -15.95
N THR A 114 7.74 13.56 -14.75
CA THR A 114 9.09 13.25 -14.31
C THR A 114 9.38 11.75 -14.41
N HIS A 115 8.39 11.00 -14.88
CA HIS A 115 8.53 9.56 -15.02
C HIS A 115 8.22 9.11 -16.45
N THR A 116 7.05 9.51 -16.94
CA THR A 116 6.64 9.15 -18.30
C THR A 116 7.60 9.71 -19.33
N GLY A 117 8.37 10.72 -18.93
CA GLY A 117 9.32 11.33 -19.84
C GLY A 117 10.52 10.44 -20.10
N GLU A 118 10.83 9.57 -19.14
CA GLU A 118 11.97 8.67 -19.27
C GLU A 118 11.49 7.24 -19.55
N LYS A 119 12.38 6.43 -20.11
CA LYS A 119 12.06 5.04 -20.41
C LYS A 119 12.43 4.12 -19.25
N PRO A 120 11.75 2.97 -19.17
CA PRO A 120 12.00 1.99 -18.12
C PRO A 120 13.35 1.30 -18.26
N PHE A 121 13.93 1.40 -19.44
CA PHE A 121 15.23 0.78 -19.72
C PHE A 121 16.18 1.78 -20.37
N LYS A 122 17.06 2.37 -19.55
CA LYS A 122 18.02 3.34 -20.06
C LYS A 122 19.44 2.80 -19.96
N CYS A 123 20.23 3.00 -21.02
CA CYS A 123 21.60 2.53 -21.06
C CYS A 123 22.25 2.63 -19.67
N GLU A 124 22.53 1.47 -19.07
CA GLU A 124 23.14 1.44 -17.75
C GLU A 124 24.57 1.99 -17.80
N PHE A 125 25.06 2.23 -19.00
CA PHE A 125 26.41 2.76 -19.19
C PHE A 125 26.49 4.23 -18.77
N GLU A 126 27.48 4.55 -17.95
CA GLU A 126 27.65 5.92 -17.47
C GLU A 126 28.15 6.83 -18.59
N GLY A 127 27.66 8.06 -18.60
CA GLY A 127 28.07 9.01 -19.62
C GLY A 127 27.39 8.75 -20.95
N CYS A 128 26.48 7.78 -20.97
CA CYS A 128 25.76 7.43 -22.19
C CYS A 128 24.30 7.86 -22.12
N ASP A 129 23.75 8.30 -23.23
CA ASP A 129 22.36 8.74 -23.29
C ASP A 129 21.58 7.95 -24.34
N ARG A 130 20.70 7.07 -23.87
CA ARG A 130 19.89 6.25 -24.76
C ARG A 130 18.53 5.97 -24.15
N ARG A 131 17.70 5.21 -24.87
CA ARG A 131 16.37 4.87 -24.40
C ARG A 131 15.96 3.48 -24.89
N PHE A 132 15.42 2.67 -23.99
CA PHE A 132 14.98 1.33 -24.33
C PHE A 132 13.70 0.96 -23.58
N ALA A 133 12.99 -0.04 -24.09
CA ALA A 133 11.75 -0.50 -23.47
C ALA A 133 11.85 -1.96 -23.04
N ASN A 134 12.93 -2.61 -23.45
CA ASN A 134 13.15 -4.02 -23.11
C ASN A 134 14.60 -4.27 -22.74
N SER A 135 14.81 -4.96 -21.62
CA SER A 135 16.15 -5.28 -21.15
C SER A 135 17.01 -5.85 -22.28
N SER A 136 16.37 -6.56 -23.19
CA SER A 136 17.07 -7.17 -24.32
C SER A 136 17.74 -6.10 -25.18
N ASP A 137 16.95 -5.13 -25.63
CA ASP A 137 17.47 -4.04 -26.45
C ASP A 137 18.60 -3.30 -25.74
N ARG A 138 18.40 -3.05 -24.45
CA ARG A 138 19.40 -2.34 -23.65
C ARG A 138 20.71 -3.13 -23.58
N LYS A 139 20.60 -4.42 -23.26
CA LYS A 139 21.77 -5.28 -23.17
C LYS A 139 22.42 -5.46 -24.54
N LYS A 140 21.64 -5.26 -25.59
CA LYS A 140 22.14 -5.40 -26.95
C LYS A 140 22.94 -4.16 -27.36
N HIS A 141 22.74 -3.06 -26.64
CA HIS A 141 23.45 -1.82 -26.93
C HIS A 141 24.81 -1.80 -26.24
N MET A 142 25.11 -2.85 -25.48
CA MET A 142 26.37 -2.95 -24.76
C MET A 142 27.44 -3.58 -25.65
N HIS A 143 27.00 -4.33 -26.65
CA HIS A 143 27.92 -5.00 -27.57
C HIS A 143 28.87 -3.99 -28.21
N VAL A 144 28.49 -2.72 -28.20
CA VAL A 144 29.31 -1.66 -28.78
C VAL A 144 30.09 -0.94 -27.70
N HIS A 145 29.71 -1.15 -26.44
CA HIS A 145 30.38 -0.50 -25.32
C HIS A 145 31.67 -1.23 -24.98
N THR A 146 31.97 -2.30 -25.72
CA THR A 146 33.18 -3.09 -25.49
C THR A 146 34.42 -2.21 -25.50
N SER A 147 34.56 -1.41 -26.57
CA SER A 147 35.71 -0.53 -26.70
C SER A 147 35.26 0.90 -27.03
N ASP A 148 34.85 1.10 -28.27
CA ASP A 148 34.39 2.41 -28.72
C ASP A 148 32.86 2.48 -28.75
N LYS A 149 32.30 3.53 -28.18
CA LYS A 149 30.86 3.71 -28.15
C LYS A 149 30.29 3.89 -29.55
N SER A 150 31.20 4.06 -30.52
CA SER A 150 30.79 4.25 -31.91
C SER A 150 30.68 2.92 -32.63
N GLY A 151 30.17 2.94 -33.86
CA GLY A 151 30.01 1.73 -34.63
C GLY A 151 28.59 1.20 -34.62
N PRO A 152 27.71 1.85 -35.39
CA PRO A 152 26.30 1.46 -35.47
C PRO A 152 26.11 0.14 -36.20
N SER A 153 25.08 -0.60 -35.81
CA SER A 153 24.79 -1.90 -36.44
C SER A 153 23.29 -2.15 -36.46
N SER A 154 22.85 -2.94 -37.45
CA SER A 154 21.43 -3.27 -37.59
C SER A 154 21.01 -4.29 -36.54
N GLY A 155 19.87 -4.03 -35.90
CA GLY A 155 19.37 -4.94 -34.88
C GLY A 155 17.91 -5.30 -35.10
ZN ZN B . -11.51 -13.25 1.61
ZN ZN C . -0.48 -11.75 2.61
ZN ZN D . 4.45 6.21 -13.68
ZN ZN E . 25.25 3.15 -24.07
N GLY A 1 -16.24 25.03 18.74
CA GLY A 1 -17.00 24.88 17.52
C GLY A 1 -16.42 23.81 16.61
N SER A 2 -17.00 23.67 15.41
CA SER A 2 -16.54 22.67 14.46
C SER A 2 -17.22 22.88 13.10
N SER A 3 -16.44 22.69 12.03
CA SER A 3 -16.96 22.86 10.68
C SER A 3 -17.12 21.50 9.99
N GLY A 4 -17.95 21.47 8.95
CA GLY A 4 -18.16 20.24 8.21
C GLY A 4 -19.04 20.44 6.99
N SER A 5 -18.91 19.54 6.03
CA SER A 5 -19.70 19.62 4.80
C SER A 5 -20.58 18.38 4.63
N SER A 6 -21.89 18.58 4.66
CA SER A 6 -22.83 17.49 4.50
C SER A 6 -22.57 16.71 3.22
N GLY A 7 -23.28 15.60 3.05
CA GLY A 7 -23.11 14.79 1.86
C GLY A 7 -22.28 13.55 2.12
N GLN A 8 -22.49 12.52 1.31
CA GLN A 8 -21.76 11.26 1.46
C GLN A 8 -20.81 11.04 0.29
N PRO A 9 -19.63 10.48 0.58
CA PRO A 9 -18.61 10.21 -0.44
C PRO A 9 -19.01 9.08 -1.38
N ILE A 10 -18.05 8.58 -2.14
CA ILE A 10 -18.31 7.50 -3.08
C ILE A 10 -17.90 6.16 -2.51
N LYS A 11 -18.77 5.16 -2.65
CA LYS A 11 -18.50 3.83 -2.15
C LYS A 11 -17.75 2.99 -3.18
N GLN A 12 -16.52 2.60 -2.84
CA GLN A 12 -15.70 1.80 -3.74
C GLN A 12 -15.73 0.33 -3.35
N GLU A 13 -15.80 -0.54 -4.35
CA GLU A 13 -15.83 -1.98 -4.10
C GLU A 13 -14.42 -2.57 -4.06
N LEU A 14 -14.12 -3.29 -2.99
CA LEU A 14 -12.81 -3.90 -2.84
C LEU A 14 -12.86 -5.39 -3.16
N SER A 15 -11.69 -6.00 -3.33
CA SER A 15 -11.61 -7.42 -3.64
C SER A 15 -10.55 -8.11 -2.77
N CYS A 16 -10.88 -9.31 -2.30
CA CYS A 16 -9.97 -10.06 -1.45
C CYS A 16 -9.66 -11.43 -2.07
N LYS A 17 -8.53 -11.52 -2.76
CA LYS A 17 -8.12 -12.76 -3.40
C LYS A 17 -7.29 -13.62 -2.44
N TRP A 18 -7.94 -14.60 -1.82
CA TRP A 18 -7.25 -15.49 -0.89
C TRP A 18 -7.06 -16.87 -1.49
N ILE A 19 -5.82 -17.34 -1.50
CA ILE A 19 -5.50 -18.65 -2.05
C ILE A 19 -4.82 -19.54 -1.01
N ASP A 20 -5.56 -20.48 -0.45
CA ASP A 20 -5.03 -21.39 0.54
C ASP A 20 -4.35 -22.59 -0.11
N GLU A 21 -3.12 -22.86 0.30
CA GLU A 21 -2.36 -23.99 -0.26
C GLU A 21 -3.02 -25.32 0.11
N ALA A 22 -3.55 -25.39 1.33
CA ALA A 22 -4.21 -26.60 1.80
C ALA A 22 -5.67 -26.63 1.39
N GLN A 23 -5.99 -25.96 0.29
CA GLN A 23 -7.36 -25.90 -0.21
C GLN A 23 -7.69 -27.16 -1.02
N LEU A 24 -8.82 -27.79 -0.68
CA LEU A 24 -9.25 -28.99 -1.38
C LEU A 24 -9.89 -28.66 -2.71
N SER A 25 -10.08 -27.36 -2.96
CA SER A 25 -10.69 -26.90 -4.20
C SER A 25 -9.68 -26.90 -5.34
N ARG A 26 -10.07 -27.46 -6.48
CA ARG A 26 -9.19 -27.52 -7.64
C ARG A 26 -9.96 -27.21 -8.92
N PRO A 27 -9.39 -26.32 -9.75
CA PRO A 27 -8.09 -25.70 -9.47
C PRO A 27 -8.18 -24.70 -8.32
N LYS A 28 -7.03 -24.13 -7.95
CA LYS A 28 -6.97 -23.16 -6.86
C LYS A 28 -7.78 -21.91 -7.21
N LYS A 29 -8.80 -21.64 -6.41
CA LYS A 29 -9.65 -20.46 -6.63
C LYS A 29 -9.42 -19.42 -5.53
N SER A 30 -9.53 -18.15 -5.90
CA SER A 30 -9.34 -17.05 -4.96
C SER A 30 -10.66 -16.67 -4.29
N CYS A 31 -10.59 -16.30 -3.02
CA CYS A 31 -11.78 -15.91 -2.28
C CYS A 31 -12.48 -14.73 -2.95
N ASP A 32 -13.81 -14.67 -2.77
CA ASP A 32 -14.60 -13.59 -3.37
C ASP A 32 -15.40 -12.87 -2.30
N ARG A 33 -15.40 -11.53 -2.37
CA ARG A 33 -16.14 -10.72 -1.41
C ARG A 33 -16.12 -9.25 -1.82
N THR A 34 -17.05 -8.48 -1.26
CA THR A 34 -17.13 -7.06 -1.57
C THR A 34 -17.39 -6.24 -0.31
N PHE A 35 -16.92 -4.99 -0.33
CA PHE A 35 -17.09 -4.10 0.82
C PHE A 35 -17.21 -2.65 0.37
N SER A 36 -17.79 -1.82 1.22
CA SER A 36 -17.97 -0.40 0.90
C SER A 36 -16.74 0.40 1.31
N THR A 37 -16.16 0.04 2.45
CA THR A 37 -14.98 0.73 2.96
C THR A 37 -13.84 -0.24 3.21
N MET A 38 -12.62 0.29 3.35
CA MET A 38 -11.45 -0.53 3.60
C MET A 38 -11.61 -1.35 4.88
N HIS A 39 -11.90 -0.65 5.98
CA HIS A 39 -12.09 -1.31 7.27
C HIS A 39 -12.90 -2.59 7.12
N GLU A 40 -14.00 -2.50 6.37
CA GLU A 40 -14.87 -3.65 6.15
C GLU A 40 -14.08 -4.82 5.57
N LEU A 41 -13.23 -4.52 4.61
CA LEU A 41 -12.41 -5.55 3.96
C LEU A 41 -11.44 -6.18 4.95
N VAL A 42 -10.75 -5.34 5.72
CA VAL A 42 -9.79 -5.81 6.71
C VAL A 42 -10.45 -6.79 7.68
N THR A 43 -11.57 -6.38 8.26
CA THR A 43 -12.29 -7.21 9.20
C THR A 43 -12.53 -8.61 8.64
N HIS A 44 -12.62 -8.70 7.32
CA HIS A 44 -12.84 -9.98 6.66
C HIS A 44 -11.51 -10.73 6.49
N VAL A 45 -10.60 -10.15 5.71
CA VAL A 45 -9.31 -10.76 5.47
C VAL A 45 -8.61 -11.11 6.78
N THR A 46 -9.00 -10.44 7.86
CA THR A 46 -8.41 -10.66 9.17
C THR A 46 -9.21 -11.70 9.95
N MET A 47 -10.50 -11.43 10.15
CA MET A 47 -11.37 -12.34 10.87
C MET A 47 -11.96 -13.39 9.95
N GLU A 48 -12.52 -12.95 8.83
CA GLU A 48 -13.12 -13.86 7.86
C GLU A 48 -12.04 -14.67 7.14
N HIS A 49 -10.79 -14.47 7.54
CA HIS A 49 -9.67 -15.18 6.94
C HIS A 49 -8.64 -15.56 7.99
N VAL A 50 -7.88 -14.56 8.45
CA VAL A 50 -6.86 -14.78 9.46
C VAL A 50 -7.48 -15.13 10.81
N GLY A 51 -8.81 -15.10 10.87
CA GLY A 51 -9.50 -15.41 12.11
C GLY A 51 -9.32 -14.34 13.16
N GLY A 52 -9.73 -14.64 14.39
CA GLY A 52 -9.60 -13.68 15.47
C GLY A 52 -8.33 -13.88 16.28
N PRO A 53 -8.30 -13.30 17.49
CA PRO A 53 -7.14 -13.41 18.39
C PRO A 53 -6.98 -14.82 18.95
N GLU A 54 -7.99 -15.66 18.75
CA GLU A 54 -7.96 -17.04 19.23
C GLU A 54 -6.95 -17.86 18.44
N GLN A 55 -7.18 -17.98 17.14
CA GLN A 55 -6.29 -18.76 16.28
C GLN A 55 -4.83 -18.49 16.62
N ASN A 56 -4.11 -19.56 16.98
CA ASN A 56 -2.71 -19.44 17.33
C ASN A 56 -1.86 -19.09 16.11
N ASN A 57 -1.64 -20.08 15.25
CA ASN A 57 -0.85 -19.88 14.05
C ASN A 57 -1.68 -19.23 12.96
N HIS A 58 -1.41 -17.95 12.71
CA HIS A 58 -2.14 -17.20 11.68
C HIS A 58 -1.27 -16.98 10.45
N VAL A 59 -1.74 -17.44 9.30
CA VAL A 59 -1.01 -17.29 8.05
C VAL A 59 -1.93 -16.84 6.92
N CYS A 60 -1.45 -15.90 6.11
CA CYS A 60 -2.21 -15.39 4.98
C CYS A 60 -1.61 -15.82 3.66
N TYR A 61 -2.36 -16.61 2.90
CA TYR A 61 -1.90 -17.10 1.61
C TYR A 61 -2.54 -16.31 0.47
N TRP A 62 -1.81 -15.32 -0.04
CA TRP A 62 -2.31 -14.49 -1.14
C TRP A 62 -1.92 -15.08 -2.48
N GLU A 63 -2.78 -14.92 -3.47
CA GLU A 63 -2.52 -15.44 -4.81
C GLU A 63 -1.08 -15.14 -5.24
N GLU A 64 -0.48 -14.15 -4.60
CA GLU A 64 0.89 -13.76 -4.91
C GLU A 64 1.51 -12.98 -3.76
N CYS A 65 1.13 -13.33 -2.54
CA CYS A 65 1.65 -12.67 -1.35
C CYS A 65 3.17 -12.49 -1.44
N PRO A 66 3.64 -11.28 -1.11
CA PRO A 66 5.07 -10.96 -1.15
C PRO A 66 5.85 -11.67 -0.05
N ARG A 67 5.14 -12.11 0.99
CA ARG A 67 5.77 -12.81 2.10
C ARG A 67 5.81 -14.32 1.86
N GLU A 68 5.04 -14.77 0.87
CA GLU A 68 4.98 -16.19 0.53
C GLU A 68 4.29 -16.98 1.62
N GLY A 69 3.29 -16.36 2.26
CA GLY A 69 2.55 -17.03 3.31
C GLY A 69 3.40 -17.24 4.56
N LYS A 70 4.49 -16.49 4.66
CA LYS A 70 5.38 -16.60 5.82
C LYS A 70 4.72 -16.05 7.07
N SER A 71 4.64 -16.88 8.11
CA SER A 71 4.02 -16.48 9.37
C SER A 71 4.78 -15.31 10.00
N PHE A 72 4.23 -14.77 11.08
CA PHE A 72 4.85 -13.66 11.77
C PHE A 72 5.23 -14.05 13.20
N LYS A 73 5.73 -13.07 13.97
CA LYS A 73 6.13 -13.32 15.34
C LYS A 73 5.05 -12.82 16.31
N ALA A 74 4.04 -12.15 15.78
CA ALA A 74 2.95 -11.64 16.59
C ALA A 74 1.66 -11.51 15.77
N LYS A 75 0.55 -11.29 16.47
CA LYS A 75 -0.74 -11.15 15.81
C LYS A 75 -0.82 -9.84 15.02
N TYR A 76 -0.64 -8.73 15.72
CA TYR A 76 -0.68 -7.42 15.10
C TYR A 76 0.29 -7.34 13.92
N LYS A 77 1.30 -8.19 13.94
CA LYS A 77 2.30 -8.23 12.88
C LYS A 77 1.68 -8.68 11.56
N LEU A 78 0.79 -9.67 11.64
CA LEU A 78 0.13 -10.19 10.45
C LEU A 78 -1.00 -9.26 10.01
N VAL A 79 -1.81 -8.83 10.96
CA VAL A 79 -2.93 -7.93 10.67
C VAL A 79 -2.46 -6.70 9.89
N ASN A 80 -1.30 -6.17 10.29
CA ASN A 80 -0.74 -5.00 9.63
C ASN A 80 -0.30 -5.32 8.21
N HIS A 81 0.13 -6.57 8.00
CA HIS A 81 0.57 -7.01 6.69
C HIS A 81 -0.57 -6.97 5.68
N ILE A 82 -1.70 -7.55 6.07
CA ILE A 82 -2.88 -7.58 5.20
C ILE A 82 -3.27 -6.18 4.75
N ARG A 83 -2.84 -5.17 5.51
CA ARG A 83 -3.15 -3.79 5.19
C ARG A 83 -2.52 -3.39 3.85
N VAL A 84 -1.49 -4.12 3.45
CA VAL A 84 -0.79 -3.84 2.19
C VAL A 84 -1.50 -4.52 1.02
N HIS A 85 -2.28 -5.55 1.33
CA HIS A 85 -3.01 -6.28 0.30
C HIS A 85 -4.13 -5.44 -0.29
N THR A 86 -4.42 -4.31 0.36
CA THR A 86 -5.47 -3.41 -0.10
C THR A 86 -5.00 -2.59 -1.30
N GLY A 87 -3.89 -1.88 -1.12
CA GLY A 87 -3.36 -1.05 -2.18
C GLY A 87 -3.46 0.43 -1.88
N GLU A 88 -4.37 0.79 -0.98
CA GLU A 88 -4.56 2.19 -0.61
C GLU A 88 -3.71 2.54 0.61
N LYS A 89 -2.89 3.57 0.47
CA LYS A 89 -2.02 4.02 1.55
C LYS A 89 -2.14 5.52 1.76
N PRO A 90 -1.88 5.97 3.00
CA PRO A 90 -1.95 7.39 3.36
C PRO A 90 -0.83 8.21 2.72
N PHE A 91 0.41 7.74 2.89
CA PHE A 91 1.56 8.43 2.34
C PHE A 91 2.73 7.46 2.16
N PRO A 92 3.42 7.56 1.01
CA PRO A 92 4.56 6.71 0.70
C PRO A 92 5.78 7.02 1.57
N CYS A 93 6.93 6.46 1.20
CA CYS A 93 8.16 6.67 1.95
C CYS A 93 8.91 7.90 1.42
N PRO A 94 9.40 8.74 2.34
CA PRO A 94 10.15 9.95 1.99
C PRO A 94 11.52 9.64 1.40
N PHE A 95 12.02 8.44 1.69
CA PHE A 95 13.33 8.02 1.19
C PHE A 95 13.29 7.80 -0.32
N PRO A 96 14.30 8.34 -1.02
CA PRO A 96 14.40 8.23 -2.48
C PRO A 96 14.72 6.80 -2.92
N GLY A 97 15.80 6.25 -2.37
CA GLY A 97 16.19 4.89 -2.73
C GLY A 97 15.43 3.84 -1.95
N CYS A 98 14.12 4.07 -1.78
CA CYS A 98 13.27 3.13 -1.06
C CYS A 98 11.95 2.91 -1.80
N GLY A 99 11.27 4.01 -2.12
CA GLY A 99 10.01 3.91 -2.82
C GLY A 99 9.05 2.93 -2.16
N LYS A 100 9.19 2.76 -0.86
CA LYS A 100 8.33 1.84 -0.11
C LYS A 100 7.11 2.57 0.44
N ILE A 101 6.01 1.84 0.60
CA ILE A 101 4.77 2.41 1.12
C ILE A 101 4.09 1.45 2.08
N PHE A 102 3.27 2.00 2.97
CA PHE A 102 2.54 1.20 3.95
C PHE A 102 1.11 1.69 4.12
N ALA A 103 0.22 0.79 4.51
CA ALA A 103 -1.18 1.13 4.71
C ALA A 103 -1.41 1.74 6.08
N ARG A 104 -0.41 1.63 6.95
CA ARG A 104 -0.51 2.16 8.30
C ARG A 104 0.43 3.36 8.48
N SER A 105 -0.07 4.39 9.16
CA SER A 105 0.71 5.59 9.39
C SER A 105 1.84 5.32 10.39
N GLU A 106 1.57 4.47 11.38
CA GLU A 106 2.55 4.12 12.39
C GLU A 106 3.65 3.24 11.79
N ASN A 107 3.33 2.54 10.72
CA ASN A 107 4.28 1.67 10.06
C ASN A 107 5.34 2.47 9.31
N LEU A 108 4.90 3.54 8.66
CA LEU A 108 5.81 4.39 7.90
C LEU A 108 6.72 5.18 8.83
N LYS A 109 6.11 5.87 9.80
CA LYS A 109 6.87 6.67 10.76
C LYS A 109 7.93 5.81 11.46
N ILE A 110 7.59 4.55 11.70
CA ILE A 110 8.53 3.63 12.36
C ILE A 110 9.53 3.07 11.36
N HIS A 111 9.12 2.96 10.10
CA HIS A 111 9.99 2.44 9.06
C HIS A 111 10.93 3.52 8.53
N LYS A 112 10.54 4.79 8.72
CA LYS A 112 11.34 5.91 8.27
C LYS A 112 12.55 6.12 9.19
N ARG A 113 12.38 5.75 10.46
CA ARG A 113 13.44 5.90 11.44
C ARG A 113 14.51 4.82 11.26
N THR A 114 14.11 3.70 10.66
CA THR A 114 15.03 2.59 10.43
C THR A 114 15.96 2.89 9.25
N HIS A 115 15.81 4.08 8.68
CA HIS A 115 16.64 4.49 7.54
C HIS A 115 17.88 5.25 8.02
N THR A 116 18.42 4.83 9.16
CA THR A 116 19.60 5.47 9.74
C THR A 116 19.22 6.67 10.58
N GLY A 117 19.46 6.57 11.89
CA GLY A 117 19.14 7.66 12.79
C GLY A 117 19.58 9.00 12.27
N GLU A 118 20.63 9.00 11.44
CA GLU A 118 21.16 10.23 10.87
C GLU A 118 20.58 10.47 9.47
N LYS A 119 20.62 11.73 9.04
CA LYS A 119 20.09 12.10 7.73
C LYS A 119 21.16 11.97 6.66
N PRO A 120 20.75 11.56 5.45
CA PRO A 120 21.67 11.39 4.31
C PRO A 120 22.19 12.73 3.79
N PHE A 121 21.43 13.79 4.02
CA PHE A 121 21.82 15.12 3.57
C PHE A 121 21.62 16.14 4.68
N LYS A 122 22.68 16.43 5.42
CA LYS A 122 22.62 17.40 6.51
C LYS A 122 23.47 18.63 6.20
N CYS A 123 22.93 19.80 6.51
CA CYS A 123 23.63 21.05 6.26
C CYS A 123 25.10 20.94 6.67
N GLU A 124 26.00 21.10 5.71
CA GLU A 124 27.43 21.03 5.98
C GLU A 124 27.92 22.28 6.67
N PHE A 125 27.02 23.25 6.86
CA PHE A 125 27.37 24.50 7.52
C PHE A 125 27.59 24.30 9.01
N GLU A 126 28.72 24.81 9.51
CA GLU A 126 29.05 24.69 10.92
C GLU A 126 28.14 25.57 11.78
N GLY A 127 27.71 25.04 12.92
CA GLY A 127 26.84 25.78 13.81
C GLY A 127 25.42 25.87 13.29
N CYS A 128 25.07 24.99 12.35
CA CYS A 128 23.74 24.97 11.78
C CYS A 128 23.06 23.63 12.03
N ASP A 129 21.75 23.66 12.25
CA ASP A 129 20.97 22.45 12.49
C ASP A 129 19.87 22.28 11.45
N ARG A 130 20.06 21.36 10.53
CA ARG A 130 19.08 21.10 9.48
C ARG A 130 19.14 19.65 9.02
N ARG A 131 18.20 19.27 8.16
CA ARG A 131 18.14 17.91 7.64
C ARG A 131 17.51 17.87 6.26
N PHE A 132 18.03 17.01 5.39
CA PHE A 132 17.51 16.88 4.03
C PHE A 132 17.65 15.45 3.53
N ALA A 133 16.94 15.13 2.46
CA ALA A 133 16.98 13.80 1.88
C ALA A 133 17.65 13.82 0.51
N ASN A 134 17.65 14.98 -0.12
CA ASN A 134 18.26 15.14 -1.44
C ASN A 134 19.28 16.28 -1.44
N SER A 135 20.46 16.01 -2.00
CA SER A 135 21.51 17.01 -2.06
C SER A 135 20.96 18.36 -2.48
N SER A 136 20.24 18.38 -3.60
CA SER A 136 19.65 19.61 -4.12
C SER A 136 19.10 20.47 -2.98
N ASP A 137 18.22 19.88 -2.17
CA ASP A 137 17.63 20.58 -1.05
C ASP A 137 18.70 21.21 -0.16
N ARG A 138 19.65 20.37 0.28
CA ARG A 138 20.73 20.84 1.14
C ARG A 138 21.46 22.01 0.50
N LYS A 139 21.80 21.87 -0.78
CA LYS A 139 22.51 22.92 -1.51
C LYS A 139 21.62 24.14 -1.70
N LYS A 140 20.31 23.95 -1.55
CA LYS A 140 19.36 25.03 -1.70
C LYS A 140 19.22 25.83 -0.41
N HIS A 141 19.65 25.23 0.70
CA HIS A 141 19.59 25.88 2.00
C HIS A 141 20.83 26.74 2.25
N MET A 142 21.72 26.75 1.27
CA MET A 142 22.96 27.52 1.39
C MET A 142 22.74 28.95 0.88
N HIS A 143 21.71 29.14 0.06
CA HIS A 143 21.40 30.46 -0.48
C HIS A 143 21.23 31.48 0.63
N VAL A 144 20.94 31.00 1.84
CA VAL A 144 20.75 31.88 2.99
C VAL A 144 22.01 31.94 3.84
N HIS A 145 22.95 31.04 3.58
CA HIS A 145 24.20 30.99 4.31
C HIS A 145 25.22 31.98 3.74
N THR A 146 24.94 32.46 2.52
CA THR A 146 25.83 33.40 1.86
C THR A 146 25.60 34.82 2.37
N SER A 147 24.35 35.15 2.65
CA SER A 147 24.00 36.48 3.15
C SER A 147 22.83 36.41 4.13
N ASP A 148 23.11 36.71 5.39
CA ASP A 148 22.07 36.68 6.43
C ASP A 148 20.96 37.68 6.11
N LYS A 149 20.06 37.29 5.21
CA LYS A 149 18.95 38.14 4.83
C LYS A 149 17.75 37.31 4.38
N SER A 150 16.63 37.50 5.07
CA SER A 150 15.41 36.76 4.74
C SER A 150 15.21 36.67 3.23
N GLY A 151 15.41 35.48 2.68
CA GLY A 151 15.25 35.29 1.25
C GLY A 151 14.14 34.31 0.93
N PRO A 152 13.54 34.46 -0.27
CA PRO A 152 12.46 33.59 -0.73
C PRO A 152 12.93 32.17 -1.04
N SER A 153 12.73 31.27 -0.09
CA SER A 153 13.14 29.88 -0.25
C SER A 153 11.95 28.95 -0.13
N SER A 154 11.86 27.99 -1.05
CA SER A 154 10.75 27.03 -1.06
C SER A 154 11.20 25.68 -0.50
N GLY A 155 10.32 25.03 0.25
CA GLY A 155 10.65 23.74 0.83
C GLY A 155 9.85 23.45 2.08
ZN ZN B . -11.39 -13.21 1.63
ZN ZN C . -0.53 -12.00 2.57
ZN ZN D . 11.66 3.73 3.36
ZN ZN E . 22.39 25.59 7.32
N GLY A 1 -10.83 7.24 10.00
CA GLY A 1 -10.99 8.63 10.41
C GLY A 1 -12.14 8.82 11.37
N SER A 2 -11.94 9.67 12.37
CA SER A 2 -12.98 9.93 13.37
C SER A 2 -13.52 11.35 13.22
N SER A 3 -14.85 11.47 13.14
CA SER A 3 -15.50 12.76 13.00
C SER A 3 -17.00 12.64 13.16
N GLY A 4 -17.68 13.77 13.33
CA GLY A 4 -19.12 13.77 13.49
C GLY A 4 -19.80 14.90 12.73
N SER A 5 -19.72 14.84 11.41
CA SER A 5 -20.34 15.87 10.57
C SER A 5 -21.02 15.24 9.36
N SER A 6 -22.09 15.89 8.89
CA SER A 6 -22.83 15.40 7.74
C SER A 6 -21.91 15.22 6.54
N GLY A 7 -22.51 14.85 5.40
CA GLY A 7 -21.73 14.65 4.20
C GLY A 7 -20.85 13.43 4.26
N GLN A 8 -21.23 12.38 3.54
CA GLN A 8 -20.46 11.14 3.53
C GLN A 8 -19.68 11.00 2.22
N PRO A 9 -18.56 10.26 2.29
CA PRO A 9 -17.70 10.03 1.12
C PRO A 9 -18.36 9.12 0.09
N ILE A 10 -17.56 8.65 -0.87
CA ILE A 10 -18.07 7.78 -1.92
C ILE A 10 -17.84 6.30 -1.56
N LYS A 11 -18.82 5.47 -1.86
CA LYS A 11 -18.73 4.04 -1.58
C LYS A 11 -18.03 3.31 -2.71
N GLN A 12 -16.84 2.77 -2.41
CA GLN A 12 -16.07 2.03 -3.41
C GLN A 12 -16.04 0.55 -3.09
N GLU A 13 -16.21 -0.29 -4.11
CA GLU A 13 -16.20 -1.73 -3.92
C GLU A 13 -14.78 -2.26 -3.88
N LEU A 14 -14.47 -3.06 -2.86
CA LEU A 14 -13.14 -3.63 -2.70
C LEU A 14 -13.16 -5.13 -2.99
N SER A 15 -12.00 -5.67 -3.35
CA SER A 15 -11.87 -7.09 -3.65
C SER A 15 -10.79 -7.74 -2.79
N CYS A 16 -11.04 -8.98 -2.37
CA CYS A 16 -10.09 -9.72 -1.55
C CYS A 16 -9.82 -11.09 -2.13
N LYS A 17 -8.70 -11.23 -2.82
CA LYS A 17 -8.32 -12.51 -3.44
C LYS A 17 -7.41 -13.30 -2.51
N TRP A 18 -7.99 -14.25 -1.78
CA TRP A 18 -7.22 -15.08 -0.86
C TRP A 18 -7.06 -16.50 -1.41
N ILE A 19 -5.81 -16.94 -1.54
CA ILE A 19 -5.52 -18.27 -2.06
C ILE A 19 -4.77 -19.10 -1.02
N ASP A 20 -5.42 -20.13 -0.51
CA ASP A 20 -4.81 -21.01 0.48
C ASP A 20 -4.08 -22.16 -0.20
N GLU A 21 -2.86 -22.43 0.26
CA GLU A 21 -2.05 -23.51 -0.30
C GLU A 21 -2.73 -24.86 -0.09
N ALA A 22 -3.53 -24.97 0.96
CA ALA A 22 -4.24 -26.20 1.26
C ALA A 22 -5.69 -26.12 0.80
N GLN A 23 -5.95 -25.28 -0.20
CA GLN A 23 -7.29 -25.12 -0.73
C GLN A 23 -7.79 -26.41 -1.35
N LEU A 24 -8.95 -26.86 -0.92
CA LEU A 24 -9.54 -28.10 -1.44
C LEU A 24 -10.31 -27.84 -2.73
N SER A 25 -10.10 -26.65 -3.29
CA SER A 25 -10.78 -26.28 -4.53
C SER A 25 -9.77 -25.99 -5.64
N ARG A 26 -9.87 -26.74 -6.73
CA ARG A 26 -8.96 -26.59 -7.86
C ARG A 26 -9.73 -26.31 -9.15
N PRO A 27 -9.13 -25.53 -10.06
CA PRO A 27 -7.78 -24.96 -9.83
C PRO A 27 -7.78 -23.89 -8.75
N LYS A 28 -6.68 -23.79 -8.03
CA LYS A 28 -6.54 -22.81 -6.96
C LYS A 28 -7.29 -21.53 -7.32
N LYS A 29 -8.41 -21.29 -6.64
CA LYS A 29 -9.22 -20.11 -6.87
C LYS A 29 -9.04 -19.09 -5.75
N SER A 30 -9.77 -17.98 -5.84
CA SER A 30 -9.68 -16.94 -4.83
C SER A 30 -11.00 -16.81 -4.06
N CYS A 31 -10.91 -16.42 -2.80
CA CYS A 31 -12.09 -16.26 -1.95
C CYS A 31 -13.10 -15.33 -2.62
N ASP A 32 -14.35 -15.42 -2.18
CA ASP A 32 -15.42 -14.57 -2.71
C ASP A 32 -16.00 -13.68 -1.63
N ARG A 33 -15.87 -12.37 -1.83
CA ARG A 33 -16.40 -11.40 -0.86
C ARG A 33 -16.25 -9.98 -1.39
N THR A 34 -17.11 -9.08 -0.92
CA THR A 34 -17.08 -7.69 -1.34
C THR A 34 -17.34 -6.75 -0.17
N PHE A 35 -16.88 -5.51 -0.30
CA PHE A 35 -17.05 -4.51 0.75
C PHE A 35 -17.13 -3.11 0.16
N SER A 36 -17.79 -2.20 0.87
CA SER A 36 -17.93 -0.83 0.42
C SER A 36 -16.88 0.07 1.06
N THR A 37 -16.48 -0.27 2.28
CA THR A 37 -15.48 0.51 2.99
C THR A 37 -14.23 -0.33 3.27
N MET A 38 -13.14 0.34 3.60
CA MET A 38 -11.87 -0.34 3.89
C MET A 38 -12.01 -1.23 5.13
N HIS A 39 -12.41 -0.61 6.23
CA HIS A 39 -12.57 -1.35 7.49
C HIS A 39 -13.29 -2.68 7.25
N GLU A 40 -14.37 -2.64 6.49
CA GLU A 40 -15.14 -3.84 6.18
C GLU A 40 -14.24 -4.92 5.57
N LEU A 41 -13.39 -4.51 4.63
CA LEU A 41 -12.49 -5.43 3.97
C LEU A 41 -11.51 -6.06 4.97
N VAL A 42 -10.89 -5.21 5.79
CA VAL A 42 -9.93 -5.68 6.79
C VAL A 42 -10.58 -6.70 7.72
N THR A 43 -11.72 -6.35 8.29
CA THR A 43 -12.43 -7.23 9.20
C THR A 43 -12.61 -8.62 8.58
N HIS A 44 -12.61 -8.67 7.26
CA HIS A 44 -12.77 -9.93 6.55
C HIS A 44 -11.44 -10.67 6.43
N VAL A 45 -10.49 -10.05 5.74
CA VAL A 45 -9.18 -10.65 5.55
C VAL A 45 -8.54 -11.01 6.89
N THR A 46 -9.02 -10.36 7.95
CA THR A 46 -8.49 -10.62 9.30
C THR A 46 -9.32 -11.68 10.01
N MET A 47 -10.62 -11.44 10.12
CA MET A 47 -11.52 -12.37 10.78
C MET A 47 -12.05 -13.41 9.80
N GLU A 48 -12.55 -12.94 8.66
CA GLU A 48 -13.08 -13.83 7.63
C GLU A 48 -11.97 -14.61 6.95
N HIS A 49 -10.75 -14.42 7.43
CA HIS A 49 -9.59 -15.11 6.87
C HIS A 49 -8.60 -15.49 7.96
N VAL A 50 -7.88 -14.51 8.48
CA VAL A 50 -6.90 -14.73 9.54
C VAL A 50 -7.58 -15.12 10.85
N GLY A 51 -8.91 -15.11 10.85
CA GLY A 51 -9.66 -15.46 12.03
C GLY A 51 -9.51 -14.42 13.14
N GLY A 52 -9.83 -14.81 14.36
CA GLY A 52 -9.73 -13.89 15.48
C GLY A 52 -8.40 -14.00 16.20
N PRO A 53 -8.36 -13.56 17.47
CA PRO A 53 -7.14 -13.60 18.28
C PRO A 53 -6.75 -15.03 18.66
N GLU A 54 -7.70 -15.79 19.17
CA GLU A 54 -7.46 -17.16 19.58
C GLU A 54 -6.77 -17.95 18.46
N GLN A 55 -6.97 -17.48 17.23
CA GLN A 55 -6.38 -18.14 16.06
C GLN A 55 -4.88 -18.40 16.29
N ASN A 56 -4.55 -19.65 16.59
CA ASN A 56 -3.15 -20.02 16.82
C ASN A 56 -2.31 -19.74 15.58
N ASN A 57 -2.44 -20.60 14.57
CA ASN A 57 -1.69 -20.45 13.34
C ASN A 57 -2.34 -19.42 12.42
N HIS A 58 -1.82 -18.20 12.44
CA HIS A 58 -2.35 -17.12 11.61
C HIS A 58 -1.40 -16.82 10.45
N VAL A 59 -1.82 -17.19 9.24
CA VAL A 59 -1.01 -16.96 8.05
C VAL A 59 -1.87 -16.42 6.90
N CYS A 60 -1.32 -15.48 6.15
CA CYS A 60 -2.02 -14.89 5.02
C CYS A 60 -1.37 -15.28 3.70
N TYR A 61 -2.09 -16.05 2.89
CA TYR A 61 -1.59 -16.50 1.61
C TYR A 61 -2.37 -15.86 0.47
N TRP A 62 -1.81 -14.79 -0.09
CA TRP A 62 -2.46 -14.08 -1.20
C TRP A 62 -2.00 -14.64 -2.54
N GLU A 63 -2.91 -14.63 -3.52
CA GLU A 63 -2.58 -15.14 -4.85
C GLU A 63 -1.15 -14.77 -5.24
N GLU A 64 -0.66 -13.69 -4.66
CA GLU A 64 0.70 -13.23 -4.96
C GLU A 64 1.32 -12.55 -3.74
N CYS A 65 1.22 -13.20 -2.59
CA CYS A 65 1.77 -12.66 -1.35
C CYS A 65 3.24 -13.00 -1.22
N PRO A 66 4.05 -12.00 -0.80
CA PRO A 66 5.49 -12.17 -0.63
C PRO A 66 5.83 -13.07 0.56
N ARG A 67 4.91 -13.14 1.51
CA ARG A 67 5.12 -13.97 2.70
C ARG A 67 5.14 -15.45 2.34
N GLU A 68 4.34 -15.81 1.34
CA GLU A 68 4.26 -17.21 0.90
C GLU A 68 3.96 -18.13 2.07
N GLY A 69 3.38 -17.57 3.14
CA GLY A 69 3.06 -18.37 4.30
C GLY A 69 3.86 -17.96 5.52
N LYS A 70 5.02 -17.35 5.28
CA LYS A 70 5.89 -16.91 6.37
C LYS A 70 5.10 -16.12 7.41
N SER A 71 4.67 -16.80 8.47
CA SER A 71 3.91 -16.17 9.53
C SER A 71 4.70 -15.03 10.16
N PHE A 72 4.14 -14.44 11.21
CA PHE A 72 4.79 -13.33 11.91
C PHE A 72 5.04 -13.68 13.37
N LYS A 73 5.91 -12.92 14.02
CA LYS A 73 6.24 -13.15 15.42
C LYS A 73 5.13 -12.63 16.34
N ALA A 74 4.20 -11.87 15.76
CA ALA A 74 3.10 -11.32 16.52
C ALA A 74 1.86 -11.15 15.64
N LYS A 75 0.74 -10.81 16.27
CA LYS A 75 -0.52 -10.62 15.54
C LYS A 75 -0.51 -9.30 14.77
N TYR A 76 -0.23 -8.21 15.48
CA TYR A 76 -0.18 -6.89 14.87
C TYR A 76 0.77 -6.87 13.67
N LYS A 77 1.80 -7.70 13.75
CA LYS A 77 2.79 -7.78 12.68
C LYS A 77 2.15 -8.31 11.39
N LEU A 78 1.28 -9.30 11.53
CA LEU A 78 0.60 -9.89 10.38
C LEU A 78 -0.54 -9.01 9.91
N VAL A 79 -1.45 -8.68 10.83
CA VAL A 79 -2.59 -7.82 10.51
C VAL A 79 -2.17 -6.63 9.66
N ASN A 80 -1.10 -5.96 10.08
CA ASN A 80 -0.59 -4.80 9.37
C ASN A 80 -0.11 -5.19 7.97
N HIS A 81 0.50 -6.37 7.86
CA HIS A 81 1.01 -6.86 6.59
C HIS A 81 -0.14 -7.04 5.59
N ILE A 82 -1.31 -7.41 6.09
CA ILE A 82 -2.48 -7.62 5.25
C ILE A 82 -2.90 -6.32 4.57
N ARG A 83 -2.66 -5.20 5.25
CA ARG A 83 -3.02 -3.89 4.71
C ARG A 83 -2.29 -3.62 3.40
N VAL A 84 -1.25 -4.42 3.14
CA VAL A 84 -0.46 -4.26 1.91
C VAL A 84 -1.13 -4.97 0.74
N HIS A 85 -2.14 -5.78 1.04
CA HIS A 85 -2.87 -6.52 0.01
C HIS A 85 -4.14 -5.77 -0.39
N THR A 86 -4.50 -4.76 0.39
CA THR A 86 -5.69 -3.97 0.11
C THR A 86 -5.44 -2.97 -1.02
N GLY A 87 -4.73 -1.89 -0.71
CA GLY A 87 -4.44 -0.88 -1.71
C GLY A 87 -3.57 -1.42 -2.83
N GLU A 88 -3.20 -2.69 -2.74
CA GLU A 88 -2.37 -3.33 -3.75
C GLU A 88 -3.11 -3.45 -5.08
N LYS A 89 -2.37 -3.39 -6.18
CA LYS A 89 -2.97 -3.49 -7.51
C LYS A 89 -2.88 -4.92 -8.03
N PRO A 90 -3.73 -5.24 -9.02
CA PRO A 90 -3.78 -6.57 -9.63
C PRO A 90 -2.54 -6.87 -10.46
N PHE A 91 -2.20 -5.97 -11.37
CA PHE A 91 -1.04 -6.15 -12.23
C PHE A 91 -0.55 -4.80 -12.76
N PRO A 92 0.79 -4.63 -12.78
CA PRO A 92 1.41 -3.39 -13.26
C PRO A 92 1.26 -3.22 -14.77
N CYS A 93 2.08 -2.32 -15.33
CA CYS A 93 2.03 -2.06 -16.76
C CYS A 93 3.00 -2.97 -17.51
N PRO A 94 2.54 -3.56 -18.61
CA PRO A 94 3.34 -4.47 -19.44
C PRO A 94 4.45 -3.72 -20.20
N PHE A 95 4.52 -2.41 -19.98
CA PHE A 95 5.53 -1.59 -20.65
C PHE A 95 6.76 -1.43 -19.76
N PRO A 96 7.94 -1.73 -20.32
CA PRO A 96 9.21 -1.61 -19.60
C PRO A 96 9.60 -0.17 -19.32
N GLY A 97 9.87 0.14 -18.06
CA GLY A 97 10.25 1.49 -17.69
C GLY A 97 9.05 2.37 -17.39
N CYS A 98 7.86 1.83 -17.60
CA CYS A 98 6.63 2.57 -17.36
C CYS A 98 6.26 2.54 -15.88
N GLY A 99 6.69 1.48 -15.19
CA GLY A 99 6.39 1.35 -13.78
C GLY A 99 5.01 1.87 -13.43
N LYS A 100 4.10 1.80 -14.38
CA LYS A 100 2.73 2.27 -14.16
C LYS A 100 1.80 1.12 -13.83
N ILE A 101 0.80 1.38 -12.99
CA ILE A 101 -0.15 0.36 -12.59
C ILE A 101 -1.56 0.93 -12.48
N PHE A 102 -2.56 0.10 -12.77
CA PHE A 102 -3.95 0.53 -12.70
C PHE A 102 -4.80 -0.47 -11.91
N ALA A 103 -5.46 0.01 -10.87
CA ALA A 103 -6.30 -0.84 -10.04
C ALA A 103 -7.45 -1.43 -10.85
N ARG A 104 -7.69 -0.88 -12.03
CA ARG A 104 -8.75 -1.35 -12.89
C ARG A 104 -8.19 -2.06 -14.12
N SER A 105 -8.71 -3.24 -14.41
CA SER A 105 -8.25 -4.02 -15.56
C SER A 105 -8.54 -3.28 -16.87
N GLU A 106 -9.70 -2.65 -16.94
CA GLU A 106 -10.09 -1.90 -18.13
C GLU A 106 -9.14 -0.73 -18.37
N ASN A 107 -8.62 -0.17 -17.29
CA ASN A 107 -7.72 0.96 -17.38
C ASN A 107 -6.39 0.55 -18.00
N LEU A 108 -5.94 -0.66 -17.67
CA LEU A 108 -4.68 -1.18 -18.20
C LEU A 108 -4.78 -1.40 -19.69
N LYS A 109 -5.81 -2.11 -20.12
CA LYS A 109 -6.02 -2.40 -21.54
C LYS A 109 -6.06 -1.11 -22.35
N ILE A 110 -6.87 -0.16 -21.91
CA ILE A 110 -6.99 1.12 -22.59
C ILE A 110 -5.67 1.89 -22.56
N HIS A 111 -4.84 1.61 -21.57
CA HIS A 111 -3.56 2.27 -21.43
C HIS A 111 -2.51 1.62 -22.31
N LYS A 112 -2.65 0.32 -22.52
CA LYS A 112 -1.72 -0.44 -23.36
C LYS A 112 -1.93 -0.12 -24.83
N ARG A 113 -3.19 0.08 -25.22
CA ARG A 113 -3.53 0.39 -26.60
C ARG A 113 -2.81 1.67 -27.06
N THR A 114 -2.69 2.63 -26.15
CA THR A 114 -2.02 3.89 -26.46
C THR A 114 -0.51 3.70 -26.58
N HIS A 115 0.00 2.65 -25.94
CA HIS A 115 1.43 2.37 -25.98
C HIS A 115 1.86 1.89 -27.37
N THR A 116 0.88 1.69 -28.25
CA THR A 116 1.15 1.23 -29.60
C THR A 116 2.18 0.11 -29.61
N GLY A 117 2.20 -0.68 -28.54
CA GLY A 117 3.13 -1.77 -28.44
C GLY A 117 4.50 -1.43 -29.00
N GLU A 118 5.06 -0.30 -28.56
CA GLU A 118 6.36 0.14 -29.03
C GLU A 118 7.34 0.28 -27.87
N LYS A 119 8.51 -0.35 -28.02
CA LYS A 119 9.53 -0.30 -26.98
C LYS A 119 10.59 0.75 -27.32
N PRO A 120 11.10 1.43 -26.28
CA PRO A 120 12.13 2.46 -26.44
C PRO A 120 13.48 1.88 -26.85
N PHE A 121 13.88 0.79 -26.20
CA PHE A 121 15.14 0.13 -26.49
C PHE A 121 14.94 -1.35 -26.76
N LYS A 122 15.49 -1.83 -27.87
CA LYS A 122 15.37 -3.24 -28.24
C LYS A 122 16.75 -3.88 -28.40
N CYS A 123 16.95 -5.02 -27.77
CA CYS A 123 18.22 -5.73 -27.85
C CYS A 123 18.77 -5.69 -29.27
N GLU A 124 20.02 -5.27 -29.40
CA GLU A 124 20.66 -5.18 -30.70
C GLU A 124 21.17 -6.55 -31.15
N PHE A 125 21.08 -7.53 -30.25
CA PHE A 125 21.52 -8.89 -30.56
C PHE A 125 20.58 -9.55 -31.55
N GLU A 126 21.13 -9.97 -32.68
CA GLU A 126 20.34 -10.63 -33.72
C GLU A 126 19.75 -11.95 -33.20
N GLY A 127 18.50 -12.21 -33.58
CA GLY A 127 17.84 -13.44 -33.14
C GLY A 127 17.54 -13.44 -31.66
N CYS A 128 17.48 -12.24 -31.07
CA CYS A 128 17.20 -12.11 -29.64
C CYS A 128 15.92 -11.30 -29.41
N ASP A 129 15.11 -11.75 -28.47
CA ASP A 129 13.86 -11.08 -28.15
C ASP A 129 13.87 -10.56 -26.72
N ARG A 130 14.02 -9.25 -26.57
CA ARG A 130 14.05 -8.63 -25.24
C ARG A 130 13.55 -7.19 -25.32
N ARG A 131 13.44 -6.55 -24.15
CA ARG A 131 12.96 -5.18 -24.07
C ARG A 131 13.69 -4.41 -22.98
N PHE A 132 14.05 -3.17 -23.27
CA PHE A 132 14.77 -2.33 -22.32
C PHE A 132 14.21 -0.90 -22.34
N ALA A 133 14.36 -0.20 -21.21
CA ALA A 133 13.88 1.16 -21.09
C ALA A 133 15.03 2.13 -20.84
N ASN A 134 16.22 1.58 -20.60
CA ASN A 134 17.40 2.39 -20.34
C ASN A 134 18.62 1.82 -21.07
N SER A 135 19.33 2.69 -21.78
CA SER A 135 20.51 2.28 -22.52
C SER A 135 21.48 1.52 -21.63
N SER A 136 21.38 1.75 -20.33
CA SER A 136 22.24 1.08 -19.36
C SER A 136 21.83 -0.39 -19.18
N ASP A 137 20.54 -0.61 -19.04
CA ASP A 137 20.00 -1.96 -18.86
C ASP A 137 20.28 -2.82 -20.09
N ARG A 138 20.13 -2.23 -21.27
CA ARG A 138 20.36 -2.94 -22.52
C ARG A 138 21.79 -3.47 -22.59
N LYS A 139 22.75 -2.57 -22.47
CA LYS A 139 24.17 -2.95 -22.52
C LYS A 139 24.49 -3.94 -21.43
N LYS A 140 23.65 -4.00 -20.41
CA LYS A 140 23.85 -4.92 -19.30
C LYS A 140 23.36 -6.33 -19.65
N HIS A 141 22.50 -6.41 -20.67
CA HIS A 141 21.96 -7.69 -21.10
C HIS A 141 22.91 -8.38 -22.07
N MET A 142 24.03 -7.71 -22.38
CA MET A 142 25.02 -8.26 -23.30
C MET A 142 26.03 -9.13 -22.54
N HIS A 143 26.16 -8.88 -21.24
CA HIS A 143 27.09 -9.63 -20.41
C HIS A 143 26.84 -11.13 -20.54
N VAL A 144 25.63 -11.48 -20.95
CA VAL A 144 25.26 -12.90 -21.11
C VAL A 144 25.37 -13.34 -22.56
N HIS A 145 25.48 -12.36 -23.47
CA HIS A 145 25.60 -12.65 -24.89
C HIS A 145 27.02 -13.04 -25.25
N THR A 146 27.99 -12.56 -24.46
CA THR A 146 29.39 -12.87 -24.70
C THR A 146 29.73 -14.28 -24.26
N SER A 147 29.03 -15.25 -24.84
CA SER A 147 29.26 -16.66 -24.51
C SER A 147 29.57 -16.83 -23.03
N ASP A 148 28.78 -16.17 -22.18
CA ASP A 148 28.97 -16.24 -20.75
C ASP A 148 27.65 -16.44 -20.02
N LYS A 149 27.71 -16.76 -18.73
CA LYS A 149 26.51 -16.99 -17.94
C LYS A 149 26.61 -16.27 -16.60
N SER A 150 25.53 -15.63 -16.19
CA SER A 150 25.49 -14.90 -14.92
C SER A 150 24.35 -15.39 -14.04
N GLY A 151 24.33 -14.94 -12.79
CA GLY A 151 23.29 -15.34 -11.87
C GLY A 151 22.71 -14.18 -11.10
N PRO A 152 21.84 -14.48 -10.13
CA PRO A 152 21.19 -13.46 -9.30
C PRO A 152 22.17 -12.78 -8.34
N SER A 153 21.71 -11.70 -7.71
CA SER A 153 22.54 -10.96 -6.77
C SER A 153 21.80 -10.69 -5.47
N SER A 154 21.87 -11.63 -4.54
CA SER A 154 21.19 -11.49 -3.26
C SER A 154 22.19 -11.11 -2.16
N GLY A 155 23.24 -11.90 -2.01
CA GLY A 155 24.25 -11.63 -1.00
C GLY A 155 24.50 -10.14 -0.83
ZN ZN B . -11.03 -12.95 1.50
ZN ZN C . 0.15 -11.70 2.91
ZN ZN D . 2.29 1.95 -19.45
ZN ZN E . 19.69 -10.06 -26.24
N GLY A 1 -6.17 16.20 0.91
CA GLY A 1 -7.28 15.99 -0.01
C GLY A 1 -8.28 17.12 0.02
N SER A 2 -7.78 18.35 0.14
CA SER A 2 -8.65 19.52 0.18
C SER A 2 -8.60 20.29 -1.13
N SER A 3 -7.38 20.58 -1.59
CA SER A 3 -7.20 21.32 -2.84
C SER A 3 -8.07 20.75 -3.95
N GLY A 4 -8.10 19.42 -4.04
CA GLY A 4 -8.90 18.77 -5.06
C GLY A 4 -10.35 19.21 -5.03
N SER A 5 -11.20 18.51 -5.79
CA SER A 5 -12.62 18.85 -5.86
C SER A 5 -13.35 18.29 -4.65
N SER A 6 -14.59 18.77 -4.44
CA SER A 6 -15.39 18.32 -3.31
C SER A 6 -16.87 18.30 -3.69
N GLY A 7 -17.47 17.10 -3.68
CA GLY A 7 -18.87 16.97 -4.02
C GLY A 7 -19.59 15.98 -3.14
N GLN A 8 -20.36 15.09 -3.75
CA GLN A 8 -21.11 14.08 -3.00
C GLN A 8 -20.26 12.84 -2.76
N PRO A 9 -20.50 12.16 -1.63
CA PRO A 9 -19.77 10.95 -1.26
C PRO A 9 -20.11 9.76 -2.16
N ILE A 10 -19.08 9.13 -2.70
CA ILE A 10 -19.27 7.98 -3.58
C ILE A 10 -18.82 6.69 -2.91
N LYS A 11 -19.59 5.62 -3.12
CA LYS A 11 -19.27 4.33 -2.53
C LYS A 11 -18.38 3.51 -3.46
N GLN A 12 -17.24 3.08 -2.95
CA GLN A 12 -16.30 2.29 -3.74
C GLN A 12 -16.28 0.84 -3.28
N GLU A 13 -16.28 -0.10 -4.22
CA GLU A 13 -16.27 -1.51 -3.91
C GLU A 13 -14.83 -2.03 -3.78
N LEU A 14 -14.58 -2.79 -2.72
CA LEU A 14 -13.25 -3.34 -2.48
C LEU A 14 -13.18 -4.79 -2.95
N SER A 15 -11.95 -5.30 -3.09
CA SER A 15 -11.74 -6.67 -3.54
C SER A 15 -10.71 -7.38 -2.65
N CYS A 16 -10.89 -8.68 -2.47
CA CYS A 16 -9.99 -9.47 -1.65
C CYS A 16 -9.79 -10.87 -2.24
N LYS A 17 -8.63 -11.08 -2.84
CA LYS A 17 -8.32 -12.38 -3.44
C LYS A 17 -7.43 -13.21 -2.52
N TRP A 18 -8.04 -14.13 -1.79
CA TRP A 18 -7.31 -14.99 -0.86
C TRP A 18 -7.22 -16.41 -1.41
N ILE A 19 -5.99 -16.91 -1.54
CA ILE A 19 -5.76 -18.26 -2.05
C ILE A 19 -4.98 -19.09 -1.05
N ASP A 20 -5.63 -20.10 -0.47
CA ASP A 20 -4.99 -20.98 0.50
C ASP A 20 -4.32 -22.15 -0.19
N GLU A 21 -3.12 -22.50 0.26
CA GLU A 21 -2.38 -23.61 -0.31
C GLU A 21 -2.91 -24.95 0.18
N ALA A 22 -3.51 -24.94 1.37
CA ALA A 22 -4.07 -26.15 1.95
C ALA A 22 -5.47 -26.41 1.42
N GLN A 23 -5.82 -25.73 0.34
CA GLN A 23 -7.14 -25.90 -0.27
C GLN A 23 -7.18 -27.15 -1.14
N LEU A 24 -8.38 -27.69 -1.32
CA LEU A 24 -8.57 -28.90 -2.12
C LEU A 24 -9.25 -28.56 -3.45
N SER A 25 -9.62 -27.30 -3.62
CA SER A 25 -10.28 -26.85 -4.84
C SER A 25 -9.26 -26.52 -5.92
N ARG A 26 -9.45 -27.07 -7.11
CA ARG A 26 -8.55 -26.84 -8.23
C ARG A 26 -9.32 -26.63 -9.52
N PRO A 27 -8.86 -25.67 -10.34
CA PRO A 27 -7.68 -24.86 -10.03
C PRO A 27 -7.93 -23.89 -8.88
N LYS A 28 -6.94 -23.76 -8.00
CA LYS A 28 -7.05 -22.86 -6.86
C LYS A 28 -7.86 -21.63 -7.21
N LYS A 29 -8.83 -21.29 -6.37
CA LYS A 29 -9.67 -20.12 -6.59
C LYS A 29 -9.44 -19.06 -5.51
N SER A 30 -10.11 -17.93 -5.66
CA SER A 30 -9.97 -16.83 -4.70
C SER A 30 -11.26 -16.64 -3.91
N CYS A 31 -11.12 -16.21 -2.66
CA CYS A 31 -12.28 -15.99 -1.79
C CYS A 31 -13.31 -15.10 -2.49
N ASP A 32 -14.57 -15.52 -2.45
CA ASP A 32 -15.65 -14.77 -3.08
C ASP A 32 -16.33 -13.86 -2.06
N ARG A 33 -16.13 -12.56 -2.21
CA ARG A 33 -16.73 -11.59 -1.30
C ARG A 33 -16.40 -10.17 -1.73
N THR A 34 -17.14 -9.21 -1.19
CA THR A 34 -16.93 -7.80 -1.52
C THR A 34 -17.38 -6.89 -0.38
N PHE A 35 -17.01 -5.62 -0.47
CA PHE A 35 -17.37 -4.65 0.56
C PHE A 35 -17.46 -3.24 -0.02
N SER A 36 -17.97 -2.30 0.76
CA SER A 36 -18.11 -0.92 0.33
C SER A 36 -17.28 0.01 1.19
N THR A 37 -16.88 -0.47 2.37
CA THR A 37 -16.08 0.32 3.29
C THR A 37 -14.75 -0.36 3.58
N MET A 38 -13.78 0.42 4.04
CA MET A 38 -12.46 -0.11 4.37
C MET A 38 -12.54 -1.12 5.51
N HIS A 39 -13.10 -0.68 6.64
CA HIS A 39 -13.23 -1.54 7.81
C HIS A 39 -13.76 -2.91 7.42
N GLU A 40 -14.66 -2.93 6.43
CA GLU A 40 -15.25 -4.19 5.96
C GLU A 40 -14.17 -5.13 5.42
N LEU A 41 -13.29 -4.58 4.59
CA LEU A 41 -12.21 -5.37 4.01
C LEU A 41 -11.27 -5.89 5.09
N VAL A 42 -10.71 -4.97 5.87
CA VAL A 42 -9.79 -5.33 6.94
C VAL A 42 -10.43 -6.35 7.89
N THR A 43 -11.61 -6.03 8.38
CA THR A 43 -12.32 -6.92 9.30
C THR A 43 -12.52 -8.30 8.68
N HIS A 44 -12.55 -8.35 7.36
CA HIS A 44 -12.73 -9.62 6.65
C HIS A 44 -11.39 -10.34 6.51
N VAL A 45 -10.46 -9.72 5.79
CA VAL A 45 -9.15 -10.33 5.58
C VAL A 45 -8.49 -10.69 6.90
N THR A 46 -8.94 -10.05 7.97
CA THR A 46 -8.39 -10.30 9.30
C THR A 46 -9.20 -11.37 10.04
N MET A 47 -10.51 -11.12 10.17
CA MET A 47 -11.39 -12.06 10.85
C MET A 47 -11.93 -13.10 9.87
N GLU A 48 -12.46 -12.62 8.75
CA GLU A 48 -13.02 -13.51 7.74
C GLU A 48 -11.91 -14.29 7.03
N HIS A 49 -10.68 -14.11 7.49
CA HIS A 49 -9.53 -14.78 6.90
C HIS A 49 -8.52 -15.17 7.97
N VAL A 50 -7.80 -14.18 8.49
CA VAL A 50 -6.79 -14.42 9.51
C VAL A 50 -7.45 -14.81 10.84
N GLY A 51 -8.78 -14.80 10.85
CA GLY A 51 -9.51 -15.14 12.07
C GLY A 51 -9.35 -14.11 13.16
N GLY A 52 -9.69 -14.48 14.38
CA GLY A 52 -9.57 -13.56 15.50
C GLY A 52 -8.32 -13.80 16.32
N PRO A 53 -8.32 -13.33 17.57
CA PRO A 53 -7.18 -13.48 18.48
C PRO A 53 -6.97 -14.92 18.91
N GLU A 54 -8.01 -15.73 18.78
CA GLU A 54 -7.94 -17.14 19.17
C GLU A 54 -6.93 -17.89 18.29
N GLN A 55 -7.21 -17.94 16.99
CA GLN A 55 -6.33 -18.62 16.05
C GLN A 55 -4.87 -18.45 16.44
N ASN A 56 -4.19 -19.56 16.70
CA ASN A 56 -2.79 -19.53 17.09
C ASN A 56 -1.90 -19.24 15.88
N ASN A 57 -1.75 -20.23 15.01
CA ASN A 57 -0.93 -20.08 13.81
C ASN A 57 -1.68 -19.33 12.72
N HIS A 58 -1.46 -18.02 12.66
CA HIS A 58 -2.11 -17.18 11.66
C HIS A 58 -1.21 -16.96 10.45
N VAL A 59 -1.74 -17.22 9.26
CA VAL A 59 -0.98 -17.05 8.03
C VAL A 59 -1.86 -16.49 6.91
N CYS A 60 -1.31 -15.53 6.17
CA CYS A 60 -2.04 -14.91 5.08
C CYS A 60 -1.42 -15.28 3.73
N TYR A 61 -2.18 -16.00 2.91
CA TYR A 61 -1.70 -16.41 1.60
C TYR A 61 -2.48 -15.72 0.49
N TRP A 62 -1.91 -14.65 -0.05
CA TRP A 62 -2.56 -13.89 -1.10
C TRP A 62 -2.13 -14.41 -2.47
N GLU A 63 -3.04 -14.36 -3.44
CA GLU A 63 -2.77 -14.82 -4.79
C GLU A 63 -1.32 -14.51 -5.19
N GLU A 64 -0.77 -13.46 -4.59
CA GLU A 64 0.60 -13.05 -4.89
C GLU A 64 1.26 -12.45 -3.66
N CYS A 65 1.14 -13.14 -2.53
CA CYS A 65 1.73 -12.68 -1.28
C CYS A 65 3.18 -13.14 -1.15
N PRO A 66 4.05 -12.23 -0.71
CA PRO A 66 5.48 -12.52 -0.54
C PRO A 66 5.74 -13.46 0.63
N ARG A 67 4.82 -13.47 1.60
CA ARG A 67 4.96 -14.33 2.76
C ARG A 67 4.85 -15.80 2.37
N GLU A 68 4.26 -16.06 1.21
CA GLU A 68 4.08 -17.42 0.72
C GLU A 68 3.83 -18.38 1.87
N GLY A 69 3.17 -17.89 2.91
CA GLY A 69 2.87 -18.72 4.06
C GLY A 69 3.84 -18.51 5.20
N LYS A 70 4.36 -17.29 5.30
CA LYS A 70 5.32 -16.95 6.36
C LYS A 70 4.63 -16.24 7.52
N SER A 71 4.26 -17.02 8.53
CA SER A 71 3.59 -16.46 9.71
C SER A 71 4.48 -15.46 10.42
N PHE A 72 3.87 -14.64 11.29
CA PHE A 72 4.61 -13.64 12.04
C PHE A 72 4.71 -14.02 13.51
N LYS A 73 5.66 -13.41 14.21
CA LYS A 73 5.86 -13.69 15.62
C LYS A 73 4.83 -12.95 16.47
N ALA A 74 3.88 -12.30 15.82
CA ALA A 74 2.83 -11.56 16.51
C ALA A 74 1.67 -11.25 15.58
N LYS A 75 0.51 -10.99 16.16
CA LYS A 75 -0.69 -10.68 15.38
C LYS A 75 -0.55 -9.33 14.68
N TYR A 76 -0.36 -8.28 15.47
CA TYR A 76 -0.21 -6.93 14.92
C TYR A 76 0.85 -6.91 13.84
N LYS A 77 1.71 -7.92 13.83
CA LYS A 77 2.79 -8.01 12.84
C LYS A 77 2.26 -8.54 11.52
N LEU A 78 1.37 -9.53 11.60
CA LEU A 78 0.79 -10.12 10.40
C LEU A 78 -0.33 -9.24 9.85
N VAL A 79 -1.09 -8.62 10.74
CA VAL A 79 -2.19 -7.76 10.35
C VAL A 79 -1.69 -6.59 9.51
N ASN A 80 -0.78 -5.80 10.08
CA ASN A 80 -0.22 -4.65 9.38
C ASN A 80 0.34 -5.05 8.02
N HIS A 81 0.76 -6.31 7.91
CA HIS A 81 1.30 -6.83 6.65
C HIS A 81 0.23 -6.90 5.58
N ILE A 82 -0.99 -7.27 5.98
CA ILE A 82 -2.10 -7.37 5.06
C ILE A 82 -2.40 -6.04 4.40
N ARG A 83 -2.05 -4.95 5.08
CA ARG A 83 -2.29 -3.61 4.56
C ARG A 83 -1.77 -3.48 3.13
N VAL A 84 -0.62 -4.09 2.87
CA VAL A 84 -0.01 -4.04 1.55
C VAL A 84 -0.90 -4.73 0.52
N HIS A 85 -1.73 -5.66 0.99
CA HIS A 85 -2.64 -6.39 0.11
C HIS A 85 -3.86 -5.56 -0.23
N THR A 86 -3.91 -4.34 0.29
CA THR A 86 -5.03 -3.44 0.06
C THR A 86 -4.56 -2.07 -0.41
N GLY A 87 -3.74 -1.43 0.41
CA GLY A 87 -3.22 -0.12 0.05
C GLY A 87 -4.33 0.90 -0.19
N GLU A 88 -5.49 0.65 0.38
CA GLU A 88 -6.63 1.53 0.22
C GLU A 88 -6.91 2.31 1.51
N LYS A 89 -7.08 3.61 1.39
CA LYS A 89 -7.35 4.46 2.54
C LYS A 89 -8.46 5.46 2.24
N PRO A 90 -9.18 5.89 3.29
CA PRO A 90 -10.28 6.84 3.15
C PRO A 90 -9.79 8.25 2.78
N PHE A 91 -8.82 8.75 3.55
CA PHE A 91 -8.26 10.07 3.30
C PHE A 91 -6.85 10.18 3.86
N PRO A 92 -5.98 10.89 3.13
CA PRO A 92 -4.58 11.08 3.53
C PRO A 92 -4.45 12.00 4.75
N CYS A 93 -3.24 12.49 4.98
CA CYS A 93 -2.98 13.38 6.11
C CYS A 93 -3.18 14.84 5.71
N PRO A 94 -3.87 15.60 6.58
CA PRO A 94 -4.14 17.01 6.35
C PRO A 94 -2.88 17.87 6.44
N PHE A 95 -1.74 17.23 6.68
CA PHE A 95 -0.48 17.93 6.77
C PHE A 95 0.27 17.91 5.44
N PRO A 96 0.77 19.08 5.03
CA PRO A 96 1.50 19.24 3.77
C PRO A 96 2.87 18.56 3.82
N GLY A 97 3.67 18.91 4.82
CA GLY A 97 4.99 18.32 4.96
C GLY A 97 4.96 17.00 5.67
N CYS A 98 3.99 16.16 5.33
CA CYS A 98 3.85 14.84 5.95
C CYS A 98 3.64 13.76 4.89
N GLY A 99 2.57 13.91 4.12
CA GLY A 99 2.28 12.93 3.08
C GLY A 99 1.97 11.56 3.65
N LYS A 100 1.48 11.52 4.87
CA LYS A 100 1.16 10.25 5.52
C LYS A 100 -0.32 9.91 5.33
N ILE A 101 -0.62 8.61 5.32
CA ILE A 101 -1.99 8.15 5.14
C ILE A 101 -2.30 6.96 6.05
N PHE A 102 -3.57 6.78 6.38
CA PHE A 102 -3.98 5.67 7.24
C PHE A 102 -5.26 5.03 6.71
N ALA A 103 -5.27 3.69 6.68
CA ALA A 103 -6.42 2.95 6.19
C ALA A 103 -7.57 3.02 7.19
N ARG A 104 -7.35 3.72 8.29
CA ARG A 104 -8.38 3.86 9.31
C ARG A 104 -8.65 5.33 9.62
N SER A 105 -9.93 5.71 9.63
CA SER A 105 -10.31 7.09 9.91
C SER A 105 -9.87 7.51 11.31
N GLU A 106 -10.14 6.66 12.29
CA GLU A 106 -9.77 6.95 13.67
C GLU A 106 -8.25 7.11 13.80
N ASN A 107 -7.51 6.42 12.95
CA ASN A 107 -6.06 6.49 12.97
C ASN A 107 -5.57 7.88 12.59
N LEU A 108 -6.07 8.39 11.48
CA LEU A 108 -5.69 9.72 11.00
C LEU A 108 -5.93 10.77 12.09
N LYS A 109 -7.15 10.81 12.60
CA LYS A 109 -7.52 11.78 13.63
C LYS A 109 -6.54 11.70 14.80
N ILE A 110 -6.27 10.49 15.27
CA ILE A 110 -5.35 10.29 16.38
C ILE A 110 -3.94 10.73 16.00
N HIS A 111 -3.64 10.70 14.71
CA HIS A 111 -2.32 11.10 14.22
C HIS A 111 -2.21 12.62 14.14
N LYS A 112 -3.24 13.26 13.63
CA LYS A 112 -3.26 14.71 13.50
C LYS A 112 -3.03 15.38 14.86
N ARG A 113 -3.49 14.72 15.91
CA ARG A 113 -3.34 15.26 17.27
C ARG A 113 -1.94 14.96 17.82
N THR A 114 -1.32 13.92 17.28
CA THR A 114 0.02 13.53 17.72
C THR A 114 1.08 14.01 16.73
N HIS A 115 0.64 14.53 15.59
CA HIS A 115 1.54 15.02 14.56
C HIS A 115 1.14 16.42 14.11
N THR A 116 -0.15 16.60 13.87
CA THR A 116 -0.68 17.89 13.42
C THR A 116 -1.20 18.71 14.60
N GLY A 117 -0.28 19.13 15.47
CA GLY A 117 -0.67 19.92 16.63
C GLY A 117 0.00 21.28 16.65
N GLU A 118 1.31 21.30 16.45
CA GLU A 118 2.07 22.55 16.45
C GLU A 118 2.33 23.02 15.03
N LYS A 119 2.57 24.33 14.88
CA LYS A 119 2.84 24.91 13.57
C LYS A 119 4.33 24.90 13.27
N PRO A 120 4.68 24.69 12.00
CA PRO A 120 6.08 24.66 11.54
C PRO A 120 6.73 26.03 11.59
N PHE A 121 5.98 27.06 11.18
CA PHE A 121 6.49 28.43 11.18
C PHE A 121 5.65 29.32 12.09
N LYS A 122 6.21 29.68 13.24
CA LYS A 122 5.52 30.53 14.19
C LYS A 122 6.24 31.87 14.36
N CYS A 123 5.48 32.95 14.38
CA CYS A 123 6.05 34.28 14.54
C CYS A 123 7.20 34.27 15.55
N GLU A 124 8.42 34.46 15.07
CA GLU A 124 9.59 34.47 15.94
C GLU A 124 9.56 35.67 16.88
N PHE A 125 8.64 36.59 16.62
CA PHE A 125 8.51 37.79 17.45
C PHE A 125 7.89 37.44 18.81
N GLU A 126 8.62 37.76 19.88
CA GLU A 126 8.15 37.49 21.23
C GLU A 126 6.87 38.26 21.53
N GLY A 127 6.05 37.72 22.43
CA GLY A 127 4.81 38.36 22.79
C GLY A 127 3.82 38.40 21.65
N CYS A 128 4.15 37.70 20.56
CA CYS A 128 3.29 37.66 19.38
C CYS A 128 2.73 36.26 19.17
N ASP A 129 1.48 36.19 18.72
CA ASP A 129 0.82 34.91 18.47
C ASP A 129 0.31 34.83 17.04
N ARG A 130 0.98 34.02 16.22
CA ARG A 130 0.60 33.85 14.82
C ARG A 130 0.83 32.42 14.36
N ARG A 131 0.57 32.16 13.08
CA ARG A 131 0.75 30.83 12.52
C ARG A 131 1.10 30.91 11.04
N PHE A 132 2.20 30.26 10.66
CA PHE A 132 2.66 30.25 9.28
C PHE A 132 3.09 28.86 8.85
N ALA A 133 3.15 28.63 7.54
CA ALA A 133 3.55 27.34 7.00
C ALA A 133 4.80 27.48 6.13
N ASN A 134 5.16 28.71 5.82
CA ASN A 134 6.33 28.98 4.98
C ASN A 134 7.13 30.17 5.53
N SER A 135 8.45 30.02 5.56
CA SER A 135 9.32 31.08 6.06
C SER A 135 9.00 32.40 5.38
N SER A 136 8.49 32.32 4.16
CA SER A 136 8.15 33.53 3.39
C SER A 136 6.99 34.27 4.04
N ASP A 137 5.89 33.57 4.25
CA ASP A 137 4.71 34.16 4.86
C ASP A 137 5.04 34.75 6.23
N ARG A 138 5.83 34.02 7.00
CA ARG A 138 6.24 34.47 8.33
C ARG A 138 7.01 35.79 8.25
N LYS A 139 7.99 35.84 7.36
CA LYS A 139 8.79 37.03 7.18
C LYS A 139 7.96 38.20 6.66
N LYS A 140 6.78 37.87 6.12
CA LYS A 140 5.88 38.89 5.58
C LYS A 140 5.09 39.56 6.71
N HIS A 141 5.00 38.88 7.84
CA HIS A 141 4.28 39.41 9.00
C HIS A 141 5.20 40.26 9.88
N MET A 142 6.47 40.33 9.50
CA MET A 142 7.45 41.11 10.24
C MET A 142 7.47 42.56 9.77
N HIS A 143 6.98 42.79 8.55
CA HIS A 143 6.95 44.13 7.98
C HIS A 143 6.18 45.09 8.89
N VAL A 144 5.36 44.53 9.77
CA VAL A 144 4.57 45.34 10.69
C VAL A 144 5.22 45.38 12.07
N HIS A 145 6.16 44.47 12.30
CA HIS A 145 6.86 44.41 13.58
C HIS A 145 7.92 45.51 13.67
N THR A 146 8.64 45.72 12.57
CA THR A 146 9.68 46.74 12.53
C THR A 146 9.12 48.11 12.88
N SER A 147 10.01 49.01 13.30
CA SER A 147 9.60 50.37 13.67
C SER A 147 9.14 51.15 12.44
N ASP A 148 7.84 51.27 12.28
CA ASP A 148 7.26 52.00 11.15
C ASP A 148 5.77 52.24 11.35
N LYS A 149 5.34 53.48 11.09
CA LYS A 149 3.94 53.85 11.25
C LYS A 149 3.11 53.32 10.08
N SER A 150 2.53 52.14 10.26
CA SER A 150 1.70 51.53 9.23
C SER A 150 0.33 51.15 9.78
N GLY A 151 -0.51 50.58 8.92
CA GLY A 151 -1.84 50.18 9.33
C GLY A 151 -2.92 50.85 8.51
N PRO A 152 -3.20 50.31 7.32
CA PRO A 152 -4.22 50.86 6.42
C PRO A 152 -5.64 50.63 6.94
N SER A 153 -5.77 49.70 7.88
CA SER A 153 -7.06 49.39 8.47
C SER A 153 -6.90 48.59 9.76
N SER A 154 -8.00 48.44 10.50
CA SER A 154 -7.97 47.72 11.76
C SER A 154 -8.78 46.42 11.66
N GLY A 155 -8.22 45.34 12.19
CA GLY A 155 -8.90 44.06 12.15
C GLY A 155 -8.88 43.35 13.49
ZN ZN B . -11.11 -12.56 1.52
ZN ZN C . 0.11 -11.71 3.00
ZN ZN D . 0.67 13.80 9.25
ZN ZN E . 4.21 38.66 14.94
N GLY A 1 -44.04 12.12 -8.62
CA GLY A 1 -42.88 11.63 -9.36
C GLY A 1 -41.65 11.47 -8.48
N SER A 2 -40.77 10.55 -8.86
CA SER A 2 -39.55 10.30 -8.10
C SER A 2 -38.32 10.38 -8.99
N SER A 3 -38.13 11.56 -9.60
CA SER A 3 -37.00 11.77 -10.49
C SER A 3 -36.09 12.87 -9.94
N GLY A 4 -35.63 12.70 -8.70
CA GLY A 4 -34.76 13.69 -8.09
C GLY A 4 -33.29 13.40 -8.33
N SER A 5 -32.45 13.83 -7.40
CA SER A 5 -31.01 13.61 -7.52
C SER A 5 -30.47 12.87 -6.31
N SER A 6 -29.64 11.86 -6.56
CA SER A 6 -29.06 11.06 -5.49
C SER A 6 -27.78 11.70 -4.96
N GLY A 7 -27.77 12.00 -3.66
CA GLY A 7 -26.60 12.61 -3.06
C GLY A 7 -25.80 11.64 -2.22
N GLN A 8 -25.37 10.55 -2.83
CA GLN A 8 -24.59 9.53 -2.14
C GLN A 8 -23.09 9.76 -2.33
N PRO A 9 -22.30 9.44 -1.29
CA PRO A 9 -20.85 9.60 -1.33
C PRO A 9 -20.17 8.61 -2.27
N ILE A 10 -18.85 8.51 -2.17
CA ILE A 10 -18.09 7.60 -3.02
C ILE A 10 -17.59 6.40 -2.22
N LYS A 11 -17.87 5.20 -2.72
CA LYS A 11 -17.44 3.97 -2.06
C LYS A 11 -16.33 3.28 -2.84
N GLN A 12 -15.30 2.81 -2.14
CA GLN A 12 -14.19 2.13 -2.79
C GLN A 12 -14.38 0.62 -2.73
N GLU A 13 -14.44 0.00 -3.91
CA GLU A 13 -14.62 -1.44 -4.01
C GLU A 13 -13.30 -2.17 -3.84
N LEU A 14 -13.29 -3.19 -2.98
CA LEU A 14 -12.08 -3.96 -2.72
C LEU A 14 -12.33 -5.44 -2.95
N SER A 15 -11.26 -6.19 -3.17
CA SER A 15 -11.36 -7.64 -3.40
C SER A 15 -10.33 -8.40 -2.57
N CYS A 16 -10.80 -9.39 -1.82
CA CYS A 16 -9.92 -10.19 -0.98
C CYS A 16 -9.60 -11.52 -1.66
N LYS A 17 -8.50 -11.55 -2.41
CA LYS A 17 -8.08 -12.76 -3.10
C LYS A 17 -7.32 -13.70 -2.16
N TRP A 18 -8.02 -14.69 -1.63
CA TRP A 18 -7.42 -15.66 -0.72
C TRP A 18 -7.22 -17.01 -1.41
N ILE A 19 -5.97 -17.44 -1.50
CA ILE A 19 -5.64 -18.71 -2.14
C ILE A 19 -4.93 -19.64 -1.16
N ASP A 20 -5.67 -20.58 -0.59
CA ASP A 20 -5.11 -21.54 0.35
C ASP A 20 -4.21 -22.54 -0.36
N GLU A 21 -2.99 -22.70 0.16
CA GLU A 21 -2.03 -23.63 -0.43
C GLU A 21 -2.46 -25.07 -0.21
N ALA A 22 -3.18 -25.31 0.89
CA ALA A 22 -3.65 -26.65 1.21
C ALA A 22 -5.14 -26.78 0.95
N GLN A 23 -5.62 -26.07 -0.07
CA GLN A 23 -7.04 -26.10 -0.43
C GLN A 23 -7.38 -27.38 -1.19
N LEU A 24 -8.33 -28.15 -0.65
CA LEU A 24 -8.76 -29.39 -1.28
C LEU A 24 -9.62 -29.12 -2.51
N SER A 25 -9.79 -27.85 -2.84
CA SER A 25 -10.60 -27.45 -3.99
C SER A 25 -9.71 -26.95 -5.12
N ARG A 26 -9.95 -27.46 -6.33
CA ARG A 26 -9.17 -27.06 -7.49
C ARG A 26 -10.09 -26.80 -8.68
N PRO A 27 -9.60 -25.97 -9.63
CA PRO A 27 -8.28 -25.36 -9.54
C PRO A 27 -8.20 -24.30 -8.43
N LYS A 28 -7.00 -24.07 -7.93
CA LYS A 28 -6.79 -23.07 -6.88
C LYS A 28 -7.47 -21.76 -7.22
N LYS A 29 -8.54 -21.44 -6.49
CA LYS A 29 -9.28 -20.20 -6.72
C LYS A 29 -8.98 -19.18 -5.63
N SER A 30 -9.50 -17.97 -5.81
CA SER A 30 -9.29 -16.90 -4.84
C SER A 30 -10.61 -16.46 -4.22
N CYS A 31 -10.62 -16.26 -2.90
CA CYS A 31 -11.82 -15.83 -2.19
C CYS A 31 -12.50 -14.69 -2.94
N ASP A 32 -13.77 -14.90 -3.29
CA ASP A 32 -14.54 -13.88 -4.00
C ASP A 32 -15.40 -13.09 -3.04
N ARG A 33 -15.26 -11.76 -3.08
CA ARG A 33 -16.03 -10.89 -2.20
C ARG A 33 -15.71 -9.42 -2.49
N THR A 34 -16.60 -8.53 -2.04
CA THR A 34 -16.41 -7.10 -2.26
C THR A 34 -16.75 -6.31 -1.00
N PHE A 35 -16.24 -5.09 -0.91
CA PHE A 35 -16.50 -4.23 0.23
C PHE A 35 -16.63 -2.77 -0.19
N SER A 36 -17.47 -2.02 0.52
CA SER A 36 -17.70 -0.62 0.21
C SER A 36 -16.61 0.26 0.84
N THR A 37 -15.98 -0.27 1.87
CA THR A 37 -14.92 0.46 2.56
C THR A 37 -13.75 -0.46 2.93
N MET A 38 -12.67 0.13 3.40
CA MET A 38 -11.48 -0.64 3.79
C MET A 38 -11.76 -1.46 5.05
N HIS A 39 -12.18 -0.77 6.11
CA HIS A 39 -12.47 -1.43 7.37
C HIS A 39 -13.34 -2.68 7.15
N GLU A 40 -14.26 -2.59 6.20
CA GLU A 40 -15.14 -3.70 5.89
C GLU A 40 -14.36 -4.89 5.34
N LEU A 41 -13.31 -4.59 4.58
CA LEU A 41 -12.47 -5.63 4.00
C LEU A 41 -11.51 -6.22 5.04
N VAL A 42 -10.80 -5.34 5.73
CA VAL A 42 -9.85 -5.76 6.75
C VAL A 42 -10.51 -6.71 7.76
N THR A 43 -11.60 -6.25 8.36
CA THR A 43 -12.33 -7.06 9.34
C THR A 43 -12.56 -8.48 8.83
N HIS A 44 -12.69 -8.61 7.51
CA HIS A 44 -12.91 -9.91 6.89
C HIS A 44 -11.59 -10.68 6.76
N VAL A 45 -10.66 -10.13 5.98
CA VAL A 45 -9.37 -10.76 5.77
C VAL A 45 -8.68 -11.04 7.10
N THR A 46 -9.08 -10.33 8.14
CA THR A 46 -8.51 -10.50 9.47
C THR A 46 -9.31 -11.50 10.30
N MET A 47 -10.61 -11.22 10.45
CA MET A 47 -11.48 -12.10 11.22
C MET A 47 -12.08 -13.18 10.33
N GLU A 48 -12.63 -12.77 9.18
CA GLU A 48 -13.24 -13.72 8.25
C GLU A 48 -12.17 -14.56 7.56
N HIS A 49 -10.91 -14.37 7.98
CA HIS A 49 -9.80 -15.11 7.41
C HIS A 49 -8.76 -15.46 8.47
N VAL A 50 -8.01 -14.45 8.90
CA VAL A 50 -6.99 -14.64 9.92
C VAL A 50 -7.61 -14.92 11.28
N GLY A 51 -8.94 -14.88 11.33
CA GLY A 51 -9.64 -15.13 12.59
C GLY A 51 -9.13 -14.27 13.72
N GLY A 52 -9.76 -14.38 14.88
CA GLY A 52 -9.35 -13.59 16.03
C GLY A 52 -8.07 -14.12 16.66
N PRO A 53 -7.82 -13.74 17.92
CA PRO A 53 -6.63 -14.16 18.66
C PRO A 53 -6.66 -15.64 19.02
N GLU A 54 -7.86 -16.22 19.01
CA GLU A 54 -8.03 -17.63 19.34
C GLU A 54 -7.26 -18.51 18.36
N GLN A 55 -6.86 -17.92 17.24
CA GLN A 55 -6.11 -18.65 16.22
C GLN A 55 -4.62 -18.62 16.50
N ASN A 56 -4.09 -19.76 16.95
CA ASN A 56 -2.67 -19.86 17.27
C ASN A 56 -1.82 -19.47 16.06
N ASN A 57 -1.76 -20.34 15.06
CA ASN A 57 -0.99 -20.09 13.85
C ASN A 57 -1.82 -19.37 12.81
N HIS A 58 -1.54 -18.07 12.62
CA HIS A 58 -2.27 -17.28 11.64
C HIS A 58 -1.40 -16.97 10.43
N VAL A 59 -1.88 -17.37 9.25
CA VAL A 59 -1.14 -17.16 8.02
C VAL A 59 -2.07 -16.67 6.91
N CYS A 60 -1.62 -15.68 6.15
CA CYS A 60 -2.41 -15.13 5.06
C CYS A 60 -1.86 -15.58 3.71
N TYR A 61 -2.68 -16.32 2.96
CA TYR A 61 -2.28 -16.82 1.66
C TYR A 61 -2.92 -16.01 0.54
N TRP A 62 -2.18 -15.05 0.02
CA TRP A 62 -2.66 -14.20 -1.06
C TRP A 62 -2.35 -14.80 -2.43
N GLU A 63 -3.24 -14.61 -3.39
CA GLU A 63 -3.05 -15.13 -4.73
C GLU A 63 -1.63 -14.87 -5.22
N GLU A 64 -0.96 -13.89 -4.61
CA GLU A 64 0.40 -13.54 -4.98
C GLU A 64 1.09 -12.80 -3.84
N CYS A 65 0.76 -13.17 -2.60
CA CYS A 65 1.35 -12.54 -1.43
C CYS A 65 2.87 -12.45 -1.57
N PRO A 66 3.42 -11.27 -1.24
CA PRO A 66 4.87 -11.02 -1.32
C PRO A 66 5.64 -11.79 -0.26
N ARG A 67 4.95 -12.24 0.77
CA ARG A 67 5.58 -12.99 1.85
C ARG A 67 5.58 -14.48 1.55
N GLU A 68 4.79 -14.87 0.55
CA GLU A 68 4.69 -16.27 0.15
C GLU A 68 4.11 -17.12 1.30
N GLY A 69 3.16 -16.55 2.02
CA GLY A 69 2.55 -17.27 3.13
C GLY A 69 3.56 -17.63 4.20
N LYS A 70 4.13 -16.62 4.84
CA LYS A 70 5.10 -16.84 5.90
C LYS A 70 4.55 -16.41 7.25
N SER A 71 4.78 -17.23 8.27
CA SER A 71 4.29 -16.94 9.62
C SER A 71 4.92 -15.65 10.15
N PHE A 72 4.39 -15.16 11.26
CA PHE A 72 4.89 -13.93 11.87
C PHE A 72 5.34 -14.18 13.30
N LYS A 73 5.80 -13.11 13.96
CA LYS A 73 6.27 -13.22 15.34
C LYS A 73 5.19 -12.75 16.31
N ALA A 74 4.10 -12.22 15.77
CA ALA A 74 3.00 -11.74 16.58
C ALA A 74 1.74 -11.54 15.74
N LYS A 75 0.65 -11.16 16.40
CA LYS A 75 -0.63 -10.95 15.72
C LYS A 75 -0.62 -9.62 14.96
N TYR A 76 -0.40 -8.53 15.70
CA TYR A 76 -0.37 -7.20 15.09
C TYR A 76 0.60 -7.15 13.91
N LYS A 77 1.50 -8.12 13.87
CA LYS A 77 2.49 -8.19 12.79
C LYS A 77 1.83 -8.64 11.48
N LEU A 78 0.89 -9.59 11.60
CA LEU A 78 0.19 -10.09 10.43
C LEU A 78 -0.95 -9.16 10.03
N VAL A 79 -1.72 -8.71 11.02
CA VAL A 79 -2.84 -7.82 10.78
C VAL A 79 -2.40 -6.60 9.97
N ASN A 80 -1.23 -6.05 10.31
CA ASN A 80 -0.70 -4.88 9.63
C ASN A 80 -0.32 -5.22 8.20
N HIS A 81 0.19 -6.44 8.00
CA HIS A 81 0.60 -6.89 6.67
C HIS A 81 -0.58 -6.84 5.70
N ILE A 82 -1.69 -7.47 6.08
CA ILE A 82 -2.88 -7.49 5.25
C ILE A 82 -3.25 -6.09 4.77
N ARG A 83 -2.74 -5.08 5.47
CA ARG A 83 -3.01 -3.69 5.13
C ARG A 83 -2.42 -3.34 3.76
N VAL A 84 -1.28 -3.95 3.45
CA VAL A 84 -0.61 -3.70 2.18
C VAL A 84 -1.38 -4.33 1.02
N HIS A 85 -2.20 -5.32 1.32
CA HIS A 85 -2.99 -6.01 0.31
C HIS A 85 -4.07 -5.08 -0.25
N THR A 86 -4.27 -3.95 0.42
CA THR A 86 -5.28 -2.98 -0.01
C THR A 86 -4.64 -1.78 -0.68
N GLY A 87 -3.56 -1.27 -0.07
CA GLY A 87 -2.88 -0.12 -0.63
C GLY A 87 -3.57 1.19 -0.29
N GLU A 88 -4.40 1.17 0.75
CA GLU A 88 -5.12 2.37 1.17
C GLU A 88 -4.54 2.92 2.47
N LYS A 89 -3.98 4.12 2.39
CA LYS A 89 -3.39 4.77 3.56
C LYS A 89 -4.38 5.73 4.21
N PRO A 90 -4.22 5.96 5.52
CA PRO A 90 -5.10 6.85 6.28
C PRO A 90 -4.87 8.32 5.91
N PHE A 91 -3.98 8.97 6.62
CA PHE A 91 -3.67 10.39 6.36
C PHE A 91 -2.16 10.61 6.29
N PRO A 92 -1.75 11.51 5.39
CA PRO A 92 -0.33 11.85 5.19
C PRO A 92 0.24 12.61 6.38
N CYS A 93 1.44 13.15 6.21
CA CYS A 93 2.12 13.91 7.26
C CYS A 93 1.78 15.40 7.15
N PRO A 94 1.48 16.02 8.31
CA PRO A 94 1.14 17.44 8.37
C PRO A 94 2.35 18.34 8.09
N PHE A 95 3.48 17.72 7.76
CA PHE A 95 4.69 18.46 7.47
C PHE A 95 4.83 18.70 5.97
N PRO A 96 5.17 19.94 5.59
CA PRO A 96 5.34 20.33 4.19
C PRO A 96 6.58 19.71 3.56
N GLY A 97 7.73 19.91 4.21
CA GLY A 97 8.97 19.36 3.70
C GLY A 97 9.15 17.91 4.06
N CYS A 98 8.05 17.15 4.04
CA CYS A 98 8.09 15.74 4.37
C CYS A 98 7.30 14.92 3.36
N GLY A 99 5.98 15.11 3.36
CA GLY A 99 5.13 14.39 2.44
C GLY A 99 5.11 12.90 2.70
N LYS A 100 5.40 12.52 3.95
CA LYS A 100 5.43 11.11 4.33
C LYS A 100 4.05 10.65 4.80
N ILE A 101 3.74 9.38 4.57
CA ILE A 101 2.47 8.82 4.97
C ILE A 101 2.65 7.52 5.76
N PHE A 102 1.72 7.25 6.66
CA PHE A 102 1.79 6.04 7.48
C PHE A 102 0.43 5.34 7.53
N ALA A 103 0.46 4.01 7.45
CA ALA A 103 -0.76 3.22 7.48
C ALA A 103 -1.33 3.14 8.91
N ARG A 104 -0.48 3.44 9.88
CA ARG A 104 -0.89 3.39 11.28
C ARG A 104 -0.95 4.79 11.88
N SER A 105 -2.05 5.11 12.55
CA SER A 105 -2.23 6.42 13.17
C SER A 105 -1.15 6.68 14.21
N GLU A 106 -0.91 5.69 15.06
CA GLU A 106 0.09 5.81 16.11
C GLU A 106 1.47 6.12 15.52
N ASN A 107 1.72 5.60 14.32
CA ASN A 107 3.00 5.84 13.66
C ASN A 107 3.10 7.27 13.16
N LEU A 108 1.96 7.85 12.79
CA LEU A 108 1.92 9.22 12.31
C LEU A 108 2.14 10.21 13.44
N LYS A 109 1.36 10.06 14.52
CA LYS A 109 1.47 10.93 15.67
C LYS A 109 2.89 10.94 16.23
N ILE A 110 3.45 9.74 16.41
CA ILE A 110 4.80 9.61 16.93
C ILE A 110 5.82 10.20 15.97
N HIS A 111 5.56 10.06 14.67
CA HIS A 111 6.46 10.59 13.64
C HIS A 111 6.26 12.09 13.47
N LYS A 112 5.09 12.58 13.88
CA LYS A 112 4.78 14.00 13.76
C LYS A 112 5.46 14.80 14.87
N ARG A 113 5.69 14.15 16.00
CA ARG A 113 6.35 14.81 17.14
C ARG A 113 7.85 14.93 16.89
N THR A 114 8.39 14.01 16.11
CA THR A 114 9.82 14.01 15.81
C THR A 114 10.18 15.16 14.88
N HIS A 115 9.16 15.87 14.40
CA HIS A 115 9.37 17.00 13.49
C HIS A 115 9.65 18.27 14.28
N THR A 116 9.87 18.13 15.58
CA THR A 116 10.16 19.27 16.44
C THR A 116 11.63 19.31 16.83
N GLY A 117 12.37 18.28 16.44
CA GLY A 117 13.79 18.22 16.74
C GLY A 117 14.66 18.66 15.58
N GLU A 118 14.39 18.12 14.41
CA GLU A 118 15.17 18.46 13.21
C GLU A 118 14.55 19.66 12.51
N LYS A 119 15.40 20.63 12.17
CA LYS A 119 14.94 21.84 11.48
C LYS A 119 15.24 21.76 9.99
N PRO A 120 14.32 22.31 9.18
CA PRO A 120 14.46 22.31 7.71
C PRO A 120 15.58 23.23 7.25
N PHE A 121 15.56 24.47 7.73
CA PHE A 121 16.58 25.46 7.36
C PHE A 121 17.90 25.18 8.07
N LYS A 122 18.91 24.81 7.30
CA LYS A 122 20.23 24.52 7.86
C LYS A 122 21.27 25.53 7.36
N CYS A 123 22.08 26.03 8.28
CA CYS A 123 23.12 27.00 7.94
C CYS A 123 23.72 26.68 6.58
N GLU A 124 23.71 27.68 5.70
CA GLU A 124 24.27 27.51 4.36
C GLU A 124 25.78 27.62 4.37
N PHE A 125 26.33 27.96 5.53
CA PHE A 125 27.78 28.10 5.68
C PHE A 125 28.47 26.74 5.67
N GLU A 126 29.40 26.55 4.74
CA GLU A 126 30.13 25.30 4.62
C GLU A 126 30.98 25.05 5.85
N GLY A 127 30.93 23.82 6.37
CA GLY A 127 31.70 23.48 7.55
C GLY A 127 31.01 23.88 8.83
N CYS A 128 29.74 24.23 8.74
CA CYS A 128 28.95 24.63 9.90
C CYS A 128 27.77 23.68 10.12
N ASP A 129 27.44 23.45 11.39
CA ASP A 129 26.35 22.56 11.73
C ASP A 129 25.31 23.29 12.60
N ARG A 130 24.16 23.59 12.00
CA ARG A 130 23.09 24.29 12.72
C ARG A 130 21.73 23.81 12.25
N ARG A 131 20.67 24.38 12.82
CA ARG A 131 19.31 24.02 12.46
C ARG A 131 18.36 25.19 12.67
N PHE A 132 17.46 25.40 11.72
CA PHE A 132 16.49 26.49 11.80
C PHE A 132 15.22 26.15 11.03
N ALA A 133 14.13 26.84 11.35
CA ALA A 133 12.86 26.62 10.69
C ALA A 133 12.41 27.86 9.91
N ASN A 134 13.15 28.95 10.09
CA ASN A 134 12.82 30.20 9.40
C ASN A 134 14.09 30.90 8.93
N SER A 135 14.02 31.52 7.75
CA SER A 135 15.17 32.23 7.20
C SER A 135 15.67 33.31 8.15
N SER A 136 14.74 33.94 8.86
CA SER A 136 15.09 35.00 9.80
C SER A 136 16.09 34.49 10.84
N ASP A 137 15.88 33.25 11.30
CA ASP A 137 16.77 32.65 12.29
C ASP A 137 18.11 32.28 11.66
N ARG A 138 18.04 31.60 10.51
CA ARG A 138 19.24 31.18 9.80
C ARG A 138 20.11 32.38 9.44
N LYS A 139 19.46 33.49 9.10
CA LYS A 139 20.17 34.71 8.73
C LYS A 139 20.76 35.40 9.95
N LYS A 140 20.15 35.15 11.11
CA LYS A 140 20.61 35.75 12.36
C LYS A 140 21.88 35.07 12.85
N HIS A 141 22.15 33.87 12.34
CA HIS A 141 23.33 33.12 12.74
C HIS A 141 24.51 33.47 11.82
N MET A 142 24.26 34.34 10.85
CA MET A 142 25.30 34.75 9.91
C MET A 142 26.08 35.94 10.45
N HIS A 143 25.48 36.66 11.39
CA HIS A 143 26.12 37.83 11.99
C HIS A 143 27.48 37.46 12.57
N VAL A 144 27.67 36.18 12.84
CA VAL A 144 28.93 35.70 13.40
C VAL A 144 29.82 35.10 12.31
N HIS A 145 29.23 34.85 11.15
CA HIS A 145 29.97 34.28 10.03
C HIS A 145 30.73 35.37 9.27
N THR A 146 30.38 36.62 9.52
CA THR A 146 31.03 37.74 8.87
C THR A 146 31.79 38.60 9.87
N SER A 147 32.62 39.51 9.37
CA SER A 147 33.41 40.39 10.22
C SER A 147 32.50 41.25 11.09
N ASP A 148 32.85 41.36 12.37
CA ASP A 148 32.07 42.15 13.31
C ASP A 148 32.95 42.63 14.48
N LYS A 149 32.52 43.72 15.11
CA LYS A 149 33.26 44.28 16.23
C LYS A 149 32.55 44.00 17.55
N SER A 150 31.22 43.93 17.49
CA SER A 150 30.42 43.67 18.67
C SER A 150 28.96 43.45 18.31
N GLY A 151 28.48 42.21 18.47
CA GLY A 151 27.10 41.89 18.15
C GLY A 151 26.69 40.52 18.64
N PRO A 152 26.87 40.29 19.94
CA PRO A 152 26.52 39.01 20.57
C PRO A 152 25.02 38.78 20.63
N SER A 153 24.54 37.84 19.81
CA SER A 153 23.11 37.53 19.77
C SER A 153 22.65 36.92 21.10
N SER A 154 21.62 37.52 21.69
CA SER A 154 21.09 37.04 22.97
C SER A 154 20.63 35.58 22.85
N GLY A 155 21.46 34.67 23.34
CA GLY A 155 21.13 33.26 23.28
C GLY A 155 22.35 32.39 23.07
ZN ZN B . -11.75 -13.43 1.83
ZN ZN C . -0.70 -11.83 2.60
ZN ZN D . 6.75 13.76 8.55
ZN ZN E . 26.81 28.77 10.52
N GLY A 1 -11.42 27.23 11.32
CA GLY A 1 -11.15 25.79 11.31
C GLY A 1 -12.40 24.96 11.21
N SER A 2 -12.34 23.73 11.71
CA SER A 2 -13.49 22.83 11.67
C SER A 2 -13.77 22.37 10.25
N SER A 3 -12.71 22.20 9.47
CA SER A 3 -12.85 21.76 8.08
C SER A 3 -13.93 20.70 7.94
N GLY A 4 -14.80 20.87 6.95
CA GLY A 4 -15.88 19.92 6.73
C GLY A 4 -16.77 20.32 5.57
N SER A 5 -16.16 20.65 4.45
CA SER A 5 -16.90 21.06 3.26
C SER A 5 -18.02 20.07 2.97
N SER A 6 -19.07 20.56 2.31
CA SER A 6 -20.22 19.71 1.98
C SER A 6 -19.97 18.96 0.67
N GLY A 7 -19.66 17.67 0.80
CA GLY A 7 -19.40 16.85 -0.38
C GLY A 7 -20.09 15.50 -0.31
N GLN A 8 -19.84 14.66 -1.30
CA GLN A 8 -20.43 13.33 -1.35
C GLN A 8 -19.38 12.25 -1.11
N PRO A 9 -19.80 11.16 -0.45
CA PRO A 9 -18.90 10.03 -0.14
C PRO A 9 -18.51 9.25 -1.39
N ILE A 10 -17.29 8.71 -1.38
CA ILE A 10 -16.80 7.93 -2.51
C ILE A 10 -17.02 6.44 -2.30
N LYS A 11 -17.89 5.86 -3.11
CA LYS A 11 -18.20 4.44 -3.02
C LYS A 11 -17.18 3.61 -3.79
N GLN A 12 -16.26 2.98 -3.07
CA GLN A 12 -15.24 2.15 -3.68
C GLN A 12 -15.39 0.69 -3.28
N GLU A 13 -15.34 -0.20 -4.26
CA GLU A 13 -15.49 -1.63 -4.01
C GLU A 13 -14.12 -2.29 -3.82
N LEU A 14 -13.98 -3.05 -2.73
CA LEU A 14 -12.73 -3.72 -2.42
C LEU A 14 -12.78 -5.17 -2.90
N SER A 15 -11.62 -5.83 -2.91
CA SER A 15 -11.52 -7.21 -3.34
C SER A 15 -10.43 -7.94 -2.55
N CYS A 16 -10.78 -9.11 -2.02
CA CYS A 16 -9.84 -9.91 -1.25
C CYS A 16 -9.56 -11.25 -1.94
N LYS A 17 -8.42 -11.34 -2.60
CA LYS A 17 -8.04 -12.56 -3.31
C LYS A 17 -7.29 -13.51 -2.38
N TRP A 18 -8.01 -14.50 -1.85
CA TRP A 18 -7.41 -15.48 -0.94
C TRP A 18 -7.25 -16.82 -1.63
N ILE A 19 -6.01 -17.27 -1.77
CA ILE A 19 -5.73 -18.55 -2.41
C ILE A 19 -5.00 -19.49 -1.47
N ASP A 20 -5.76 -20.42 -0.87
CA ASP A 20 -5.18 -21.39 0.06
C ASP A 20 -4.32 -22.41 -0.68
N GLU A 21 -3.14 -22.70 -0.11
CA GLU A 21 -2.22 -23.64 -0.72
C GLU A 21 -2.69 -25.08 -0.47
N ALA A 22 -3.15 -25.34 0.74
CA ALA A 22 -3.63 -26.67 1.12
C ALA A 22 -5.06 -26.89 0.65
N GLN A 23 -5.51 -26.07 -0.29
CA GLN A 23 -6.87 -26.17 -0.82
C GLN A 23 -7.02 -27.42 -1.67
N LEU A 24 -8.15 -28.09 -1.53
CA LEU A 24 -8.43 -29.31 -2.29
C LEU A 24 -9.27 -28.99 -3.53
N SER A 25 -9.50 -27.71 -3.76
CA SER A 25 -10.29 -27.28 -4.91
C SER A 25 -9.39 -27.06 -6.13
N ARG A 26 -9.76 -27.68 -7.25
CA ARG A 26 -9.00 -27.56 -8.48
C ARG A 26 -9.90 -27.18 -9.65
N PRO A 27 -9.49 -26.17 -10.43
CA PRO A 27 -8.23 -25.44 -10.17
C PRO A 27 -8.31 -24.59 -8.92
N LYS A 28 -7.17 -24.01 -8.54
CA LYS A 28 -7.10 -23.15 -7.36
C LYS A 28 -8.03 -21.96 -7.49
N LYS A 29 -9.01 -21.87 -6.60
CA LYS A 29 -9.96 -20.76 -6.61
C LYS A 29 -9.67 -19.78 -5.48
N SER A 30 -10.04 -18.52 -5.71
CA SER A 30 -9.80 -17.47 -4.71
C SER A 30 -11.08 -17.18 -3.93
N CYS A 31 -10.93 -16.51 -2.79
CA CYS A 31 -12.07 -16.16 -1.95
C CYS A 31 -13.04 -15.25 -2.69
N ASP A 32 -14.31 -15.28 -2.29
CA ASP A 32 -15.33 -14.46 -2.90
C ASP A 32 -15.99 -13.54 -1.87
N ARG A 33 -15.75 -12.23 -2.01
CA ARG A 33 -16.32 -11.26 -1.09
C ARG A 33 -16.12 -9.84 -1.61
N THR A 34 -16.91 -8.90 -1.10
CA THR A 34 -16.82 -7.50 -1.51
C THR A 34 -17.14 -6.57 -0.36
N PHE A 35 -16.67 -5.33 -0.46
CA PHE A 35 -16.91 -4.33 0.57
C PHE A 35 -16.93 -2.92 -0.02
N SER A 36 -17.34 -1.96 0.79
CA SER A 36 -17.40 -0.56 0.35
C SER A 36 -16.37 0.29 1.09
N THR A 37 -15.94 -0.18 2.26
CA THR A 37 -14.97 0.53 3.07
C THR A 37 -13.78 -0.35 3.41
N MET A 38 -12.63 0.27 3.66
CA MET A 38 -11.42 -0.48 4.00
C MET A 38 -11.65 -1.34 5.23
N HIS A 39 -12.07 -0.71 6.32
CA HIS A 39 -12.32 -1.42 7.57
C HIS A 39 -13.07 -2.72 7.31
N GLU A 40 -14.07 -2.66 6.44
CA GLU A 40 -14.86 -3.84 6.10
C GLU A 40 -13.97 -4.95 5.54
N LEU A 41 -13.08 -4.57 4.63
CA LEU A 41 -12.17 -5.53 4.00
C LEU A 41 -11.21 -6.11 5.02
N VAL A 42 -10.51 -5.23 5.74
CA VAL A 42 -9.55 -5.66 6.75
C VAL A 42 -10.19 -6.62 7.74
N THR A 43 -11.24 -6.16 8.40
CA THR A 43 -11.94 -6.98 9.38
C THR A 43 -12.25 -8.37 8.82
N HIS A 44 -12.46 -8.44 7.51
CA HIS A 44 -12.76 -9.69 6.85
C HIS A 44 -11.49 -10.51 6.63
N VAL A 45 -10.57 -9.97 5.83
CA VAL A 45 -9.32 -10.64 5.55
C VAL A 45 -8.58 -11.01 6.84
N THR A 46 -8.92 -10.32 7.92
CA THR A 46 -8.29 -10.57 9.21
C THR A 46 -9.10 -11.57 10.03
N MET A 47 -10.38 -11.27 10.22
CA MET A 47 -11.26 -12.14 10.99
C MET A 47 -11.90 -13.19 10.08
N GLU A 48 -12.50 -12.74 8.98
CA GLU A 48 -13.15 -13.65 8.04
C GLU A 48 -12.12 -14.48 7.29
N HIS A 49 -10.85 -14.31 7.65
CA HIS A 49 -9.77 -15.06 7.02
C HIS A 49 -8.71 -15.47 8.04
N VAL A 50 -7.93 -14.49 8.49
CA VAL A 50 -6.88 -14.75 9.47
C VAL A 50 -7.47 -15.06 10.85
N GLY A 51 -8.79 -14.98 10.95
CA GLY A 51 -9.46 -15.26 12.20
C GLY A 51 -9.31 -14.12 13.19
N GLY A 52 -9.88 -14.31 14.39
CA GLY A 52 -9.78 -13.28 15.42
C GLY A 52 -8.60 -13.48 16.34
N PRO A 53 -8.65 -12.84 17.51
CA PRO A 53 -7.58 -12.95 18.51
C PRO A 53 -7.52 -14.32 19.15
N GLU A 54 -8.37 -15.22 18.70
CA GLU A 54 -8.42 -16.58 19.24
C GLU A 54 -7.78 -17.57 18.26
N GLN A 55 -6.62 -17.20 17.73
CA GLN A 55 -5.91 -18.05 16.78
C GLN A 55 -4.41 -18.04 17.07
N ASN A 56 -3.80 -19.22 17.00
CA ASN A 56 -2.37 -19.35 17.25
C ASN A 56 -1.57 -19.15 15.97
N ASN A 57 -1.57 -20.18 15.11
CA ASN A 57 -0.85 -20.11 13.85
C ASN A 57 -1.70 -19.46 12.76
N HIS A 58 -1.47 -18.17 12.52
CA HIS A 58 -2.22 -17.44 11.51
C HIS A 58 -1.35 -17.15 10.30
N VAL A 59 -1.84 -17.55 9.11
CA VAL A 59 -1.10 -17.33 7.88
C VAL A 59 -2.02 -16.81 6.78
N CYS A 60 -1.54 -15.83 6.02
CA CYS A 60 -2.31 -15.24 4.93
C CYS A 60 -1.76 -15.68 3.58
N TYR A 61 -2.59 -16.41 2.83
CA TYR A 61 -2.18 -16.90 1.52
C TYR A 61 -2.82 -16.06 0.41
N TRP A 62 -2.06 -15.10 -0.10
CA TRP A 62 -2.55 -14.23 -1.16
C TRP A 62 -2.22 -14.80 -2.53
N GLU A 63 -3.11 -14.59 -3.49
CA GLU A 63 -2.91 -15.09 -4.85
C GLU A 63 -1.48 -14.84 -5.32
N GLU A 64 -0.82 -13.89 -4.69
CA GLU A 64 0.56 -13.55 -5.03
C GLU A 64 1.25 -12.83 -3.88
N CYS A 65 0.90 -13.20 -2.66
CA CYS A 65 1.48 -12.59 -1.47
C CYS A 65 3.00 -12.48 -1.60
N PRO A 66 3.54 -11.31 -1.25
CA PRO A 66 4.99 -11.06 -1.32
C PRO A 66 5.77 -11.85 -0.28
N ARG A 67 5.10 -12.18 0.82
CA ARG A 67 5.73 -12.93 1.90
C ARG A 67 5.65 -14.43 1.64
N GLU A 68 4.67 -14.83 0.82
CA GLU A 68 4.48 -16.24 0.49
C GLU A 68 3.97 -17.02 1.70
N GLY A 69 3.24 -16.33 2.58
CA GLY A 69 2.71 -16.97 3.76
C GLY A 69 3.78 -17.28 4.79
N LYS A 70 4.42 -16.24 5.30
CA LYS A 70 5.48 -16.41 6.30
C LYS A 70 4.97 -16.05 7.69
N SER A 71 4.69 -17.07 8.50
CA SER A 71 4.20 -16.86 9.85
C SER A 71 4.90 -15.68 10.51
N PHE A 72 4.18 -14.97 11.37
CA PHE A 72 4.73 -13.82 12.07
C PHE A 72 5.07 -14.16 13.51
N LYS A 73 5.50 -13.16 14.27
CA LYS A 73 5.85 -13.35 15.67
C LYS A 73 4.72 -12.92 16.58
N ALA A 74 3.73 -12.23 16.01
CA ALA A 74 2.58 -11.76 16.77
C ALA A 74 1.38 -11.49 15.86
N LYS A 75 0.24 -11.21 16.46
CA LYS A 75 -0.98 -10.93 15.71
C LYS A 75 -0.86 -9.63 14.93
N TYR A 76 -0.61 -8.54 15.65
CA TYR A 76 -0.47 -7.23 15.04
C TYR A 76 0.60 -7.26 13.95
N LYS A 77 1.46 -8.27 13.99
CA LYS A 77 2.52 -8.41 13.00
C LYS A 77 1.96 -8.87 11.66
N LEU A 78 0.98 -9.77 11.70
CA LEU A 78 0.36 -10.29 10.50
C LEU A 78 -0.73 -9.35 9.99
N VAL A 79 -1.53 -8.84 10.92
CA VAL A 79 -2.61 -7.93 10.57
C VAL A 79 -2.10 -6.73 9.78
N ASN A 80 -1.01 -6.14 10.26
CA ASN A 80 -0.42 -4.99 9.60
C ASN A 80 -0.06 -5.31 8.15
N HIS A 81 0.40 -6.54 7.93
CA HIS A 81 0.78 -6.98 6.58
C HIS A 81 -0.43 -6.97 5.65
N ILE A 82 -1.54 -7.52 6.12
CA ILE A 82 -2.76 -7.57 5.33
C ILE A 82 -3.17 -6.17 4.85
N ARG A 83 -2.61 -5.15 5.49
CA ARG A 83 -2.91 -3.78 5.14
C ARG A 83 -2.32 -3.42 3.77
N VAL A 84 -1.17 -4.03 3.46
CA VAL A 84 -0.50 -3.77 2.19
C VAL A 84 -1.26 -4.41 1.03
N HIS A 85 -2.09 -5.40 1.35
CA HIS A 85 -2.88 -6.09 0.33
C HIS A 85 -3.98 -5.19 -0.21
N THR A 86 -4.20 -4.06 0.46
CA THR A 86 -5.23 -3.11 0.05
C THR A 86 -4.61 -1.91 -0.66
N GLY A 87 -3.76 -1.17 0.07
CA GLY A 87 -3.12 0.00 -0.49
C GLY A 87 -3.79 1.29 -0.07
N GLU A 88 -4.43 1.27 1.09
CA GLU A 88 -5.12 2.45 1.61
C GLU A 88 -4.34 3.06 2.78
N LYS A 89 -4.23 4.39 2.78
CA LYS A 89 -3.52 5.10 3.83
C LYS A 89 -4.32 6.31 4.30
N PRO A 90 -4.05 6.75 5.55
CA PRO A 90 -4.73 7.90 6.13
C PRO A 90 -4.32 9.22 5.47
N PHE A 91 -3.02 9.45 5.38
CA PHE A 91 -2.51 10.68 4.77
C PHE A 91 -1.07 10.48 4.28
N PRO A 92 -0.78 11.05 3.10
CA PRO A 92 0.55 10.96 2.50
C PRO A 92 1.61 11.73 3.27
N CYS A 93 2.80 11.85 2.69
CA CYS A 93 3.90 12.57 3.32
C CYS A 93 3.88 14.05 2.92
N PRO A 94 4.08 14.93 3.91
CA PRO A 94 4.10 16.38 3.69
C PRO A 94 5.32 16.83 2.89
N PHE A 95 6.15 15.87 2.49
CA PHE A 95 7.35 16.17 1.73
C PHE A 95 7.09 16.05 0.23
N PRO A 96 7.56 17.04 -0.54
CA PRO A 96 7.39 17.06 -1.99
C PRO A 96 8.23 16.00 -2.69
N GLY A 97 9.54 16.01 -2.42
CA GLY A 97 10.42 15.03 -3.02
C GLY A 97 10.52 13.75 -2.23
N CYS A 98 9.37 13.23 -1.82
CA CYS A 98 9.32 11.99 -1.04
C CYS A 98 8.22 11.07 -1.55
N GLY A 99 7.02 11.63 -1.72
CA GLY A 99 5.90 10.85 -2.19
C GLY A 99 5.69 9.58 -1.39
N LYS A 100 6.09 9.61 -0.12
CA LYS A 100 5.95 8.45 0.76
C LYS A 100 4.67 8.54 1.58
N ILE A 101 4.15 7.39 1.97
CA ILE A 101 2.94 7.33 2.77
C ILE A 101 2.99 6.21 3.80
N PHE A 102 2.16 6.31 4.83
CA PHE A 102 2.13 5.30 5.88
C PHE A 102 0.69 5.09 6.37
N ALA A 103 0.29 3.83 6.46
CA ALA A 103 -1.05 3.48 6.93
C ALA A 103 -1.21 3.77 8.41
N ARG A 104 -0.10 4.05 9.08
CA ARG A 104 -0.11 4.34 10.51
C ARG A 104 0.19 5.81 10.77
N SER A 105 -0.61 6.44 11.62
CA SER A 105 -0.43 7.85 11.95
C SER A 105 0.85 8.05 12.75
N GLU A 106 1.17 7.09 13.60
CA GLU A 106 2.37 7.17 14.44
C GLU A 106 3.62 6.84 13.62
N ASN A 107 3.42 6.16 12.49
CA ASN A 107 4.53 5.78 11.62
C ASN A 107 4.92 6.94 10.72
N LEU A 108 3.91 7.67 10.23
CA LEU A 108 4.15 8.81 9.35
C LEU A 108 4.91 9.91 10.08
N LYS A 109 4.38 10.32 11.23
CA LYS A 109 5.00 11.37 12.03
C LYS A 109 6.45 11.02 12.36
N ILE A 110 6.67 9.80 12.84
CA ILE A 110 8.01 9.35 13.19
C ILE A 110 8.97 9.49 12.00
N HIS A 111 8.43 9.30 10.79
CA HIS A 111 9.23 9.41 9.58
C HIS A 111 9.48 10.88 9.23
N LYS A 112 8.40 11.64 9.11
CA LYS A 112 8.50 13.06 8.78
C LYS A 112 9.59 13.74 9.61
N ARG A 113 9.83 13.22 10.81
CA ARG A 113 10.83 13.78 11.70
C ARG A 113 12.21 13.19 11.39
N THR A 114 12.22 11.96 10.90
CA THR A 114 13.47 11.27 10.56
C THR A 114 13.73 11.32 9.06
N HIS A 115 12.84 11.97 8.32
CA HIS A 115 12.98 12.09 6.88
C HIS A 115 13.02 13.55 6.45
N THR A 116 12.89 14.45 7.42
CA THR A 116 12.91 15.88 7.15
C THR A 116 14.29 16.47 7.42
N GLY A 117 14.97 15.94 8.44
CA GLY A 117 16.28 16.43 8.78
C GLY A 117 17.27 16.33 7.63
N GLU A 118 16.90 15.55 6.62
CA GLU A 118 17.75 15.36 5.44
C GLU A 118 17.31 16.26 4.30
N LYS A 119 18.29 16.86 3.61
CA LYS A 119 18.00 17.75 2.50
C LYS A 119 18.18 17.02 1.17
N PRO A 120 17.42 17.45 0.14
CA PRO A 120 17.47 16.85 -1.19
C PRO A 120 18.79 17.16 -1.91
N PHE A 121 19.19 18.42 -1.87
CA PHE A 121 20.43 18.84 -2.52
C PHE A 121 21.48 19.22 -1.48
N LYS A 122 22.51 18.38 -1.35
CA LYS A 122 23.58 18.62 -0.40
C LYS A 122 24.92 18.82 -1.11
N CYS A 123 25.59 19.91 -0.81
CA CYS A 123 26.89 20.21 -1.42
C CYS A 123 27.69 18.93 -1.65
N GLU A 124 27.97 18.63 -2.91
CA GLU A 124 28.72 17.44 -3.26
C GLU A 124 30.20 17.60 -2.89
N PHE A 125 30.57 18.81 -2.44
CA PHE A 125 31.94 19.10 -2.06
C PHE A 125 32.30 18.41 -0.75
N GLU A 126 33.33 17.57 -0.79
CA GLU A 126 33.78 16.86 0.39
C GLU A 126 34.23 17.82 1.48
N GLY A 127 34.15 17.38 2.73
CA GLY A 127 34.55 18.22 3.84
C GLY A 127 33.73 19.48 3.94
N CYS A 128 32.59 19.50 3.27
CA CYS A 128 31.72 20.67 3.28
C CYS A 128 30.33 20.30 3.81
N ASP A 129 29.73 21.22 4.56
CA ASP A 129 28.40 20.99 5.12
C ASP A 129 27.45 22.12 4.72
N ARG A 130 26.53 21.81 3.80
CA ARG A 130 25.56 22.79 3.33
C ARG A 130 24.21 22.14 3.09
N ARG A 131 23.24 22.94 2.66
CA ARG A 131 21.90 22.44 2.38
C ARG A 131 21.21 23.28 1.31
N PHE A 132 20.74 22.62 0.26
CA PHE A 132 20.07 23.31 -0.84
C PHE A 132 18.78 22.59 -1.21
N ALA A 133 17.91 23.29 -1.94
CA ALA A 133 16.64 22.72 -2.38
C ALA A 133 16.57 22.62 -3.90
N ASN A 134 17.47 23.32 -4.58
CA ASN A 134 17.51 23.31 -6.03
C ASN A 134 18.94 23.22 -6.54
N SER A 135 19.14 22.46 -7.62
CA SER A 135 20.47 22.29 -8.20
C SER A 135 21.16 23.64 -8.38
N SER A 136 20.48 24.56 -9.06
CA SER A 136 21.04 25.89 -9.30
C SER A 136 21.74 26.42 -8.06
N ASP A 137 21.02 26.45 -6.94
CA ASP A 137 21.57 26.94 -5.69
C ASP A 137 22.87 26.20 -5.34
N ARG A 138 22.80 24.87 -5.33
CA ARG A 138 23.95 24.05 -5.02
C ARG A 138 25.14 24.41 -5.92
N LYS A 139 24.87 24.60 -7.20
CA LYS A 139 25.91 24.96 -8.16
C LYS A 139 26.43 26.37 -7.90
N LYS A 140 25.58 27.21 -7.32
CA LYS A 140 25.96 28.59 -7.01
C LYS A 140 26.90 28.63 -5.81
N HIS A 141 26.89 27.57 -5.02
CA HIS A 141 27.74 27.49 -3.84
C HIS A 141 29.13 26.99 -4.19
N MET A 142 29.34 26.68 -5.47
CA MET A 142 30.62 26.19 -5.94
C MET A 142 31.54 27.35 -6.33
N HIS A 143 30.94 28.49 -6.64
CA HIS A 143 31.69 29.67 -7.03
C HIS A 143 32.73 30.03 -5.96
N VAL A 144 32.51 29.54 -4.75
CA VAL A 144 33.43 29.81 -3.64
C VAL A 144 34.37 28.62 -3.41
N HIS A 145 34.02 27.47 -3.99
CA HIS A 145 34.83 26.28 -3.86
C HIS A 145 36.02 26.30 -4.82
N THR A 146 36.10 27.37 -5.61
CA THR A 146 37.18 27.51 -6.58
C THR A 146 38.37 28.25 -5.97
N SER A 147 38.22 29.56 -5.78
CA SER A 147 39.28 30.37 -5.20
C SER A 147 38.87 30.92 -3.84
N ASP A 148 37.92 31.85 -3.85
CA ASP A 148 37.43 32.45 -2.62
C ASP A 148 37.40 31.43 -1.49
N LYS A 149 38.05 31.79 -0.37
CA LYS A 149 38.10 30.90 0.78
C LYS A 149 37.77 31.66 2.06
N SER A 150 37.26 30.94 3.06
CA SER A 150 36.90 31.55 4.33
C SER A 150 36.55 30.49 5.37
N GLY A 151 36.81 30.79 6.63
CA GLY A 151 36.52 29.85 7.70
C GLY A 151 35.31 29.00 7.41
N PRO A 152 35.55 27.79 6.87
CA PRO A 152 34.47 26.84 6.53
C PRO A 152 33.79 26.28 7.77
N SER A 153 34.52 26.20 8.87
CA SER A 153 33.98 25.68 10.12
C SER A 153 33.29 26.78 10.92
N SER A 154 32.03 27.04 10.58
CA SER A 154 31.25 28.07 11.26
C SER A 154 31.34 27.89 12.78
N GLY A 155 30.74 28.84 13.51
CA GLY A 155 30.75 28.76 14.96
C GLY A 155 30.25 27.44 15.48
ZN ZN B . -11.77 -13.08 1.48
ZN ZN C . -0.57 -11.90 2.50
ZN ZN D . 8.63 11.78 3.59
ZN ZN E . 30.26 23.48 -0.10
N GLY A 1 -43.73 17.90 12.44
CA GLY A 1 -42.94 17.89 11.23
C GLY A 1 -42.08 16.65 11.10
N SER A 2 -41.81 16.24 9.87
CA SER A 2 -41.02 15.05 9.61
C SER A 2 -40.23 15.19 8.31
N SER A 3 -38.96 14.82 8.33
CA SER A 3 -38.10 14.91 7.16
C SER A 3 -37.23 13.66 7.02
N GLY A 4 -37.18 13.12 5.82
CA GLY A 4 -36.38 11.93 5.57
C GLY A 4 -36.03 11.75 4.11
N SER A 5 -35.20 12.66 3.58
CA SER A 5 -34.80 12.60 2.18
C SER A 5 -33.34 13.00 2.03
N SER A 6 -32.52 12.05 1.62
CA SER A 6 -31.09 12.29 1.43
C SER A 6 -30.51 11.35 0.38
N GLY A 7 -29.20 11.46 0.16
CA GLY A 7 -28.54 10.61 -0.82
C GLY A 7 -27.19 10.11 -0.34
N GLN A 8 -26.79 8.93 -0.81
CA GLN A 8 -25.51 8.34 -0.42
C GLN A 8 -24.41 8.73 -1.40
N PRO A 9 -23.20 8.94 -0.88
CA PRO A 9 -22.04 9.32 -1.69
C PRO A 9 -21.57 8.18 -2.60
N ILE A 10 -20.35 8.32 -3.13
CA ILE A 10 -19.79 7.30 -4.01
C ILE A 10 -18.99 6.27 -3.20
N LYS A 11 -19.48 5.02 -3.21
CA LYS A 11 -18.82 3.95 -2.50
C LYS A 11 -17.99 3.09 -3.46
N GLN A 12 -16.72 2.90 -3.11
CA GLN A 12 -15.82 2.10 -3.94
C GLN A 12 -15.85 0.63 -3.52
N GLU A 13 -15.72 -0.26 -4.49
CA GLU A 13 -15.74 -1.70 -4.22
C GLU A 13 -14.31 -2.24 -4.13
N LEU A 14 -14.05 -3.01 -3.08
CA LEU A 14 -12.74 -3.61 -2.88
C LEU A 14 -12.74 -5.09 -3.22
N SER A 15 -11.55 -5.66 -3.42
CA SER A 15 -11.43 -7.07 -3.75
C SER A 15 -10.46 -7.77 -2.80
N CYS A 16 -10.79 -8.99 -2.42
CA CYS A 16 -9.96 -9.77 -1.52
C CYS A 16 -9.67 -11.15 -2.10
N LYS A 17 -8.55 -11.26 -2.80
CA LYS A 17 -8.15 -12.53 -3.41
C LYS A 17 -7.37 -13.39 -2.42
N TRP A 18 -8.06 -14.34 -1.81
CA TRP A 18 -7.43 -15.23 -0.83
C TRP A 18 -7.25 -16.63 -1.41
N ILE A 19 -6.01 -17.11 -1.44
CA ILE A 19 -5.71 -18.43 -1.97
C ILE A 19 -5.00 -19.29 -0.93
N ASP A 20 -5.77 -20.16 -0.27
CA ASP A 20 -5.22 -21.04 0.76
C ASP A 20 -4.42 -22.18 0.12
N GLU A 21 -3.10 -22.07 0.19
CA GLU A 21 -2.22 -23.08 -0.38
C GLU A 21 -2.82 -24.48 -0.22
N ALA A 22 -3.49 -24.69 0.91
CA ALA A 22 -4.12 -25.99 1.19
C ALA A 22 -5.61 -25.94 0.92
N GLN A 23 -5.99 -25.37 -0.22
CA GLN A 23 -7.39 -25.26 -0.59
C GLN A 23 -8.08 -26.63 -0.56
N LEU A 24 -9.33 -26.68 -0.98
CA LEU A 24 -10.10 -27.92 -1.00
C LEU A 24 -10.63 -28.21 -2.40
N SER A 25 -10.29 -27.35 -3.35
CA SER A 25 -10.74 -27.51 -4.72
C SER A 25 -9.55 -27.46 -5.68
N ARG A 26 -9.82 -27.73 -6.96
CA ARG A 26 -8.79 -27.71 -7.98
C ARG A 26 -9.36 -27.31 -9.34
N PRO A 27 -8.67 -26.38 -10.01
CA PRO A 27 -7.44 -25.78 -9.50
C PRO A 27 -7.70 -24.85 -8.32
N LYS A 28 -6.63 -24.26 -7.80
CA LYS A 28 -6.73 -23.35 -6.66
C LYS A 28 -7.71 -22.20 -6.97
N LYS A 29 -8.62 -21.95 -6.05
CA LYS A 29 -9.60 -20.88 -6.21
C LYS A 29 -9.38 -19.78 -5.18
N SER A 30 -9.62 -18.53 -5.59
CA SER A 30 -9.44 -17.38 -4.71
C SER A 30 -10.77 -17.00 -4.07
N CYS A 31 -10.69 -16.22 -2.98
CA CYS A 31 -11.89 -15.78 -2.28
C CYS A 31 -12.57 -14.64 -3.04
N ASP A 32 -13.87 -14.80 -3.27
CA ASP A 32 -14.64 -13.79 -3.99
C ASP A 32 -15.51 -12.99 -3.02
N ARG A 33 -14.97 -11.87 -2.55
CA ARG A 33 -15.70 -11.01 -1.62
C ARG A 33 -15.64 -9.56 -2.06
N THR A 34 -16.52 -8.73 -1.50
CA THR A 34 -16.58 -7.32 -1.85
C THR A 34 -17.05 -6.49 -0.67
N PHE A 35 -16.74 -5.19 -0.69
CA PHE A 35 -17.13 -4.29 0.38
C PHE A 35 -17.31 -2.87 -0.14
N SER A 36 -17.85 -1.99 0.70
CA SER A 36 -18.07 -0.60 0.32
C SER A 36 -17.08 0.32 1.01
N THR A 37 -16.39 -0.21 2.01
CA THR A 37 -15.40 0.56 2.76
C THR A 37 -14.14 -0.26 3.03
N MET A 38 -13.09 0.41 3.51
CA MET A 38 -11.83 -0.25 3.80
C MET A 38 -11.98 -1.17 5.02
N HIS A 39 -12.42 -0.61 6.13
CA HIS A 39 -12.61 -1.38 7.36
C HIS A 39 -13.39 -2.65 7.09
N GLU A 40 -14.49 -2.53 6.36
CA GLU A 40 -15.32 -3.68 6.03
C GLU A 40 -14.48 -4.81 5.44
N LEU A 41 -13.43 -4.44 4.71
CA LEU A 41 -12.55 -5.42 4.10
C LEU A 41 -11.59 -6.02 5.13
N VAL A 42 -10.97 -5.14 5.92
CA VAL A 42 -10.03 -5.58 6.94
C VAL A 42 -10.67 -6.60 7.87
N THR A 43 -11.78 -6.22 8.48
CA THR A 43 -12.48 -7.11 9.40
C THR A 43 -12.66 -8.49 8.80
N HIS A 44 -12.80 -8.55 7.48
CA HIS A 44 -12.98 -9.82 6.78
C HIS A 44 -11.64 -10.52 6.59
N VAL A 45 -10.74 -9.88 5.83
CA VAL A 45 -9.42 -10.45 5.57
C VAL A 45 -8.71 -10.81 6.88
N THR A 46 -9.14 -10.18 7.96
CA THR A 46 -8.54 -10.43 9.27
C THR A 46 -9.31 -11.51 10.03
N MET A 47 -10.60 -11.28 10.21
CA MET A 47 -11.45 -12.24 10.93
C MET A 47 -12.01 -13.28 9.97
N GLU A 48 -12.58 -12.81 8.87
CA GLU A 48 -13.16 -13.71 7.87
C GLU A 48 -12.07 -14.48 7.13
N HIS A 49 -10.82 -14.27 7.54
CA HIS A 49 -9.68 -14.93 6.91
C HIS A 49 -8.63 -15.30 7.96
N VAL A 50 -7.91 -14.30 8.44
CA VAL A 50 -6.87 -14.52 9.45
C VAL A 50 -7.47 -14.91 10.78
N GLY A 51 -8.80 -14.92 10.84
CA GLY A 51 -9.48 -15.28 12.08
C GLY A 51 -9.25 -14.27 13.18
N GLY A 52 -9.42 -14.70 14.43
CA GLY A 52 -9.23 -13.81 15.56
C GLY A 52 -7.98 -14.16 16.35
N PRO A 53 -7.89 -13.60 17.57
CA PRO A 53 -6.75 -13.83 18.46
C PRO A 53 -6.72 -15.26 19.00
N GLU A 54 -7.73 -16.05 18.65
CA GLU A 54 -7.82 -17.43 19.10
C GLU A 54 -7.04 -18.36 18.17
N GLN A 55 -6.85 -17.91 16.93
CA GLN A 55 -6.11 -18.71 15.96
C GLN A 55 -4.63 -18.79 16.31
N ASN A 56 -4.19 -19.96 16.74
CA ASN A 56 -2.79 -20.17 17.10
C ASN A 56 -1.86 -19.66 16.01
N ASN A 57 -1.79 -20.40 14.90
CA ASN A 57 -0.93 -20.02 13.79
C ASN A 57 -1.63 -19.00 12.90
N HIS A 58 -1.10 -17.78 12.89
CA HIS A 58 -1.67 -16.70 12.07
C HIS A 58 -0.86 -16.52 10.79
N VAL A 59 -1.46 -16.89 9.66
CA VAL A 59 -0.79 -16.77 8.37
C VAL A 59 -1.78 -16.32 7.29
N CYS A 60 -1.34 -15.41 6.43
CA CYS A 60 -2.18 -14.90 5.35
C CYS A 60 -1.69 -15.40 4.00
N TYR A 61 -2.48 -16.24 3.36
CA TYR A 61 -2.13 -16.78 2.05
C TYR A 61 -2.81 -16.01 0.93
N TRP A 62 -2.09 -15.07 0.34
CA TRP A 62 -2.62 -14.26 -0.75
C TRP A 62 -2.34 -14.90 -2.11
N GLU A 63 -3.27 -14.73 -3.04
CA GLU A 63 -3.11 -15.31 -4.37
C GLU A 63 -1.71 -15.06 -4.91
N GLU A 64 -1.03 -14.06 -4.35
CA GLU A 64 0.32 -13.72 -4.76
C GLU A 64 1.05 -12.94 -3.68
N CYS A 65 0.76 -13.27 -2.43
CA CYS A 65 1.38 -12.60 -1.30
C CYS A 65 2.89 -12.51 -1.49
N PRO A 66 3.45 -11.32 -1.21
CA PRO A 66 4.89 -11.07 -1.35
C PRO A 66 5.71 -11.80 -0.29
N ARG A 67 5.02 -12.49 0.61
CA ARG A 67 5.68 -13.24 1.67
C ARG A 67 5.73 -14.73 1.34
N GLU A 68 4.75 -15.19 0.57
CA GLU A 68 4.68 -16.59 0.18
C GLU A 68 4.11 -17.44 1.32
N GLY A 69 3.31 -16.82 2.17
CA GLY A 69 2.71 -17.53 3.28
C GLY A 69 3.71 -17.81 4.39
N LYS A 70 4.33 -16.76 4.90
CA LYS A 70 5.32 -16.89 5.97
C LYS A 70 4.76 -16.35 7.28
N SER A 71 4.39 -17.26 8.17
CA SER A 71 3.85 -16.87 9.47
C SER A 71 4.66 -15.74 10.09
N PHE A 72 4.04 -15.02 11.02
CA PHE A 72 4.70 -13.91 11.69
C PHE A 72 5.10 -14.29 13.11
N LYS A 73 5.63 -13.31 13.86
CA LYS A 73 6.05 -13.55 15.23
C LYS A 73 4.95 -13.14 16.21
N ALA A 74 3.84 -12.63 15.68
CA ALA A 74 2.72 -12.21 16.50
C ALA A 74 1.48 -11.91 15.65
N LYS A 75 0.43 -11.42 16.28
CA LYS A 75 -0.80 -11.09 15.59
C LYS A 75 -0.71 -9.73 14.91
N TYR A 76 -0.50 -8.69 15.71
CA TYR A 76 -0.40 -7.33 15.20
C TYR A 76 0.64 -7.26 14.07
N LYS A 77 1.62 -8.15 14.12
CA LYS A 77 2.67 -8.20 13.11
C LYS A 77 2.09 -8.63 11.76
N LEU A 78 1.08 -9.47 11.79
CA LEU A 78 0.44 -9.97 10.57
C LEU A 78 -0.64 -8.99 10.09
N VAL A 79 -1.49 -8.56 11.02
CA VAL A 79 -2.55 -7.62 10.69
C VAL A 79 -2.02 -6.42 9.92
N ASN A 80 -0.88 -5.90 10.37
CA ASN A 80 -0.27 -4.74 9.73
C ASN A 80 0.11 -5.07 8.29
N HIS A 81 0.55 -6.30 8.05
CA HIS A 81 0.94 -6.73 6.71
C HIS A 81 -0.24 -6.67 5.76
N ILE A 82 -1.39 -7.19 6.20
CA ILE A 82 -2.59 -7.19 5.38
C ILE A 82 -2.94 -5.80 4.89
N ARG A 83 -2.39 -4.79 5.57
CA ARG A 83 -2.64 -3.40 5.21
C ARG A 83 -2.06 -3.09 3.83
N VAL A 84 -1.17 -3.96 3.35
CA VAL A 84 -0.54 -3.77 2.05
C VAL A 84 -1.38 -4.41 0.94
N HIS A 85 -2.21 -5.37 1.32
CA HIS A 85 -3.06 -6.06 0.35
C HIS A 85 -4.21 -5.15 -0.08
N THR A 86 -4.31 -3.99 0.53
CA THR A 86 -5.36 -3.03 0.21
C THR A 86 -4.81 -1.84 -0.56
N GLY A 87 -3.49 -1.80 -0.72
CA GLY A 87 -2.85 -0.71 -1.43
C GLY A 87 -3.06 -0.80 -2.92
N GLU A 88 -4.01 -1.63 -3.34
CA GLU A 88 -4.30 -1.80 -4.76
C GLU A 88 -5.21 -0.69 -5.27
N LYS A 89 -4.75 0.02 -6.29
CA LYS A 89 -5.51 1.11 -6.88
C LYS A 89 -6.28 0.65 -8.11
N PRO A 90 -7.41 1.32 -8.41
CA PRO A 90 -8.25 1.00 -9.56
C PRO A 90 -7.59 1.34 -10.88
N PHE A 91 -7.10 2.57 -10.99
CA PHE A 91 -6.44 3.03 -12.21
C PHE A 91 -5.50 4.19 -11.92
N PRO A 92 -4.24 4.08 -12.37
CA PRO A 92 -3.23 5.12 -12.17
C PRO A 92 -3.52 6.37 -12.98
N CYS A 93 -2.53 7.27 -13.03
CA CYS A 93 -2.67 8.52 -13.77
C CYS A 93 -2.20 8.35 -15.22
N PRO A 94 -2.99 8.90 -16.16
CA PRO A 94 -2.67 8.83 -17.59
C PRO A 94 -1.46 9.68 -17.96
N PHE A 95 -0.84 10.29 -16.95
CA PHE A 95 0.33 11.13 -17.18
C PHE A 95 1.60 10.44 -16.67
N PRO A 96 2.60 10.34 -17.56
CA PRO A 96 3.88 9.71 -17.24
C PRO A 96 4.71 10.53 -16.26
N GLY A 97 4.91 11.81 -16.58
CA GLY A 97 5.68 12.68 -15.72
C GLY A 97 4.99 12.92 -14.38
N CYS A 98 3.80 12.36 -14.22
CA CYS A 98 3.04 12.53 -12.99
C CYS A 98 3.19 11.30 -12.09
N GLY A 99 2.97 10.12 -12.67
CA GLY A 99 3.10 8.89 -11.91
C GLY A 99 2.25 8.90 -10.65
N LYS A 100 1.14 9.64 -10.70
CA LYS A 100 0.23 9.73 -9.56
C LYS A 100 -0.89 8.70 -9.67
N ILE A 101 -1.42 8.28 -8.52
CA ILE A 101 -2.50 7.31 -8.49
C ILE A 101 -3.59 7.72 -7.51
N PHE A 102 -4.84 7.56 -7.92
CA PHE A 102 -5.98 7.92 -7.07
C PHE A 102 -6.87 6.71 -6.82
N ALA A 103 -7.68 6.78 -5.77
CA ALA A 103 -8.59 5.69 -5.43
C ALA A 103 -10.01 5.99 -5.92
N ARG A 104 -10.25 7.25 -6.28
CA ARG A 104 -11.57 7.66 -6.76
C ARG A 104 -11.50 8.09 -8.22
N SER A 105 -12.55 7.79 -8.97
CA SER A 105 -12.61 8.15 -10.39
C SER A 105 -12.77 9.65 -10.56
N GLU A 106 -13.70 10.23 -9.81
CA GLU A 106 -13.96 11.67 -9.89
C GLU A 106 -12.69 12.47 -9.60
N ASN A 107 -11.85 11.93 -8.72
CA ASN A 107 -10.60 12.59 -8.35
C ASN A 107 -9.63 12.60 -9.53
N LEU A 108 -9.50 11.46 -10.19
CA LEU A 108 -8.61 11.33 -11.34
C LEU A 108 -9.08 12.19 -12.50
N LYS A 109 -10.33 11.99 -12.91
CA LYS A 109 -10.90 12.76 -14.01
C LYS A 109 -10.70 14.25 -13.79
N ILE A 110 -10.94 14.70 -12.56
CA ILE A 110 -10.79 16.11 -12.22
C ILE A 110 -9.31 16.51 -12.18
N HIS A 111 -8.45 15.56 -11.80
CA HIS A 111 -7.03 15.81 -11.73
C HIS A 111 -6.38 15.71 -13.10
N LYS A 112 -7.06 15.03 -14.03
CA LYS A 112 -6.54 14.86 -15.38
C LYS A 112 -6.79 16.12 -16.20
N ARG A 113 -7.93 16.76 -15.97
CA ARG A 113 -8.28 17.98 -16.70
C ARG A 113 -7.30 19.10 -16.39
N THR A 114 -6.55 18.94 -15.31
CA THR A 114 -5.57 19.94 -14.90
C THR A 114 -4.20 19.67 -15.53
N HIS A 115 -4.09 18.52 -16.19
CA HIS A 115 -2.83 18.14 -16.84
C HIS A 115 -2.68 18.85 -18.18
N THR A 116 -3.73 18.80 -18.99
CA THR A 116 -3.71 19.44 -20.30
C THR A 116 -3.23 20.88 -20.21
N GLY A 117 -2.97 21.50 -21.36
CA GLY A 117 -2.51 22.87 -21.39
C GLY A 117 -1.19 23.03 -22.11
N GLU A 118 -0.10 23.01 -21.36
CA GLU A 118 1.23 23.15 -21.92
C GLU A 118 1.88 21.78 -22.16
N LYS A 119 2.67 21.69 -23.22
CA LYS A 119 3.35 20.44 -23.56
C LYS A 119 4.70 20.35 -22.86
N PRO A 120 5.08 19.12 -22.45
CA PRO A 120 6.35 18.88 -21.77
C PRO A 120 7.55 19.03 -22.70
N PHE A 121 7.36 18.62 -23.96
CA PHE A 121 8.42 18.72 -24.95
C PHE A 121 8.18 19.88 -25.91
N LYS A 122 9.10 20.84 -25.91
CA LYS A 122 8.98 22.01 -26.78
C LYS A 122 10.21 22.14 -27.68
N CYS A 123 9.96 22.42 -28.96
CA CYS A 123 11.04 22.57 -29.93
C CYS A 123 12.19 23.37 -29.35
N GLU A 124 13.33 22.73 -29.19
CA GLU A 124 14.51 23.38 -28.65
C GLU A 124 15.08 24.40 -29.63
N PHE A 125 14.50 24.45 -30.82
CA PHE A 125 14.94 25.37 -31.87
C PHE A 125 14.53 26.80 -31.53
N GLU A 126 15.50 27.70 -31.52
CA GLU A 126 15.24 29.10 -31.21
C GLU A 126 14.43 29.76 -32.33
N GLY A 127 13.41 30.53 -31.95
CA GLY A 127 12.57 31.19 -32.93
C GLY A 127 11.50 30.28 -33.49
N CYS A 128 11.34 29.12 -32.87
CA CYS A 128 10.34 28.15 -33.33
C CYS A 128 9.27 27.93 -32.26
N ASP A 129 8.03 27.74 -32.71
CA ASP A 129 6.92 27.52 -31.78
C ASP A 129 6.24 26.19 -32.09
N ARG A 130 6.47 25.20 -31.23
CA ARG A 130 5.87 23.88 -31.41
C ARG A 130 5.56 23.24 -30.05
N ARG A 131 4.75 22.19 -30.07
CA ARG A 131 4.38 21.48 -28.85
C ARG A 131 4.42 19.96 -29.06
N PHE A 132 5.13 19.27 -28.19
CA PHE A 132 5.25 17.82 -28.28
C PHE A 132 5.10 17.18 -26.91
N ALA A 133 4.62 15.93 -26.89
CA ALA A 133 4.44 15.20 -25.64
C ALA A 133 5.55 14.19 -25.42
N ASN A 134 6.18 13.77 -26.51
CA ASN A 134 7.26 12.79 -26.44
C ASN A 134 8.51 13.32 -27.15
N SER A 135 9.67 13.00 -26.58
CA SER A 135 10.94 13.44 -27.15
C SER A 135 11.03 13.10 -28.63
N SER A 136 10.72 11.85 -28.95
CA SER A 136 10.76 11.40 -30.34
C SER A 136 10.21 12.46 -31.29
N ASP A 137 9.05 13.00 -30.94
CA ASP A 137 8.40 14.02 -31.75
C ASP A 137 9.29 15.26 -31.87
N ARG A 138 9.79 15.73 -30.72
CA ARG A 138 10.66 16.91 -30.69
C ARG A 138 11.88 16.70 -31.58
N LYS A 139 12.40 15.48 -31.57
CA LYS A 139 13.58 15.15 -32.37
C LYS A 139 13.19 14.87 -33.82
N LYS A 140 11.93 14.52 -34.04
CA LYS A 140 11.43 14.22 -35.38
C LYS A 140 11.11 15.50 -36.13
N HIS A 141 10.89 16.58 -35.38
CA HIS A 141 10.56 17.87 -35.98
C HIS A 141 11.84 18.63 -36.35
N MET A 142 12.99 18.04 -36.06
CA MET A 142 14.28 18.66 -36.36
C MET A 142 14.72 18.30 -37.78
N HIS A 143 14.18 17.21 -38.31
CA HIS A 143 14.53 16.77 -39.65
C HIS A 143 14.29 17.88 -40.67
N VAL A 144 13.47 18.85 -40.31
CA VAL A 144 13.16 19.97 -41.18
C VAL A 144 13.98 21.20 -40.81
N HIS A 145 14.59 21.16 -39.63
CA HIS A 145 15.40 22.28 -39.15
C HIS A 145 16.80 22.21 -39.75
N THR A 146 17.32 21.00 -39.90
CA THR A 146 18.66 20.80 -40.46
C THR A 146 18.65 20.97 -41.97
N SER A 147 17.69 20.32 -42.63
CA SER A 147 17.58 20.39 -44.08
C SER A 147 17.45 21.84 -44.55
N ASP A 148 17.68 22.06 -45.84
CA ASP A 148 17.59 23.40 -46.41
C ASP A 148 16.59 23.45 -47.55
N LYS A 149 15.90 22.32 -47.78
CA LYS A 149 14.92 22.23 -48.85
C LYS A 149 13.51 22.10 -48.28
N SER A 150 12.52 22.56 -49.04
CA SER A 150 11.13 22.51 -48.61
C SER A 150 10.58 21.10 -48.76
N GLY A 151 10.22 20.48 -47.64
CA GLY A 151 9.68 19.13 -47.67
C GLY A 151 8.36 19.03 -46.93
N PRO A 152 7.89 17.79 -46.71
CA PRO A 152 6.63 17.52 -46.02
C PRO A 152 6.71 17.86 -44.53
N SER A 153 5.62 18.36 -43.98
CA SER A 153 5.57 18.72 -42.57
C SER A 153 4.39 18.04 -41.87
N SER A 154 4.39 16.71 -41.89
CA SER A 154 3.33 15.93 -41.27
C SER A 154 3.43 16.00 -39.75
N GLY A 155 4.64 15.90 -39.23
CA GLY A 155 4.85 15.95 -37.80
C GLY A 155 5.16 14.59 -37.20
ZN ZN B . -11.51 -12.87 1.57
ZN ZN C . -0.50 -11.73 2.71
ZN ZN D . -1.61 13.09 -12.72
ZN ZN E . 11.04 23.69 -34.65
N GLY A 1 -35.48 27.14 5.44
CA GLY A 1 -35.34 25.75 5.04
C GLY A 1 -34.85 25.60 3.62
N SER A 2 -33.71 24.93 3.46
CA SER A 2 -33.13 24.72 2.14
C SER A 2 -32.82 23.24 1.90
N SER A 3 -32.86 22.83 0.64
CA SER A 3 -32.60 21.44 0.28
C SER A 3 -31.30 20.96 0.92
N GLY A 4 -31.34 19.77 1.51
CA GLY A 4 -30.16 19.20 2.15
C GLY A 4 -29.23 18.54 1.15
N SER A 5 -29.10 17.23 1.25
CA SER A 5 -28.22 16.48 0.35
C SER A 5 -29.03 15.51 -0.52
N SER A 6 -29.82 14.66 0.13
CA SER A 6 -30.64 13.69 -0.59
C SER A 6 -29.84 13.02 -1.70
N GLY A 7 -28.53 12.91 -1.50
CA GLY A 7 -27.68 12.30 -2.50
C GLY A 7 -26.34 11.87 -1.93
N GLN A 8 -25.88 10.68 -2.31
CA GLN A 8 -24.61 10.16 -1.83
C GLN A 8 -23.59 10.12 -2.96
N PRO A 9 -22.30 10.30 -2.60
CA PRO A 9 -21.19 10.29 -3.56
C PRO A 9 -20.95 8.90 -4.13
N ILE A 10 -19.78 8.72 -4.75
CA ILE A 10 -19.42 7.44 -5.34
C ILE A 10 -18.66 6.56 -4.34
N LYS A 11 -19.02 5.29 -4.31
CA LYS A 11 -18.38 4.35 -3.39
C LYS A 11 -17.48 3.38 -4.16
N GLN A 12 -16.26 3.17 -3.64
CA GLN A 12 -15.31 2.27 -4.27
C GLN A 12 -15.36 0.89 -3.64
N GLU A 13 -15.42 -0.14 -4.48
CA GLU A 13 -15.47 -1.51 -3.99
C GLU A 13 -14.07 -2.11 -3.93
N LEU A 14 -13.77 -2.78 -2.82
CA LEU A 14 -12.47 -3.40 -2.63
C LEU A 14 -12.50 -4.87 -3.06
N SER A 15 -11.33 -5.47 -3.18
CA SER A 15 -11.22 -6.87 -3.58
C SER A 15 -10.28 -7.63 -2.65
N CYS A 16 -10.76 -8.76 -2.13
CA CYS A 16 -9.96 -9.59 -1.22
C CYS A 16 -9.79 -11.00 -1.78
N LYS A 17 -8.60 -11.28 -2.30
CA LYS A 17 -8.30 -12.59 -2.86
C LYS A 17 -7.50 -13.44 -1.89
N TRP A 18 -8.17 -14.33 -1.16
CA TRP A 18 -7.52 -15.19 -0.19
C TRP A 18 -7.45 -16.63 -0.71
N ILE A 19 -6.24 -17.08 -1.01
CA ILE A 19 -6.04 -18.43 -1.51
C ILE A 19 -5.24 -19.27 -0.52
N ASP A 20 -5.92 -20.13 0.22
CA ASP A 20 -5.27 -21.00 1.19
C ASP A 20 -4.59 -22.18 0.51
N GLU A 21 -3.27 -22.22 0.60
CA GLU A 21 -2.49 -23.29 0.00
C GLU A 21 -2.96 -24.65 0.50
N ALA A 22 -3.56 -24.66 1.69
CA ALA A 22 -4.06 -25.90 2.29
C ALA A 22 -5.31 -26.39 1.57
N GLN A 23 -5.77 -25.62 0.58
CA GLN A 23 -6.96 -25.98 -0.18
C GLN A 23 -6.77 -27.31 -0.89
N LEU A 24 -7.87 -27.94 -1.28
CA LEU A 24 -7.82 -29.22 -1.97
C LEU A 24 -8.45 -29.12 -3.36
N SER A 25 -8.62 -27.89 -3.84
CA SER A 25 -9.21 -27.65 -5.14
C SER A 25 -8.18 -27.09 -6.12
N ARG A 26 -8.36 -27.39 -7.39
CA ARG A 26 -7.44 -26.92 -8.43
C ARG A 26 -8.20 -26.58 -9.71
N PRO A 27 -7.87 -25.41 -10.29
CA PRO A 27 -6.86 -24.51 -9.74
C PRO A 27 -7.32 -23.85 -8.44
N LYS A 28 -6.38 -23.22 -7.75
CA LYS A 28 -6.68 -22.55 -6.48
C LYS A 28 -7.97 -21.74 -6.59
N LYS A 29 -8.47 -21.28 -5.45
CA LYS A 29 -9.70 -20.50 -5.42
C LYS A 29 -9.55 -19.30 -4.48
N SER A 30 -10.13 -18.16 -4.87
CA SER A 30 -10.06 -16.97 -4.05
C SER A 30 -11.38 -16.71 -3.34
N CYS A 31 -11.30 -16.33 -2.07
CA CYS A 31 -12.49 -16.06 -1.27
C CYS A 31 -13.51 -15.25 -2.07
N ASP A 32 -13.02 -14.47 -3.03
CA ASP A 32 -13.89 -13.66 -3.87
C ASP A 32 -14.83 -12.82 -3.01
N ARG A 33 -14.26 -11.98 -2.14
CA ARG A 33 -15.05 -11.13 -1.27
C ARG A 33 -14.95 -9.67 -1.69
N THR A 34 -16.00 -8.90 -1.41
CA THR A 34 -16.02 -7.49 -1.76
C THR A 34 -16.59 -6.65 -0.62
N PHE A 35 -16.32 -5.35 -0.66
CA PHE A 35 -16.81 -4.43 0.37
C PHE A 35 -16.97 -3.02 -0.19
N SER A 36 -17.59 -2.15 0.60
CA SER A 36 -17.81 -0.77 0.19
C SER A 36 -16.93 0.20 0.99
N THR A 37 -16.28 -0.33 2.02
CA THR A 37 -15.40 0.47 2.86
C THR A 37 -14.18 -0.32 3.32
N MET A 38 -13.10 0.37 3.62
CA MET A 38 -11.87 -0.27 4.07
C MET A 38 -12.13 -1.14 5.30
N HIS A 39 -12.69 -0.53 6.34
CA HIS A 39 -12.99 -1.24 7.57
C HIS A 39 -13.65 -2.58 7.28
N GLU A 40 -14.64 -2.56 6.38
CA GLU A 40 -15.35 -3.78 6.01
C GLU A 40 -14.38 -4.85 5.51
N LEU A 41 -13.35 -4.42 4.79
CA LEU A 41 -12.35 -5.33 4.26
C LEU A 41 -11.48 -5.90 5.37
N VAL A 42 -10.82 -5.01 6.11
CA VAL A 42 -9.95 -5.41 7.21
C VAL A 42 -10.66 -6.39 8.14
N THR A 43 -11.79 -5.97 8.68
CA THR A 43 -12.57 -6.81 9.58
C THR A 43 -12.80 -8.19 8.98
N HIS A 44 -12.84 -8.26 7.66
CA HIS A 44 -13.06 -9.52 6.96
C HIS A 44 -11.75 -10.30 6.83
N VAL A 45 -10.79 -9.73 6.11
CA VAL A 45 -9.49 -10.37 5.92
C VAL A 45 -8.86 -10.75 7.25
N THR A 46 -9.30 -10.08 8.31
CA THR A 46 -8.76 -10.34 9.65
C THR A 46 -9.62 -11.37 10.39
N MET A 47 -10.91 -11.07 10.51
CA MET A 47 -11.84 -11.98 11.19
C MET A 47 -12.41 -13.00 10.22
N GLU A 48 -12.91 -12.52 9.09
CA GLU A 48 -13.49 -13.40 8.07
C GLU A 48 -12.40 -14.22 7.39
N HIS A 49 -11.16 -14.07 7.84
CA HIS A 49 -10.05 -14.80 7.27
C HIS A 49 -9.06 -15.22 8.36
N VAL A 50 -8.31 -14.25 8.87
CA VAL A 50 -7.32 -14.51 9.91
C VAL A 50 -8.00 -14.85 11.23
N GLY A 51 -9.33 -14.80 11.24
CA GLY A 51 -10.08 -15.11 12.44
C GLY A 51 -9.86 -14.08 13.54
N GLY A 52 -10.24 -14.44 14.77
CA GLY A 52 -10.08 -13.52 15.88
C GLY A 52 -8.82 -13.81 16.69
N PRO A 53 -8.76 -13.26 17.91
CA PRO A 53 -7.62 -13.44 18.80
C PRO A 53 -7.52 -14.87 19.34
N GLU A 54 -8.44 -15.73 18.89
CA GLU A 54 -8.45 -17.12 19.32
C GLU A 54 -7.53 -17.97 18.44
N GLN A 55 -7.45 -17.61 17.16
CA GLN A 55 -6.60 -18.34 16.22
C GLN A 55 -5.18 -18.46 16.74
N ASN A 56 -4.61 -19.65 16.63
CA ASN A 56 -3.24 -19.89 17.09
C ASN A 56 -2.23 -19.35 16.09
N ASN A 57 -2.12 -20.02 14.94
CA ASN A 57 -1.18 -19.60 13.91
C ASN A 57 -1.81 -18.55 12.99
N HIS A 58 -1.11 -17.44 12.79
CA HIS A 58 -1.59 -16.37 11.94
C HIS A 58 -0.86 -16.36 10.60
N VAL A 59 -1.54 -16.80 9.55
CA VAL A 59 -0.95 -16.84 8.22
C VAL A 59 -1.94 -16.35 7.17
N CYS A 60 -1.47 -15.49 6.27
CA CYS A 60 -2.31 -14.95 5.21
C CYS A 60 -1.90 -15.51 3.85
N TYR A 61 -2.79 -16.29 3.24
CA TYR A 61 -2.52 -16.88 1.94
C TYR A 61 -3.20 -16.10 0.83
N TRP A 62 -2.45 -15.21 0.19
CA TRP A 62 -2.98 -14.40 -0.89
C TRP A 62 -2.78 -15.08 -2.24
N GLU A 63 -3.75 -14.90 -3.14
CA GLU A 63 -3.68 -15.50 -4.46
C GLU A 63 -2.28 -15.37 -5.05
N GLU A 64 -1.52 -14.39 -4.56
CA GLU A 64 -0.17 -14.15 -5.04
C GLU A 64 0.65 -13.38 -4.00
N CYS A 65 0.37 -13.64 -2.73
CA CYS A 65 1.07 -12.97 -1.64
C CYS A 65 2.58 -12.94 -1.90
N PRO A 66 3.19 -11.78 -1.68
CA PRO A 66 4.63 -11.59 -1.89
C PRO A 66 5.47 -12.32 -0.84
N ARG A 67 4.81 -12.76 0.23
CA ARG A 67 5.49 -13.48 1.29
C ARG A 67 5.39 -14.98 1.09
N GLU A 68 4.37 -15.41 0.34
CA GLU A 68 4.16 -16.83 0.07
C GLU A 68 3.61 -17.54 1.30
N GLY A 69 2.87 -16.80 2.12
CA GLY A 69 2.30 -17.38 3.32
C GLY A 69 3.35 -17.76 4.34
N LYS A 70 4.13 -16.77 4.78
CA LYS A 70 5.19 -17.01 5.76
C LYS A 70 4.74 -16.57 7.15
N SER A 71 4.69 -17.52 8.07
CA SER A 71 4.28 -17.23 9.45
C SER A 71 5.01 -16.00 9.99
N PHE A 72 4.39 -15.34 10.96
CA PHE A 72 4.98 -14.15 11.57
C PHE A 72 5.41 -14.43 13.00
N LYS A 73 5.95 -13.40 13.66
CA LYS A 73 6.40 -13.53 15.03
C LYS A 73 5.32 -13.05 16.00
N ALA A 74 4.26 -12.46 15.46
CA ALA A 74 3.16 -11.97 16.28
C ALA A 74 1.92 -11.69 15.43
N LYS A 75 0.80 -11.45 16.09
CA LYS A 75 -0.46 -11.19 15.40
C LYS A 75 -0.39 -9.85 14.66
N TYR A 76 0.00 -8.80 15.36
CA TYR A 76 0.12 -7.48 14.77
C TYR A 76 1.08 -7.49 13.59
N LYS A 77 2.05 -8.39 13.63
CA LYS A 77 3.03 -8.51 12.57
C LYS A 77 2.37 -8.89 11.24
N LEU A 78 1.39 -9.78 11.31
CA LEU A 78 0.67 -10.22 10.12
C LEU A 78 -0.46 -9.27 9.78
N VAL A 79 -1.28 -8.95 10.78
CA VAL A 79 -2.41 -8.05 10.60
C VAL A 79 -1.98 -6.77 9.89
N ASN A 80 -0.72 -6.37 10.12
CA ASN A 80 -0.19 -5.15 9.50
C ASN A 80 0.14 -5.41 8.03
N HIS A 81 0.61 -6.61 7.73
CA HIS A 81 0.97 -6.97 6.36
C HIS A 81 -0.26 -6.96 5.46
N ILE A 82 -1.37 -7.47 5.98
CA ILE A 82 -2.61 -7.54 5.23
C ILE A 82 -2.96 -6.17 4.64
N ARG A 83 -2.51 -5.11 5.31
CA ARG A 83 -2.77 -3.75 4.85
C ARG A 83 -2.13 -3.50 3.50
N VAL A 84 -1.02 -4.19 3.23
CA VAL A 84 -0.30 -4.04 1.97
C VAL A 84 -1.11 -4.61 0.81
N HIS A 85 -2.03 -5.52 1.13
CA HIS A 85 -2.87 -6.14 0.11
C HIS A 85 -3.94 -5.18 -0.37
N THR A 86 -4.13 -4.08 0.36
CA THR A 86 -5.11 -3.08 0.00
C THR A 86 -4.47 -1.84 -0.59
N GLY A 87 -3.46 -1.31 0.11
CA GLY A 87 -2.77 -0.13 -0.36
C GLY A 87 -3.56 1.14 -0.13
N GLU A 88 -4.19 1.24 1.03
CA GLU A 88 -4.99 2.40 1.38
C GLU A 88 -4.30 3.26 2.43
N LYS A 89 -3.96 4.49 2.07
CA LYS A 89 -3.28 5.40 2.98
C LYS A 89 -3.95 6.78 2.96
N PRO A 90 -4.00 7.43 4.13
CA PRO A 90 -4.59 8.76 4.27
C PRO A 90 -3.78 9.85 3.59
N PHE A 91 -2.48 9.89 3.89
CA PHE A 91 -1.59 10.87 3.31
C PHE A 91 -0.14 10.39 3.33
N PRO A 92 0.60 10.71 2.26
CA PRO A 92 2.01 10.31 2.13
C PRO A 92 2.91 11.05 3.11
N CYS A 93 4.22 11.02 2.85
CA CYS A 93 5.19 11.70 3.71
C CYS A 93 5.42 13.13 3.24
N PRO A 94 5.45 14.07 4.20
CA PRO A 94 5.66 15.48 3.90
C PRO A 94 7.10 15.77 3.45
N PHE A 95 8.01 14.88 3.81
CA PHE A 95 9.41 15.04 3.44
C PHE A 95 9.61 14.87 1.94
N PRO A 96 10.28 15.85 1.31
CA PRO A 96 10.54 15.83 -0.13
C PRO A 96 11.54 14.75 -0.53
N GLY A 97 11.15 13.90 -1.47
CA GLY A 97 12.02 12.83 -1.92
C GLY A 97 11.85 11.57 -1.11
N CYS A 98 11.07 11.66 -0.04
CA CYS A 98 10.83 10.51 0.83
C CYS A 98 9.79 9.58 0.24
N GLY A 99 8.83 10.17 -0.48
CA GLY A 99 7.78 9.38 -1.10
C GLY A 99 7.30 8.25 -0.20
N LYS A 100 7.48 8.42 1.11
CA LYS A 100 7.06 7.41 2.07
C LYS A 100 5.62 7.63 2.51
N ILE A 101 4.91 6.54 2.80
CA ILE A 101 3.53 6.63 3.23
C ILE A 101 3.25 5.64 4.35
N PHE A 102 2.27 5.97 5.20
CA PHE A 102 1.90 5.11 6.32
C PHE A 102 0.38 4.97 6.41
N ALA A 103 -0.08 3.73 6.61
CA ALA A 103 -1.50 3.46 6.72
C ALA A 103 -2.07 4.01 8.02
N ARG A 104 -1.20 4.60 8.84
CA ARG A 104 -1.61 5.16 10.12
C ARG A 104 -1.14 6.60 10.26
N SER A 105 -2.05 7.49 10.66
CA SER A 105 -1.71 8.90 10.82
C SER A 105 -0.58 9.07 11.84
N GLU A 106 -0.78 8.55 13.04
CA GLU A 106 0.21 8.65 14.09
C GLU A 106 1.59 8.27 13.57
N ASN A 107 1.66 7.20 12.77
CA ASN A 107 2.91 6.74 12.20
C ASN A 107 3.62 7.86 11.45
N LEU A 108 2.85 8.64 10.69
CA LEU A 108 3.41 9.74 9.93
C LEU A 108 3.92 10.85 10.86
N LYS A 109 3.12 11.18 11.87
CA LYS A 109 3.49 12.21 12.83
C LYS A 109 4.78 11.84 13.56
N ILE A 110 4.93 10.56 13.88
CA ILE A 110 6.12 10.08 14.57
C ILE A 110 7.29 9.95 13.62
N HIS A 111 6.99 9.65 12.36
CA HIS A 111 8.03 9.49 11.33
C HIS A 111 8.53 10.85 10.86
N LYS A 112 7.71 11.88 11.06
CA LYS A 112 8.08 13.23 10.66
C LYS A 112 9.00 13.88 11.68
N ARG A 113 8.74 13.62 12.97
CA ARG A 113 9.54 14.18 14.04
C ARG A 113 10.95 13.61 14.00
N THR A 114 11.09 12.39 13.49
CA THR A 114 12.39 11.73 13.41
C THR A 114 13.24 12.32 12.27
N HIS A 115 12.55 12.85 11.26
CA HIS A 115 13.23 13.44 10.11
C HIS A 115 14.16 14.57 10.56
N THR A 116 13.58 15.62 11.12
CA THR A 116 14.35 16.76 11.59
C THR A 116 15.67 16.32 12.22
N GLY A 117 16.75 17.00 11.87
CA GLY A 117 18.05 16.66 12.40
C GLY A 117 18.77 15.63 11.57
N GLU A 118 18.12 14.50 11.31
CA GLU A 118 18.72 13.43 10.52
C GLU A 118 18.58 13.72 9.03
N LYS A 119 19.71 13.77 8.34
CA LYS A 119 19.72 14.03 6.91
C LYS A 119 19.73 12.74 6.11
N PRO A 120 19.28 12.81 4.85
CA PRO A 120 19.23 11.65 3.95
C PRO A 120 20.61 11.17 3.54
N PHE A 121 21.46 12.11 3.13
CA PHE A 121 22.81 11.77 2.69
C PHE A 121 23.79 11.92 3.86
N LYS A 122 24.52 10.85 4.14
CA LYS A 122 25.50 10.84 5.22
C LYS A 122 26.89 10.47 4.71
N CYS A 123 27.89 11.20 5.17
CA CYS A 123 29.27 10.95 4.75
C CYS A 123 29.55 9.46 4.67
N GLU A 124 29.82 8.98 3.46
CA GLU A 124 30.11 7.57 3.24
C GLU A 124 31.39 7.16 3.95
N PHE A 125 32.15 8.15 4.42
CA PHE A 125 33.40 7.89 5.11
C PHE A 125 33.16 7.29 6.48
N GLU A 126 33.74 6.12 6.73
CA GLU A 126 33.58 5.44 8.01
C GLU A 126 34.24 6.22 9.13
N GLY A 127 33.71 6.08 10.34
CA GLY A 127 34.27 6.78 11.48
C GLY A 127 34.08 8.29 11.39
N CYS A 128 33.25 8.71 10.44
CA CYS A 128 32.99 10.13 10.24
C CYS A 128 31.54 10.47 10.58
N ASP A 129 31.31 11.69 11.06
CA ASP A 129 29.97 12.14 11.41
C ASP A 129 29.60 13.42 10.67
N ARG A 130 28.69 13.31 9.71
CA ARG A 130 28.26 14.47 8.94
C ARG A 130 26.81 14.32 8.51
N ARG A 131 26.30 15.31 7.79
CA ARG A 131 24.92 15.30 7.32
C ARG A 131 24.75 16.18 6.08
N PHE A 132 24.17 15.61 5.04
CA PHE A 132 23.95 16.36 3.79
C PHE A 132 22.58 16.04 3.20
N ALA A 133 22.05 16.97 2.43
CA ALA A 133 20.73 16.80 1.80
C ALA A 133 20.87 16.51 0.31
N ASN A 134 22.08 16.69 -0.21
CA ASN A 134 22.34 16.45 -1.63
C ASN A 134 23.70 15.78 -1.82
N SER A 135 23.71 14.72 -2.62
CA SER A 135 24.94 13.98 -2.89
C SER A 135 26.08 14.93 -3.22
N SER A 136 25.78 15.98 -3.98
CA SER A 136 26.78 16.96 -4.37
C SER A 136 27.54 17.48 -3.15
N ASP A 137 26.79 17.96 -2.16
CA ASP A 137 27.40 18.48 -0.94
C ASP A 137 28.24 17.42 -0.25
N ARG A 138 27.76 16.18 -0.28
CA ARG A 138 28.48 15.07 0.34
C ARG A 138 29.85 14.89 -0.28
N LYS A 139 29.89 14.84 -1.62
CA LYS A 139 31.15 14.68 -2.34
C LYS A 139 32.09 15.85 -2.09
N LYS A 140 31.52 16.98 -1.68
CA LYS A 140 32.30 18.18 -1.40
C LYS A 140 33.01 18.06 -0.05
N HIS A 141 32.49 17.18 0.80
CA HIS A 141 33.07 16.98 2.13
C HIS A 141 34.23 15.98 2.06
N MET A 142 34.48 15.44 0.87
CA MET A 142 35.56 14.49 0.68
C MET A 142 36.88 15.20 0.38
N HIS A 143 36.78 16.44 -0.09
CA HIS A 143 37.96 17.23 -0.43
C HIS A 143 38.90 17.33 0.77
N VAL A 144 38.35 17.11 1.97
CA VAL A 144 39.14 17.18 3.20
C VAL A 144 39.55 15.79 3.66
N HIS A 145 38.90 14.77 3.12
CA HIS A 145 39.20 13.39 3.47
C HIS A 145 40.48 12.92 2.80
N THR A 146 40.86 13.61 1.72
CA THR A 146 42.08 13.28 0.99
C THR A 146 43.29 13.24 1.90
N SER A 147 43.70 14.43 2.37
CA SER A 147 44.86 14.54 3.24
C SER A 147 44.46 15.16 4.58
N ASP A 148 43.87 14.35 5.45
CA ASP A 148 43.44 14.82 6.77
C ASP A 148 44.46 15.79 7.35
N LYS A 149 44.11 17.08 7.35
CA LYS A 149 44.99 18.11 7.88
C LYS A 149 44.43 18.69 9.17
N SER A 150 45.29 19.32 9.96
CA SER A 150 44.88 19.92 11.22
C SER A 150 45.71 21.16 11.53
N GLY A 151 45.42 21.80 12.67
CA GLY A 151 46.15 22.99 13.06
C GLY A 151 45.24 24.09 13.57
N PRO A 152 44.43 24.67 12.67
CA PRO A 152 43.50 25.74 13.03
C PRO A 152 42.33 25.24 13.88
N SER A 153 42.39 25.54 15.17
CA SER A 153 41.34 25.11 16.09
C SER A 153 40.00 25.77 15.74
N SER A 154 39.09 24.98 15.20
CA SER A 154 37.77 25.48 14.82
C SER A 154 36.81 25.42 16.00
N GLY A 155 36.62 26.57 16.65
CA GLY A 155 35.72 26.63 17.79
C GLY A 155 34.28 26.40 17.41
ZN ZN B . -11.45 -12.58 1.93
ZN ZN C . -0.57 -11.90 2.44
ZN ZN D . 9.50 10.47 5.51
ZN ZN E . 33.54 12.63 6.31
N GLY A 1 -20.70 12.72 10.26
CA GLY A 1 -21.38 12.94 8.99
C GLY A 1 -22.59 13.84 9.14
N SER A 2 -23.57 13.66 8.25
CA SER A 2 -24.79 14.46 8.28
C SER A 2 -26.02 13.57 8.47
N SER A 3 -27.19 14.19 8.50
CA SER A 3 -28.44 13.46 8.68
C SER A 3 -29.64 14.36 8.40
N GLY A 4 -30.83 13.76 8.43
CA GLY A 4 -32.04 14.53 8.18
C GLY A 4 -32.34 14.68 6.70
N SER A 5 -31.98 15.82 6.13
CA SER A 5 -32.21 16.08 4.72
C SER A 5 -30.90 16.33 3.99
N SER A 6 -30.17 15.25 3.71
CA SER A 6 -28.89 15.36 3.02
C SER A 6 -28.60 14.07 2.24
N GLY A 7 -27.73 14.19 1.24
CA GLY A 7 -27.38 13.04 0.44
C GLY A 7 -26.17 12.30 0.97
N GLN A 8 -25.79 11.22 0.30
CA GLN A 8 -24.64 10.42 0.72
C GLN A 8 -23.60 10.33 -0.40
N PRO A 9 -22.32 10.33 -0.01
CA PRO A 9 -21.20 10.25 -0.96
C PRO A 9 -21.11 8.88 -1.62
N ILE A 10 -20.05 8.67 -2.40
CA ILE A 10 -19.84 7.40 -3.09
C ILE A 10 -18.83 6.53 -2.34
N LYS A 11 -19.22 5.30 -2.05
CA LYS A 11 -18.34 4.37 -1.35
C LYS A 11 -17.49 3.57 -2.33
N GLN A 12 -16.22 3.42 -2.01
CA GLN A 12 -15.30 2.68 -2.87
C GLN A 12 -15.38 1.18 -2.59
N GLU A 13 -15.33 0.38 -3.65
CA GLU A 13 -15.40 -1.07 -3.52
C GLU A 13 -14.01 -1.67 -3.40
N LEU A 14 -13.92 -2.77 -2.65
CA LEU A 14 -12.65 -3.45 -2.44
C LEU A 14 -12.77 -4.94 -2.72
N SER A 15 -11.63 -5.62 -2.86
CA SER A 15 -11.61 -7.04 -3.13
C SER A 15 -10.63 -7.76 -2.20
N CYS A 16 -10.75 -9.08 -2.14
CA CYS A 16 -9.88 -9.89 -1.30
C CYS A 16 -9.60 -11.25 -1.93
N LYS A 17 -8.44 -11.38 -2.55
CA LYS A 17 -8.06 -12.63 -3.19
C LYS A 17 -7.31 -13.53 -2.23
N TRP A 18 -8.03 -14.50 -1.65
CA TRP A 18 -7.44 -15.44 -0.71
C TRP A 18 -7.27 -16.81 -1.34
N ILE A 19 -6.05 -17.32 -1.33
CA ILE A 19 -5.76 -18.64 -1.90
C ILE A 19 -5.13 -19.55 -0.87
N ASP A 20 -5.93 -20.44 -0.30
CA ASP A 20 -5.44 -21.38 0.70
C ASP A 20 -4.69 -22.54 0.04
N GLU A 21 -3.50 -22.82 0.56
CA GLU A 21 -2.67 -23.89 0.03
C GLU A 21 -3.24 -25.26 0.40
N ALA A 22 -3.84 -25.34 1.57
CA ALA A 22 -4.43 -26.59 2.05
C ALA A 22 -5.71 -26.92 1.28
N GLN A 23 -6.05 -26.07 0.31
CA GLN A 23 -7.25 -26.27 -0.49
C GLN A 23 -7.11 -27.50 -1.39
N LEU A 24 -8.08 -28.40 -1.29
CA LEU A 24 -8.06 -29.63 -2.07
C LEU A 24 -8.84 -29.45 -3.37
N SER A 25 -9.10 -28.20 -3.72
CA SER A 25 -9.85 -27.89 -4.94
C SER A 25 -8.91 -27.44 -6.06
N ARG A 26 -9.33 -27.65 -7.30
CA ARG A 26 -8.53 -27.27 -8.45
C ARG A 26 -9.42 -26.98 -9.67
N PRO A 27 -9.06 -25.95 -10.43
CA PRO A 27 -7.89 -25.11 -10.14
C PRO A 27 -8.08 -24.26 -8.89
N LYS A 28 -6.98 -23.97 -8.20
CA LYS A 28 -7.03 -23.16 -6.99
C LYS A 28 -7.92 -21.93 -7.19
N LYS A 29 -8.92 -21.79 -6.32
CA LYS A 29 -9.83 -20.65 -6.39
C LYS A 29 -9.53 -19.63 -5.30
N SER A 30 -9.81 -18.36 -5.60
CA SER A 30 -9.56 -17.29 -4.65
C SER A 30 -10.86 -16.87 -3.97
N CYS A 31 -10.73 -16.37 -2.74
CA CYS A 31 -11.90 -15.92 -1.98
C CYS A 31 -12.69 -14.89 -2.76
N ASP A 32 -14.01 -14.98 -2.67
CA ASP A 32 -14.89 -14.05 -3.37
C ASP A 32 -15.73 -13.25 -2.38
N ARG A 33 -15.59 -11.92 -2.43
CA ARG A 33 -16.33 -11.05 -1.54
C ARG A 33 -16.10 -9.58 -1.90
N THR A 34 -16.91 -8.70 -1.32
CA THR A 34 -16.79 -7.27 -1.58
C THR A 34 -17.12 -6.45 -0.33
N PHE A 35 -16.80 -5.17 -0.38
CA PHE A 35 -17.06 -4.27 0.74
C PHE A 35 -17.28 -2.84 0.27
N SER A 36 -17.82 -2.01 1.15
CA SER A 36 -18.10 -0.61 0.82
C SER A 36 -17.07 0.30 1.48
N THR A 37 -16.53 -0.13 2.61
CA THR A 37 -15.54 0.65 3.35
C THR A 37 -14.25 -0.15 3.54
N MET A 38 -13.20 0.55 4.00
CA MET A 38 -11.92 -0.09 4.23
C MET A 38 -12.00 -1.07 5.41
N HIS A 39 -12.43 -0.56 6.56
CA HIS A 39 -12.55 -1.39 7.76
C HIS A 39 -13.30 -2.68 7.46
N GLU A 40 -14.27 -2.60 6.55
CA GLU A 40 -15.06 -3.76 6.18
C GLU A 40 -14.17 -4.85 5.59
N LEU A 41 -13.26 -4.46 4.71
CA LEU A 41 -12.34 -5.41 4.08
C LEU A 41 -11.37 -5.99 5.10
N VAL A 42 -10.62 -5.12 5.76
CA VAL A 42 -9.65 -5.55 6.78
C VAL A 42 -10.29 -6.51 7.77
N THR A 43 -11.41 -6.09 8.36
CA THR A 43 -12.12 -6.91 9.33
C THR A 43 -12.37 -8.32 8.79
N HIS A 44 -12.52 -8.41 7.47
CA HIS A 44 -12.76 -9.70 6.83
C HIS A 44 -11.46 -10.47 6.64
N VAL A 45 -10.55 -9.91 5.85
CA VAL A 45 -9.26 -10.54 5.60
C VAL A 45 -8.54 -10.88 6.91
N THR A 46 -8.92 -10.18 7.97
CA THR A 46 -8.31 -10.40 9.28
C THR A 46 -9.11 -11.42 10.09
N MET A 47 -10.40 -11.12 10.29
CA MET A 47 -11.27 -12.01 11.05
C MET A 47 -11.88 -13.08 10.14
N GLU A 48 -12.45 -12.64 9.03
CA GLU A 48 -13.08 -13.55 8.08
C GLU A 48 -12.03 -14.39 7.35
N HIS A 49 -10.76 -14.20 7.74
CA HIS A 49 -9.67 -14.94 7.12
C HIS A 49 -8.61 -15.31 8.17
N VAL A 50 -7.84 -14.32 8.61
CA VAL A 50 -6.80 -14.55 9.60
C VAL A 50 -7.41 -14.86 10.97
N GLY A 51 -8.73 -14.82 11.05
CA GLY A 51 -9.41 -15.09 12.30
C GLY A 51 -9.21 -14.00 13.33
N GLY A 52 -9.62 -14.25 14.56
CA GLY A 52 -9.49 -13.27 15.62
C GLY A 52 -8.22 -13.47 16.43
N PRO A 53 -8.18 -12.86 17.63
CA PRO A 53 -7.03 -12.97 18.52
C PRO A 53 -6.87 -14.37 19.12
N GLU A 54 -7.77 -15.27 18.73
CA GLU A 54 -7.74 -16.64 19.23
C GLU A 54 -6.96 -17.54 18.27
N GLN A 55 -7.23 -17.39 16.97
CA GLN A 55 -6.57 -18.19 15.96
C GLN A 55 -5.08 -18.33 16.26
N ASN A 56 -4.67 -19.51 16.68
CA ASN A 56 -3.27 -19.78 17.00
C ASN A 56 -2.37 -19.42 15.83
N ASN A 57 -2.35 -20.30 14.82
CA ASN A 57 -1.53 -20.08 13.64
C ASN A 57 -2.23 -19.16 12.65
N HIS A 58 -1.85 -17.88 12.68
CA HIS A 58 -2.45 -16.89 11.80
C HIS A 58 -1.55 -16.63 10.59
N VAL A 59 -1.99 -17.09 9.42
CA VAL A 59 -1.22 -16.90 8.19
C VAL A 59 -2.13 -16.48 7.04
N CYS A 60 -1.68 -15.48 6.28
CA CYS A 60 -2.44 -14.97 5.15
C CYS A 60 -1.88 -15.50 3.83
N TYR A 61 -2.66 -16.33 3.15
CA TYR A 61 -2.24 -16.91 1.88
C TYR A 61 -2.85 -16.13 0.70
N TRP A 62 -2.08 -15.21 0.15
CA TRP A 62 -2.53 -14.40 -0.97
C TRP A 62 -2.16 -15.07 -2.30
N GLU A 63 -3.03 -14.91 -3.30
CA GLU A 63 -2.80 -15.50 -4.61
C GLU A 63 -1.37 -15.26 -5.06
N GLU A 64 -0.75 -14.20 -4.54
CA GLU A 64 0.62 -13.86 -4.89
C GLU A 64 1.32 -13.12 -3.76
N CYS A 65 0.93 -13.45 -2.53
CA CYS A 65 1.51 -12.81 -1.35
C CYS A 65 3.02 -12.72 -1.47
N PRO A 66 3.57 -11.55 -1.14
CA PRO A 66 5.02 -11.30 -1.21
C PRO A 66 5.78 -12.07 -0.13
N ARG A 67 5.08 -12.49 0.90
CA ARG A 67 5.69 -13.24 2.00
C ARG A 67 5.68 -14.73 1.71
N GLU A 68 5.11 -15.10 0.56
CA GLU A 68 5.03 -16.51 0.17
C GLU A 68 4.48 -17.37 1.31
N GLY A 69 3.61 -16.77 2.12
CA GLY A 69 3.03 -17.49 3.24
C GLY A 69 4.04 -17.78 4.33
N LYS A 70 4.57 -16.71 4.94
CA LYS A 70 5.54 -16.84 6.01
C LYS A 70 4.97 -16.37 7.34
N SER A 71 4.39 -17.30 8.11
CA SER A 71 3.80 -16.97 9.39
C SER A 71 4.62 -15.91 10.11
N PHE A 72 3.97 -15.17 11.00
CA PHE A 72 4.63 -14.11 11.76
C PHE A 72 4.92 -14.58 13.19
N LYS A 73 5.41 -13.65 14.01
CA LYS A 73 5.73 -13.96 15.40
C LYS A 73 4.86 -13.14 16.35
N ALA A 74 3.80 -12.55 15.81
CA ALA A 74 2.88 -11.74 16.61
C ALA A 74 1.55 -11.55 15.90
N LYS A 75 0.63 -10.86 16.55
CA LYS A 75 -0.68 -10.60 15.97
C LYS A 75 -0.68 -9.31 15.15
N TYR A 76 -0.12 -8.25 15.72
CA TYR A 76 -0.06 -6.98 15.03
C TYR A 76 0.86 -7.06 13.81
N LYS A 77 1.71 -8.07 13.78
CA LYS A 77 2.63 -8.27 12.67
C LYS A 77 1.89 -8.71 11.42
N LEU A 78 0.91 -9.59 11.58
CA LEU A 78 0.12 -10.08 10.47
C LEU A 78 -0.96 -9.07 10.07
N VAL A 79 -1.76 -8.65 11.04
CA VAL A 79 -2.82 -7.68 10.80
C VAL A 79 -2.29 -6.46 10.07
N ASN A 80 -1.02 -6.13 10.31
CA ASN A 80 -0.39 -4.97 9.67
C ASN A 80 0.08 -5.33 8.27
N HIS A 81 0.26 -6.61 8.02
CA HIS A 81 0.72 -7.09 6.71
C HIS A 81 -0.42 -7.02 5.69
N ILE A 82 -1.61 -7.46 6.09
CA ILE A 82 -2.77 -7.46 5.22
C ILE A 82 -2.99 -6.08 4.61
N ARG A 83 -2.50 -5.05 5.30
CA ARG A 83 -2.64 -3.68 4.83
C ARG A 83 -2.00 -3.51 3.46
N VAL A 84 -1.16 -4.46 3.08
CA VAL A 84 -0.47 -4.40 1.79
C VAL A 84 -1.32 -5.05 0.70
N HIS A 85 -2.40 -5.72 1.10
CA HIS A 85 -3.28 -6.38 0.16
C HIS A 85 -4.51 -5.51 -0.13
N THR A 86 -4.60 -4.39 0.55
CA THR A 86 -5.72 -3.47 0.37
C THR A 86 -5.45 -2.49 -0.76
N GLY A 87 -4.59 -1.51 -0.51
CA GLY A 87 -4.26 -0.52 -1.52
C GLY A 87 -3.48 -1.12 -2.68
N GLU A 88 -3.29 -2.43 -2.64
CA GLU A 88 -2.56 -3.13 -3.70
C GLU A 88 -3.35 -3.10 -5.01
N LYS A 89 -2.63 -3.00 -6.12
CA LYS A 89 -3.25 -2.96 -7.44
C LYS A 89 -3.25 -4.34 -8.08
N PRO A 90 -4.21 -4.58 -9.00
CA PRO A 90 -4.33 -5.86 -9.70
C PRO A 90 -3.19 -6.09 -10.68
N PHE A 91 -2.93 -5.09 -11.52
CA PHE A 91 -1.86 -5.19 -12.51
C PHE A 91 -1.35 -3.81 -12.91
N PRO A 92 -0.07 -3.55 -12.63
CA PRO A 92 0.57 -2.26 -12.94
C PRO A 92 0.75 -2.06 -14.44
N CYS A 93 1.60 -1.11 -14.81
CA CYS A 93 1.86 -0.81 -16.21
C CYS A 93 3.02 -1.65 -16.74
N PRO A 94 2.85 -2.20 -17.94
CA PRO A 94 3.88 -3.04 -18.58
C PRO A 94 5.10 -2.24 -19.02
N PHE A 95 5.09 -0.94 -18.70
CA PHE A 95 6.19 -0.06 -19.05
C PHE A 95 7.01 0.31 -17.82
N PRO A 96 8.34 0.19 -17.93
CA PRO A 96 9.26 0.51 -16.83
C PRO A 96 9.33 2.00 -16.56
N GLY A 97 9.62 2.78 -17.60
CA GLY A 97 9.71 4.23 -17.45
C GLY A 97 8.38 4.85 -17.09
N CYS A 98 7.34 4.04 -17.03
CA CYS A 98 6.01 4.52 -16.70
C CYS A 98 5.67 4.25 -15.23
N GLY A 99 5.89 3.00 -14.81
CA GLY A 99 5.62 2.63 -13.43
C GLY A 99 4.24 3.09 -12.98
N LYS A 100 3.33 3.26 -13.93
CA LYS A 100 1.98 3.70 -13.62
C LYS A 100 1.07 2.50 -13.35
N ILE A 101 0.03 2.72 -12.53
CA ILE A 101 -0.91 1.66 -12.20
C ILE A 101 -2.34 2.16 -12.26
N PHE A 102 -3.25 1.29 -12.68
CA PHE A 102 -4.66 1.65 -12.78
C PHE A 102 -5.54 0.62 -12.08
N ALA A 103 -6.76 1.02 -11.74
CA ALA A 103 -7.69 0.13 -11.06
C ALA A 103 -8.65 -0.52 -12.05
N ARG A 104 -8.49 -0.18 -13.32
CA ARG A 104 -9.35 -0.72 -14.37
C ARG A 104 -8.53 -1.43 -15.45
N SER A 105 -9.11 -2.44 -16.08
CA SER A 105 -8.43 -3.19 -17.11
C SER A 105 -8.38 -2.40 -18.42
N GLU A 106 -9.53 -1.84 -18.80
CA GLU A 106 -9.61 -1.05 -20.03
C GLU A 106 -8.67 0.15 -19.98
N ASN A 107 -8.51 0.72 -18.78
CA ASN A 107 -7.64 1.87 -18.61
C ASN A 107 -6.20 1.54 -18.98
N LEU A 108 -5.70 0.41 -18.46
CA LEU A 108 -4.34 -0.02 -18.75
C LEU A 108 -4.17 -0.33 -20.23
N LYS A 109 -4.97 -1.28 -20.72
CA LYS A 109 -4.91 -1.68 -22.13
C LYS A 109 -4.98 -0.46 -23.03
N ILE A 110 -5.84 0.49 -22.69
CA ILE A 110 -6.00 1.71 -23.47
C ILE A 110 -4.84 2.66 -23.25
N HIS A 111 -4.28 2.63 -22.05
CA HIS A 111 -3.16 3.49 -21.71
C HIS A 111 -1.84 2.91 -22.24
N LYS A 112 -1.85 1.61 -22.52
CA LYS A 112 -0.66 0.94 -23.01
C LYS A 112 -0.44 1.24 -24.50
N ARG A 113 -1.54 1.51 -25.20
CA ARG A 113 -1.48 1.82 -26.63
C ARG A 113 -1.00 3.25 -26.85
N THR A 114 -1.04 4.05 -25.80
CA THR A 114 -0.62 5.44 -25.88
C THR A 114 0.87 5.58 -25.59
N HIS A 115 1.54 4.45 -25.35
CA HIS A 115 2.96 4.45 -25.07
C HIS A 115 3.77 4.45 -26.37
N THR A 116 3.69 3.35 -27.11
CA THR A 116 4.42 3.23 -28.37
C THR A 116 4.06 1.93 -29.09
N GLY A 117 4.28 1.91 -30.39
CA GLY A 117 3.96 0.73 -31.18
C GLY A 117 5.05 -0.34 -31.09
N GLU A 118 6.30 0.10 -31.12
CA GLU A 118 7.43 -0.82 -31.04
C GLU A 118 7.77 -1.15 -29.59
N LYS A 119 8.43 -2.27 -29.38
CA LYS A 119 8.82 -2.70 -28.04
C LYS A 119 10.19 -2.16 -27.67
N PRO A 120 10.36 -1.80 -26.39
CA PRO A 120 11.64 -1.27 -25.88
C PRO A 120 12.73 -2.32 -25.84
N PHE A 121 12.40 -3.50 -25.34
CA PHE A 121 13.36 -4.59 -25.25
C PHE A 121 12.91 -5.79 -26.08
N LYS A 122 13.76 -6.21 -27.02
CA LYS A 122 13.45 -7.34 -27.87
C LYS A 122 14.52 -8.43 -27.75
N CYS A 123 14.08 -9.67 -27.60
CA CYS A 123 14.99 -10.80 -27.47
C CYS A 123 16.21 -10.62 -28.37
N GLU A 124 17.34 -10.28 -27.76
CA GLU A 124 18.58 -10.07 -28.51
C GLU A 124 19.03 -11.37 -29.17
N PHE A 125 18.36 -12.46 -28.85
CA PHE A 125 18.69 -13.77 -29.41
C PHE A 125 18.31 -13.83 -30.89
N GLU A 126 19.30 -14.07 -31.75
CA GLU A 126 19.06 -14.17 -33.18
C GLU A 126 18.11 -15.31 -33.51
N GLY A 127 17.28 -15.12 -34.53
CA GLY A 127 16.33 -16.15 -34.92
C GLY A 127 15.22 -16.33 -33.90
N CYS A 128 15.04 -15.34 -33.05
CA CYS A 128 14.00 -15.38 -32.02
C CYS A 128 13.06 -14.19 -32.14
N ASP A 129 11.78 -14.42 -31.85
CA ASP A 129 10.78 -13.36 -31.92
C ASP A 129 10.03 -13.23 -30.60
N ARG A 130 10.34 -12.18 -29.84
CA ARG A 130 9.70 -11.95 -28.56
C ARG A 130 9.65 -10.46 -28.24
N ARG A 131 9.04 -10.12 -27.11
CA ARG A 131 8.92 -8.72 -26.69
C ARG A 131 8.95 -8.61 -25.17
N PHE A 132 9.82 -7.74 -24.67
CA PHE A 132 9.95 -7.54 -23.23
C PHE A 132 9.84 -6.06 -22.88
N ALA A 133 9.51 -5.79 -21.62
CA ALA A 133 9.37 -4.41 -21.15
C ALA A 133 10.48 -4.04 -20.18
N ASN A 134 11.13 -5.06 -19.61
CA ASN A 134 12.21 -4.84 -18.66
C ASN A 134 13.43 -5.68 -19.03
N SER A 135 14.61 -5.07 -18.93
CA SER A 135 15.85 -5.76 -19.26
C SER A 135 15.96 -7.07 -18.49
N SER A 136 15.48 -7.07 -17.25
CA SER A 136 15.52 -8.27 -16.41
C SER A 136 14.85 -9.45 -17.10
N ASP A 137 13.69 -9.20 -17.71
CA ASP A 137 12.95 -10.24 -18.40
C ASP A 137 13.75 -10.76 -19.60
N ARG A 138 14.35 -9.85 -20.35
CA ARG A 138 15.13 -10.21 -21.53
C ARG A 138 16.25 -11.17 -21.15
N LYS A 139 16.95 -10.85 -20.05
CA LYS A 139 18.05 -11.69 -19.58
C LYS A 139 17.52 -12.99 -18.96
N LYS A 140 16.26 -12.97 -18.56
CA LYS A 140 15.64 -14.15 -17.97
C LYS A 140 15.10 -15.09 -19.04
N HIS A 141 14.87 -14.55 -20.24
CA HIS A 141 14.35 -15.33 -21.34
C HIS A 141 15.48 -16.11 -22.03
N MET A 142 16.71 -15.89 -21.56
CA MET A 142 17.87 -16.57 -22.13
C MET A 142 18.11 -17.91 -21.44
N HIS A 143 17.53 -18.07 -20.26
CA HIS A 143 17.68 -19.30 -19.50
C HIS A 143 17.15 -20.50 -20.28
N VAL A 144 16.30 -20.22 -21.26
CA VAL A 144 15.73 -21.27 -22.09
C VAL A 144 16.48 -21.41 -23.41
N HIS A 145 17.22 -20.36 -23.78
CA HIS A 145 17.99 -20.38 -25.01
C HIS A 145 19.21 -21.30 -24.89
N THR A 146 19.85 -21.28 -23.72
CA THR A 146 21.02 -22.10 -23.48
C THR A 146 20.64 -23.42 -22.81
N SER A 147 21.02 -24.53 -23.43
CA SER A 147 20.70 -25.85 -22.89
C SER A 147 21.83 -26.84 -23.21
N ASP A 148 21.73 -28.03 -22.65
CA ASP A 148 22.73 -29.07 -22.87
C ASP A 148 22.15 -30.45 -22.58
N LYS A 149 22.82 -31.48 -23.09
CA LYS A 149 22.37 -32.86 -22.91
C LYS A 149 22.85 -33.40 -21.56
N SER A 150 22.24 -34.50 -21.12
CA SER A 150 22.60 -35.12 -19.86
C SER A 150 22.87 -34.06 -18.79
N GLY A 151 22.03 -33.04 -18.75
CA GLY A 151 22.18 -31.98 -17.77
C GLY A 151 22.35 -32.50 -16.36
N PRO A 152 23.09 -31.75 -15.53
CA PRO A 152 23.35 -32.13 -14.14
C PRO A 152 22.09 -32.03 -13.27
N SER A 153 21.22 -31.08 -13.61
CA SER A 153 19.99 -30.88 -12.86
C SER A 153 18.79 -31.40 -13.64
N SER A 154 17.61 -31.26 -13.06
CA SER A 154 16.38 -31.72 -13.69
C SER A 154 15.19 -30.85 -13.28
N GLY A 155 14.20 -30.77 -14.16
CA GLY A 155 13.02 -29.96 -13.88
C GLY A 155 11.73 -30.73 -14.08
ZN ZN B . -11.41 -12.98 1.81
ZN ZN C . -0.50 -11.91 2.58
ZN ZN D . 2.03 3.17 -18.85
ZN ZN E . 14.32 -15.59 -27.39
N GLY A 1 -1.10 7.55 8.23
CA GLY A 1 -1.57 8.65 9.04
C GLY A 1 -3.00 9.04 8.71
N SER A 2 -3.95 8.41 9.39
CA SER A 2 -5.37 8.69 9.17
C SER A 2 -5.67 10.18 9.33
N SER A 3 -6.65 10.65 8.59
CA SER A 3 -7.04 12.06 8.65
C SER A 3 -8.49 12.21 9.10
N GLY A 4 -9.33 11.25 8.71
CA GLY A 4 -10.73 11.30 9.08
C GLY A 4 -11.64 11.43 7.87
N SER A 5 -11.69 10.39 7.05
CA SER A 5 -12.53 10.40 5.86
C SER A 5 -13.98 10.68 6.22
N SER A 6 -14.44 11.89 5.91
CA SER A 6 -15.81 12.29 6.19
C SER A 6 -16.29 13.35 5.20
N GLY A 7 -17.56 13.72 5.31
CA GLY A 7 -18.12 14.70 4.41
C GLY A 7 -19.13 14.12 3.45
N GLN A 8 -18.66 13.50 2.38
CA GLN A 8 -19.54 12.89 1.39
C GLN A 8 -19.40 11.37 1.41
N PRO A 9 -20.54 10.68 1.26
CA PRO A 9 -20.58 9.21 1.26
C PRO A 9 -19.94 8.62 0.00
N ILE A 10 -18.91 7.81 0.20
CA ILE A 10 -18.22 7.18 -0.93
C ILE A 10 -18.29 5.66 -0.83
N LYS A 11 -18.59 5.01 -1.94
CA LYS A 11 -18.69 3.55 -1.99
C LYS A 11 -17.66 2.97 -2.94
N GLN A 12 -16.64 2.32 -2.38
CA GLN A 12 -15.59 1.72 -3.19
C GLN A 12 -15.63 0.20 -3.09
N GLU A 13 -15.41 -0.48 -4.21
CA GLU A 13 -15.43 -1.93 -4.24
C GLU A 13 -14.03 -2.50 -3.98
N LEU A 14 -13.92 -3.33 -2.95
CA LEU A 14 -12.64 -3.94 -2.60
C LEU A 14 -12.57 -5.39 -3.07
N SER A 15 -11.37 -5.96 -3.03
CA SER A 15 -11.18 -7.35 -3.46
C SER A 15 -10.20 -8.06 -2.53
N CYS A 16 -10.59 -9.26 -2.09
CA CYS A 16 -9.74 -10.05 -1.20
C CYS A 16 -9.45 -11.42 -1.81
N LYS A 17 -8.38 -11.49 -2.61
CA LYS A 17 -7.99 -12.74 -3.24
C LYS A 17 -7.21 -13.62 -2.28
N TRP A 18 -7.89 -14.59 -1.69
CA TRP A 18 -7.26 -15.51 -0.75
C TRP A 18 -7.08 -16.89 -1.36
N ILE A 19 -5.84 -17.36 -1.39
CA ILE A 19 -5.54 -18.67 -1.96
C ILE A 19 -4.84 -19.56 -0.93
N ASP A 20 -5.61 -20.45 -0.30
CA ASP A 20 -5.06 -21.36 0.70
C ASP A 20 -4.27 -22.47 0.04
N GLU A 21 -2.94 -22.36 0.10
CA GLU A 21 -2.06 -23.36 -0.50
C GLU A 21 -2.64 -24.76 -0.33
N ALA A 22 -2.99 -25.10 0.90
CA ALA A 22 -3.55 -26.42 1.20
C ALA A 22 -5.07 -26.39 1.13
N GLN A 23 -5.60 -25.73 0.10
CA GLN A 23 -7.05 -25.63 -0.08
C GLN A 23 -7.61 -26.91 -0.68
N LEU A 24 -8.80 -27.31 -0.22
CA LEU A 24 -9.45 -28.51 -0.72
C LEU A 24 -10.23 -28.22 -1.99
N SER A 25 -9.94 -27.08 -2.61
CA SER A 25 -10.62 -26.69 -3.84
C SER A 25 -9.66 -26.73 -5.03
N ARG A 26 -10.18 -27.12 -6.19
CA ARG A 26 -9.37 -27.20 -7.40
C ARG A 26 -10.23 -27.00 -8.65
N PRO A 27 -9.74 -26.18 -9.58
CA PRO A 27 -8.45 -25.49 -9.44
C PRO A 27 -8.49 -24.41 -8.36
N LYS A 28 -7.32 -24.15 -7.77
CA LYS A 28 -7.22 -23.13 -6.73
C LYS A 28 -7.96 -21.86 -7.13
N LYS A 29 -8.86 -21.40 -6.28
CA LYS A 29 -9.63 -20.19 -6.55
C LYS A 29 -9.24 -19.08 -5.58
N SER A 30 -9.81 -17.90 -5.78
CA SER A 30 -9.52 -16.74 -4.93
C SER A 30 -10.78 -16.27 -4.22
N CYS A 31 -10.71 -16.19 -2.89
CA CYS A 31 -11.85 -15.74 -2.10
C CYS A 31 -12.64 -14.67 -2.82
N ASP A 32 -13.74 -15.08 -3.45
CA ASP A 32 -14.60 -14.15 -4.18
C ASP A 32 -15.48 -13.34 -3.23
N ARG A 33 -15.20 -12.05 -3.14
CA ARG A 33 -15.98 -11.17 -2.26
C ARG A 33 -15.55 -9.72 -2.43
N THR A 34 -16.32 -8.80 -1.86
CA THR A 34 -16.02 -7.37 -1.95
C THR A 34 -16.66 -6.60 -0.79
N PHE A 35 -16.34 -5.31 -0.72
CA PHE A 35 -16.89 -4.47 0.34
C PHE A 35 -16.97 -3.01 -0.11
N SER A 36 -17.68 -2.20 0.65
CA SER A 36 -17.86 -0.79 0.31
C SER A 36 -16.73 0.04 0.91
N THR A 37 -16.42 -0.21 2.18
CA THR A 37 -15.36 0.52 2.87
C THR A 37 -14.19 -0.40 3.22
N MET A 38 -13.02 0.19 3.40
CA MET A 38 -11.82 -0.58 3.75
C MET A 38 -12.04 -1.38 5.03
N HIS A 39 -12.42 -0.68 6.10
CA HIS A 39 -12.66 -1.33 7.38
C HIS A 39 -13.42 -2.65 7.20
N GLU A 40 -14.43 -2.63 6.34
CA GLU A 40 -15.23 -3.82 6.08
C GLU A 40 -14.34 -4.98 5.61
N LEU A 41 -13.43 -4.67 4.69
CA LEU A 41 -12.52 -5.68 4.16
C LEU A 41 -11.52 -6.14 5.22
N VAL A 42 -10.90 -5.18 5.90
CA VAL A 42 -9.93 -5.47 6.95
C VAL A 42 -10.50 -6.47 7.95
N THR A 43 -11.68 -6.15 8.47
CA THR A 43 -12.34 -7.01 9.45
C THR A 43 -12.52 -8.42 8.91
N HIS A 44 -12.59 -8.55 7.59
CA HIS A 44 -12.76 -9.83 6.94
C HIS A 44 -11.41 -10.56 6.80
N VAL A 45 -10.51 -9.96 6.04
CA VAL A 45 -9.19 -10.54 5.82
C VAL A 45 -8.49 -10.83 7.15
N THR A 46 -8.93 -10.14 8.20
CA THR A 46 -8.35 -10.33 9.52
C THR A 46 -9.12 -11.37 10.32
N MET A 47 -10.43 -11.14 10.48
CA MET A 47 -11.28 -12.05 11.23
C MET A 47 -11.83 -13.14 10.31
N GLU A 48 -12.39 -12.74 9.18
CA GLU A 48 -12.96 -13.67 8.23
C GLU A 48 -11.86 -14.47 7.53
N HIS A 49 -10.62 -14.24 7.94
CA HIS A 49 -9.48 -14.93 7.36
C HIS A 49 -8.43 -15.26 8.43
N VAL A 50 -7.71 -14.24 8.88
CA VAL A 50 -6.69 -14.42 9.90
C VAL A 50 -7.31 -14.74 11.25
N GLY A 51 -8.64 -14.75 11.30
CA GLY A 51 -9.33 -15.04 12.54
C GLY A 51 -8.78 -14.25 13.71
N GLY A 52 -9.29 -14.54 14.91
CA GLY A 52 -8.83 -13.86 16.10
C GLY A 52 -7.54 -14.43 16.65
N PRO A 53 -7.18 -14.01 17.88
CA PRO A 53 -5.96 -14.49 18.54
C PRO A 53 -6.06 -15.94 18.97
N GLU A 54 -7.24 -16.53 18.76
CA GLU A 54 -7.46 -17.93 19.13
C GLU A 54 -6.91 -18.87 18.06
N GLN A 55 -6.78 -18.35 16.84
CA GLN A 55 -6.27 -19.14 15.73
C GLN A 55 -4.86 -19.65 16.03
N ASN A 56 -4.68 -20.97 15.90
CA ASN A 56 -3.39 -21.58 16.16
C ASN A 56 -2.27 -20.80 15.49
N ASN A 57 -2.16 -20.92 14.17
CA ASN A 57 -1.12 -20.23 13.42
C ASN A 57 -1.74 -19.16 12.51
N HIS A 58 -1.20 -17.95 12.57
CA HIS A 58 -1.70 -16.85 11.75
C HIS A 58 -0.87 -16.71 10.47
N VAL A 59 -1.46 -17.10 9.35
CA VAL A 59 -0.78 -17.02 8.06
C VAL A 59 -1.74 -16.55 6.97
N CYS A 60 -1.26 -15.65 6.13
CA CYS A 60 -2.07 -15.11 5.04
C CYS A 60 -1.53 -15.58 3.69
N TYR A 61 -2.33 -16.41 3.01
CA TYR A 61 -1.94 -16.94 1.70
C TYR A 61 -2.60 -16.16 0.58
N TRP A 62 -1.87 -15.20 0.02
CA TRP A 62 -2.39 -14.39 -1.07
C TRP A 62 -2.08 -15.02 -2.42
N GLU A 63 -3.00 -14.85 -3.38
CA GLU A 63 -2.82 -15.41 -4.71
C GLU A 63 -1.39 -15.19 -5.20
N GLU A 64 -0.70 -14.21 -4.63
CA GLU A 64 0.66 -13.92 -5.00
C GLU A 64 1.37 -13.12 -3.91
N CYS A 65 1.01 -13.40 -2.66
CA CYS A 65 1.61 -12.72 -1.52
C CYS A 65 3.12 -12.60 -1.69
N PRO A 66 3.66 -11.40 -1.41
CA PRO A 66 5.09 -11.12 -1.52
C PRO A 66 5.90 -11.84 -0.44
N ARG A 67 5.27 -12.13 0.68
CA ARG A 67 5.93 -12.81 1.78
C ARG A 67 5.79 -14.32 1.64
N GLU A 68 4.79 -14.76 0.89
CA GLU A 68 4.55 -16.18 0.68
C GLU A 68 3.98 -16.83 1.93
N GLY A 69 3.15 -16.08 2.66
CA GLY A 69 2.55 -16.59 3.87
C GLY A 69 3.57 -16.86 4.96
N LYS A 70 4.35 -15.85 5.31
CA LYS A 70 5.36 -15.97 6.34
C LYS A 70 4.78 -15.69 7.72
N SER A 71 4.27 -16.73 8.37
CA SER A 71 3.69 -16.59 9.70
C SER A 71 4.43 -15.53 10.51
N PHE A 72 3.71 -14.89 11.44
CA PHE A 72 4.30 -13.86 12.28
C PHE A 72 4.13 -14.20 13.76
N LYS A 73 4.93 -13.57 14.60
CA LYS A 73 4.87 -13.80 16.04
C LYS A 73 4.08 -12.71 16.73
N ALA A 74 2.99 -12.28 16.11
CA ALA A 74 2.14 -11.24 16.67
C ALA A 74 0.88 -11.05 15.84
N LYS A 75 -0.26 -10.90 16.52
CA LYS A 75 -1.53 -10.72 15.84
C LYS A 75 -1.52 -9.44 15.01
N TYR A 76 -0.87 -8.41 15.52
CA TYR A 76 -0.78 -7.13 14.82
C TYR A 76 0.37 -7.12 13.83
N LYS A 77 1.17 -8.18 13.86
CA LYS A 77 2.31 -8.31 12.96
C LYS A 77 1.87 -8.78 11.58
N LEU A 78 0.94 -9.73 11.55
CA LEU A 78 0.42 -10.26 10.30
C LEU A 78 -0.60 -9.32 9.68
N VAL A 79 -1.41 -8.69 10.53
CA VAL A 79 -2.43 -7.76 10.07
C VAL A 79 -1.80 -6.59 9.31
N ASN A 80 -0.89 -5.90 9.97
CA ASN A 80 -0.21 -4.75 9.36
C ASN A 80 0.28 -5.10 7.95
N HIS A 81 0.57 -6.38 7.73
CA HIS A 81 1.05 -6.84 6.44
C HIS A 81 -0.07 -6.83 5.41
N ILE A 82 -1.26 -7.26 5.83
CA ILE A 82 -2.41 -7.30 4.94
C ILE A 82 -2.72 -5.92 4.38
N ARG A 83 -2.28 -4.88 5.09
CA ARG A 83 -2.51 -3.51 4.65
C ARG A 83 -2.14 -3.34 3.18
N VAL A 84 -1.04 -3.96 2.76
CA VAL A 84 -0.59 -3.89 1.38
C VAL A 84 -1.56 -4.61 0.44
N HIS A 85 -2.30 -5.57 0.99
CA HIS A 85 -3.25 -6.34 0.21
C HIS A 85 -4.51 -5.52 -0.07
N THR A 86 -4.54 -4.29 0.44
CA THR A 86 -5.69 -3.41 0.26
C THR A 86 -5.30 -2.18 -0.56
N GLY A 87 -4.16 -1.58 -0.23
CA GLY A 87 -3.70 -0.41 -0.94
C GLY A 87 -3.58 0.81 -0.04
N GLU A 88 -3.35 0.57 1.25
CA GLU A 88 -3.23 1.65 2.22
C GLU A 88 -1.76 1.97 2.49
N LYS A 89 -1.44 3.26 2.52
CA LYS A 89 -0.06 3.69 2.77
C LYS A 89 0.01 4.55 4.02
N PRO A 90 1.13 4.44 4.75
CA PRO A 90 1.35 5.21 5.99
C PRO A 90 1.55 6.70 5.72
N PHE A 91 2.46 7.01 4.79
CA PHE A 91 2.75 8.39 4.44
C PHE A 91 3.33 8.49 3.04
N PRO A 92 2.96 9.55 2.31
CA PRO A 92 3.43 9.79 0.94
C PRO A 92 4.92 10.15 0.89
N CYS A 93 5.36 10.67 -0.24
CA CYS A 93 6.75 11.06 -0.42
C CYS A 93 6.95 12.54 -0.09
N PRO A 94 8.02 12.85 0.66
CA PRO A 94 8.35 14.22 1.05
C PRO A 94 8.81 15.07 -0.13
N PHE A 95 8.78 14.48 -1.32
CA PHE A 95 9.19 15.19 -2.53
C PHE A 95 7.98 15.75 -3.26
N PRO A 96 8.08 17.03 -3.66
CA PRO A 96 7.01 17.73 -4.38
C PRO A 96 6.83 17.20 -5.79
N GLY A 97 7.91 17.19 -6.57
CA GLY A 97 7.85 16.71 -7.93
C GLY A 97 8.00 15.20 -8.03
N CYS A 98 7.32 14.49 -7.12
CA CYS A 98 7.38 13.04 -7.10
C CYS A 98 5.98 12.44 -6.93
N GLY A 99 5.29 12.85 -5.88
CA GLY A 99 3.95 12.35 -5.63
C GLY A 99 3.91 10.85 -5.48
N LYS A 100 5.04 10.26 -5.08
CA LYS A 100 5.13 8.82 -4.91
C LYS A 100 4.80 8.41 -3.47
N ILE A 101 4.27 7.21 -3.32
CA ILE A 101 3.91 6.70 -1.99
C ILE A 101 4.27 5.24 -1.84
N PHE A 102 4.75 4.87 -0.67
CA PHE A 102 5.14 3.49 -0.40
C PHE A 102 4.44 2.96 0.85
N ALA A 103 3.90 1.74 0.75
CA ALA A 103 3.20 1.12 1.87
C ALA A 103 4.18 0.66 2.94
N ARG A 104 5.47 0.63 2.59
CA ARG A 104 6.50 0.20 3.52
C ARG A 104 7.38 1.38 3.94
N SER A 105 7.58 1.53 5.24
CA SER A 105 8.40 2.61 5.77
C SER A 105 9.80 2.58 5.18
N GLU A 106 10.44 1.42 5.26
CA GLU A 106 11.79 1.24 4.73
C GLU A 106 11.86 1.67 3.27
N ASN A 107 10.86 1.27 2.49
CA ASN A 107 10.81 1.61 1.07
C ASN A 107 10.82 3.12 0.87
N LEU A 108 10.12 3.84 1.75
CA LEU A 108 10.06 5.29 1.67
C LEU A 108 11.39 5.92 2.08
N LYS A 109 11.94 5.44 3.20
CA LYS A 109 13.21 5.96 3.69
C LYS A 109 14.33 5.74 2.68
N ILE A 110 14.41 4.51 2.17
CA ILE A 110 15.43 4.17 1.18
C ILE A 110 15.25 4.97 -0.10
N HIS A 111 14.00 5.26 -0.43
CA HIS A 111 13.68 6.03 -1.64
C HIS A 111 13.88 7.52 -1.41
N LYS A 112 13.80 7.93 -0.15
CA LYS A 112 13.97 9.33 0.20
C LYS A 112 15.45 9.71 0.23
N ARG A 113 16.30 8.75 0.61
CA ARG A 113 17.74 8.98 0.67
C ARG A 113 18.31 9.22 -0.73
N THR A 114 17.67 8.64 -1.73
CA THR A 114 18.12 8.79 -3.11
C THR A 114 17.75 10.18 -3.66
N HIS A 115 16.75 10.80 -3.04
CA HIS A 115 16.31 12.12 -3.46
C HIS A 115 17.34 13.19 -3.12
N THR A 116 18.35 12.80 -2.35
CA THR A 116 19.41 13.71 -1.94
C THR A 116 20.43 13.91 -3.05
N GLY A 117 20.50 12.93 -3.96
CA GLY A 117 21.44 13.02 -5.06
C GLY A 117 21.42 14.37 -5.74
N GLU A 118 20.32 14.67 -6.42
CA GLU A 118 20.18 15.94 -7.12
C GLU A 118 19.14 16.83 -6.45
N LYS A 119 19.28 18.14 -6.63
CA LYS A 119 18.35 19.10 -6.03
C LYS A 119 17.49 19.77 -7.10
N PRO A 120 16.23 20.05 -6.76
CA PRO A 120 15.29 20.70 -7.68
C PRO A 120 15.66 22.16 -7.95
N PHE A 121 16.08 22.85 -6.91
CA PHE A 121 16.47 24.27 -7.04
C PHE A 121 17.95 24.46 -6.75
N LYS A 122 18.66 25.09 -7.68
CA LYS A 122 20.09 25.33 -7.53
C LYS A 122 20.39 26.82 -7.64
N CYS A 123 21.27 27.30 -6.76
CA CYS A 123 21.65 28.71 -6.76
C CYS A 123 21.90 29.21 -8.18
N GLU A 124 21.07 30.16 -8.61
CA GLU A 124 21.20 30.72 -9.96
C GLU A 124 22.46 31.56 -10.07
N PHE A 125 23.14 31.78 -8.95
CA PHE A 125 24.36 32.58 -8.92
C PHE A 125 25.51 31.82 -9.59
N GLU A 126 26.33 32.55 -10.34
CA GLU A 126 27.46 31.95 -11.02
C GLU A 126 28.60 31.65 -10.04
N GLY A 127 29.42 30.66 -10.38
CA GLY A 127 30.52 30.28 -9.52
C GLY A 127 30.09 30.01 -8.09
N CYS A 128 28.83 29.60 -7.93
CA CYS A 128 28.29 29.30 -6.61
C CYS A 128 27.80 27.86 -6.54
N ASP A 129 28.06 27.20 -5.41
CA ASP A 129 27.64 25.82 -5.22
C ASP A 129 26.71 25.70 -4.01
N ARG A 130 25.42 25.49 -4.30
CA ARG A 130 24.42 25.36 -3.24
C ARG A 130 23.30 24.41 -3.66
N ARG A 131 22.32 24.24 -2.79
CA ARG A 131 21.19 23.36 -3.07
C ARG A 131 19.95 23.78 -2.28
N PHE A 132 18.83 23.90 -2.97
CA PHE A 132 17.58 24.30 -2.33
C PHE A 132 16.43 23.41 -2.78
N ALA A 133 15.48 23.17 -1.89
CA ALA A 133 14.33 22.33 -2.19
C ALA A 133 13.16 23.18 -2.68
N ASN A 134 13.20 24.47 -2.37
CA ASN A 134 12.13 25.38 -2.78
C ASN A 134 12.72 26.71 -3.26
N SER A 135 11.99 27.39 -4.14
CA SER A 135 12.44 28.67 -4.68
C SER A 135 12.61 29.70 -3.56
N SER A 136 11.60 29.80 -2.71
CA SER A 136 11.63 30.74 -1.59
C SER A 136 12.98 30.68 -0.86
N ASP A 137 13.43 29.46 -0.58
CA ASP A 137 14.70 29.26 0.11
C ASP A 137 15.87 29.68 -0.78
N ARG A 138 15.73 29.46 -2.08
CA ARG A 138 16.78 29.82 -3.03
C ARG A 138 16.97 31.33 -3.08
N LYS A 139 15.89 32.06 -3.32
CA LYS A 139 15.94 33.52 -3.38
C LYS A 139 16.42 34.11 -2.07
N LYS A 140 16.30 33.33 -1.00
CA LYS A 140 16.74 33.77 0.32
C LYS A 140 18.26 33.71 0.45
N HIS A 141 18.89 32.92 -0.42
CA HIS A 141 20.34 32.78 -0.41
C HIS A 141 21.01 33.88 -1.22
N MET A 142 20.19 34.74 -1.82
CA MET A 142 20.71 35.85 -2.62
C MET A 142 20.97 37.07 -1.75
N HIS A 143 20.30 37.13 -0.60
CA HIS A 143 20.46 38.25 0.32
C HIS A 143 21.93 38.43 0.69
N VAL A 144 22.72 37.37 0.53
CA VAL A 144 24.14 37.41 0.86
C VAL A 144 24.98 37.64 -0.40
N HIS A 145 24.38 37.43 -1.56
CA HIS A 145 25.08 37.62 -2.83
C HIS A 145 25.19 39.10 -3.18
N THR A 146 24.14 39.86 -2.85
CA THR A 146 24.13 41.30 -3.13
C THR A 146 25.26 42.01 -2.40
N SER A 147 25.20 42.00 -1.07
CA SER A 147 26.22 42.66 -0.25
C SER A 147 26.61 41.77 0.94
N ASP A 148 27.50 42.29 1.77
CA ASP A 148 27.96 41.56 2.94
C ASP A 148 26.94 41.65 4.08
N LYS A 149 26.35 40.51 4.43
CA LYS A 149 25.35 40.45 5.49
C LYS A 149 25.53 39.21 6.34
N SER A 150 25.76 39.40 7.64
CA SER A 150 25.96 38.28 8.56
C SER A 150 24.80 38.21 9.57
N GLY A 151 24.54 37.01 10.06
CA GLY A 151 23.47 36.82 11.02
C GLY A 151 23.61 35.53 11.80
N PRO A 152 22.52 35.10 12.45
CA PRO A 152 22.50 33.87 13.24
C PRO A 152 22.60 32.61 12.38
N SER A 153 23.06 31.53 12.98
CA SER A 153 23.21 30.26 12.26
C SER A 153 22.86 29.08 13.17
N SER A 154 22.11 28.13 12.62
CA SER A 154 21.70 26.95 13.37
C SER A 154 22.80 25.88 13.35
N GLY A 155 22.55 24.78 14.06
CA GLY A 155 23.52 23.71 14.11
C GLY A 155 23.02 22.44 13.44
ZN ZN B . -11.42 -13.17 1.83
ZN ZN C . -0.26 -11.86 2.58
ZN ZN D . 9.95 10.53 -4.01
ZN ZN E . 24.82 31.30 -4.20
N GLY A 1 -28.60 5.26 11.48
CA GLY A 1 -28.95 6.46 10.75
C GLY A 1 -27.74 7.34 10.48
N SER A 2 -27.91 8.32 9.61
CA SER A 2 -26.83 9.24 9.26
C SER A 2 -27.37 10.54 8.70
N SER A 3 -26.47 11.48 8.41
CA SER A 3 -26.86 12.78 7.87
C SER A 3 -25.99 13.17 6.68
N GLY A 4 -26.57 13.92 5.75
CA GLY A 4 -25.83 14.34 4.57
C GLY A 4 -26.70 15.08 3.58
N SER A 5 -26.48 14.82 2.29
CA SER A 5 -27.24 15.47 1.23
C SER A 5 -28.00 14.44 0.40
N SER A 6 -29.11 14.86 -0.19
CA SER A 6 -29.93 13.98 -1.01
C SER A 6 -29.05 13.09 -1.88
N GLY A 7 -29.53 11.87 -2.14
CA GLY A 7 -28.77 10.93 -2.95
C GLY A 7 -27.79 10.12 -2.13
N GLN A 8 -27.01 9.28 -2.81
CA GLN A 8 -26.03 8.45 -2.14
C GLN A 8 -24.61 8.91 -2.45
N PRO A 9 -23.72 8.80 -1.46
CA PRO A 9 -22.32 9.21 -1.59
C PRO A 9 -21.53 8.29 -2.52
N ILE A 10 -20.25 8.57 -2.69
CA ILE A 10 -19.40 7.77 -3.55
C ILE A 10 -18.64 6.72 -2.75
N LYS A 11 -18.98 5.45 -2.98
CA LYS A 11 -18.33 4.35 -2.28
C LYS A 11 -17.64 3.41 -3.26
N GLN A 12 -16.37 3.12 -3.01
CA GLN A 12 -15.60 2.23 -3.88
C GLN A 12 -15.69 0.80 -3.39
N GLU A 13 -15.73 -0.15 -4.33
CA GLU A 13 -15.81 -1.57 -4.00
C GLU A 13 -14.42 -2.20 -3.95
N LEU A 14 -14.15 -2.93 -2.88
CA LEU A 14 -12.86 -3.60 -2.72
C LEU A 14 -12.95 -5.07 -3.09
N SER A 15 -11.80 -5.68 -3.35
CA SER A 15 -11.75 -7.09 -3.72
C SER A 15 -10.78 -7.85 -2.81
N CYS A 16 -11.27 -8.95 -2.23
CA CYS A 16 -10.46 -9.77 -1.35
C CYS A 16 -10.15 -11.12 -1.98
N LYS A 17 -9.02 -11.22 -2.65
CA LYS A 17 -8.60 -12.46 -3.31
C LYS A 17 -7.70 -13.27 -2.40
N TRP A 18 -8.28 -14.27 -1.73
CA TRP A 18 -7.52 -15.12 -0.83
C TRP A 18 -7.32 -16.51 -1.43
N ILE A 19 -6.07 -16.86 -1.73
CA ILE A 19 -5.76 -18.15 -2.31
C ILE A 19 -4.98 -19.02 -1.33
N ASP A 20 -5.61 -20.11 -0.89
CA ASP A 20 -4.98 -21.03 0.04
C ASP A 20 -4.10 -22.03 -0.68
N GLU A 21 -2.88 -22.23 -0.17
CA GLU A 21 -1.94 -23.16 -0.77
C GLU A 21 -2.31 -24.60 -0.45
N ALA A 22 -2.74 -24.83 0.79
CA ALA A 22 -3.13 -26.16 1.23
C ALA A 22 -4.59 -26.45 0.89
N GLN A 23 -5.08 -25.82 -0.17
CA GLN A 23 -6.46 -26.00 -0.61
C GLN A 23 -6.61 -27.29 -1.40
N LEU A 24 -7.69 -28.02 -1.13
CA LEU A 24 -7.96 -29.28 -1.83
C LEU A 24 -8.84 -29.05 -3.04
N SER A 25 -9.21 -27.79 -3.28
CA SER A 25 -10.07 -27.45 -4.40
C SER A 25 -9.22 -27.05 -5.61
N ARG A 26 -9.49 -27.66 -6.75
CA ARG A 26 -8.77 -27.37 -7.98
C ARG A 26 -9.72 -27.07 -9.13
N PRO A 27 -9.37 -26.09 -9.95
CA PRO A 27 -8.14 -25.30 -9.78
C PRO A 27 -8.19 -24.40 -8.55
N LYS A 28 -7.03 -23.89 -8.15
CA LYS A 28 -6.94 -23.01 -6.99
C LYS A 28 -7.97 -21.88 -7.09
N LYS A 29 -8.87 -21.83 -6.12
CA LYS A 29 -9.91 -20.80 -6.09
C LYS A 29 -9.59 -19.74 -5.04
N SER A 30 -10.07 -18.52 -5.26
CA SER A 30 -9.83 -17.42 -4.34
C SER A 30 -11.10 -17.12 -3.53
N CYS A 31 -10.93 -16.38 -2.45
CA CYS A 31 -12.06 -16.01 -1.59
C CYS A 31 -13.18 -15.40 -2.41
N ASP A 32 -12.87 -14.33 -3.14
CA ASP A 32 -13.86 -13.65 -3.97
C ASP A 32 -14.89 -12.92 -3.10
N ARG A 33 -14.40 -12.02 -2.25
CA ARG A 33 -15.27 -11.26 -1.37
C ARG A 33 -15.21 -9.77 -1.71
N THR A 34 -16.29 -9.06 -1.42
CA THR A 34 -16.37 -7.63 -1.69
C THR A 34 -16.85 -6.86 -0.46
N PHE A 35 -16.64 -5.55 -0.47
CA PHE A 35 -17.07 -4.70 0.64
C PHE A 35 -17.35 -3.28 0.16
N SER A 36 -17.99 -2.48 1.01
CA SER A 36 -18.32 -1.11 0.67
C SER A 36 -17.29 -0.14 1.26
N THR A 37 -16.73 -0.51 2.41
CA THR A 37 -15.73 0.32 3.07
C THR A 37 -14.46 -0.48 3.37
N MET A 38 -13.39 0.24 3.69
CA MET A 38 -12.12 -0.41 3.99
C MET A 38 -12.22 -1.24 5.27
N HIS A 39 -12.65 -0.61 6.35
CA HIS A 39 -12.79 -1.30 7.63
C HIS A 39 -13.48 -2.66 7.44
N GLU A 40 -14.39 -2.73 6.48
CA GLU A 40 -15.11 -3.97 6.20
C GLU A 40 -14.16 -5.03 5.64
N LEU A 41 -13.23 -4.59 4.79
CA LEU A 41 -12.28 -5.50 4.18
C LEU A 41 -11.24 -5.97 5.20
N VAL A 42 -10.83 -5.06 6.07
CA VAL A 42 -9.84 -5.37 7.10
C VAL A 42 -10.39 -6.39 8.10
N THR A 43 -11.51 -6.04 8.73
CA THR A 43 -12.15 -6.91 9.70
C THR A 43 -12.39 -8.30 9.11
N HIS A 44 -12.57 -8.36 7.80
CA HIS A 44 -12.81 -9.63 7.12
C HIS A 44 -11.49 -10.36 6.85
N VAL A 45 -10.64 -9.75 6.04
CA VAL A 45 -9.36 -10.34 5.70
C VAL A 45 -8.57 -10.70 6.96
N THR A 46 -8.90 -10.06 8.07
CA THR A 46 -8.23 -10.32 9.33
C THR A 46 -8.97 -11.38 10.14
N MET A 47 -10.25 -11.12 10.41
CA MET A 47 -11.07 -12.07 11.17
C MET A 47 -11.70 -13.11 10.26
N GLU A 48 -12.33 -12.65 9.18
CA GLU A 48 -12.98 -13.54 8.23
C GLU A 48 -11.94 -14.32 7.43
N HIS A 49 -10.67 -14.12 7.75
CA HIS A 49 -9.58 -14.80 7.07
C HIS A 49 -8.47 -15.19 8.05
N VAL A 50 -7.70 -14.19 8.48
CA VAL A 50 -6.61 -14.43 9.42
C VAL A 50 -7.15 -14.81 10.79
N GLY A 51 -8.47 -14.81 10.93
CA GLY A 51 -9.08 -15.15 12.21
C GLY A 51 -8.90 -14.07 13.25
N GLY A 52 -9.33 -14.36 14.48
CA GLY A 52 -9.20 -13.39 15.55
C GLY A 52 -8.07 -13.72 16.51
N PRO A 53 -8.13 -13.14 17.72
CA PRO A 53 -7.11 -13.37 18.75
C PRO A 53 -7.16 -14.79 19.32
N GLU A 54 -8.08 -15.59 18.80
CA GLU A 54 -8.24 -16.97 19.25
C GLU A 54 -7.65 -17.95 18.24
N GLN A 55 -6.98 -17.40 17.22
CA GLN A 55 -6.38 -18.24 16.18
C GLN A 55 -4.97 -18.68 16.59
N ASN A 56 -4.59 -19.87 16.17
CA ASN A 56 -3.27 -20.42 16.49
C ASN A 56 -2.26 -20.04 15.43
N ASN A 57 -2.38 -20.65 14.25
CA ASN A 57 -1.46 -20.38 13.15
C ASN A 57 -2.05 -19.33 12.20
N HIS A 58 -1.58 -18.09 12.35
CA HIS A 58 -2.06 -16.99 11.51
C HIS A 58 -1.20 -16.85 10.26
N VAL A 59 -1.78 -17.16 9.10
CA VAL A 59 -1.07 -17.06 7.84
C VAL A 59 -1.96 -16.48 6.75
N CYS A 60 -1.43 -15.51 6.01
CA CYS A 60 -2.17 -14.86 4.94
C CYS A 60 -1.57 -15.21 3.58
N TYR A 61 -2.33 -15.93 2.77
CA TYR A 61 -1.88 -16.33 1.44
C TYR A 61 -2.68 -15.62 0.35
N TRP A 62 -2.12 -14.53 -0.16
CA TRP A 62 -2.78 -13.75 -1.21
C TRP A 62 -2.38 -14.26 -2.59
N GLU A 63 -3.30 -14.17 -3.54
CA GLU A 63 -3.04 -14.63 -4.90
C GLU A 63 -1.61 -14.27 -5.33
N GLU A 64 -1.07 -13.23 -4.72
CA GLU A 64 0.29 -12.79 -5.02
C GLU A 64 0.96 -12.18 -3.80
N CYS A 65 0.90 -12.89 -2.68
CA CYS A 65 1.50 -12.43 -1.43
C CYS A 65 2.97 -12.83 -1.36
N PRO A 66 3.82 -11.87 -0.94
CA PRO A 66 5.27 -12.10 -0.81
C PRO A 66 5.61 -13.05 0.33
N ARG A 67 4.65 -13.24 1.24
CA ARG A 67 4.85 -14.12 2.38
C ARG A 67 4.98 -15.57 1.94
N GLU A 68 4.27 -15.92 0.86
CA GLU A 68 4.31 -17.28 0.34
C GLU A 68 3.96 -18.29 1.42
N GLY A 69 3.37 -17.80 2.51
CA GLY A 69 2.99 -18.67 3.61
C GLY A 69 3.68 -18.31 4.91
N LYS A 70 4.83 -17.66 4.80
CA LYS A 70 5.60 -17.26 5.97
C LYS A 70 4.72 -16.51 6.97
N SER A 71 4.36 -17.18 8.06
CA SER A 71 3.51 -16.58 9.08
C SER A 71 4.28 -15.51 9.85
N PHE A 72 3.63 -14.93 10.85
CA PHE A 72 4.24 -13.89 11.67
C PHE A 72 4.44 -14.37 13.10
N LYS A 73 5.04 -13.51 13.93
CA LYS A 73 5.28 -13.85 15.33
C LYS A 73 4.23 -13.20 16.23
N ALA A 74 3.45 -12.29 15.66
CA ALA A 74 2.41 -11.60 16.42
C ALA A 74 1.22 -11.25 15.53
N LYS A 75 0.06 -11.13 16.14
CA LYS A 75 -1.16 -10.81 15.40
C LYS A 75 -1.06 -9.42 14.78
N TYR A 76 -0.76 -8.41 15.61
CA TYR A 76 -0.64 -7.04 15.13
C TYR A 76 0.39 -6.94 14.01
N LYS A 77 1.44 -7.77 14.10
CA LYS A 77 2.50 -7.77 13.10
C LYS A 77 1.99 -8.33 11.78
N LEU A 78 1.07 -9.28 11.86
CA LEU A 78 0.49 -9.89 10.66
C LEU A 78 -0.53 -8.98 10.02
N VAL A 79 -1.39 -8.38 10.84
CA VAL A 79 -2.42 -7.47 10.35
C VAL A 79 -1.80 -6.33 9.53
N ASN A 80 -0.81 -5.66 10.11
CA ASN A 80 -0.14 -4.55 9.44
C ASN A 80 0.32 -4.96 8.05
N HIS A 81 0.70 -6.22 7.90
CA HIS A 81 1.16 -6.75 6.62
C HIS A 81 0.01 -6.81 5.62
N ILE A 82 -1.15 -7.21 6.10
CA ILE A 82 -2.33 -7.31 5.24
C ILE A 82 -2.76 -5.95 4.72
N ARG A 83 -2.25 -4.90 5.35
CA ARG A 83 -2.57 -3.53 4.94
C ARG A 83 -1.99 -3.22 3.57
N VAL A 84 -0.99 -3.99 3.17
CA VAL A 84 -0.34 -3.79 1.88
C VAL A 84 -1.14 -4.44 0.76
N HIS A 85 -1.97 -5.40 1.12
CA HIS A 85 -2.80 -6.11 0.15
C HIS A 85 -4.01 -5.25 -0.25
N THR A 86 -4.16 -4.10 0.39
CA THR A 86 -5.27 -3.20 0.12
C THR A 86 -4.76 -1.86 -0.42
N GLY A 87 -4.04 -1.14 0.42
CA GLY A 87 -3.50 0.16 0.02
C GLY A 87 -3.68 1.22 1.08
N GLU A 88 -3.69 0.79 2.34
CA GLU A 88 -3.85 1.72 3.46
C GLU A 88 -2.55 1.89 4.22
N LYS A 89 -2.35 3.07 4.79
CA LYS A 89 -1.14 3.37 5.55
C LYS A 89 -1.36 3.15 7.04
N PRO A 90 -0.31 2.72 7.74
CA PRO A 90 -0.36 2.46 9.19
C PRO A 90 -0.51 3.74 10.00
N PHE A 91 0.37 4.70 9.74
CA PHE A 91 0.35 5.98 10.44
C PHE A 91 0.96 7.09 9.59
N PRO A 92 0.17 8.14 9.34
CA PRO A 92 0.62 9.28 8.53
C PRO A 92 1.67 10.12 9.25
N CYS A 93 1.92 11.32 8.74
CA CYS A 93 2.90 12.22 9.34
C CYS A 93 2.25 13.12 10.39
N PRO A 94 2.88 13.19 11.57
CA PRO A 94 2.38 14.00 12.68
C PRO A 94 2.51 15.50 12.41
N PHE A 95 3.31 15.84 11.40
CA PHE A 95 3.52 17.24 11.03
C PHE A 95 2.25 17.85 10.44
N PRO A 96 1.88 19.05 10.92
CA PRO A 96 0.69 19.75 10.46
C PRO A 96 0.83 20.26 9.03
N GLY A 97 1.90 21.02 8.78
CA GLY A 97 2.15 21.56 7.45
C GLY A 97 2.85 20.57 6.54
N CYS A 98 2.45 19.30 6.63
CA CYS A 98 3.05 18.25 5.81
C CYS A 98 1.98 17.34 5.22
N GLY A 99 1.15 16.77 6.08
CA GLY A 99 0.10 15.88 5.63
C GLY A 99 0.63 14.70 4.85
N LYS A 100 1.91 14.42 5.02
CA LYS A 100 2.55 13.30 4.32
C LYS A 100 2.30 11.98 5.06
N ILE A 101 2.27 10.89 4.31
CA ILE A 101 2.05 9.57 4.90
C ILE A 101 3.11 8.58 4.43
N PHE A 102 3.45 7.64 5.30
CA PHE A 102 4.45 6.63 4.98
C PHE A 102 3.95 5.23 5.35
N ALA A 103 4.16 4.28 4.43
CA ALA A 103 3.73 2.90 4.65
C ALA A 103 4.77 2.12 5.43
N ARG A 104 5.97 2.69 5.55
CA ARG A 104 7.07 2.04 6.25
C ARG A 104 7.38 2.78 7.55
N SER A 105 7.48 2.02 8.65
CA SER A 105 7.77 2.62 9.95
C SER A 105 9.13 3.31 9.94
N GLU A 106 10.14 2.60 9.44
CA GLU A 106 11.49 3.15 9.37
C GLU A 106 11.51 4.45 8.57
N ASN A 107 10.61 4.56 7.60
CA ASN A 107 10.52 5.76 6.77
C ASN A 107 9.96 6.93 7.56
N LEU A 108 8.80 6.73 8.17
CA LEU A 108 8.16 7.77 8.96
C LEU A 108 9.04 8.20 10.13
N LYS A 109 9.47 7.22 10.93
CA LYS A 109 10.32 7.50 12.07
C LYS A 109 11.55 8.31 11.66
N ILE A 110 12.04 8.06 10.46
CA ILE A 110 13.21 8.77 9.94
C ILE A 110 12.80 10.10 9.31
N HIS A 111 11.59 10.16 8.78
CA HIS A 111 11.09 11.37 8.16
C HIS A 111 10.61 12.37 9.21
N LYS A 112 10.29 11.87 10.39
CA LYS A 112 9.82 12.72 11.48
C LYS A 112 11.00 13.41 12.18
N ARG A 113 12.17 12.77 12.14
CA ARG A 113 13.36 13.33 12.75
C ARG A 113 13.94 14.45 11.90
N THR A 114 13.79 14.32 10.59
CA THR A 114 14.31 15.32 9.66
C THR A 114 13.53 16.63 9.78
N HIS A 115 12.32 16.55 10.30
CA HIS A 115 11.47 17.73 10.46
C HIS A 115 12.04 18.66 11.52
N THR A 116 13.13 18.23 12.16
CA THR A 116 13.78 19.02 13.20
C THR A 116 14.61 20.15 12.59
N GLY A 117 15.20 20.97 13.44
CA GLY A 117 16.02 22.07 12.98
C GLY A 117 15.20 23.34 12.74
N GLU A 118 14.49 23.38 11.63
CA GLU A 118 13.66 24.54 11.29
C GLU A 118 12.28 24.43 11.93
N LYS A 119 11.80 25.54 12.46
CA LYS A 119 10.49 25.58 13.09
C LYS A 119 9.51 26.41 12.27
N PRO A 120 8.22 26.01 12.30
CA PRO A 120 7.16 26.71 11.57
C PRO A 120 6.86 28.08 12.16
N PHE A 121 6.64 28.12 13.47
CA PHE A 121 6.33 29.37 14.15
C PHE A 121 7.59 30.21 14.35
N LYS A 122 7.75 31.23 13.52
CA LYS A 122 8.91 32.11 13.61
C LYS A 122 8.54 33.47 14.20
N CYS A 123 9.39 33.96 15.09
CA CYS A 123 9.14 35.25 15.73
C CYS A 123 8.52 36.24 14.75
N GLU A 124 7.48 36.94 15.21
CA GLU A 124 6.79 37.91 14.37
C GLU A 124 7.50 39.27 14.43
N PHE A 125 8.50 39.37 15.30
CA PHE A 125 9.25 40.62 15.45
C PHE A 125 10.15 40.86 14.24
N GLU A 126 10.03 42.05 13.65
CA GLU A 126 10.84 42.41 12.49
C GLU A 126 12.31 42.54 12.87
N GLY A 127 13.18 42.09 11.98
CA GLY A 127 14.61 42.17 12.23
C GLY A 127 15.07 41.18 13.28
N CYS A 128 14.27 40.14 13.49
CA CYS A 128 14.60 39.12 14.48
C CYS A 128 14.70 37.74 13.83
N ASP A 129 15.56 36.90 14.38
CA ASP A 129 15.76 35.55 13.86
C ASP A 129 15.54 34.50 14.94
N ARG A 130 14.44 33.76 14.84
CA ARG A 130 14.12 32.73 15.82
C ARG A 130 13.28 31.62 15.18
N ARG A 131 13.04 30.56 15.96
CA ARG A 131 12.26 29.43 15.46
C ARG A 131 11.42 28.83 16.58
N PHE A 132 10.15 28.56 16.29
CA PHE A 132 9.24 27.98 17.28
C PHE A 132 8.22 27.06 16.61
N ALA A 133 7.60 26.19 17.40
CA ALA A 133 6.61 25.27 16.89
C ALA A 133 5.24 25.52 17.52
N ASN A 134 5.23 26.34 18.58
CA ASN A 134 3.99 26.66 19.27
C ASN A 134 3.93 28.14 19.64
N SER A 135 2.78 28.75 19.42
CA SER A 135 2.59 30.17 19.72
C SER A 135 3.09 30.50 21.13
N SER A 136 2.87 29.57 22.05
CA SER A 136 3.29 29.76 23.44
C SER A 136 4.78 30.10 23.51
N ASP A 137 5.60 29.26 22.87
CA ASP A 137 7.04 29.48 22.86
C ASP A 137 7.39 30.81 22.20
N ARG A 138 6.81 31.04 21.03
CA ARG A 138 7.06 32.28 20.28
C ARG A 138 6.68 33.50 21.11
N LYS A 139 5.60 33.38 21.87
CA LYS A 139 5.13 34.47 22.72
C LYS A 139 6.04 34.66 23.93
N LYS A 140 6.73 33.59 24.31
CA LYS A 140 7.63 33.64 25.46
C LYS A 140 8.91 34.39 25.10
N HIS A 141 9.20 34.49 23.81
CA HIS A 141 10.39 35.20 23.35
C HIS A 141 10.12 36.69 23.19
N MET A 142 8.89 37.09 23.49
CA MET A 142 8.50 38.49 23.39
C MET A 142 8.81 39.25 24.68
N HIS A 143 8.97 38.50 25.77
CA HIS A 143 9.26 39.10 27.06
C HIS A 143 10.54 39.95 26.99
N VAL A 144 11.36 39.69 25.97
CA VAL A 144 12.60 40.42 25.79
C VAL A 144 12.44 41.52 24.74
N HIS A 145 11.39 41.41 23.93
CA HIS A 145 11.13 42.39 22.89
C HIS A 145 10.52 43.66 23.48
N THR A 146 9.72 43.49 24.53
CA THR A 146 9.08 44.62 25.18
C THR A 146 9.93 45.16 26.33
N SER A 147 11.11 44.55 26.52
CA SER A 147 12.02 44.97 27.58
C SER A 147 13.29 45.56 26.99
N ASP A 148 13.84 46.55 27.67
CA ASP A 148 15.07 47.21 27.22
C ASP A 148 16.29 46.57 27.87
N LYS A 149 16.09 45.41 28.48
CA LYS A 149 17.19 44.69 29.13
C LYS A 149 17.67 43.53 28.27
N SER A 150 18.94 43.18 28.43
CA SER A 150 19.54 42.09 27.66
C SER A 150 18.81 40.78 27.94
N GLY A 151 18.28 40.65 29.15
CA GLY A 151 17.56 39.44 29.53
C GLY A 151 17.41 39.31 31.03
N PRO A 152 16.45 38.46 31.46
CA PRO A 152 16.18 38.23 32.88
C PRO A 152 17.31 37.47 33.56
N SER A 153 17.04 37.00 34.78
CA SER A 153 18.02 36.24 35.54
C SER A 153 17.89 34.74 35.28
N SER A 154 18.84 34.19 34.53
CA SER A 154 18.83 32.77 34.21
C SER A 154 19.96 32.04 34.92
N GLY A 155 21.20 32.39 34.58
CA GLY A 155 22.34 31.75 35.19
C GLY A 155 23.06 30.80 34.26
ZN ZN B . -11.77 -12.84 1.90
ZN ZN C . -0.13 -11.58 2.87
ZN ZN D . 6.24 15.12 7.32
ZN ZN E . 12.30 37.95 18.35
N GLY A 1 -43.14 18.89 -1.75
CA GLY A 1 -42.15 17.84 -1.58
C GLY A 1 -41.12 17.83 -2.70
N SER A 2 -40.55 19.00 -2.97
CA SER A 2 -39.54 19.12 -4.03
C SER A 2 -38.31 19.88 -3.52
N SER A 3 -37.38 19.15 -2.94
CA SER A 3 -36.16 19.76 -2.41
C SER A 3 -35.10 18.69 -2.11
N GLY A 4 -33.85 18.98 -2.46
CA GLY A 4 -32.78 18.04 -2.20
C GLY A 4 -31.51 18.40 -2.95
N SER A 5 -30.42 17.74 -2.61
CA SER A 5 -29.13 17.99 -3.26
C SER A 5 -28.56 16.71 -3.87
N SER A 6 -27.67 16.88 -4.83
CA SER A 6 -27.05 15.73 -5.50
C SER A 6 -25.66 16.09 -6.00
N GLY A 7 -24.72 15.14 -5.87
CA GLY A 7 -23.37 15.37 -6.32
C GLY A 7 -22.35 14.62 -5.48
N GLN A 8 -22.31 13.31 -5.64
CA GLN A 8 -21.38 12.47 -4.89
C GLN A 8 -20.37 11.80 -5.83
N PRO A 9 -19.14 11.62 -5.33
CA PRO A 9 -18.07 11.00 -6.11
C PRO A 9 -18.30 9.51 -6.33
N ILE A 10 -17.30 8.83 -6.89
CA ILE A 10 -17.41 7.40 -7.16
C ILE A 10 -16.76 6.59 -6.05
N LYS A 11 -17.39 5.47 -5.69
CA LYS A 11 -16.88 4.60 -4.65
C LYS A 11 -15.97 3.53 -5.23
N GLN A 12 -14.85 3.28 -4.54
CA GLN A 12 -13.90 2.27 -5.00
C GLN A 12 -14.21 0.91 -4.40
N GLU A 13 -14.33 -0.10 -5.26
CA GLU A 13 -14.63 -1.45 -4.81
C GLU A 13 -13.36 -2.19 -4.41
N LEU A 14 -13.41 -2.86 -3.26
CA LEU A 14 -12.26 -3.61 -2.77
C LEU A 14 -12.32 -5.06 -3.22
N SER A 15 -11.21 -5.78 -3.05
CA SER A 15 -11.14 -7.18 -3.44
C SER A 15 -10.19 -7.96 -2.52
N CYS A 16 -10.64 -9.13 -2.09
CA CYS A 16 -9.83 -9.98 -1.22
C CYS A 16 -9.53 -11.31 -1.87
N LYS A 17 -8.43 -11.38 -2.60
CA LYS A 17 -8.02 -12.61 -3.28
C LYS A 17 -7.26 -13.52 -2.32
N TRP A 18 -7.97 -14.51 -1.78
CA TRP A 18 -7.37 -15.46 -0.86
C TRP A 18 -7.19 -16.83 -1.51
N ILE A 19 -5.93 -17.26 -1.62
CA ILE A 19 -5.62 -18.55 -2.23
C ILE A 19 -4.96 -19.49 -1.23
N ASP A 20 -5.74 -20.39 -0.65
CA ASP A 20 -5.23 -21.35 0.32
C ASP A 20 -4.40 -22.43 -0.38
N GLU A 21 -3.10 -22.43 -0.12
CA GLU A 21 -2.20 -23.41 -0.72
C GLU A 21 -2.83 -24.81 -0.69
N ALA A 22 -3.62 -25.07 0.34
CA ALA A 22 -4.28 -26.36 0.49
C ALA A 22 -5.75 -26.28 0.10
N GLN A 23 -6.04 -25.52 -0.95
CA GLN A 23 -7.41 -25.35 -1.42
C GLN A 23 -8.16 -26.68 -1.39
N LEU A 24 -9.49 -26.61 -1.44
CA LEU A 24 -10.32 -27.81 -1.43
C LEU A 24 -10.92 -28.07 -2.81
N SER A 25 -10.59 -27.21 -3.77
CA SER A 25 -11.10 -27.35 -5.13
C SER A 25 -9.95 -27.31 -6.14
N ARG A 26 -10.28 -27.53 -7.40
CA ARG A 26 -9.28 -27.52 -8.47
C ARG A 26 -9.88 -26.99 -9.77
N PRO A 27 -9.16 -26.07 -10.42
CA PRO A 27 -7.88 -25.57 -9.93
C PRO A 27 -8.02 -24.71 -8.68
N LYS A 28 -6.93 -24.09 -8.26
CA LYS A 28 -6.94 -23.23 -7.09
C LYS A 28 -7.86 -22.04 -7.28
N LYS A 29 -8.78 -21.84 -6.35
CA LYS A 29 -9.73 -20.72 -6.42
C LYS A 29 -9.37 -19.64 -5.40
N SER A 30 -9.88 -18.44 -5.64
CA SER A 30 -9.61 -17.31 -4.75
C SER A 30 -10.89 -16.84 -4.07
N CYS A 31 -10.74 -16.26 -2.89
CA CYS A 31 -11.89 -15.76 -2.13
C CYS A 31 -12.62 -14.67 -2.91
N ASP A 32 -13.70 -15.05 -3.58
CA ASP A 32 -14.49 -14.11 -4.36
C ASP A 32 -15.41 -13.28 -3.46
N ARG A 33 -14.87 -12.21 -2.90
CA ARG A 33 -15.64 -11.34 -2.02
C ARG A 33 -15.29 -9.87 -2.28
N THR A 34 -16.20 -8.98 -1.89
CA THR A 34 -16.01 -7.55 -2.08
C THR A 34 -16.69 -6.75 -0.98
N PHE A 35 -16.37 -5.46 -0.90
CA PHE A 35 -16.96 -4.58 0.11
C PHE A 35 -17.01 -3.14 -0.38
N SER A 36 -17.70 -2.29 0.37
CA SER A 36 -17.83 -0.89 0.00
C SER A 36 -16.81 -0.04 0.76
N THR A 37 -16.54 -0.41 2.00
CA THR A 37 -15.58 0.32 2.83
C THR A 37 -14.37 -0.54 3.15
N MET A 38 -13.26 0.11 3.50
CA MET A 38 -12.03 -0.60 3.83
C MET A 38 -12.21 -1.43 5.10
N HIS A 39 -12.85 -0.85 6.11
CA HIS A 39 -13.07 -1.53 7.37
C HIS A 39 -13.77 -2.87 7.14
N GLU A 40 -14.76 -2.88 6.26
CA GLU A 40 -15.50 -4.10 5.95
C GLU A 40 -14.55 -5.20 5.46
N LEU A 41 -13.56 -4.80 4.67
CA LEU A 41 -12.60 -5.76 4.12
C LEU A 41 -11.62 -6.20 5.21
N VAL A 42 -11.02 -5.24 5.90
CA VAL A 42 -10.07 -5.54 6.96
C VAL A 42 -10.65 -6.54 7.95
N THR A 43 -11.80 -6.21 8.53
CA THR A 43 -12.45 -7.07 9.49
C THR A 43 -12.64 -8.49 8.93
N HIS A 44 -12.72 -8.58 7.61
CA HIS A 44 -12.89 -9.87 6.94
C HIS A 44 -11.56 -10.58 6.78
N VAL A 45 -10.66 -9.97 6.01
CA VAL A 45 -9.34 -10.55 5.78
C VAL A 45 -8.64 -10.87 7.09
N THR A 46 -9.06 -10.21 8.16
CA THR A 46 -8.48 -10.42 9.48
C THR A 46 -9.25 -11.47 10.27
N MET A 47 -10.55 -11.23 10.43
CA MET A 47 -11.41 -12.16 11.16
C MET A 47 -11.97 -13.23 10.24
N GLU A 48 -12.52 -12.79 9.11
CA GLU A 48 -13.11 -13.73 8.14
C GLU A 48 -12.01 -14.51 7.43
N HIS A 49 -10.76 -14.29 7.84
CA HIS A 49 -9.63 -14.98 7.25
C HIS A 49 -8.58 -15.33 8.30
N VAL A 50 -7.86 -14.31 8.76
CA VAL A 50 -6.83 -14.50 9.77
C VAL A 50 -7.44 -14.86 11.13
N GLY A 51 -8.77 -14.86 11.18
CA GLY A 51 -9.46 -15.18 12.42
C GLY A 51 -9.30 -14.09 13.47
N GLY A 52 -9.72 -14.39 14.69
CA GLY A 52 -9.60 -13.42 15.77
C GLY A 52 -8.39 -13.67 16.65
N PRO A 53 -8.37 -13.02 17.83
CA PRO A 53 -7.26 -13.16 18.77
C PRO A 53 -7.20 -14.53 19.41
N GLU A 54 -8.17 -15.38 19.07
CA GLU A 54 -8.23 -16.74 19.60
C GLU A 54 -7.62 -17.74 18.63
N GLN A 55 -6.68 -17.27 17.82
CA GLN A 55 -6.01 -18.13 16.85
C GLN A 55 -4.50 -18.14 17.07
N ASN A 56 -3.92 -19.34 17.05
CA ASN A 56 -2.49 -19.49 17.26
C ASN A 56 -1.73 -19.31 15.94
N ASN A 57 -1.98 -20.22 15.00
CA ASN A 57 -1.33 -20.16 13.69
C ASN A 57 -2.02 -19.16 12.78
N HIS A 58 -1.42 -17.99 12.63
CA HIS A 58 -1.98 -16.96 11.76
C HIS A 58 -1.13 -16.78 10.51
N VAL A 59 -1.70 -17.16 9.37
CA VAL A 59 -1.01 -17.04 8.09
C VAL A 59 -1.95 -16.58 6.99
N CYS A 60 -1.47 -15.67 6.14
CA CYS A 60 -2.27 -15.14 5.04
C CYS A 60 -1.72 -15.61 3.70
N TYR A 61 -2.52 -16.38 2.97
CA TYR A 61 -2.12 -16.89 1.67
C TYR A 61 -2.75 -16.09 0.54
N TRP A 62 -2.00 -15.12 0.02
CA TRP A 62 -2.50 -14.27 -1.06
C TRP A 62 -2.15 -14.87 -2.42
N GLU A 63 -3.05 -14.71 -3.39
CA GLU A 63 -2.84 -15.23 -4.73
C GLU A 63 -1.40 -14.98 -5.20
N GLU A 64 -0.79 -13.93 -4.66
CA GLU A 64 0.58 -13.57 -5.02
C GLU A 64 1.28 -12.87 -3.86
N CYS A 65 0.90 -13.21 -2.64
CA CYS A 65 1.49 -12.61 -1.45
C CYS A 65 3.00 -12.48 -1.60
N PRO A 66 3.53 -11.31 -1.24
CA PRO A 66 4.97 -11.03 -1.32
C PRO A 66 5.77 -11.83 -0.30
N ARG A 67 5.13 -12.16 0.82
CA ARG A 67 5.78 -12.90 1.88
C ARG A 67 5.70 -14.41 1.62
N GLU A 68 4.77 -14.79 0.75
CA GLU A 68 4.60 -16.21 0.41
C GLU A 68 4.02 -16.99 1.59
N GLY A 69 3.16 -16.33 2.35
CA GLY A 69 2.55 -16.97 3.50
C GLY A 69 3.57 -17.40 4.53
N LYS A 70 4.29 -16.43 5.09
CA LYS A 70 5.32 -16.71 6.09
C LYS A 70 4.87 -16.21 7.46
N SER A 71 4.65 -17.14 8.38
CA SER A 71 4.22 -16.80 9.73
C SER A 71 5.02 -15.61 10.27
N PHE A 72 4.48 -14.96 11.30
CA PHE A 72 5.14 -13.81 11.90
C PHE A 72 5.54 -14.11 13.35
N LYS A 73 6.14 -13.12 13.99
CA LYS A 73 6.58 -13.28 15.38
C LYS A 73 5.43 -12.98 16.34
N ALA A 74 4.44 -12.23 15.88
CA ALA A 74 3.30 -11.87 16.70
C ALA A 74 2.04 -11.74 15.84
N LYS A 75 0.89 -11.62 16.51
CA LYS A 75 -0.38 -11.48 15.82
C LYS A 75 -0.47 -10.14 15.09
N TYR A 76 -0.22 -9.06 15.82
CA TYR A 76 -0.27 -7.73 15.24
C TYR A 76 0.71 -7.59 14.08
N LYS A 77 1.74 -8.44 14.09
CA LYS A 77 2.74 -8.42 13.03
C LYS A 77 2.12 -8.78 11.68
N LEU A 78 1.18 -9.71 11.70
CA LEU A 78 0.51 -10.15 10.49
C LEU A 78 -0.58 -9.17 10.08
N VAL A 79 -1.33 -8.69 11.07
CA VAL A 79 -2.41 -7.75 10.83
C VAL A 79 -1.91 -6.53 10.07
N ASN A 80 -0.67 -6.14 10.35
CA ASN A 80 -0.07 -4.98 9.69
C ASN A 80 0.33 -5.32 8.25
N HIS A 81 0.56 -6.59 7.99
CA HIS A 81 0.94 -7.05 6.66
C HIS A 81 -0.24 -6.95 5.70
N ILE A 82 -1.38 -7.49 6.12
CA ILE A 82 -2.58 -7.48 5.29
C ILE A 82 -2.94 -6.04 4.88
N ARG A 83 -2.37 -5.08 5.59
CA ARG A 83 -2.63 -3.67 5.29
C ARG A 83 -2.19 -3.32 3.87
N VAL A 84 -1.22 -4.07 3.36
CA VAL A 84 -0.70 -3.84 2.02
C VAL A 84 -1.57 -4.51 0.97
N HIS A 85 -2.36 -5.50 1.41
CA HIS A 85 -3.24 -6.22 0.50
C HIS A 85 -4.46 -5.38 0.13
N THR A 86 -4.81 -4.45 1.01
CA THR A 86 -5.95 -3.57 0.79
C THR A 86 -5.76 -2.70 -0.45
N GLY A 87 -4.67 -1.93 -0.45
CA GLY A 87 -4.38 -1.06 -1.57
C GLY A 87 -4.09 0.37 -1.14
N GLU A 88 -3.60 0.54 0.08
CA GLU A 88 -3.29 1.86 0.60
C GLU A 88 -1.78 2.09 0.61
N LYS A 89 -1.34 3.04 -0.19
CA LYS A 89 0.09 3.37 -0.28
C LYS A 89 0.29 4.88 -0.22
N PRO A 90 1.43 5.30 0.36
CA PRO A 90 1.78 6.71 0.49
C PRO A 90 2.12 7.36 -0.85
N PHE A 91 3.02 6.72 -1.59
CA PHE A 91 3.43 7.22 -2.90
C PHE A 91 3.97 6.10 -3.77
N PRO A 92 3.33 5.90 -4.94
CA PRO A 92 3.73 4.86 -5.89
C PRO A 92 5.07 5.17 -6.56
N CYS A 93 5.35 4.45 -7.65
CA CYS A 93 6.61 4.65 -8.38
C CYS A 93 6.43 5.72 -9.46
N PRO A 94 7.41 6.63 -9.57
CA PRO A 94 7.39 7.70 -10.56
C PRO A 94 7.59 7.19 -11.98
N PHE A 95 8.19 6.01 -12.10
CA PHE A 95 8.43 5.40 -13.41
C PHE A 95 7.13 4.93 -14.04
N PRO A 96 6.94 5.26 -15.32
CA PRO A 96 5.74 4.87 -16.07
C PRO A 96 5.69 3.38 -16.36
N GLY A 97 6.75 2.86 -16.95
CA GLY A 97 6.81 1.44 -17.26
C GLY A 97 7.19 0.60 -16.06
N CYS A 98 6.67 0.96 -14.90
CA CYS A 98 6.96 0.23 -13.67
C CYS A 98 5.68 -0.10 -12.91
N GLY A 99 4.96 0.94 -12.49
CA GLY A 99 3.72 0.75 -11.76
C GLY A 99 3.94 0.08 -10.42
N LYS A 100 5.16 0.18 -9.90
CA LYS A 100 5.49 -0.41 -8.61
C LYS A 100 5.17 0.55 -7.47
N ILE A 101 4.84 -0.02 -6.31
CA ILE A 101 4.52 0.79 -5.13
C ILE A 101 5.07 0.15 -3.86
N PHE A 102 5.45 0.99 -2.91
CA PHE A 102 5.99 0.52 -1.64
C PHE A 102 5.30 1.20 -0.46
N ALA A 103 5.20 0.47 0.65
CA ALA A 103 4.56 1.01 1.85
C ALA A 103 5.49 1.94 2.60
N ARG A 104 6.77 1.91 2.24
CA ARG A 104 7.77 2.76 2.87
C ARG A 104 8.33 3.78 1.89
N SER A 105 8.73 4.94 2.41
CA SER A 105 9.28 6.00 1.57
C SER A 105 10.69 5.65 1.12
N GLU A 106 11.54 5.28 2.07
CA GLU A 106 12.93 4.92 1.77
C GLU A 106 12.98 3.77 0.77
N ASN A 107 12.03 2.84 0.89
CA ASN A 107 11.98 1.70 0.00
C ASN A 107 11.72 2.13 -1.44
N LEU A 108 11.04 3.26 -1.60
CA LEU A 108 10.73 3.79 -2.92
C LEU A 108 11.88 4.63 -3.46
N LYS A 109 12.27 5.64 -2.70
CA LYS A 109 13.36 6.53 -3.09
C LYS A 109 14.62 5.73 -3.40
N ILE A 110 14.72 4.54 -2.81
CA ILE A 110 15.87 3.68 -3.04
C ILE A 110 15.70 2.83 -4.30
N HIS A 111 14.45 2.47 -4.59
CA HIS A 111 14.15 1.67 -5.77
C HIS A 111 14.12 2.54 -7.03
N LYS A 112 13.96 3.84 -6.83
CA LYS A 112 13.91 4.79 -7.95
C LYS A 112 15.31 5.00 -8.53
N ARG A 113 16.32 4.82 -7.70
CA ARG A 113 17.71 5.01 -8.13
C ARG A 113 18.25 3.72 -8.74
N THR A 114 17.83 2.58 -8.20
CA THR A 114 18.28 1.30 -8.70
C THR A 114 17.25 0.66 -9.63
N HIS A 115 16.01 1.16 -9.55
CA HIS A 115 14.94 0.65 -10.39
C HIS A 115 15.26 -0.75 -10.90
N THR A 116 15.56 -1.66 -9.97
CA THR A 116 15.89 -3.04 -10.33
C THR A 116 14.66 -3.91 -10.31
N GLY A 117 14.72 -5.04 -11.02
CA GLY A 117 13.60 -5.95 -11.07
C GLY A 117 12.55 -5.53 -12.08
N GLU A 118 12.08 -4.29 -11.96
CA GLU A 118 11.06 -3.77 -12.86
C GLU A 118 11.70 -3.25 -14.15
N LYS A 119 11.14 -3.66 -15.28
CA LYS A 119 11.65 -3.25 -16.59
C LYS A 119 10.57 -2.53 -17.39
N PRO A 120 10.99 -1.56 -18.21
CA PRO A 120 10.08 -0.78 -19.06
C PRO A 120 9.48 -1.61 -20.18
N PHE A 121 10.31 -2.45 -20.80
CA PHE A 121 9.86 -3.30 -21.90
C PHE A 121 9.98 -4.77 -21.53
N LYS A 122 8.83 -5.44 -21.41
CA LYS A 122 8.81 -6.85 -21.06
C LYS A 122 8.14 -7.68 -22.15
N CYS A 123 8.73 -8.82 -22.48
CA CYS A 123 8.20 -9.70 -23.52
C CYS A 123 6.68 -9.81 -23.39
N GLU A 124 5.98 -9.38 -24.43
CA GLU A 124 4.52 -9.44 -24.44
C GLU A 124 4.03 -10.87 -24.64
N PHE A 125 4.97 -11.78 -24.88
CA PHE A 125 4.64 -13.19 -25.10
C PHE A 125 4.20 -13.85 -23.80
N GLU A 126 3.17 -14.69 -23.88
CA GLU A 126 2.65 -15.39 -22.71
C GLU A 126 3.60 -16.50 -22.27
N GLY A 127 3.52 -16.86 -21.00
CA GLY A 127 4.38 -17.91 -20.47
C GLY A 127 5.85 -17.60 -20.67
N CYS A 128 6.16 -16.36 -21.00
CA CYS A 128 7.54 -15.94 -21.23
C CYS A 128 7.95 -14.86 -20.23
N ASP A 129 9.17 -14.97 -19.72
CA ASP A 129 9.68 -14.02 -18.75
C ASP A 129 11.00 -13.42 -19.23
N ARG A 130 10.95 -12.16 -19.65
CA ARG A 130 12.14 -11.47 -20.14
C ARG A 130 12.10 -9.99 -19.79
N ARG A 131 13.19 -9.28 -20.08
CA ARG A 131 13.27 -7.85 -19.78
C ARG A 131 14.02 -7.11 -20.89
N PHE A 132 13.56 -5.91 -21.20
CA PHE A 132 14.18 -5.09 -22.24
C PHE A 132 14.18 -3.62 -21.86
N ALA A 133 15.06 -2.85 -22.49
CA ALA A 133 15.16 -1.41 -22.22
C ALA A 133 14.66 -0.59 -23.40
N ASN A 134 14.63 -1.22 -24.58
CA ASN A 134 14.18 -0.54 -25.79
C ASN A 134 13.13 -1.37 -26.51
N SER A 135 12.24 -0.69 -27.23
CA SER A 135 11.17 -1.37 -27.96
C SER A 135 11.74 -2.46 -28.86
N SER A 136 12.77 -2.11 -29.62
CA SER A 136 13.40 -3.07 -30.52
C SER A 136 13.87 -4.31 -29.77
N ASP A 137 14.68 -4.10 -28.75
CA ASP A 137 15.20 -5.20 -27.94
C ASP A 137 14.10 -6.18 -27.59
N ARG A 138 12.86 -5.68 -27.51
CA ARG A 138 11.71 -6.52 -27.18
C ARG A 138 11.20 -7.24 -28.41
N LYS A 139 10.92 -6.48 -29.48
CA LYS A 139 10.42 -7.05 -30.71
C LYS A 139 11.48 -7.91 -31.38
N LYS A 140 12.73 -7.77 -30.93
CA LYS A 140 13.83 -8.54 -31.49
C LYS A 140 13.85 -9.96 -30.91
N HIS A 141 13.20 -10.14 -29.77
CA HIS A 141 13.13 -11.45 -29.12
C HIS A 141 11.94 -12.25 -29.64
N MET A 142 11.19 -11.65 -30.55
CA MET A 142 10.01 -12.32 -31.13
C MET A 142 10.41 -13.17 -32.32
N HIS A 143 11.54 -12.84 -32.94
CA HIS A 143 12.03 -13.58 -34.09
C HIS A 143 12.10 -15.07 -33.80
N VAL A 144 12.15 -15.41 -32.50
CA VAL A 144 12.22 -16.80 -32.09
C VAL A 144 10.85 -17.32 -31.66
N HIS A 145 9.93 -16.39 -31.40
CA HIS A 145 8.59 -16.76 -30.99
C HIS A 145 7.75 -17.23 -32.18
N THR A 146 8.31 -17.09 -33.37
CA THR A 146 7.62 -17.49 -34.59
C THR A 146 6.93 -18.84 -34.41
N SER A 147 7.45 -19.64 -33.47
CA SER A 147 6.88 -20.95 -33.21
C SER A 147 6.18 -20.97 -31.84
N ASP A 148 5.52 -22.09 -31.54
CA ASP A 148 4.81 -22.24 -30.28
C ASP A 148 5.26 -23.49 -29.55
N LYS A 149 5.31 -23.41 -28.22
CA LYS A 149 5.74 -24.54 -27.41
C LYS A 149 4.58 -25.07 -26.57
N SER A 150 4.14 -26.29 -26.86
CA SER A 150 3.04 -26.90 -26.14
C SER A 150 3.16 -26.64 -24.64
N GLY A 151 2.02 -26.41 -23.99
CA GLY A 151 2.01 -26.15 -22.57
C GLY A 151 0.64 -26.32 -21.95
N PRO A 152 -0.14 -25.23 -21.93
CA PRO A 152 -1.50 -25.23 -21.37
C PRO A 152 -2.47 -26.04 -22.21
N SER A 153 -3.76 -25.92 -21.89
CA SER A 153 -4.79 -26.65 -22.63
C SER A 153 -5.96 -25.72 -22.96
N SER A 154 -6.59 -25.97 -24.11
CA SER A 154 -7.72 -25.17 -24.54
C SER A 154 -9.05 -25.82 -24.16
N GLY A 155 -9.64 -25.35 -23.07
CA GLY A 155 -10.91 -25.90 -22.61
C GLY A 155 -12.10 -25.14 -23.16
ZN ZN B . -11.61 -13.13 1.71
ZN ZN C . -0.49 -11.93 2.53
ZN ZN D . 9.91 1.68 -10.25
ZN ZN E . 9.48 -14.12 -25.07
N GLY A 1 -28.56 14.03 18.94
CA GLY A 1 -29.32 15.10 18.33
C GLY A 1 -28.47 16.01 17.47
N SER A 2 -28.76 16.05 16.18
CA SER A 2 -28.00 16.89 15.26
C SER A 2 -28.89 17.36 14.11
N SER A 3 -28.58 18.55 13.58
CA SER A 3 -29.35 19.12 12.48
C SER A 3 -28.44 19.48 11.31
N GLY A 4 -29.03 19.66 10.14
CA GLY A 4 -28.26 20.00 8.96
C GLY A 4 -28.45 19.00 7.83
N SER A 5 -27.73 19.20 6.74
CA SER A 5 -27.82 18.32 5.59
C SER A 5 -26.43 18.05 4.99
N SER A 6 -25.98 16.81 5.13
CA SER A 6 -24.67 16.43 4.61
C SER A 6 -24.78 15.24 3.67
N GLY A 7 -24.34 15.42 2.43
CA GLY A 7 -24.40 14.35 1.45
C GLY A 7 -23.45 13.22 1.76
N GLN A 8 -23.57 12.13 1.01
CA GLN A 8 -22.72 10.96 1.22
C GLN A 8 -21.59 10.92 0.19
N PRO A 9 -20.40 10.48 0.64
CA PRO A 9 -19.23 10.38 -0.23
C PRO A 9 -19.35 9.28 -1.28
N ILE A 10 -18.24 8.96 -1.92
CA ILE A 10 -18.24 7.91 -2.94
C ILE A 10 -17.92 6.54 -2.33
N LYS A 11 -18.72 5.55 -2.69
CA LYS A 11 -18.51 4.20 -2.18
C LYS A 11 -17.69 3.36 -3.16
N GLN A 12 -16.44 3.12 -2.82
CA GLN A 12 -15.55 2.33 -3.67
C GLN A 12 -15.59 0.86 -3.29
N GLU A 13 -15.49 -0.02 -4.29
CA GLU A 13 -15.52 -1.46 -4.06
C GLU A 13 -14.12 -1.99 -3.76
N LEU A 14 -14.04 -2.98 -2.89
CA LEU A 14 -12.77 -3.58 -2.51
C LEU A 14 -12.65 -4.99 -3.07
N SER A 15 -11.44 -5.54 -3.01
CA SER A 15 -11.17 -6.89 -3.52
C SER A 15 -10.24 -7.65 -2.59
N CYS A 16 -10.64 -8.85 -2.20
CA CYS A 16 -9.84 -9.68 -1.32
C CYS A 16 -9.54 -11.03 -1.95
N LYS A 17 -8.36 -11.16 -2.54
CA LYS A 17 -7.95 -12.40 -3.20
C LYS A 17 -7.17 -13.29 -2.23
N TRP A 18 -7.85 -14.26 -1.63
CA TRP A 18 -7.21 -15.17 -0.69
C TRP A 18 -7.07 -16.56 -1.29
N ILE A 19 -5.83 -17.05 -1.35
CA ILE A 19 -5.56 -18.36 -1.90
C ILE A 19 -4.81 -19.24 -0.90
N ASP A 20 -5.55 -20.12 -0.23
CA ASP A 20 -4.97 -21.01 0.76
C ASP A 20 -4.38 -22.25 0.08
N GLU A 21 -3.05 -22.39 0.17
CA GLU A 21 -2.36 -23.53 -0.43
C GLU A 21 -3.18 -24.81 -0.25
N ALA A 22 -3.91 -24.89 0.85
CA ALA A 22 -4.74 -26.06 1.13
C ALA A 22 -6.21 -25.76 0.92
N GLN A 23 -6.51 -25.03 -0.14
CA GLN A 23 -7.89 -24.66 -0.45
C GLN A 23 -8.81 -25.87 -0.32
N LEU A 24 -10.11 -25.62 -0.38
CA LEU A 24 -11.10 -26.69 -0.25
C LEU A 24 -11.65 -27.08 -1.61
N SER A 25 -11.40 -26.24 -2.62
CA SER A 25 -11.86 -26.50 -3.97
C SER A 25 -10.69 -26.74 -4.91
N ARG A 26 -11.00 -27.08 -6.16
CA ARG A 26 -9.98 -27.34 -7.17
C ARG A 26 -10.49 -27.00 -8.57
N PRO A 27 -9.65 -26.31 -9.34
CA PRO A 27 -8.32 -25.88 -8.90
C PRO A 27 -8.38 -24.80 -7.83
N LYS A 28 -7.25 -24.16 -7.58
CA LYS A 28 -7.17 -23.10 -6.58
C LYS A 28 -7.90 -21.85 -7.06
N LYS A 29 -8.73 -21.28 -6.19
CA LYS A 29 -9.48 -20.08 -6.52
C LYS A 29 -9.40 -19.05 -5.40
N SER A 30 -9.73 -17.80 -5.72
CA SER A 30 -9.68 -16.72 -4.73
C SER A 30 -11.01 -16.61 -3.99
N CYS A 31 -10.93 -16.32 -2.70
CA CYS A 31 -12.12 -16.18 -1.88
C CYS A 31 -13.22 -15.42 -2.62
N ASP A 32 -12.81 -14.59 -3.56
CA ASP A 32 -13.75 -13.80 -4.35
C ASP A 32 -14.66 -12.97 -3.44
N ARG A 33 -14.06 -12.21 -2.54
CA ARG A 33 -14.80 -11.37 -1.62
C ARG A 33 -14.61 -9.89 -1.94
N THR A 34 -15.61 -9.08 -1.63
CA THR A 34 -15.56 -7.65 -1.87
C THR A 34 -16.36 -6.87 -0.84
N PHE A 35 -16.09 -5.58 -0.74
CA PHE A 35 -16.78 -4.72 0.21
C PHE A 35 -16.83 -3.28 -0.28
N SER A 36 -17.60 -2.45 0.42
CA SER A 36 -17.73 -1.04 0.04
C SER A 36 -16.76 -0.17 0.83
N THR A 37 -16.59 -0.50 2.11
CA THR A 37 -15.69 0.25 2.98
C THR A 37 -14.47 -0.59 3.36
N MET A 38 -13.39 0.09 3.74
CA MET A 38 -12.17 -0.60 4.14
C MET A 38 -12.42 -1.52 5.32
N HIS A 39 -12.95 -0.96 6.40
CA HIS A 39 -13.24 -1.73 7.60
C HIS A 39 -13.87 -3.07 7.24
N GLU A 40 -14.75 -3.06 6.24
CA GLU A 40 -15.42 -4.28 5.81
C GLU A 40 -14.42 -5.29 5.27
N LEU A 41 -13.47 -4.81 4.48
CA LEU A 41 -12.44 -5.68 3.89
C LEU A 41 -11.51 -6.21 4.96
N VAL A 42 -11.00 -5.31 5.81
CA VAL A 42 -10.10 -5.69 6.89
C VAL A 42 -10.75 -6.72 7.81
N THR A 43 -11.93 -6.38 8.33
CA THR A 43 -12.65 -7.26 9.23
C THR A 43 -12.81 -8.65 8.62
N HIS A 44 -12.86 -8.71 7.30
CA HIS A 44 -13.02 -9.98 6.59
C HIS A 44 -11.67 -10.69 6.46
N VAL A 45 -10.74 -10.06 5.76
CA VAL A 45 -9.42 -10.63 5.55
C VAL A 45 -8.76 -10.98 6.89
N THR A 46 -9.23 -10.34 7.96
CA THR A 46 -8.69 -10.58 9.28
C THR A 46 -9.48 -11.66 10.01
N MET A 47 -10.79 -11.43 10.16
CA MET A 47 -11.66 -12.38 10.83
C MET A 47 -12.18 -13.44 9.85
N GLU A 48 -12.71 -12.98 8.72
CA GLU A 48 -13.24 -13.87 7.72
C GLU A 48 -12.12 -14.64 7.01
N HIS A 49 -10.90 -14.42 7.48
CA HIS A 49 -9.74 -15.09 6.90
C HIS A 49 -8.72 -15.46 7.97
N VAL A 50 -8.01 -14.45 8.48
CA VAL A 50 -7.01 -14.67 9.52
C VAL A 50 -7.67 -15.06 10.84
N GLY A 51 -8.99 -15.08 10.86
CA GLY A 51 -9.72 -15.44 12.06
C GLY A 51 -9.56 -14.40 13.16
N GLY A 52 -9.83 -14.82 14.39
CA GLY A 52 -9.70 -13.90 15.52
C GLY A 52 -8.48 -14.20 16.38
N PRO A 53 -8.45 -13.63 17.58
CA PRO A 53 -7.33 -13.81 18.52
C PRO A 53 -7.28 -15.23 19.08
N GLU A 54 -8.21 -16.08 18.64
CA GLU A 54 -8.26 -17.46 19.09
C GLU A 54 -7.30 -18.33 18.29
N GLN A 55 -7.45 -18.29 16.97
CA GLN A 55 -6.59 -19.08 16.10
C GLN A 55 -5.16 -19.12 16.62
N ASN A 56 -4.48 -20.24 16.38
CA ASN A 56 -3.10 -20.41 16.83
C ASN A 56 -2.12 -19.80 15.82
N ASN A 57 -2.03 -20.42 14.65
CA ASN A 57 -1.13 -19.93 13.61
C ASN A 57 -1.84 -18.95 12.69
N HIS A 58 -1.31 -17.73 12.61
CA HIS A 58 -1.90 -16.70 11.75
C HIS A 58 -1.02 -16.44 10.54
N VAL A 59 -1.47 -16.90 9.38
CA VAL A 59 -0.73 -16.71 8.14
C VAL A 59 -1.66 -16.44 6.97
N CYS A 60 -1.52 -15.25 6.37
CA CYS A 60 -2.36 -14.86 5.24
C CYS A 60 -1.74 -15.33 3.92
N TYR A 61 -2.46 -16.18 3.20
CA TYR A 61 -1.98 -16.70 1.93
C TYR A 61 -2.58 -15.92 0.77
N TRP A 62 -1.82 -14.94 0.27
CA TRP A 62 -2.26 -14.12 -0.85
C TRP A 62 -1.86 -14.73 -2.18
N GLU A 63 -2.71 -14.56 -3.19
CA GLU A 63 -2.43 -15.10 -4.52
C GLU A 63 -1.02 -14.75 -4.97
N GLU A 64 -0.42 -13.75 -4.32
CA GLU A 64 0.92 -13.32 -4.65
C GLU A 64 1.58 -12.62 -3.45
N CYS A 65 1.26 -13.08 -2.26
CA CYS A 65 1.81 -12.50 -1.04
C CYS A 65 3.33 -12.50 -1.07
N PRO A 66 3.94 -11.38 -0.66
CA PRO A 66 5.39 -11.23 -0.64
C PRO A 66 6.05 -12.10 0.44
N ARG A 67 5.36 -12.25 1.56
CA ARG A 67 5.87 -13.06 2.66
C ARG A 67 5.94 -14.54 2.27
N GLU A 68 5.45 -14.86 1.09
CA GLU A 68 5.45 -16.23 0.60
C GLU A 68 5.13 -17.21 1.73
N GLY A 69 4.11 -16.87 2.52
CA GLY A 69 3.72 -17.73 3.63
C GLY A 69 4.75 -17.76 4.73
N LYS A 70 5.45 -16.64 4.93
CA LYS A 70 6.47 -16.55 5.96
C LYS A 70 5.86 -16.17 7.31
N SER A 71 5.30 -17.16 7.99
CA SER A 71 4.67 -16.94 9.29
C SER A 71 5.41 -15.86 10.08
N PHE A 72 4.67 -14.92 10.64
CA PHE A 72 5.25 -13.84 11.42
C PHE A 72 5.20 -14.14 12.92
N LYS A 73 6.18 -13.63 13.65
CA LYS A 73 6.24 -13.85 15.09
C LYS A 73 5.50 -12.75 15.84
N ALA A 74 4.38 -12.31 15.28
CA ALA A 74 3.57 -11.26 15.90
C ALA A 74 2.23 -11.13 15.21
N LYS A 75 1.15 -11.47 15.92
CA LYS A 75 -0.19 -11.37 15.37
C LYS A 75 -0.45 -10.00 14.77
N TYR A 76 0.19 -8.99 15.34
CA TYR A 76 0.04 -7.62 14.86
C TYR A 76 0.78 -7.41 13.55
N LYS A 77 1.90 -8.09 13.39
CA LYS A 77 2.70 -7.98 12.17
C LYS A 77 1.92 -8.51 10.97
N LEU A 78 1.18 -9.60 11.16
CA LEU A 78 0.39 -10.19 10.10
C LEU A 78 -0.83 -9.34 9.78
N VAL A 79 -1.46 -8.82 10.82
CA VAL A 79 -2.64 -7.98 10.66
C VAL A 79 -2.32 -6.73 9.85
N ASN A 80 -1.34 -5.97 10.31
CA ASN A 80 -0.94 -4.74 9.63
C ASN A 80 -0.56 -5.02 8.18
N HIS A 81 0.06 -6.18 7.96
CA HIS A 81 0.48 -6.57 6.61
C HIS A 81 -0.71 -6.58 5.65
N ILE A 82 -1.84 -7.12 6.12
CA ILE A 82 -3.04 -7.19 5.31
C ILE A 82 -3.45 -5.81 4.81
N ARG A 83 -2.93 -4.77 5.46
CA ARG A 83 -3.24 -3.40 5.08
C ARG A 83 -2.61 -3.05 3.74
N VAL A 84 -1.51 -3.72 3.42
CA VAL A 84 -0.82 -3.47 2.16
C VAL A 84 -1.52 -4.16 1.00
N HIS A 85 -2.29 -5.20 1.31
CA HIS A 85 -3.04 -5.94 0.29
C HIS A 85 -4.14 -5.08 -0.31
N THR A 86 -4.38 -3.91 0.28
CA THR A 86 -5.41 -3.01 -0.19
C THR A 86 -4.82 -1.86 -1.00
N GLY A 87 -3.96 -1.08 -0.35
CA GLY A 87 -3.33 0.05 -1.03
C GLY A 87 -4.28 0.78 -1.95
N GLU A 88 -5.40 1.23 -1.39
CA GLU A 88 -6.40 1.95 -2.17
C GLU A 88 -5.95 3.39 -2.45
N LYS A 89 -5.73 3.69 -3.72
CA LYS A 89 -5.29 5.02 -4.11
C LYS A 89 -6.44 5.82 -4.72
N PRO A 90 -6.29 7.16 -4.75
CA PRO A 90 -7.31 8.05 -5.29
C PRO A 90 -7.44 7.93 -6.81
N PHE A 91 -6.30 8.05 -7.51
CA PHE A 91 -6.29 7.95 -8.97
C PHE A 91 -4.91 7.55 -9.47
N PRO A 92 -4.87 6.55 -10.36
CA PRO A 92 -3.62 6.05 -10.94
C PRO A 92 -2.98 7.05 -11.88
N CYS A 93 -2.05 6.57 -12.71
CA CYS A 93 -1.35 7.43 -13.67
C CYS A 93 -2.09 7.45 -14.99
N PRO A 94 -2.21 8.64 -15.59
CA PRO A 94 -2.89 8.83 -16.87
C PRO A 94 -2.09 8.23 -18.03
N PHE A 95 -0.99 7.58 -17.71
CA PHE A 95 -0.13 6.97 -18.73
C PHE A 95 -0.40 5.47 -18.82
N PRO A 96 -0.53 4.97 -20.06
CA PRO A 96 -0.79 3.55 -20.32
C PRO A 96 0.41 2.67 -19.98
N GLY A 97 1.56 3.01 -20.56
CA GLY A 97 2.76 2.24 -20.32
C GLY A 97 3.51 2.71 -19.08
N CYS A 98 2.76 2.94 -18.00
CA CYS A 98 3.35 3.39 -16.74
C CYS A 98 2.80 2.61 -15.56
N GLY A 99 1.48 2.49 -15.51
CA GLY A 99 0.84 1.75 -14.44
C GLY A 99 1.29 2.23 -13.07
N LYS A 100 1.68 3.50 -12.99
CA LYS A 100 2.13 4.09 -11.73
C LYS A 100 0.99 4.81 -11.03
N ILE A 101 1.09 4.91 -9.70
CA ILE A 101 0.07 5.59 -8.91
C ILE A 101 0.70 6.33 -7.74
N PHE A 102 -0.03 7.32 -7.22
CA PHE A 102 0.45 8.11 -6.09
C PHE A 102 -0.69 8.44 -5.13
N ALA A 103 -0.46 8.22 -3.85
CA ALA A 103 -1.47 8.49 -2.83
C ALA A 103 -1.68 9.99 -2.66
N ARG A 104 -0.75 10.78 -3.20
CA ARG A 104 -0.84 12.23 -3.10
C ARG A 104 -1.15 12.85 -4.46
N SER A 105 -2.14 13.73 -4.49
CA SER A 105 -2.55 14.40 -5.73
C SER A 105 -1.36 15.10 -6.38
N GLU A 106 -0.77 16.05 -5.66
CA GLU A 106 0.37 16.80 -6.17
C GLU A 106 1.42 15.86 -6.74
N ASN A 107 1.66 14.74 -6.05
CA ASN A 107 2.64 13.76 -6.49
C ASN A 107 2.35 13.30 -7.92
N LEU A 108 1.07 13.21 -8.25
CA LEU A 108 0.65 12.78 -9.59
C LEU A 108 0.81 13.91 -10.60
N LYS A 109 0.44 15.12 -10.19
CA LYS A 109 0.56 16.29 -11.06
C LYS A 109 2.02 16.58 -11.39
N ILE A 110 2.89 16.39 -10.41
CA ILE A 110 4.31 16.64 -10.60
C ILE A 110 4.96 15.52 -11.42
N HIS A 111 4.43 14.30 -11.29
CA HIS A 111 4.95 13.16 -12.03
C HIS A 111 4.50 13.20 -13.47
N LYS A 112 3.22 13.46 -13.69
CA LYS A 112 2.65 13.52 -15.03
C LYS A 112 3.41 14.53 -15.88
N ARG A 113 3.89 15.60 -15.25
CA ARG A 113 4.64 16.63 -15.95
C ARG A 113 6.10 16.22 -16.15
N THR A 114 6.57 15.32 -15.29
CA THR A 114 7.95 14.84 -15.36
C THR A 114 8.02 13.47 -16.04
N HIS A 115 6.86 12.90 -16.33
CA HIS A 115 6.79 11.59 -16.98
C HIS A 115 5.83 11.62 -18.17
N THR A 116 4.64 12.18 -17.95
CA THR A 116 3.63 12.26 -19.00
C THR A 116 3.81 13.53 -19.82
N GLY A 117 3.31 13.49 -21.05
CA GLY A 117 3.42 14.65 -21.93
C GLY A 117 4.37 14.42 -23.08
N GLU A 118 5.49 13.76 -22.80
CA GLU A 118 6.48 13.48 -23.82
C GLU A 118 6.19 12.15 -24.51
N LYS A 119 6.72 11.99 -25.72
CA LYS A 119 6.52 10.77 -26.49
C LYS A 119 7.60 9.74 -26.17
N PRO A 120 7.16 8.53 -25.77
CA PRO A 120 8.07 7.44 -25.42
C PRO A 120 8.79 6.88 -26.65
N PHE A 121 8.04 6.64 -27.72
CA PHE A 121 8.60 6.10 -28.95
C PHE A 121 8.37 7.06 -30.12
N LYS A 122 9.30 7.06 -31.07
CA LYS A 122 9.19 7.92 -32.24
C LYS A 122 9.22 7.11 -33.53
N CYS A 123 8.37 7.48 -34.47
CA CYS A 123 8.31 6.77 -35.75
C CYS A 123 9.70 6.52 -36.31
N GLU A 124 10.10 5.25 -36.33
CA GLU A 124 11.42 4.87 -36.83
C GLU A 124 11.69 5.52 -38.19
N PHE A 125 10.63 5.95 -38.85
CA PHE A 125 10.74 6.58 -40.16
C PHE A 125 11.30 8.00 -40.03
N GLU A 126 12.51 8.20 -40.53
CA GLU A 126 13.14 9.52 -40.47
C GLU A 126 12.35 10.55 -41.25
N GLY A 127 12.50 11.81 -40.88
CA GLY A 127 11.78 12.88 -41.55
C GLY A 127 10.29 12.81 -41.31
N CYS A 128 9.86 11.85 -40.49
CA CYS A 128 8.44 11.68 -40.18
C CYS A 128 8.11 12.26 -38.81
N ASP A 129 6.86 12.67 -38.63
CA ASP A 129 6.41 13.23 -37.37
C ASP A 129 5.21 12.47 -36.83
N ARG A 130 5.45 11.67 -35.79
CA ARG A 130 4.40 10.88 -35.17
C ARG A 130 4.72 10.58 -33.72
N ARG A 131 3.88 9.75 -33.09
CA ARG A 131 4.08 9.39 -31.69
C ARG A 131 3.47 8.02 -31.40
N PHE A 132 4.27 7.14 -30.80
CA PHE A 132 3.80 5.79 -30.47
C PHE A 132 4.12 5.46 -29.01
N ALA A 133 3.24 4.67 -28.40
CA ALA A 133 3.42 4.27 -27.00
C ALA A 133 3.96 2.85 -26.91
N ASN A 134 3.91 2.13 -28.02
CA ASN A 134 4.40 0.75 -28.07
C ASN A 134 5.15 0.48 -29.36
N SER A 135 6.12 -0.42 -29.30
CA SER A 135 6.92 -0.77 -30.47
C SER A 135 6.03 -1.38 -31.56
N SER A 136 5.01 -2.11 -31.14
CA SER A 136 4.09 -2.74 -32.08
C SER A 136 3.40 -1.71 -32.95
N ASP A 137 2.76 -0.74 -32.32
CA ASP A 137 2.05 0.31 -33.03
C ASP A 137 3.01 1.06 -33.98
N ARG A 138 4.17 1.41 -33.46
CA ARG A 138 5.16 2.13 -34.26
C ARG A 138 5.48 1.37 -35.54
N LYS A 139 5.60 0.05 -35.43
CA LYS A 139 5.90 -0.79 -36.58
C LYS A 139 4.67 -0.97 -37.46
N LYS A 140 3.50 -0.63 -36.92
CA LYS A 140 2.25 -0.75 -37.65
C LYS A 140 2.04 0.45 -38.57
N HIS A 141 2.65 1.57 -38.22
CA HIS A 141 2.54 2.78 -39.01
C HIS A 141 3.51 2.77 -40.19
N MET A 142 4.29 1.69 -40.28
CA MET A 142 5.27 1.55 -41.36
C MET A 142 4.63 0.91 -42.59
N HIS A 143 3.51 0.23 -42.38
CA HIS A 143 2.80 -0.42 -43.49
C HIS A 143 2.43 0.57 -44.57
N VAL A 144 2.40 1.85 -44.21
CA VAL A 144 2.06 2.91 -45.14
C VAL A 144 3.31 3.59 -45.70
N HIS A 145 4.42 3.43 -44.98
CA HIS A 145 5.69 4.01 -45.39
C HIS A 145 6.24 3.31 -46.62
N THR A 146 6.08 1.99 -46.67
CA THR A 146 6.56 1.20 -47.80
C THR A 146 5.46 0.98 -48.83
N SER A 147 4.38 0.33 -48.40
CA SER A 147 3.26 0.05 -49.30
C SER A 147 2.22 1.15 -49.21
N ASP A 148 1.16 1.03 -50.01
CA ASP A 148 0.09 2.02 -50.02
C ASP A 148 -1.23 1.39 -49.59
N LYS A 149 -1.33 0.07 -49.72
CA LYS A 149 -2.53 -0.65 -49.33
C LYS A 149 -2.78 -0.53 -47.82
N SER A 150 -3.93 0.03 -47.46
CA SER A 150 -4.28 0.20 -46.06
C SER A 150 -5.03 -1.01 -45.53
N GLY A 151 -4.65 -1.48 -44.36
CA GLY A 151 -5.29 -2.63 -43.76
C GLY A 151 -5.48 -2.48 -42.26
N PRO A 152 -6.32 -1.52 -41.86
CA PRO A 152 -6.61 -1.25 -40.45
C PRO A 152 -7.43 -2.36 -39.81
N SER A 153 -6.84 -3.05 -38.83
CA SER A 153 -7.52 -4.13 -38.14
C SER A 153 -7.96 -3.70 -36.75
N SER A 154 -6.99 -3.57 -35.84
CA SER A 154 -7.27 -3.17 -34.46
C SER A 154 -6.38 -2.00 -34.04
N GLY A 155 -6.75 -1.34 -32.95
CA GLY A 155 -5.97 -0.22 -32.46
C GLY A 155 -6.81 0.76 -31.67
ZN ZN B . -11.34 -12.95 1.54
ZN ZN C . -0.72 -11.70 2.65
ZN ZN D . 3.23 7.82 -15.16
ZN ZN E . 6.07 7.65 -39.96
#